data_5HDB
#
_entry.id   5HDB
#
_cell.length_a   259.346
_cell.length_b   144.439
_cell.length_c   104.901
_cell.angle_alpha   90.00
_cell.angle_beta   90.00
_cell.angle_gamma   90.00
#
_symmetry.space_group_name_H-M   'P 21 21 2'
#
loop_
_entity.id
_entity.type
_entity.pdbx_description
1 polymer 'Integrin alpha-IIb'
2 polymer 'Integrin beta-3'
3 polymer 'Monoclonal antibody 10E5 heavy chain'
4 polymer 'Monoclonal antibody 10E5 light chain'
5 branched alpha-D-mannopyranose-(1-3)-[alpha-D-mannopyranose-(1-6)]beta-D-mannopyranose-(1-4)-2-acetamido-2-deoxy-beta-D-glucopyranose-(1-4)-2-acetamido-2-deoxy-beta-D-glucopyranose
6 branched 2-acetamido-2-deoxy-beta-D-glucopyranose-(1-4)-2-acetamido-2-deoxy-beta-D-glucopyranose
7 branched alpha-D-mannopyranose-(1-3)-beta-D-mannopyranose-(1-4)-2-acetamido-2-deoxy-beta-D-glucopyranose-(1-4)-2-acetamido-2-deoxy-beta-D-glucopyranose
8 non-polymer 'SULFATE ION'
9 non-polymer GLYCEROL
10 non-polymer 'CALCIUM ION'
11 non-polymer 'MAGNESIUM ION'
12 non-polymer 2-acetamido-2-deoxy-beta-D-glucopyranose
13 non-polymer N-(4-carbamimidoylbenzoyl)-beta-alanyl-L-alpha-aspartyl-L-phenylalanine
14 non-polymer 'CHLORIDE ION'
15 water water
#
loop_
_entity_poly.entity_id
_entity_poly.type
_entity_poly.pdbx_seq_one_letter_code
_entity_poly.pdbx_strand_id
1 'polypeptide(L)'
;LNLDPVQLTFYAGPNGSQFGFSLDFHKDSHGRVAIVVGAPRTLGPSQEETGGVFLCPWRAEGGQCPSLLFDLRDETRNVG
SQTLQTFKARQGLGASVVSWSDVIVACAPWQHWNVLEKTEEAEKTPVGSCFLAQPESGRRAEYSPCRGNTLSRIYVENDF
SWDKRYCEAGFSSVVTQAGELVLGAPGGYYFLGLLAQAPVADIFSSYRPGILLWHVSSQSLSFDSSNPEYFDGYWGYSVA
VGEFDGDLNTTEYVVGAPTWSWTLGAVEILDSYYQRLHRLRGEQMASYFGHSVAVTDVNGDGRHDLLVGAPLYMESRADR
KLAEVGRVYLFLQPRGPHALGAPSLLLTGTQLYGRFGSAIAPLGDLDRDGYNDIAVAAPYGGPSGRGQVLVFLGQSEGLR
SRPSQVLDSPFPTGSAFGFSLRGAVDIDDNGYPDLIVGAYGANQVAVYRAQPVV
;
A,C
2 'polypeptide(L)'
;GPNICTTRGVSSCQQCLAVSPMCAWCSDEALPLGSPRCDLKENLLKDNCAPESIEFPVSEARVLEDRPLSDKGSGDSSQV
TQVSPQRIALRLRPDDSKNFSIQVRQVEDYPVDIYYLMDLSYSMKDDLWSIQNLGTKLATQMRKLTSNLRIGFGAFVDKP
VSPYMYISPPEALENPCYDMKTTCLPMFGYKHVLTLTDQVTRFNEEVKKQSVSRNRDAPEGGFDAIMQATVCDEKIGWRN
DASHLLVFTTDAKTHIALDGRLAGIVQPNDGQCHVGSDNHYSASTTMDYPSLGLMTEKLSQKNINLIFAVTENVVNLYQN
YSELIPGTTVGVLSMDSSNVLQLIVDAYGKIRSKVELEVRDLPEELSLSFNATCLNNEVIPGLKSCMGLKIGDTVSFSIE
AKVRGCPQEKEKSFTIKPVGFKDSLIVQVTFDCDCACQAQAEPNSHRCNNGNGTFECGVCRCGPGWLGSQC
;
B,D
3 'polypeptide(L)'
;EVQLQQSGAELVKPGASVKLSCTASGFNIKDTYVHWVKQRPEQGLEWIGRIDPANGYTKYDPKFQGKATITADTSSNTAY
LQLSSLTSEDTAVYYCVRPLYDYYAMDYWGQGTSVTVSSAKTTAPSVYPLAPVCGDTTGSSVTLGCLVKGYFPEPVTLTW
NSGSLSSGVHTFPAVLQSDLYTLSSSVTVTSSTWPSQSITCNVAHPASSTKVDKKIEPR
;
E,H
4 'polypeptide(L)'
;DILMTQSPSSMSVSLGDTVSITCHASQGISSNIGWLQQKPGKSFMGLIYYGTNLVDGVPSRFSGSGSGADYSLTISSLDS
EDFADYYCVQYAQLPYTFGGGTKLEIKRADAAPTVSIFPPSSEQLTSGGASVVCFLNNFYPKDINVKWKIDGSERQNGVL
NSWTDQDSKDSTYSMSSTLTLTKDEYERHNSYTCEATHKTSTSPIVKSFNRNEC
;
F,L
#
# COMPACT_ATOMS: atom_id res chain seq x y z
N LEU A 1 -33.22 32.13 13.80
CA LEU A 1 -34.63 32.53 13.52
C LEU A 1 -34.98 33.85 14.20
N ASN A 2 -34.76 33.89 15.52
CA ASN A 2 -35.21 35.01 16.34
C ASN A 2 -34.05 35.85 16.86
N LEU A 3 -32.97 35.95 16.09
CA LEU A 3 -31.95 36.96 16.34
C LEU A 3 -32.43 38.28 15.77
N ASP A 4 -32.21 39.35 16.53
CA ASP A 4 -32.70 40.67 16.14
C ASP A 4 -31.70 41.33 15.19
N PRO A 5 -32.00 41.43 13.89
CA PRO A 5 -31.08 42.08 12.95
C PRO A 5 -31.27 43.57 12.78
N VAL A 6 -32.13 44.19 13.60
CA VAL A 6 -32.44 45.61 13.47
C VAL A 6 -31.59 46.41 14.44
N GLN A 7 -31.73 46.13 15.73
CA GLN A 7 -31.03 46.86 16.79
C GLN A 7 -29.81 46.06 17.22
N LEU A 8 -28.68 46.33 16.59
CA LEU A 8 -27.42 45.67 16.92
C LEU A 8 -26.61 46.53 17.89
N THR A 9 -25.57 45.90 18.44
CA THR A 9 -24.59 46.59 19.27
C THR A 9 -23.22 46.45 18.64
N PHE A 10 -22.46 47.53 18.63
CA PHE A 10 -21.17 47.58 17.96
C PHE A 10 -20.09 47.99 18.95
N TYR A 11 -19.09 47.12 19.11
CA TYR A 11 -17.85 47.47 19.78
C TYR A 11 -16.76 47.67 18.73
N ALA A 12 -15.81 48.54 19.03
CA ALA A 12 -14.81 48.93 18.05
C ALA A 12 -13.47 49.14 18.73
N GLY A 13 -12.41 48.92 17.96
CA GLY A 13 -11.05 49.09 18.44
C GLY A 13 -10.23 49.95 17.51
N PRO A 14 -8.92 50.04 17.78
CA PRO A 14 -8.06 50.89 16.96
C PRO A 14 -8.12 50.52 15.50
N ASN A 15 -7.79 51.50 14.65
CA ASN A 15 -7.77 51.28 13.21
C ASN A 15 -6.58 50.42 12.82
N GLY A 16 -6.83 49.37 12.05
CA GLY A 16 -5.79 48.49 11.61
C GLY A 16 -5.29 47.49 12.63
N SER A 17 -6.01 47.33 13.74
CA SER A 17 -5.62 46.38 14.78
C SER A 17 -6.22 45.00 14.58
N GLN A 18 -7.09 44.82 13.59
CA GLN A 18 -7.80 43.56 13.40
C GLN A 18 -8.62 43.19 14.63
N PHE A 19 -9.11 44.20 15.33
CA PHE A 19 -10.04 44.02 16.44
C PHE A 19 -11.22 43.16 16.00
N GLY A 20 -11.43 42.04 16.68
CA GLY A 20 -12.45 41.09 16.31
C GLY A 20 -11.95 39.88 15.54
N PHE A 21 -10.64 39.70 15.42
CA PHE A 21 -10.09 38.51 14.80
C PHE A 21 -10.48 37.27 15.59
N SER A 22 -10.60 37.40 16.90
CA SER A 22 -11.06 36.32 17.76
C SER A 22 -11.87 36.93 18.90
N LEU A 23 -12.85 36.19 19.39
CA LEU A 23 -13.67 36.68 20.50
C LEU A 23 -14.25 35.50 21.25
N ASP A 24 -14.84 35.80 22.41
CA ASP A 24 -15.45 34.79 23.26
C ASP A 24 -16.16 35.52 24.39
N PHE A 25 -17.12 34.84 25.00
CA PHE A 25 -17.79 35.37 26.17
C PHE A 25 -16.95 35.11 27.41
N HIS A 26 -17.18 35.92 28.44
CA HIS A 26 -16.39 35.83 29.67
C HIS A 26 -17.25 36.21 30.86
N LYS A 27 -17.41 35.29 31.80
CA LYS A 27 -18.14 35.53 33.04
C LYS A 27 -17.14 35.71 34.17
N ASP A 28 -17.32 36.77 34.95
CA ASP A 28 -16.47 36.98 36.12
C ASP A 28 -16.95 36.12 37.28
N SER A 29 -16.32 36.28 38.44
CA SER A 29 -16.69 35.49 39.61
C SER A 29 -18.15 35.67 40.00
N HIS A 30 -18.81 36.71 39.50
CA HIS A 30 -20.20 37.00 39.84
C HIS A 30 -21.15 36.65 38.69
N GLY A 31 -20.66 35.95 37.66
CA GLY A 31 -21.50 35.56 36.55
C GLY A 31 -21.84 36.67 35.58
N ARG A 32 -21.23 37.85 35.72
N ARG A 32 -21.23 37.84 35.71
CA ARG A 32 -21.49 38.96 34.82
CA ARG A 32 -21.50 38.96 34.83
C ARG A 32 -20.79 38.71 33.50
C ARG A 32 -20.79 38.73 33.49
N VAL A 33 -21.56 38.60 32.42
CA VAL A 33 -21.00 38.29 31.10
C VAL A 33 -20.34 39.53 30.51
N ALA A 34 -19.17 39.32 29.92
CA ALA A 34 -18.47 40.33 29.14
C ALA A 34 -18.02 39.69 27.84
N ILE A 35 -17.31 40.46 27.00
CA ILE A 35 -16.81 39.97 25.73
C ILE A 35 -15.31 40.23 25.69
N VAL A 36 -14.53 39.17 25.52
CA VAL A 36 -13.09 39.29 25.30
C VAL A 36 -12.84 39.29 23.79
N VAL A 37 -12.06 40.25 23.32
CA VAL A 37 -11.81 40.44 21.90
C VAL A 37 -10.30 40.52 21.69
N GLY A 38 -9.83 39.82 20.65
CA GLY A 38 -8.43 39.84 20.29
C GLY A 38 -8.20 40.76 19.10
N ALA A 39 -7.07 41.47 19.14
CA ALA A 39 -6.70 42.42 18.09
C ALA A 39 -5.24 42.15 17.72
N PRO A 40 -4.98 41.14 16.89
CA PRO A 40 -3.59 40.67 16.73
C PRO A 40 -2.62 41.70 16.20
N ARG A 41 -3.07 42.80 15.61
CA ARG A 41 -2.15 43.79 15.04
C ARG A 41 -2.16 45.11 15.81
N THR A 42 -2.60 45.09 17.07
CA THR A 42 -2.54 46.28 17.89
C THR A 42 -1.09 46.70 18.12
N LEU A 43 -0.86 48.01 18.18
CA LEU A 43 0.48 48.53 18.35
C LEU A 43 0.95 48.40 19.79
N GLY A 44 2.24 48.12 19.96
CA GLY A 44 2.82 47.96 21.27
C GLY A 44 3.49 49.24 21.75
N PRO A 45 4.56 49.11 22.52
CA PRO A 45 5.24 50.31 23.05
C PRO A 45 6.11 51.00 22.01
N SER A 46 6.84 50.20 21.23
CA SER A 46 7.78 50.74 20.24
C SER A 46 7.08 51.07 18.94
N GLN A 47 5.78 51.36 18.99
CA GLN A 47 4.99 51.69 17.81
C GLN A 47 5.09 50.58 16.76
N GLU A 48 5.20 49.33 17.21
CA GLU A 48 5.31 48.19 16.33
C GLU A 48 4.22 47.18 16.69
N GLU A 49 3.67 46.53 15.68
CA GLU A 49 2.57 45.60 15.89
C GLU A 49 2.99 44.46 16.80
N THR A 50 2.21 44.24 17.86
CA THR A 50 2.40 43.11 18.75
C THR A 50 1.10 42.40 19.11
N GLY A 51 -0.05 42.99 18.82
CA GLY A 51 -1.32 42.44 19.23
C GLY A 51 -1.76 42.94 20.59
N GLY A 52 -3.03 42.68 20.90
CA GLY A 52 -3.59 43.10 22.16
C GLY A 52 -4.94 42.49 22.37
N VAL A 53 -5.36 42.47 23.63
CA VAL A 53 -6.62 41.89 24.04
C VAL A 53 -7.48 42.98 24.70
N PHE A 54 -8.77 42.93 24.44
CA PHE A 54 -9.72 43.87 25.02
C PHE A 54 -10.82 43.08 25.74
N LEU A 55 -11.29 43.64 26.86
CA LEU A 55 -12.35 43.03 27.66
C LEU A 55 -13.52 44.02 27.68
N CYS A 56 -14.54 43.73 26.87
CA CYS A 56 -15.63 44.67 26.64
C CYS A 56 -16.77 44.42 27.61
N PRO A 57 -17.10 45.36 28.50
CA PRO A 57 -18.31 45.19 29.31
C PRO A 57 -19.56 45.26 28.44
N TRP A 58 -20.62 44.63 28.91
CA TRP A 58 -21.87 44.60 28.16
C TRP A 58 -22.58 45.94 28.28
N ARG A 59 -22.84 46.58 27.15
CA ARG A 59 -23.59 47.82 27.09
C ARG A 59 -24.38 47.81 25.78
N ALA A 60 -25.70 47.94 25.87
CA ALA A 60 -26.52 47.91 24.67
C ALA A 60 -26.08 48.95 23.65
N GLU A 61 -25.37 49.99 24.08
CA GLU A 61 -24.88 51.02 23.16
C GLU A 61 -23.60 50.61 22.47
N GLY A 62 -22.82 49.69 23.05
CA GLY A 62 -21.54 49.31 22.49
C GLY A 62 -20.45 50.28 22.88
N GLY A 63 -19.60 50.65 21.93
CA GLY A 63 -18.57 51.65 22.17
C GLY A 63 -17.17 51.09 22.26
N GLN A 64 -16.32 51.74 23.03
CA GLN A 64 -14.93 51.36 23.20
C GLN A 64 -14.77 50.49 24.45
N CYS A 65 -13.67 49.76 24.50
CA CYS A 65 -13.42 48.81 25.56
C CYS A 65 -12.06 49.05 26.19
N PRO A 66 -11.89 48.70 27.45
CA PRO A 66 -10.57 48.80 28.08
C PRO A 66 -9.67 47.65 27.65
N SER A 67 -8.38 47.92 27.67
CA SER A 67 -7.39 46.90 27.33
C SER A 67 -7.20 45.94 28.49
N LEU A 68 -6.93 44.69 28.15
CA LEU A 68 -6.46 43.69 29.11
C LEU A 68 -4.96 43.62 28.93
N LEU A 69 -4.22 44.25 29.85
CA LEU A 69 -2.81 44.50 29.64
C LEU A 69 -1.98 43.26 29.87
N PHE A 70 -1.04 43.01 28.95
CA PHE A 70 -0.05 41.95 29.09
C PHE A 70 1.33 42.55 28.87
N ASP A 71 2.35 41.81 29.27
CA ASP A 71 3.72 42.25 29.05
C ASP A 71 4.08 42.11 27.57
N LEU A 72 4.57 43.20 26.98
CA LEU A 72 4.93 43.23 25.57
C LEU A 72 6.42 43.46 25.35
N ARG A 73 7.23 43.41 26.42
CA ARG A 73 8.66 43.61 26.31
C ARG A 73 9.35 42.30 25.94
N ASP A 74 10.28 42.38 25.00
CA ASP A 74 11.13 41.24 24.71
C ASP A 74 11.98 40.89 25.92
N GLU A 75 12.22 39.61 26.12
CA GLU A 75 12.90 39.12 27.31
C GLU A 75 14.21 38.46 26.93
N THR A 76 15.15 38.46 27.87
CA THR A 76 16.47 37.87 27.67
C THR A 76 16.96 37.32 29.00
N ARG A 77 17.49 36.09 28.97
CA ARG A 77 18.01 35.45 30.17
C ARG A 77 19.29 34.71 29.80
N ASN A 78 20.38 35.05 30.47
CA ASN A 78 21.66 34.37 30.30
C ASN A 78 21.81 33.37 31.43
N VAL A 79 21.61 32.09 31.12
CA VAL A 79 21.66 31.04 32.12
C VAL A 79 22.18 29.76 31.46
N GLY A 80 22.87 28.94 32.25
CA GLY A 80 23.39 27.69 31.74
C GLY A 80 24.34 27.84 30.58
N SER A 81 25.15 28.91 30.59
CA SER A 81 26.06 29.22 29.50
C SER A 81 25.32 29.38 28.17
N GLN A 82 24.04 29.72 28.23
CA GLN A 82 23.22 29.95 27.05
C GLN A 82 22.52 31.30 27.21
N THR A 83 21.86 31.73 26.13
CA THR A 83 21.12 33.00 26.11
C THR A 83 19.75 32.75 25.53
N LEU A 84 18.71 32.83 26.36
CA LEU A 84 17.34 32.64 25.94
C LEU A 84 16.75 33.97 25.48
N GLN A 85 15.94 33.93 24.43
CA GLN A 85 15.38 35.14 23.84
C GLN A 85 13.93 34.92 23.43
N THR A 86 13.07 35.88 23.77
CA THR A 86 11.71 35.94 23.25
C THR A 86 11.55 37.21 22.43
N PHE A 87 10.84 37.11 21.32
CA PHE A 87 10.62 38.23 20.42
C PHE A 87 9.12 38.36 20.17
N LYS A 88 8.53 39.43 20.69
CA LYS A 88 7.09 39.66 20.62
C LYS A 88 6.69 40.55 19.46
N ALA A 89 7.63 40.98 18.63
CA ALA A 89 7.32 41.80 17.47
C ALA A 89 6.48 41.02 16.49
N ARG A 90 5.31 41.56 16.15
CA ARG A 90 4.38 40.92 15.21
CA ARG A 90 4.39 40.91 15.21
C ARG A 90 4.01 39.51 15.67
N GLN A 91 3.96 39.31 16.98
CA GLN A 91 3.62 37.99 17.52
C GLN A 91 2.16 37.64 17.28
N GLY A 92 1.30 38.64 17.15
CA GLY A 92 -0.11 38.39 16.90
C GLY A 92 -0.91 38.09 18.15
N LEU A 93 -0.59 38.73 19.27
CA LEU A 93 -1.34 38.50 20.50
C LEU A 93 -2.80 38.84 20.30
N GLY A 94 -3.67 37.88 20.61
CA GLY A 94 -5.08 38.02 20.33
C GLY A 94 -5.53 37.32 19.07
N ALA A 95 -4.64 36.60 18.39
CA ALA A 95 -5.04 35.82 17.23
C ALA A 95 -5.97 34.68 17.62
N SER A 96 -6.02 34.32 18.90
CA SER A 96 -7.03 33.42 19.43
C SER A 96 -7.24 33.77 20.89
N VAL A 97 -8.50 33.75 21.33
CA VAL A 97 -8.86 34.00 22.71
C VAL A 97 -9.93 33.01 23.11
N VAL A 98 -9.93 32.63 24.38
CA VAL A 98 -10.92 31.71 24.93
C VAL A 98 -11.03 31.98 26.42
N SER A 99 -12.22 31.75 26.96
CA SER A 99 -12.49 32.00 28.37
C SER A 99 -12.96 30.73 29.05
N TRP A 100 -12.46 30.51 30.26
CA TRP A 100 -12.91 29.42 31.11
C TRP A 100 -12.89 29.89 32.56
N SER A 101 -14.03 29.73 33.24
CA SER A 101 -14.16 30.23 34.61
C SER A 101 -13.89 31.73 34.56
N ASP A 102 -13.17 32.29 35.54
CA ASP A 102 -12.81 33.71 35.54
C ASP A 102 -11.39 33.91 35.00
N VAL A 103 -11.04 33.17 33.95
CA VAL A 103 -9.70 33.21 33.38
C VAL A 103 -9.82 33.40 31.88
N ILE A 104 -8.94 34.24 31.33
CA ILE A 104 -8.87 34.49 29.89
C ILE A 104 -7.55 33.95 29.38
N VAL A 105 -7.58 33.33 28.20
CA VAL A 105 -6.39 32.76 27.58
C VAL A 105 -6.27 33.39 26.20
N ALA A 106 -5.34 34.34 26.07
CA ALA A 106 -5.04 34.98 24.80
C ALA A 106 -3.68 34.51 24.31
N CYS A 107 -3.58 34.23 23.02
CA CYS A 107 -2.42 33.54 22.48
C CYS A 107 -1.80 34.33 21.34
N ALA A 108 -0.48 34.24 21.24
CA ALA A 108 0.31 34.90 20.19
C ALA A 108 0.98 33.81 19.37
N PRO A 109 0.31 33.29 18.33
CA PRO A 109 0.85 32.13 17.61
C PRO A 109 2.18 32.39 16.94
N TRP A 110 2.59 33.64 16.77
CA TRP A 110 3.79 33.97 16.01
C TRP A 110 4.85 34.63 16.87
N GLN A 111 4.76 34.51 18.19
CA GLN A 111 5.86 34.94 19.04
C GLN A 111 7.07 34.07 18.74
N HIS A 112 8.21 34.73 18.49
CA HIS A 112 9.42 34.03 18.09
C HIS A 112 10.33 33.77 19.29
N TRP A 113 11.23 32.82 19.10
CA TRP A 113 12.06 32.31 20.19
C TRP A 113 13.38 31.86 19.61
N ASN A 114 14.46 32.14 20.34
CA ASN A 114 15.78 31.71 19.91
C ASN A 114 16.65 31.48 21.13
N VAL A 115 17.66 30.63 20.96
CA VAL A 115 18.63 30.32 22.00
C VAL A 115 20.01 30.44 21.40
N LEU A 116 20.92 31.10 22.11
CA LEU A 116 22.27 31.35 21.63
C LEU A 116 23.28 30.71 22.58
N GLU A 117 24.25 30.00 22.00
CA GLU A 117 25.35 29.42 22.77
C GLU A 117 26.62 29.65 21.96
N LYS A 118 27.41 30.66 22.36
CA LYS A 118 28.62 31.02 21.64
C LYS A 118 28.28 31.39 20.20
N THR A 119 28.71 30.58 19.23
CA THR A 119 28.49 30.86 17.82
C THR A 119 27.33 30.06 17.22
N GLU A 120 26.72 29.17 18.00
CA GLU A 120 25.60 28.38 17.53
C GLU A 120 24.29 29.02 17.99
N GLU A 121 23.18 28.43 17.55
CA GLU A 121 21.87 28.93 17.93
C GLU A 121 20.84 27.83 17.69
N ALA A 122 19.70 27.97 18.35
CA ALA A 122 18.55 27.10 18.11
C ALA A 122 17.75 27.53 16.89
N GLU A 123 18.00 28.73 16.37
CA GLU A 123 17.27 29.34 15.26
C GLU A 123 16.07 30.14 15.77
N LYS A 124 15.90 31.33 15.24
CA LYS A 124 14.82 32.23 15.62
C LYS A 124 13.54 31.78 14.90
N THR A 125 12.63 31.15 15.65
CA THR A 125 11.48 30.48 15.07
C THR A 125 10.23 30.82 15.85
N PRO A 126 8.98 30.70 15.19
CA PRO A 126 7.69 30.99 15.85
C PRO A 126 7.15 29.84 16.68
N VAL A 127 7.65 29.72 17.91
CA VAL A 127 7.17 28.68 18.81
C VAL A 127 5.76 28.99 19.30
N GLY A 128 5.34 30.24 19.25
CA GLY A 128 4.06 30.63 19.79
C GLY A 128 4.10 30.74 21.30
N SER A 129 3.07 31.38 21.84
CA SER A 129 2.97 31.55 23.28
C SER A 129 1.57 32.03 23.62
N CYS A 130 1.10 31.64 24.80
CA CYS A 130 -0.21 32.05 25.28
C CYS A 130 -0.07 32.79 26.60
N PHE A 131 -0.86 33.84 26.75
CA PHE A 131 -0.90 34.65 27.96
C PHE A 131 -2.22 34.39 28.68
N LEU A 132 -2.13 34.07 29.97
CA LEU A 132 -3.30 33.79 30.77
C LEU A 132 -3.49 34.90 31.79
N ALA A 133 -4.75 35.26 32.06
CA ALA A 133 -5.05 36.37 32.95
C ALA A 133 -6.28 36.06 33.77
N GLN A 134 -6.26 36.50 35.03
CA GLN A 134 -7.42 36.51 35.91
C GLN A 134 -7.77 37.98 36.16
N PRO A 135 -8.66 38.58 35.38
CA PRO A 135 -8.82 40.04 35.44
C PRO A 135 -9.13 40.59 36.82
N GLU A 136 -9.97 39.90 37.59
CA GLU A 136 -10.40 40.45 38.88
C GLU A 136 -9.22 40.55 39.85
N SER A 137 -8.33 39.56 39.86
CA SER A 137 -7.21 39.55 40.79
C SER A 137 -5.95 40.19 40.22
N GLY A 138 -5.84 40.31 38.90
CA GLY A 138 -4.63 40.81 38.28
C GLY A 138 -3.57 39.75 38.06
N ARG A 139 -3.84 38.50 38.39
CA ARG A 139 -2.86 37.44 38.19
C ARG A 139 -2.54 37.26 36.72
N ARG A 140 -1.28 36.95 36.43
CA ARG A 140 -0.82 36.76 35.06
C ARG A 140 0.07 35.53 35.00
N ALA A 141 0.07 34.89 33.84
CA ALA A 141 0.90 33.71 33.62
C ALA A 141 1.10 33.55 32.11
N GLU A 142 2.02 32.66 31.77
CA GLU A 142 2.33 32.37 30.37
C GLU A 142 2.43 30.86 30.20
N TYR A 143 2.42 30.43 28.94
CA TYR A 143 2.55 29.01 28.62
C TYR A 143 3.08 28.90 27.20
N SER A 144 4.31 28.42 27.05
CA SER A 144 4.96 28.26 25.76
C SER A 144 5.57 26.86 25.72
N PRO A 145 4.76 25.84 25.44
CA PRO A 145 5.24 24.46 25.59
C PRO A 145 6.27 24.04 24.57
N CYS A 146 6.45 24.79 23.49
CA CYS A 146 7.34 24.38 22.40
C CYS A 146 8.69 25.05 22.46
N ARG A 147 8.93 25.94 23.41
CA ARG A 147 10.26 26.49 23.62
C ARG A 147 11.23 25.36 23.97
N GLY A 148 12.39 25.37 23.33
CA GLY A 148 13.44 24.40 23.63
C GLY A 148 14.78 25.09 23.68
N ASN A 149 15.78 24.33 24.17
CA ASN A 149 17.14 24.82 24.24
C ASN A 149 18.09 23.92 23.43
N THR A 150 17.57 23.16 22.49
CA THR A 150 18.40 22.37 21.59
C THR A 150 18.94 23.26 20.48
N LEU A 151 20.19 23.03 20.10
CA LEU A 151 20.85 23.86 19.11
C LEU A 151 20.55 23.36 17.70
N SER A 152 20.78 24.23 16.72
CA SER A 152 20.46 23.92 15.33
C SER A 152 21.14 22.64 14.88
N ARG A 153 22.42 22.47 15.22
CA ARG A 153 23.18 21.33 14.72
C ARG A 153 22.52 20.00 15.12
N ILE A 154 21.96 19.93 16.32
CA ILE A 154 21.43 18.67 16.82
C ILE A 154 20.25 18.21 15.95
N TYR A 155 19.33 19.13 15.65
CA TYR A 155 18.16 18.77 14.85
C TYR A 155 18.58 18.19 13.51
N VAL A 156 19.60 18.77 12.87
CA VAL A 156 20.07 18.25 11.59
C VAL A 156 20.60 16.84 11.75
N GLU A 157 21.42 16.62 12.78
CA GLU A 157 21.99 15.29 12.99
C GLU A 157 20.92 14.27 13.33
N ASN A 158 19.85 14.68 14.01
CA ASN A 158 18.74 13.78 14.32
C ASN A 158 17.65 13.81 13.27
N ASP A 159 17.89 14.45 12.12
CA ASP A 159 17.00 14.37 10.96
C ASP A 159 15.68 15.09 11.20
N PHE A 160 15.71 16.16 11.99
CA PHE A 160 14.53 17.01 12.20
C PHE A 160 13.36 16.22 12.77
N SER A 161 13.64 15.37 13.75
CA SER A 161 12.60 14.66 14.49
C SER A 161 12.29 15.41 15.77
N TRP A 162 11.03 15.40 16.17
CA TRP A 162 10.59 16.07 17.39
C TRP A 162 11.06 17.53 17.39
N ASP A 163 10.84 18.20 16.26
CA ASP A 163 11.22 19.59 16.06
C ASP A 163 9.98 20.46 16.34
N LYS A 164 9.95 21.05 17.53
CA LYS A 164 8.84 21.92 17.93
C LYS A 164 9.18 23.39 17.76
N ARG A 165 10.16 23.72 16.93
CA ARG A 165 10.62 25.11 16.82
C ARG A 165 9.61 26.01 16.13
N TYR A 166 8.71 25.46 15.32
CA TYR A 166 7.75 26.25 14.54
C TYR A 166 6.31 25.94 14.95
N CYS A 167 6.12 25.49 16.18
CA CYS A 167 4.80 25.10 16.66
C CYS A 167 3.73 26.11 16.27
N GLU A 168 3.95 27.37 16.62
CA GLU A 168 2.89 28.38 16.60
C GLU A 168 1.76 27.98 17.55
N ALA A 169 2.15 27.60 18.76
CA ALA A 169 1.17 27.24 19.79
C ALA A 169 0.26 28.42 20.07
N GLY A 170 -1.04 28.13 20.14
CA GLY A 170 -2.05 29.17 20.29
C GLY A 170 -2.77 29.52 19.02
N PHE A 171 -2.32 28.97 17.88
CA PHE A 171 -3.06 29.11 16.63
C PHE A 171 -4.54 28.87 16.85
N SER A 172 -4.87 27.77 17.51
CA SER A 172 -6.23 27.48 17.94
C SER A 172 -6.18 27.08 19.41
N SER A 173 -7.34 27.13 20.08
CA SER A 173 -7.35 26.86 21.50
C SER A 173 -8.75 26.42 21.93
N VAL A 174 -8.80 25.79 23.09
CA VAL A 174 -10.05 25.38 23.72
C VAL A 174 -9.73 24.98 25.14
N VAL A 175 -10.74 24.95 26.00
CA VAL A 175 -10.57 24.59 27.40
C VAL A 175 -11.69 23.63 27.78
N THR A 176 -11.31 22.45 28.27
CA THR A 176 -12.28 21.48 28.74
C THR A 176 -13.00 22.00 29.97
N GLN A 177 -14.21 21.48 30.20
N GLN A 177 -14.22 21.47 30.20
CA GLN A 177 -14.97 21.86 31.38
CA GLN A 177 -14.97 21.84 31.39
C GLN A 177 -14.20 21.54 32.66
C GLN A 177 -14.19 21.55 32.66
N ALA A 178 -13.27 20.60 32.62
CA ALA A 178 -12.46 20.27 33.78
C ALA A 178 -11.39 21.31 34.06
N GLY A 179 -11.08 22.16 33.09
CA GLY A 179 -10.08 23.19 33.25
C GLY A 179 -8.74 22.89 32.62
N GLU A 180 -8.72 22.17 31.50
CA GLU A 180 -7.49 21.77 30.84
C GLU A 180 -7.36 22.55 29.54
N LEU A 181 -6.30 23.36 29.44
CA LEU A 181 -6.06 24.15 28.24
C LEU A 181 -5.46 23.27 27.16
N VAL A 182 -6.09 23.27 25.99
CA VAL A 182 -5.64 22.47 24.84
C VAL A 182 -5.31 23.44 23.71
N LEU A 183 -4.04 23.47 23.31
CA LEU A 183 -3.57 24.37 22.27
C LEU A 183 -3.29 23.62 20.99
N GLY A 184 -3.72 24.19 19.87
CA GLY A 184 -3.35 23.69 18.56
C GLY A 184 -2.08 24.36 18.08
N ALA A 185 -1.20 23.58 17.46
CA ALA A 185 0.08 24.08 16.98
C ALA A 185 0.34 23.48 15.61
N PRO A 186 -0.18 24.11 14.55
CA PRO A 186 -0.14 23.49 13.22
C PRO A 186 1.26 23.37 12.64
N GLY A 187 2.27 24.01 13.24
CA GLY A 187 3.63 23.94 12.76
C GLY A 187 4.52 23.01 13.55
N GLY A 188 3.98 22.29 14.52
CA GLY A 188 4.81 21.41 15.33
C GLY A 188 5.32 20.23 14.54
N TYR A 189 6.49 19.74 14.95
CA TYR A 189 7.12 18.57 14.33
C TYR A 189 7.33 18.82 12.83
N TYR A 190 7.95 19.95 12.51
CA TYR A 190 8.24 20.35 11.14
C TYR A 190 6.96 20.36 10.29
N PHE A 191 6.00 21.15 10.75
CA PHE A 191 4.77 21.42 10.01
C PHE A 191 3.89 20.19 9.88
N LEU A 192 4.02 19.25 10.82
CA LEU A 192 3.05 18.16 10.93
C LEU A 192 1.84 18.60 11.73
N GLY A 193 2.06 19.33 12.81
CA GLY A 193 1.00 19.72 13.70
C GLY A 193 1.01 18.90 14.97
N LEU A 194 0.84 19.55 16.12
CA LEU A 194 0.76 18.86 17.38
C LEU A 194 -0.22 19.58 18.29
N LEU A 195 -0.65 18.86 19.33
CA LEU A 195 -1.49 19.41 20.38
C LEU A 195 -0.69 19.50 21.67
N ALA A 196 -1.05 20.45 22.52
CA ALA A 196 -0.38 20.64 23.80
C ALA A 196 -1.43 20.92 24.86
N GLN A 197 -1.52 20.03 25.85
CA GLN A 197 -2.50 20.13 26.91
C GLN A 197 -1.82 20.38 28.24
N ALA A 198 -2.52 21.08 29.13
CA ALA A 198 -2.02 21.32 30.48
C ALA A 198 -3.10 21.97 31.34
N PRO A 199 -3.24 21.58 32.60
CA PRO A 199 -4.23 22.25 33.45
C PRO A 199 -3.89 23.72 33.65
N VAL A 200 -4.94 24.56 33.66
CA VAL A 200 -4.74 25.99 33.87
C VAL A 200 -4.12 26.24 35.24
N ALA A 201 -4.56 25.50 36.26
CA ALA A 201 -4.04 25.72 37.61
C ALA A 201 -2.54 25.45 37.67
N ASP A 202 -2.08 24.39 37.00
CA ASP A 202 -0.66 24.07 37.01
C ASP A 202 0.14 25.07 36.19
N ILE A 203 -0.45 25.65 35.14
CA ILE A 203 0.20 26.71 34.39
C ILE A 203 0.48 27.90 35.31
N PHE A 204 -0.51 28.28 36.11
CA PHE A 204 -0.37 29.44 36.98
C PHE A 204 0.62 29.17 38.10
N SER A 205 0.51 28.01 38.75
CA SER A 205 1.33 27.73 39.93
C SER A 205 2.77 27.42 39.57
N SER A 206 3.04 27.04 38.32
CA SER A 206 4.39 26.71 37.88
C SER A 206 5.07 27.85 37.14
N TYR A 207 4.40 29.00 36.99
CA TYR A 207 4.94 30.11 36.23
C TYR A 207 5.54 31.15 37.17
N ARG A 208 6.73 31.63 36.83
CA ARG A 208 7.33 32.79 37.47
C ARG A 208 7.91 33.67 36.37
N PRO A 209 7.87 34.98 36.52
CA PRO A 209 8.36 35.86 35.47
C PRO A 209 9.88 35.82 35.34
N GLY A 210 10.35 35.76 34.11
CA GLY A 210 11.77 35.80 33.82
C GLY A 210 12.43 34.45 33.63
N ILE A 211 11.74 33.35 33.98
CA ILE A 211 12.33 32.03 33.83
C ILE A 211 12.44 31.65 32.35
N LEU A 212 11.39 31.91 31.58
CA LEU A 212 11.35 31.67 30.14
C LEU A 212 11.26 30.17 29.83
N LEU A 213 12.17 29.37 30.37
CA LEU A 213 12.14 27.91 30.20
C LEU A 213 11.86 27.28 31.55
N TRP A 214 10.67 26.68 31.69
CA TRP A 214 10.29 26.01 32.92
C TRP A 214 9.47 24.78 32.58
N HIS A 215 9.37 23.87 33.56
CA HIS A 215 8.69 22.60 33.38
C HIS A 215 7.25 22.69 33.87
N VAL A 216 6.34 22.03 33.14
CA VAL A 216 4.95 21.86 33.57
C VAL A 216 4.70 20.36 33.53
N SER A 217 5.02 19.67 34.63
CA SER A 217 5.05 18.21 34.63
C SER A 217 3.74 17.60 34.16
N SER A 218 2.62 18.25 34.43
CA SER A 218 1.31 17.70 34.10
C SER A 218 0.90 17.92 32.66
N GLN A 219 1.75 18.55 31.84
CA GLN A 219 1.40 18.79 30.45
C GLN A 219 1.51 17.50 29.64
N SER A 220 0.99 17.54 28.42
CA SER A 220 0.97 16.36 27.56
C SER A 220 0.89 16.82 26.11
N LEU A 221 1.99 16.64 25.39
CA LEU A 221 2.05 16.96 23.96
C LEU A 221 1.77 15.70 23.14
N SER A 222 1.29 15.93 21.92
CA SER A 222 1.05 14.82 20.99
C SER A 222 2.40 14.37 20.42
N PHE A 223 2.38 13.51 19.41
CA PHE A 223 3.55 12.77 19.01
C PHE A 223 3.90 13.03 17.55
N ASP A 224 5.20 12.98 17.26
CA ASP A 224 5.70 13.06 15.90
C ASP A 224 5.31 11.82 15.12
N SER A 225 5.59 11.83 13.82
CA SER A 225 5.23 10.72 12.97
C SER A 225 6.16 10.69 11.77
N SER A 226 6.26 9.50 11.16
CA SER A 226 7.00 9.31 9.92
C SER A 226 6.08 9.02 8.75
N ASN A 227 4.78 9.05 8.94
CA ASN A 227 3.83 8.79 7.86
C ASN A 227 3.71 10.03 6.98
N PRO A 228 4.01 9.95 5.68
CA PRO A 228 3.91 11.15 4.85
C PRO A 228 2.50 11.72 4.75
N GLU A 229 1.47 10.94 5.11
CA GLU A 229 0.11 11.47 5.09
C GLU A 229 -0.04 12.66 6.02
N TYR A 230 0.68 12.66 7.14
CA TYR A 230 0.61 13.76 8.10
C TYR A 230 1.54 14.91 7.76
N PHE A 231 2.38 14.79 6.73
CA PHE A 231 3.31 15.84 6.39
C PHE A 231 2.57 17.08 5.90
N ASP A 232 2.96 18.24 6.41
CA ASP A 232 2.37 19.51 6.00
C ASP A 232 0.84 19.47 6.14
N GLY A 233 0.37 18.76 7.16
CA GLY A 233 -1.05 18.58 7.38
C GLY A 233 -1.63 19.63 8.30
N TYR A 234 -0.77 20.35 9.03
CA TYR A 234 -1.20 21.41 9.93
C TYR A 234 -2.22 20.89 10.94
N TRP A 235 -1.96 19.69 11.45
CA TRP A 235 -2.73 19.08 12.53
C TRP A 235 -2.82 20.03 13.72
N GLY A 236 -3.99 20.63 13.93
CA GLY A 236 -4.15 21.60 15.00
C GLY A 236 -4.52 22.97 14.48
N TYR A 237 -4.83 23.07 13.20
CA TYR A 237 -5.36 24.30 12.65
C TYR A 237 -6.60 24.76 13.41
N SER A 238 -7.42 23.80 13.84
CA SER A 238 -8.58 24.06 14.68
C SER A 238 -8.68 22.94 15.70
N VAL A 239 -9.34 23.22 16.82
CA VAL A 239 -9.48 22.25 17.89
CA VAL A 239 -9.47 22.25 17.90
C VAL A 239 -10.82 22.44 18.57
N ALA A 240 -11.35 21.35 19.13
CA ALA A 240 -12.59 21.36 19.87
C ALA A 240 -12.58 20.13 20.78
N VAL A 241 -13.52 20.11 21.73
CA VAL A 241 -13.63 19.02 22.69
C VAL A 241 -15.08 18.54 22.74
N GLY A 242 -15.25 17.29 23.14
CA GLY A 242 -16.58 16.73 23.24
C GLY A 242 -16.55 15.38 23.90
N GLU A 243 -17.67 14.66 23.77
CA GLU A 243 -17.83 13.33 24.34
C GLU A 243 -18.27 12.40 23.22
N PHE A 244 -17.37 11.51 22.77
CA PHE A 244 -17.62 10.66 21.63
C PHE A 244 -17.34 9.18 21.86
N ASP A 245 -16.98 8.78 23.08
CA ASP A 245 -16.70 7.37 23.37
C ASP A 245 -17.69 6.75 24.33
N GLY A 246 -18.62 7.52 24.90
CA GLY A 246 -19.58 7.00 25.84
C GLY A 246 -19.14 7.02 27.28
N ASP A 247 -17.85 7.22 27.54
CA ASP A 247 -17.33 7.31 28.91
C ASP A 247 -17.33 8.78 29.32
N LEU A 248 -18.17 9.13 30.29
CA LEU A 248 -18.31 10.51 30.73
C LEU A 248 -17.14 10.98 31.58
N ASN A 249 -16.29 10.08 32.06
CA ASN A 249 -15.12 10.49 32.83
C ASN A 249 -13.95 10.91 31.96
N THR A 250 -13.97 10.57 30.68
CA THR A 250 -12.92 10.93 29.74
C THR A 250 -13.41 12.02 28.81
N THR A 251 -12.51 12.94 28.47
CA THR A 251 -12.79 14.01 27.51
C THR A 251 -12.05 13.69 26.21
N GLU A 252 -12.78 13.75 25.10
CA GLU A 252 -12.21 13.49 23.78
C GLU A 252 -11.86 14.80 23.10
N TYR A 253 -10.84 14.75 22.24
CA TYR A 253 -10.36 15.91 21.51
C TYR A 253 -10.70 15.78 20.03
N VAL A 254 -11.15 16.88 19.44
CA VAL A 254 -11.36 16.97 18.00
C VAL A 254 -10.31 17.91 17.44
N VAL A 255 -9.66 17.48 16.36
CA VAL A 255 -8.54 18.22 15.78
C VAL A 255 -8.75 18.31 14.28
N GLY A 256 -8.50 19.49 13.72
CA GLY A 256 -8.60 19.72 12.30
C GLY A 256 -7.22 19.72 11.65
N ALA A 257 -7.13 19.07 10.50
CA ALA A 257 -5.89 19.01 9.72
C ALA A 257 -6.25 19.27 8.27
N PRO A 258 -6.42 20.54 7.89
CA PRO A 258 -7.03 20.85 6.58
C PRO A 258 -6.14 20.55 5.38
N THR A 259 -4.87 20.22 5.58
CA THR A 259 -4.00 19.85 4.47
C THR A 259 -3.46 18.43 4.63
N TRP A 260 -4.11 17.63 5.47
CA TRP A 260 -3.69 16.26 5.71
C TRP A 260 -3.74 15.43 4.43
N SER A 261 -2.73 14.59 4.24
CA SER A 261 -2.64 13.68 3.10
C SER A 261 -2.72 14.43 1.78
N TRP A 262 -1.70 15.26 1.54
CA TRP A 262 -1.57 15.98 0.28
C TRP A 262 -2.78 16.85 -0.01
N THR A 263 -3.11 17.70 0.96
CA THR A 263 -4.19 18.68 0.86
C THR A 263 -5.56 18.03 0.65
N LEU A 264 -5.72 16.78 1.08
CA LEU A 264 -7.05 16.17 1.12
C LEU A 264 -7.84 16.68 2.31
N GLY A 265 -7.19 16.83 3.44
CA GLY A 265 -7.84 17.32 4.65
C GLY A 265 -8.41 16.19 5.48
N ALA A 266 -8.46 16.42 6.79
CA ALA A 266 -8.99 15.41 7.70
C ALA A 266 -9.32 16.05 9.04
N VAL A 267 -10.27 15.41 9.73
CA VAL A 267 -10.58 15.72 11.12
C VAL A 267 -10.48 14.42 11.90
N GLU A 268 -9.85 14.48 13.07
CA GLU A 268 -9.61 13.29 13.89
C GLU A 268 -10.16 13.50 15.29
N ILE A 269 -10.86 12.49 15.80
CA ILE A 269 -11.33 12.48 17.18
C ILE A 269 -10.41 11.56 17.98
N LEU A 270 -9.94 12.04 19.13
CA LEU A 270 -8.93 11.36 19.91
C LEU A 270 -9.34 11.35 21.38
N ASP A 271 -8.71 10.46 22.14
CA ASP A 271 -8.83 10.50 23.58
C ASP A 271 -7.80 11.48 24.15
N SER A 272 -7.86 11.70 25.46
CA SER A 272 -6.94 12.65 26.09
C SER A 272 -5.49 12.20 26.00
N TYR A 273 -5.23 10.96 25.59
CA TYR A 273 -3.88 10.47 25.37
C TYR A 273 -3.47 10.53 23.90
N TYR A 274 -4.22 11.25 23.08
CA TYR A 274 -3.92 11.43 21.66
C TYR A 274 -3.94 10.13 20.88
N GLN A 275 -4.66 9.13 21.39
CA GLN A 275 -4.87 7.89 20.65
C GLN A 275 -6.08 8.05 19.74
N ARG A 276 -5.89 7.82 18.45
CA ARG A 276 -6.91 8.15 17.47
C ARG A 276 -8.10 7.21 17.60
N LEU A 277 -9.30 7.79 17.67
CA LEU A 277 -10.55 7.05 17.72
C LEU A 277 -11.24 6.98 16.37
N HIS A 278 -11.45 8.13 15.73
CA HIS A 278 -12.02 8.14 14.38
CA HIS A 278 -12.08 8.22 14.41
C HIS A 278 -11.27 9.16 13.54
N ARG A 279 -11.53 9.11 12.23
CA ARG A 279 -10.90 10.02 11.29
C ARG A 279 -11.87 10.26 10.14
N LEU A 280 -12.27 11.52 9.96
CA LEU A 280 -13.07 11.93 8.82
C LEU A 280 -12.15 12.52 7.77
N ARG A 281 -12.23 12.01 6.56
CA ARG A 281 -11.35 12.41 5.46
C ARG A 281 -12.06 13.41 4.56
N GLY A 282 -11.28 14.33 4.01
CA GLY A 282 -11.85 15.33 3.12
C GLY A 282 -12.47 14.70 1.88
N GLU A 283 -13.40 15.44 1.30
CA GLU A 283 -14.09 15.00 0.09
C GLU A 283 -13.41 15.51 -1.18
N GLN A 284 -12.71 16.65 -1.08
CA GLN A 284 -12.12 17.29 -2.24
C GLN A 284 -10.81 17.93 -1.83
N MET A 285 -9.81 17.84 -2.71
CA MET A 285 -8.49 18.36 -2.39
C MET A 285 -8.47 19.88 -2.45
N ALA A 286 -7.72 20.49 -1.52
CA ALA A 286 -7.57 21.92 -1.41
C ALA A 286 -8.84 22.63 -0.96
N SER A 287 -9.87 21.88 -0.57
CA SER A 287 -11.06 22.50 0.01
C SER A 287 -10.82 22.96 1.44
N TYR A 288 -9.71 22.57 2.05
CA TYR A 288 -9.41 22.91 3.43
C TYR A 288 -10.46 22.32 4.37
N PHE A 289 -10.74 21.04 4.18
CA PHE A 289 -11.64 20.29 5.07
C PHE A 289 -10.99 20.16 6.43
N GLY A 290 -11.57 20.80 7.44
CA GLY A 290 -10.97 20.89 8.76
C GLY A 290 -10.60 22.30 9.16
N HIS A 291 -10.84 23.30 8.30
CA HIS A 291 -10.56 24.68 8.64
C HIS A 291 -11.25 25.09 9.93
N SER A 292 -12.47 24.59 10.14
CA SER A 292 -13.24 24.88 11.34
C SER A 292 -13.98 23.63 11.77
N VAL A 293 -14.04 23.40 13.08
CA VAL A 293 -14.76 22.28 13.66
C VAL A 293 -15.63 22.78 14.79
N ALA A 294 -16.78 22.13 14.98
CA ALA A 294 -17.71 22.49 16.05
C ALA A 294 -18.33 21.23 16.61
N VAL A 295 -18.61 21.26 17.91
CA VAL A 295 -19.16 20.11 18.63
C VAL A 295 -20.40 20.58 19.37
N THR A 296 -21.54 19.97 19.05
CA THR A 296 -22.79 20.27 19.73
C THR A 296 -23.82 19.22 19.34
N ASP A 297 -24.76 18.97 20.25
CA ASP A 297 -25.83 18.00 20.02
C ASP A 297 -26.99 18.72 19.34
N VAL A 298 -27.26 18.36 18.08
CA VAL A 298 -28.21 19.10 17.27
C VAL A 298 -29.56 18.42 17.25
N ASN A 299 -29.59 17.09 17.40
CA ASN A 299 -30.84 16.33 17.31
C ASN A 299 -31.36 15.91 18.68
N GLY A 300 -30.82 16.45 19.76
CA GLY A 300 -31.41 16.26 21.07
C GLY A 300 -31.48 14.81 21.52
N ASP A 301 -30.43 14.04 21.30
CA ASP A 301 -30.30 12.70 21.87
C ASP A 301 -29.20 12.63 22.92
N GLY A 302 -28.72 13.78 23.39
CA GLY A 302 -27.68 13.81 24.40
C GLY A 302 -26.29 13.50 23.89
N ARG A 303 -26.17 13.00 22.66
CA ARG A 303 -24.87 12.63 22.10
C ARG A 303 -24.37 13.78 21.22
N HIS A 304 -23.21 14.33 21.58
CA HIS A 304 -22.60 15.37 20.78
C HIS A 304 -22.52 14.96 19.33
N ASP A 305 -22.74 15.92 18.44
CA ASP A 305 -22.55 15.72 17.01
C ASP A 305 -21.43 16.63 16.53
N LEU A 306 -20.88 16.30 15.36
CA LEU A 306 -19.69 16.96 14.85
C LEU A 306 -20.02 17.71 13.56
N LEU A 307 -19.52 18.93 13.46
CA LEU A 307 -19.64 19.76 12.27
C LEU A 307 -18.26 20.17 11.80
N VAL A 308 -18.04 20.07 10.49
CA VAL A 308 -16.75 20.38 9.87
C VAL A 308 -16.98 21.30 8.69
N GLY A 309 -16.12 22.30 8.54
CA GLY A 309 -16.25 23.29 7.47
C GLY A 309 -15.11 23.14 6.47
N ALA A 310 -15.47 23.18 5.19
CA ALA A 310 -14.51 23.15 4.08
C ALA A 310 -14.76 24.39 3.23
N PRO A 311 -14.27 25.55 3.65
CA PRO A 311 -14.68 26.81 3.02
C PRO A 311 -14.34 26.92 1.54
N LEU A 312 -13.37 26.14 1.04
CA LEU A 312 -12.94 26.25 -0.35
C LEU A 312 -13.48 25.11 -1.22
N TYR A 313 -14.48 24.38 -0.74
CA TYR A 313 -15.06 23.33 -1.55
C TYR A 313 -15.67 23.89 -2.82
N MET A 314 -15.41 23.22 -3.94
CA MET A 314 -15.87 23.67 -5.25
C MET A 314 -17.04 22.80 -5.68
N GLU A 315 -18.25 23.37 -5.62
CA GLU A 315 -19.45 22.65 -6.02
C GLU A 315 -19.46 22.42 -7.53
N SER A 316 -20.02 21.28 -7.93
CA SER A 316 -20.14 20.96 -9.35
CA SER A 316 -20.14 20.95 -9.35
C SER A 316 -21.36 21.66 -9.94
N ARG A 317 -21.22 22.10 -11.19
CA ARG A 317 -22.28 22.82 -11.87
C ARG A 317 -22.35 22.38 -13.32
N ALA A 318 -23.26 22.99 -14.07
CA ALA A 318 -23.53 22.58 -15.44
C ALA A 318 -22.29 22.76 -16.31
N ASP A 319 -22.23 21.95 -17.37
CA ASP A 319 -21.16 22.05 -18.37
C ASP A 319 -19.79 21.75 -17.78
N ARG A 320 -19.74 20.85 -16.80
CA ARG A 320 -18.48 20.34 -16.26
C ARG A 320 -17.64 21.45 -15.64
N LYS A 321 -18.28 22.41 -14.98
CA LYS A 321 -17.60 23.54 -14.37
C LYS A 321 -17.80 23.52 -12.86
N LEU A 322 -16.74 23.87 -12.13
CA LEU A 322 -16.74 23.92 -10.69
C LEU A 322 -16.84 25.37 -10.22
N ALA A 323 -17.24 25.53 -8.95
CA ALA A 323 -17.46 26.86 -8.39
C ALA A 323 -17.17 26.82 -6.90
N GLU A 324 -16.10 27.49 -6.48
CA GLU A 324 -15.75 27.58 -5.07
C GLU A 324 -16.83 28.34 -4.31
N VAL A 325 -17.41 27.69 -3.30
CA VAL A 325 -18.51 28.29 -2.54
C VAL A 325 -18.41 27.92 -1.06
N GLY A 326 -17.77 26.81 -0.75
CA GLY A 326 -17.67 26.32 0.60
C GLY A 326 -18.73 25.28 0.93
N ARG A 327 -18.47 24.51 1.98
CA ARG A 327 -19.39 23.44 2.37
C ARG A 327 -19.17 23.08 3.83
N VAL A 328 -20.25 22.66 4.47
CA VAL A 328 -20.24 22.21 5.86
C VAL A 328 -20.79 20.80 5.93
N TYR A 329 -20.17 19.95 6.75
CA TYR A 329 -20.55 18.55 6.89
C TYR A 329 -21.06 18.31 8.30
N LEU A 330 -22.15 17.54 8.39
CA LEU A 330 -22.73 17.16 9.67
C LEU A 330 -22.55 15.68 9.91
N PHE A 331 -21.99 15.32 11.05
CA PHE A 331 -21.83 13.93 11.46
C PHE A 331 -22.55 13.74 12.78
N LEU A 332 -23.58 12.90 12.77
CA LEU A 332 -24.35 12.58 13.97
C LEU A 332 -23.72 11.39 14.67
N GLN A 333 -23.57 11.49 15.99
CA GLN A 333 -22.96 10.40 16.74
C GLN A 333 -23.94 9.25 16.86
N PRO A 334 -23.51 8.01 16.60
CA PRO A 334 -24.43 6.88 16.69
C PRO A 334 -24.63 6.42 18.12
N ARG A 335 -25.67 5.61 18.31
CA ARG A 335 -25.98 5.09 19.63
C ARG A 335 -24.96 4.05 20.03
N GLY A 336 -24.29 4.26 21.16
CA GLY A 336 -23.35 3.31 21.69
C GLY A 336 -22.03 3.30 20.94
N PRO A 337 -21.19 2.31 21.23
CA PRO A 337 -19.86 2.27 20.60
C PRO A 337 -19.89 1.91 19.13
N HIS A 338 -19.91 2.91 18.26
CA HIS A 338 -19.87 2.68 16.82
C HIS A 338 -19.14 3.84 16.16
N ALA A 339 -18.73 3.62 14.91
CA ALA A 339 -17.99 4.62 14.16
C ALA A 339 -18.93 5.62 13.51
N LEU A 340 -18.52 6.89 13.52
CA LEU A 340 -19.28 7.92 12.80
C LEU A 340 -19.30 7.58 11.32
N GLY A 341 -20.51 7.42 10.77
CA GLY A 341 -20.68 7.02 9.39
C GLY A 341 -20.49 8.16 8.42
N ALA A 342 -21.15 8.04 7.28
CA ALA A 342 -21.11 9.08 6.26
C ALA A 342 -21.78 10.34 6.80
N PRO A 343 -21.57 11.48 6.13
CA PRO A 343 -22.23 12.71 6.59
C PRO A 343 -23.74 12.58 6.58
N SER A 344 -24.37 13.06 7.65
CA SER A 344 -25.82 13.07 7.75
C SER A 344 -26.44 14.20 6.93
N LEU A 345 -25.67 15.23 6.60
CA LEU A 345 -26.19 16.38 5.88
C LEU A 345 -25.02 17.14 5.25
N LEU A 346 -25.25 17.69 4.06
CA LEU A 346 -24.28 18.54 3.37
C LEU A 346 -24.91 19.90 3.14
N LEU A 347 -24.36 20.92 3.78
CA LEU A 347 -24.76 22.31 3.54
C LEU A 347 -23.70 22.97 2.68
N THR A 348 -24.13 23.50 1.53
CA THR A 348 -23.22 24.07 0.55
C THR A 348 -23.54 25.54 0.34
N GLY A 349 -22.50 26.35 0.18
CA GLY A 349 -22.67 27.76 -0.07
C GLY A 349 -23.19 28.04 -1.47
N THR A 350 -23.53 29.30 -1.69
CA THR A 350 -24.06 29.75 -2.98
CA THR A 350 -24.09 29.77 -2.96
C THR A 350 -23.23 30.85 -3.62
N GLN A 351 -22.72 31.80 -2.85
CA GLN A 351 -21.95 32.91 -3.42
C GLN A 351 -20.55 32.45 -3.76
N LEU A 352 -20.10 32.75 -4.98
CA LEU A 352 -18.77 32.39 -5.40
C LEU A 352 -17.73 33.05 -4.50
N TYR A 353 -16.72 32.28 -4.12
CA TYR A 353 -15.65 32.74 -3.24
C TYR A 353 -16.18 33.21 -1.89
N GLY A 354 -17.41 32.81 -1.54
CA GLY A 354 -18.00 33.24 -0.29
C GLY A 354 -17.40 32.58 0.94
N ARG A 355 -16.79 31.41 0.77
CA ARG A 355 -16.12 30.70 1.87
C ARG A 355 -17.11 30.30 2.95
N PHE A 356 -18.26 29.77 2.52
CA PHE A 356 -19.25 29.24 3.45
C PHE A 356 -18.69 28.04 4.19
N GLY A 357 -18.60 28.16 5.51
CA GLY A 357 -17.97 27.16 6.34
C GLY A 357 -16.71 27.63 7.02
N SER A 358 -16.29 28.88 6.80
CA SER A 358 -15.09 29.40 7.41
C SER A 358 -15.18 29.44 8.93
N ALA A 359 -16.40 29.47 9.48
CA ALA A 359 -16.59 29.46 10.92
C ALA A 359 -17.93 28.82 11.23
N ILE A 360 -17.99 28.07 12.33
CA ILE A 360 -19.20 27.37 12.75
C ILE A 360 -19.33 27.54 14.25
N ALA A 361 -20.39 28.22 14.68
CA ALA A 361 -20.60 28.49 16.10
C ALA A 361 -21.85 27.78 16.59
N PRO A 362 -21.75 26.91 17.59
CA PRO A 362 -22.96 26.43 18.26
C PRO A 362 -23.70 27.60 18.91
N LEU A 363 -25.02 27.64 18.69
CA LEU A 363 -25.85 28.71 19.23
C LEU A 363 -26.61 28.32 20.48
N GLY A 364 -26.54 27.06 20.90
CA GLY A 364 -27.47 26.60 21.90
C GLY A 364 -28.84 26.48 21.26
N ASP A 365 -29.87 26.54 22.11
CA ASP A 365 -31.26 26.51 21.64
C ASP A 365 -31.71 27.94 21.42
N LEU A 366 -31.69 28.38 20.16
CA LEU A 366 -32.02 29.76 19.84
C LEU A 366 -33.52 30.01 19.96
N ASP A 367 -34.32 29.22 19.25
CA ASP A 367 -35.77 29.37 19.28
C ASP A 367 -36.42 28.62 20.43
N ARG A 368 -35.63 27.90 21.24
CA ARG A 368 -36.14 27.25 22.45
C ARG A 368 -37.15 26.16 22.12
N ASP A 369 -36.85 25.35 21.11
CA ASP A 369 -37.72 24.25 20.71
C ASP A 369 -37.20 22.89 21.17
N GLY A 370 -36.12 22.85 21.93
CA GLY A 370 -35.57 21.61 22.45
C GLY A 370 -34.37 21.08 21.71
N TYR A 371 -34.08 21.61 20.52
CA TYR A 371 -32.93 21.20 19.73
C TYR A 371 -31.95 22.35 19.63
N ASN A 372 -30.66 22.06 19.82
CA ASN A 372 -29.64 23.08 19.66
C ASN A 372 -29.46 23.41 18.19
N ASP A 373 -28.98 24.62 17.93
CA ASP A 373 -28.84 25.15 16.58
C ASP A 373 -27.41 25.65 16.39
N ILE A 374 -27.09 26.09 15.17
CA ILE A 374 -25.74 26.53 14.83
C ILE A 374 -25.83 27.77 13.94
N ALA A 375 -24.67 28.39 13.75
CA ALA A 375 -24.51 29.51 12.83
C ALA A 375 -23.28 29.27 11.97
N VAL A 376 -23.42 29.50 10.67
CA VAL A 376 -22.33 29.30 9.71
C VAL A 376 -22.03 30.62 9.04
N ALA A 377 -20.75 30.96 8.93
CA ALA A 377 -20.31 32.23 8.37
C ALA A 377 -19.85 32.05 6.93
N ALA A 378 -20.16 33.05 6.10
CA ALA A 378 -19.64 33.16 4.74
C ALA A 378 -19.00 34.54 4.64
N PRO A 379 -17.78 34.70 5.15
CA PRO A 379 -17.22 36.05 5.33
C PRO A 379 -17.20 36.89 4.06
N TYR A 380 -17.30 36.28 2.89
CA TYR A 380 -17.33 37.02 1.63
C TYR A 380 -18.55 36.64 0.80
N GLY A 381 -19.59 36.12 1.44
CA GLY A 381 -20.80 35.73 0.76
C GLY A 381 -21.84 36.83 0.76
N GLY A 382 -23.06 36.45 0.40
CA GLY A 382 -24.13 37.39 0.22
C GLY A 382 -24.09 37.97 -1.19
N PRO A 383 -25.20 38.53 -1.64
CA PRO A 383 -25.23 39.05 -3.02
C PRO A 383 -24.20 40.13 -3.26
N SER A 384 -23.81 40.86 -2.22
CA SER A 384 -22.82 41.92 -2.34
C SER A 384 -21.40 41.44 -2.06
N GLY A 385 -21.23 40.21 -1.59
CA GLY A 385 -19.93 39.73 -1.18
C GLY A 385 -19.40 40.38 0.08
N ARG A 386 -20.25 41.11 0.81
CA ARG A 386 -19.81 41.79 2.02
C ARG A 386 -19.70 40.87 3.22
N GLY A 387 -20.35 39.71 3.19
CA GLY A 387 -20.33 38.79 4.32
C GLY A 387 -21.74 38.38 4.68
N GLN A 388 -21.85 37.21 5.29
CA GLN A 388 -23.15 36.66 5.65
C GLN A 388 -22.99 35.58 6.71
N VAL A 389 -23.93 35.54 7.65
CA VAL A 389 -23.99 34.49 8.67
C VAL A 389 -25.37 33.84 8.57
N LEU A 390 -25.38 32.53 8.35
CA LEU A 390 -26.61 31.78 8.16
C LEU A 390 -26.89 30.91 9.39
N VAL A 391 -28.15 30.90 9.82
CA VAL A 391 -28.56 30.12 10.98
C VAL A 391 -29.31 28.89 10.49
N PHE A 392 -28.94 27.73 11.04
CA PHE A 392 -29.61 26.47 10.76
C PHE A 392 -30.10 25.87 12.07
N LEU A 393 -31.36 25.46 12.09
CA LEU A 393 -32.01 25.00 13.32
C LEU A 393 -31.93 23.49 13.44
N GLY A 394 -31.78 23.01 14.68
CA GLY A 394 -31.75 21.59 14.93
C GLY A 394 -33.12 20.95 14.82
N GLN A 395 -33.11 19.64 14.61
CA GLN A 395 -34.35 18.87 14.52
C GLN A 395 -34.05 17.43 14.89
N SER A 396 -35.11 16.64 15.02
CA SER A 396 -34.96 15.25 15.45
C SER A 396 -34.04 14.48 14.52
N GLU A 397 -33.97 14.86 13.25
CA GLU A 397 -33.18 14.14 12.26
C GLU A 397 -31.85 14.82 11.95
N GLY A 398 -31.45 15.81 12.74
CA GLY A 398 -30.20 16.52 12.52
C GLY A 398 -30.39 18.02 12.44
N LEU A 399 -30.23 18.58 11.24
CA LEU A 399 -30.40 20.00 11.01
C LEU A 399 -31.37 20.21 9.86
N ARG A 400 -31.85 21.45 9.72
CA ARG A 400 -32.65 21.83 8.58
C ARG A 400 -31.74 22.10 7.39
N SER A 401 -32.17 21.68 6.21
CA SER A 401 -31.35 21.86 5.01
C SER A 401 -31.31 23.31 4.55
N ARG A 402 -32.21 24.16 5.06
CA ARG A 402 -32.27 25.56 4.65
C ARG A 402 -32.16 26.46 5.88
N PRO A 403 -31.61 27.66 5.71
CA PRO A 403 -31.43 28.55 6.87
C PRO A 403 -32.76 29.14 7.33
N SER A 404 -32.88 29.30 8.65
CA SER A 404 -34.04 29.97 9.22
C SER A 404 -33.89 31.47 9.26
N GLN A 405 -32.67 31.97 9.16
CA GLN A 405 -32.39 33.40 9.24
C GLN A 405 -31.02 33.65 8.64
N VAL A 406 -30.86 34.81 8.02
CA VAL A 406 -29.61 35.21 7.39
C VAL A 406 -29.27 36.61 7.89
N LEU A 407 -28.06 36.77 8.40
CA LEU A 407 -27.56 38.06 8.87
C LEU A 407 -26.59 38.60 7.82
N ASP A 408 -26.98 39.70 7.16
CA ASP A 408 -26.10 40.36 6.21
C ASP A 408 -25.15 41.30 6.95
N SER A 409 -23.98 41.49 6.37
CA SER A 409 -22.94 42.28 7.03
C SER A 409 -23.39 43.74 7.14
N PRO A 410 -23.38 44.32 8.34
CA PRO A 410 -23.63 45.77 8.46
C PRO A 410 -22.39 46.61 8.20
N PHE A 411 -21.28 46.02 7.83
CA PHE A 411 -20.02 46.73 7.61
C PHE A 411 -19.74 46.89 6.13
N PRO A 412 -18.72 47.66 5.78
CA PRO A 412 -18.37 47.81 4.36
C PRO A 412 -17.74 46.55 3.77
N THR A 413 -17.29 46.64 2.52
CA THR A 413 -16.66 45.51 1.86
C THR A 413 -15.30 45.23 2.50
N GLY A 414 -14.94 43.95 2.54
CA GLY A 414 -13.67 43.54 3.11
C GLY A 414 -13.64 43.43 4.61
N SER A 415 -14.79 43.46 5.28
CA SER A 415 -14.84 43.42 6.72
C SER A 415 -14.57 42.03 7.28
N ALA A 416 -14.68 40.98 6.46
CA ALA A 416 -14.54 39.61 6.94
C ALA A 416 -15.59 39.30 8.00
N PHE A 417 -16.78 39.86 7.82
CA PHE A 417 -17.90 39.65 8.72
C PHE A 417 -18.22 38.16 8.83
N GLY A 418 -17.99 37.59 10.02
CA GLY A 418 -18.21 36.17 10.23
C GLY A 418 -16.94 35.35 10.35
N PHE A 419 -15.78 35.95 10.15
CA PHE A 419 -14.52 35.22 10.30
C PHE A 419 -14.42 34.56 11.67
N SER A 420 -14.97 35.21 12.70
CA SER A 420 -15.02 34.65 14.04
C SER A 420 -16.46 34.71 14.55
N LEU A 421 -16.83 33.71 15.34
CA LEU A 421 -18.18 33.60 15.86
C LEU A 421 -18.14 33.07 17.27
N ARG A 422 -19.24 33.29 18.00
CA ARG A 422 -19.44 32.71 19.31
C ARG A 422 -20.88 32.91 19.77
N GLY A 423 -21.52 31.84 20.22
CA GLY A 423 -22.89 31.92 20.68
C GLY A 423 -23.12 31.12 21.94
N ALA A 424 -24.38 30.75 22.19
CA ALA A 424 -24.75 29.86 23.30
C ALA A 424 -24.55 30.53 24.66
N VAL A 425 -24.60 31.85 24.71
CA VAL A 425 -24.45 32.58 25.97
C VAL A 425 -25.44 33.74 25.98
N ASP A 426 -26.06 33.96 27.14
CA ASP A 426 -27.07 35.00 27.32
C ASP A 426 -26.39 36.20 27.97
N ILE A 427 -26.12 37.23 27.17
CA ILE A 427 -25.34 38.37 27.66
C ILE A 427 -26.22 39.45 28.27
N ASP A 428 -27.48 39.57 27.82
CA ASP A 428 -28.41 40.54 28.39
C ASP A 428 -29.34 39.93 29.42
N ASP A 429 -29.31 38.62 29.60
CA ASP A 429 -30.08 37.95 30.64
C ASP A 429 -31.58 38.02 30.37
N ASN A 430 -31.97 37.86 29.12
CA ASN A 430 -33.37 37.80 28.72
C ASN A 430 -33.88 36.38 28.54
N GLY A 431 -33.05 35.38 28.84
CA GLY A 431 -33.44 34.00 28.72
C GLY A 431 -33.20 33.38 27.36
N TYR A 432 -32.57 34.11 26.44
CA TYR A 432 -32.30 33.60 25.10
C TYR A 432 -30.82 33.72 24.80
N PRO A 433 -30.21 32.70 24.21
CA PRO A 433 -28.78 32.79 23.89
C PRO A 433 -28.53 33.71 22.72
N ASP A 434 -27.44 34.47 22.80
CA ASP A 434 -27.14 35.53 21.85
C ASP A 434 -25.93 35.15 21.00
N LEU A 435 -25.59 36.02 20.06
CA LEU A 435 -24.54 35.76 19.08
C LEU A 435 -23.67 37.00 18.93
N ILE A 436 -22.35 36.81 18.97
CA ILE A 436 -21.39 37.86 18.70
C ILE A 436 -20.61 37.49 17.44
N VAL A 437 -20.54 38.43 16.50
CA VAL A 437 -19.87 38.21 15.23
C VAL A 437 -18.71 39.19 15.13
N GLY A 438 -17.56 38.69 14.69
CA GLY A 438 -16.37 39.50 14.52
C GLY A 438 -16.17 39.90 13.08
N ALA A 439 -15.60 41.10 12.89
CA ALA A 439 -15.30 41.65 11.57
C ALA A 439 -13.96 42.37 11.68
N TYR A 440 -12.87 41.61 11.65
CA TYR A 440 -11.55 42.19 11.86
C TYR A 440 -11.16 43.15 10.75
N GLY A 441 -11.70 42.97 9.55
CA GLY A 441 -11.44 43.90 8.47
C GLY A 441 -11.97 45.29 8.73
N ALA A 442 -13.01 45.40 9.57
CA ALA A 442 -13.56 46.69 9.98
C ALA A 442 -13.25 47.03 11.43
N ASN A 443 -12.46 46.19 12.11
CA ASN A 443 -12.07 46.44 13.50
C ASN A 443 -13.27 46.61 14.42
N GLN A 444 -14.29 45.76 14.25
CA GLN A 444 -15.50 45.88 15.04
C GLN A 444 -16.09 44.50 15.32
N VAL A 445 -16.88 44.45 16.39
CA VAL A 445 -17.65 43.29 16.77
C VAL A 445 -19.12 43.68 16.79
N ALA A 446 -19.98 42.78 16.30
CA ALA A 446 -21.42 43.01 16.25
C ALA A 446 -22.11 41.98 17.14
N VAL A 447 -22.98 42.46 18.02
CA VAL A 447 -23.71 41.61 18.96
C VAL A 447 -25.16 41.54 18.52
N TYR A 448 -25.60 40.34 18.15
CA TYR A 448 -27.00 40.08 17.82
C TYR A 448 -27.68 39.48 19.05
N ARG A 449 -28.71 40.14 19.55
CA ARG A 449 -29.46 39.65 20.68
C ARG A 449 -30.65 38.81 20.21
N ALA A 450 -30.86 37.69 20.88
CA ALA A 450 -31.99 36.83 20.59
C ALA A 450 -33.22 37.33 21.34
N GLN A 451 -34.32 37.49 20.61
CA GLN A 451 -35.59 37.92 21.15
C GLN A 451 -36.59 36.78 21.09
N PRO A 452 -37.72 36.90 21.79
CA PRO A 452 -38.78 35.89 21.64
C PRO A 452 -39.18 35.67 20.20
N VAL A 453 -39.78 34.51 19.92
CA VAL A 453 -40.09 34.13 18.54
C VAL A 453 -41.34 34.86 18.09
N VAL A 454 -41.26 35.50 16.93
CA VAL A 454 -42.42 36.19 16.35
C VAL A 454 -43.42 35.16 15.85
N GLY B 1 -59.47 18.60 -44.56
CA GLY B 1 -60.24 18.43 -43.30
C GLY B 1 -59.76 19.36 -42.18
N PRO B 2 -60.52 19.41 -41.08
CA PRO B 2 -60.13 20.29 -39.97
C PRO B 2 -58.86 19.81 -39.29
N ASN B 3 -58.06 20.78 -38.84
CA ASN B 3 -56.78 20.50 -38.21
C ASN B 3 -56.65 21.37 -36.97
N ILE B 4 -55.48 21.29 -36.33
CA ILE B 4 -55.22 22.06 -35.11
C ILE B 4 -55.26 23.56 -35.38
N CYS B 5 -55.00 23.99 -36.63
CA CYS B 5 -55.01 25.42 -36.93
C CYS B 5 -56.42 25.99 -36.86
N THR B 6 -57.41 25.24 -37.32
CA THR B 6 -58.80 25.69 -37.30
C THR B 6 -59.52 25.28 -36.03
N THR B 7 -59.40 24.00 -35.64
CA THR B 7 -60.12 23.51 -34.47
C THR B 7 -59.80 24.32 -33.23
N ARG B 8 -58.60 24.91 -33.16
CA ARG B 8 -58.26 25.75 -32.02
C ARG B 8 -59.13 27.00 -31.96
N GLY B 9 -59.66 27.44 -33.11
CA GLY B 9 -60.49 28.62 -33.15
C GLY B 9 -59.76 29.84 -32.63
N VAL B 10 -58.81 30.34 -33.43
CA VAL B 10 -57.98 31.48 -33.01
C VAL B 10 -58.76 32.77 -33.19
N SER B 11 -58.19 33.87 -32.70
CA SER B 11 -58.83 35.18 -32.76
C SER B 11 -58.09 36.21 -33.60
N SER B 12 -56.78 36.04 -33.81
CA SER B 12 -56.00 37.02 -34.54
C SER B 12 -54.92 36.30 -35.34
N CYS B 13 -54.21 37.07 -36.17
CA CYS B 13 -53.11 36.51 -36.94
C CYS B 13 -51.95 36.11 -36.03
N GLN B 14 -51.72 36.85 -34.95
CA GLN B 14 -50.66 36.50 -34.01
C GLN B 14 -50.97 35.19 -33.31
N GLN B 15 -52.20 35.03 -32.82
CA GLN B 15 -52.58 33.78 -32.16
C GLN B 15 -52.57 32.61 -33.14
N CYS B 16 -52.76 32.87 -34.42
CA CYS B 16 -52.79 31.80 -35.41
C CYS B 16 -51.41 31.17 -35.58
N LEU B 17 -50.40 32.00 -35.81
CA LEU B 17 -49.04 31.47 -35.99
C LEU B 17 -48.53 30.79 -34.71
N ALA B 18 -49.00 31.23 -33.56
CA ALA B 18 -48.56 30.66 -32.29
C ALA B 18 -49.07 29.24 -32.08
N VAL B 19 -50.04 28.79 -32.87
CA VAL B 19 -50.57 27.43 -32.70
C VAL B 19 -49.51 26.41 -33.10
N SER B 20 -49.02 26.50 -34.33
CA SER B 20 -48.07 25.51 -34.84
C SER B 20 -47.27 26.15 -35.96
N PRO B 21 -46.03 25.69 -36.18
CA PRO B 21 -45.23 26.26 -37.28
C PRO B 21 -45.84 26.07 -38.66
N MET B 22 -46.80 25.16 -38.80
CA MET B 22 -47.39 24.88 -40.10
C MET B 22 -48.58 25.77 -40.43
N CYS B 23 -49.16 26.44 -39.44
CA CYS B 23 -50.36 27.23 -39.67
C CYS B 23 -50.03 28.50 -40.47
N ALA B 24 -51.07 29.07 -41.10
CA ALA B 24 -50.96 30.30 -41.86
C ALA B 24 -52.22 31.12 -41.64
N TRP B 25 -52.19 32.35 -42.14
CA TRP B 25 -53.29 33.30 -41.92
C TRP B 25 -53.60 34.04 -43.21
N CYS B 26 -54.89 34.15 -43.52
CA CYS B 26 -55.38 34.85 -44.69
C CYS B 26 -55.99 36.18 -44.25
N SER B 27 -55.43 37.28 -44.73
CA SER B 27 -55.88 38.62 -44.36
C SER B 27 -56.76 39.26 -45.43
N ASP B 28 -57.42 38.46 -46.26
CA ASP B 28 -58.22 38.98 -47.35
C ASP B 28 -59.61 39.38 -46.86
N GLU B 29 -60.18 40.37 -47.55
CA GLU B 29 -61.55 40.79 -47.23
C GLU B 29 -62.57 39.77 -47.74
N ALA B 30 -62.46 39.40 -49.01
CA ALA B 30 -63.42 38.48 -49.64
C ALA B 30 -63.13 37.07 -49.17
N LEU B 31 -63.69 36.73 -48.01
CA LEU B 31 -63.54 35.40 -47.44
C LEU B 31 -64.87 35.01 -46.80
N PRO B 32 -65.38 33.80 -47.06
CA PRO B 32 -66.68 33.42 -46.51
C PRO B 32 -66.73 33.55 -44.99
N LEU B 33 -67.93 33.78 -44.47
CA LEU B 33 -68.11 33.88 -43.03
C LEU B 33 -67.81 32.56 -42.33
N GLY B 34 -68.26 31.45 -42.93
CA GLY B 34 -68.02 30.15 -42.32
C GLY B 34 -66.62 29.63 -42.52
N SER B 35 -65.94 30.08 -43.56
CA SER B 35 -64.59 29.59 -43.85
C SER B 35 -63.61 30.16 -42.81
N PRO B 36 -62.76 29.32 -42.22
CA PRO B 36 -61.75 29.85 -41.31
C PRO B 36 -60.61 30.53 -42.06
N ARG B 37 -59.96 31.46 -41.37
CA ARG B 37 -58.83 32.21 -41.92
C ARG B 37 -57.50 31.78 -41.30
N CYS B 38 -57.47 30.66 -40.59
CA CYS B 38 -56.25 30.12 -39.98
C CYS B 38 -56.18 28.64 -40.32
N ASP B 39 -55.52 28.33 -41.45
CA ASP B 39 -55.43 26.96 -41.94
C ASP B 39 -54.10 26.80 -42.67
N LEU B 40 -53.85 25.59 -43.16
CA LEU B 40 -52.64 25.33 -43.94
C LEU B 40 -52.59 26.25 -45.15
N LYS B 41 -51.37 26.61 -45.56
CA LYS B 41 -51.20 27.44 -46.74
C LYS B 41 -51.75 26.77 -47.99
N GLU B 42 -51.87 25.43 -47.98
CA GLU B 42 -52.45 24.73 -49.12
C GLU B 42 -53.96 24.87 -49.16
N ASN B 43 -54.60 24.93 -47.99
CA ASN B 43 -56.06 25.04 -47.94
C ASN B 43 -56.54 26.46 -48.16
N LEU B 44 -55.70 27.46 -47.86
CA LEU B 44 -56.11 28.85 -48.06
C LEU B 44 -56.15 29.19 -49.55
N LEU B 45 -55.07 28.90 -50.28
CA LEU B 45 -55.11 29.06 -51.73
C LEU B 45 -56.21 28.23 -52.35
N LYS B 46 -56.52 27.08 -51.73
CA LYS B 46 -57.62 26.25 -52.22
C LYS B 46 -58.95 26.98 -52.11
N ASP B 47 -59.12 27.79 -51.07
CA ASP B 47 -60.32 28.59 -50.88
C ASP B 47 -60.21 29.99 -51.48
N ASN B 48 -59.33 30.18 -52.46
CA ASN B 48 -59.24 31.43 -53.23
C ASN B 48 -58.84 32.60 -52.34
N CYS B 49 -57.87 32.38 -51.46
CA CYS B 49 -57.30 33.48 -50.68
C CYS B 49 -56.23 34.20 -51.50
N ALA B 50 -56.24 35.52 -51.43
CA ALA B 50 -55.29 36.32 -52.19
C ALA B 50 -53.87 35.99 -51.75
N PRO B 51 -52.98 35.57 -52.66
CA PRO B 51 -51.62 35.19 -52.23
C PRO B 51 -50.90 36.27 -51.43
N GLU B 52 -51.11 37.53 -51.77
CA GLU B 52 -50.43 38.61 -51.05
C GLU B 52 -50.95 38.78 -49.64
N SER B 53 -52.18 38.33 -49.36
CA SER B 53 -52.78 38.43 -48.04
C SER B 53 -52.51 37.21 -47.17
N ILE B 54 -51.54 36.38 -47.54
CA ILE B 54 -51.21 35.17 -46.80
C ILE B 54 -50.00 35.45 -45.93
N GLU B 55 -50.16 35.25 -44.63
CA GLU B 55 -49.07 35.38 -43.66
C GLU B 55 -48.60 33.97 -43.30
N PHE B 56 -47.37 33.63 -43.66
CA PHE B 56 -46.81 32.31 -43.40
C PHE B 56 -45.30 32.41 -43.31
N PRO B 57 -44.79 32.82 -42.14
CA PRO B 57 -43.33 32.85 -41.97
C PRO B 57 -42.75 31.44 -41.98
N VAL B 58 -41.52 31.34 -42.51
CA VAL B 58 -40.79 30.07 -42.58
C VAL B 58 -39.50 30.23 -41.81
N SER B 59 -39.22 29.28 -40.92
CA SER B 59 -37.95 29.26 -40.20
C SER B 59 -36.81 28.99 -41.17
N GLU B 60 -35.82 29.88 -41.18
CA GLU B 60 -34.71 29.79 -42.10
C GLU B 60 -33.40 30.01 -41.35
N ALA B 61 -32.30 30.03 -42.11
CA ALA B 61 -30.97 30.20 -41.54
C ALA B 61 -29.95 30.47 -42.63
N ARG B 62 -29.63 31.73 -42.87
CA ARG B 62 -28.72 32.13 -43.93
C ARG B 62 -27.42 32.68 -43.34
N VAL B 63 -26.31 32.34 -43.98
CA VAL B 63 -25.00 32.81 -43.52
C VAL B 63 -24.81 34.26 -43.92
N LEU B 64 -24.08 34.99 -43.08
CA LEU B 64 -23.66 36.36 -43.37
C LEU B 64 -22.16 36.49 -43.55
N GLU B 65 -21.38 35.84 -42.68
CA GLU B 65 -19.93 35.75 -42.83
C GLU B 65 -19.56 34.28 -42.99
N ASP B 66 -18.86 33.96 -44.08
CA ASP B 66 -18.46 32.59 -44.35
C ASP B 66 -17.05 32.58 -44.97
N ARG B 67 -16.10 33.17 -44.25
CA ARG B 67 -14.72 33.14 -44.69
C ARG B 67 -14.25 31.68 -44.80
N PRO B 68 -13.29 31.38 -45.68
CA PRO B 68 -12.75 30.03 -45.74
C PRO B 68 -11.75 29.77 -44.63
N LEU B 69 -11.73 28.52 -44.16
CA LEU B 69 -10.76 28.12 -43.16
C LEU B 69 -9.34 28.23 -43.70
N SER B 70 -8.48 28.88 -42.94
CA SER B 70 -7.11 29.09 -43.39
C SER B 70 -6.33 27.78 -43.37
N ASP B 71 -5.44 27.62 -44.35
CA ASP B 71 -4.55 26.46 -44.39
C ASP B 71 -3.30 26.67 -43.53
N LYS B 72 -2.93 27.92 -43.27
CA LYS B 72 -1.72 28.21 -42.51
C LYS B 72 -2.00 29.38 -41.57
N GLY B 73 -1.78 29.17 -40.27
CA GLY B 73 -1.80 30.25 -39.32
C GLY B 73 -0.59 31.16 -39.40
N SER B 74 0.44 30.74 -40.13
CA SER B 74 1.63 31.57 -40.30
C SER B 74 1.28 32.85 -41.05
N GLY B 75 2.20 33.82 -40.98
CA GLY B 75 1.98 35.08 -41.63
C GLY B 75 0.73 35.76 -41.12
N ASP B 76 0.18 36.64 -41.97
CA ASP B 76 -1.04 37.37 -41.64
C ASP B 76 -0.85 38.23 -40.40
N SER B 77 -1.79 39.14 -40.15
CA SER B 77 -1.85 39.90 -38.91
C SER B 77 -2.88 39.31 -37.96
N SER B 78 -2.90 37.98 -37.88
CA SER B 78 -3.97 37.24 -37.23
C SER B 78 -5.28 37.36 -38.00
N GLN B 79 -5.18 37.51 -39.32
CA GLN B 79 -6.32 37.38 -40.21
C GLN B 79 -6.66 35.92 -40.48
N VAL B 80 -6.26 35.03 -39.58
CA VAL B 80 -6.45 33.60 -39.75
C VAL B 80 -7.87 33.23 -39.34
N THR B 81 -8.54 32.46 -40.18
CA THR B 81 -9.88 31.96 -39.88
C THR B 81 -9.77 30.49 -39.49
N GLN B 82 -10.29 30.17 -38.30
CA GLN B 82 -10.30 28.80 -37.81
C GLN B 82 -11.71 28.33 -37.45
N VAL B 83 -12.72 29.16 -37.68
CA VAL B 83 -14.12 28.79 -37.46
C VAL B 83 -14.93 29.30 -38.64
N SER B 84 -15.75 28.43 -39.23
CA SER B 84 -16.60 28.84 -40.33
C SER B 84 -17.94 28.11 -40.28
N PRO B 85 -19.06 28.83 -40.49
CA PRO B 85 -19.13 30.28 -40.74
C PRO B 85 -18.86 31.09 -39.47
N GLN B 86 -18.50 32.36 -39.63
CA GLN B 86 -18.23 33.23 -38.49
C GLN B 86 -19.48 33.95 -37.99
N ARG B 87 -20.56 33.94 -38.77
CA ARG B 87 -21.78 34.66 -38.40
C ARG B 87 -22.90 34.19 -39.30
N ILE B 88 -24.09 33.98 -38.71
CA ILE B 88 -25.27 33.56 -39.46
C ILE B 88 -26.47 34.31 -38.92
N ALA B 89 -27.53 34.33 -39.73
CA ALA B 89 -28.79 34.97 -39.37
C ALA B 89 -29.86 33.89 -39.22
N LEU B 90 -30.41 33.78 -38.02
CA LEU B 90 -31.40 32.76 -37.69
C LEU B 90 -32.77 33.42 -37.52
N ARG B 91 -33.80 32.75 -38.03
CA ARG B 91 -35.17 33.23 -37.92
C ARG B 91 -36.07 32.07 -37.52
N LEU B 92 -36.81 32.23 -36.44
CA LEU B 92 -37.64 31.17 -35.89
C LEU B 92 -39.03 31.70 -35.56
N ARG B 93 -40.04 30.92 -35.91
CA ARG B 93 -41.40 31.20 -35.48
C ARG B 93 -41.74 30.35 -34.26
N PRO B 94 -42.78 30.73 -33.51
CA PRO B 94 -43.02 30.08 -32.21
C PRO B 94 -43.02 28.56 -32.29
N ASP B 95 -42.34 27.95 -31.32
CA ASP B 95 -42.33 26.50 -31.12
C ASP B 95 -41.75 25.74 -32.32
N ASP B 96 -41.07 26.43 -33.23
CA ASP B 96 -40.44 25.78 -34.36
C ASP B 96 -38.98 25.51 -34.04
N SER B 97 -38.25 24.99 -35.02
CA SER B 97 -36.83 24.70 -34.83
C SER B 97 -36.14 24.65 -36.18
N LYS B 98 -34.92 25.19 -36.23
CA LYS B 98 -34.10 25.18 -37.43
C LYS B 98 -32.70 24.73 -37.05
N ASN B 99 -32.02 24.09 -38.00
CA ASN B 99 -30.68 23.56 -37.79
C ASN B 99 -29.67 24.38 -38.59
N PHE B 100 -28.39 24.10 -38.32
CA PHE B 100 -27.29 24.76 -39.02
C PHE B 100 -26.00 24.06 -38.60
N SER B 101 -24.93 24.33 -39.35
CA SER B 101 -23.65 23.66 -39.17
C SER B 101 -22.56 24.68 -38.85
N ILE B 102 -21.48 24.16 -38.27
CA ILE B 102 -20.28 24.94 -37.99
C ILE B 102 -19.06 24.05 -38.22
N GLN B 103 -17.98 24.64 -38.71
CA GLN B 103 -16.74 23.94 -38.96
C GLN B 103 -15.63 24.54 -38.12
N VAL B 104 -14.76 23.68 -37.60
CA VAL B 104 -13.63 24.09 -36.78
C VAL B 104 -12.39 23.37 -37.28
N ARG B 105 -11.28 24.10 -37.33
CA ARG B 105 -10.01 23.55 -37.82
C ARG B 105 -8.91 23.89 -36.83
N GLN B 106 -8.11 22.88 -36.48
CA GLN B 106 -6.89 23.09 -35.70
C GLN B 106 -5.81 23.53 -36.67
N VAL B 107 -5.74 24.85 -36.89
CA VAL B 107 -4.91 25.38 -37.97
C VAL B 107 -3.47 24.92 -37.81
N GLU B 108 -2.80 24.75 -38.95
CA GLU B 108 -1.41 24.34 -38.99
C GLU B 108 -0.50 25.57 -38.98
N ASP B 109 0.59 25.47 -38.22
CA ASP B 109 1.58 26.55 -38.14
C ASP B 109 0.97 27.80 -37.50
N TYR B 110 0.49 27.63 -36.24
CA TYR B 110 -0.11 28.69 -35.46
C TYR B 110 0.87 29.19 -34.41
N PRO B 111 1.01 30.50 -34.21
CA PRO B 111 1.99 30.99 -33.23
C PRO B 111 1.78 30.38 -31.85
N VAL B 112 2.85 30.42 -31.05
CA VAL B 112 2.86 29.78 -29.73
C VAL B 112 3.70 30.62 -28.79
N ASP B 113 3.20 30.79 -27.56
CA ASP B 113 3.95 31.40 -26.46
C ASP B 113 4.21 30.34 -25.41
N ILE B 114 5.45 30.29 -24.92
CA ILE B 114 5.85 29.32 -23.90
C ILE B 114 6.59 30.08 -22.81
N TYR B 115 5.96 30.23 -21.66
CA TYR B 115 6.57 30.87 -20.50
C TYR B 115 7.02 29.77 -19.53
N TYR B 116 8.32 29.73 -19.26
CA TYR B 116 8.90 28.70 -18.41
C TYR B 116 8.92 29.22 -16.97
N LEU B 117 8.09 28.64 -16.11
CA LEU B 117 7.99 29.02 -14.71
C LEU B 117 8.64 27.91 -13.90
N MET B 118 9.77 28.20 -13.28
CA MET B 118 10.63 27.17 -12.70
C MET B 118 10.78 27.37 -11.20
N ASP B 119 10.70 26.26 -10.47
CA ASP B 119 11.02 26.25 -9.05
C ASP B 119 12.52 26.38 -8.87
N LEU B 120 12.95 27.38 -8.10
CA LEU B 120 14.36 27.56 -7.78
C LEU B 120 14.59 27.46 -6.27
N SER B 121 13.79 26.64 -5.59
CA SER B 121 14.10 26.27 -4.23
C SER B 121 15.32 25.35 -4.21
N TYR B 122 15.91 25.19 -3.03
CA TYR B 122 17.15 24.43 -2.92
C TYR B 122 16.97 22.99 -3.41
N SER B 123 15.76 22.45 -3.30
CA SER B 123 15.52 21.08 -3.77
C SER B 123 15.74 20.94 -5.27
N MET B 124 15.73 22.05 -6.01
CA MET B 124 15.94 22.04 -7.45
C MET B 124 17.36 22.46 -7.82
N LYS B 125 18.32 22.15 -6.97
CA LYS B 125 19.69 22.63 -7.18
C LYS B 125 20.28 22.07 -8.47
N ASP B 126 20.17 20.76 -8.67
N ASP B 126 20.18 20.76 -8.67
CA ASP B 126 20.77 20.11 -9.83
CA ASP B 126 20.79 20.12 -9.83
C ASP B 126 19.93 20.23 -11.09
C ASP B 126 19.93 20.23 -11.09
N ASP B 127 18.73 20.79 -11.01
CA ASP B 127 17.88 20.91 -12.18
C ASP B 127 18.32 22.06 -13.09
N LEU B 128 18.88 23.13 -12.53
CA LEU B 128 19.23 24.29 -13.33
C LEU B 128 20.26 23.94 -14.41
N TRP B 129 21.15 22.99 -14.13
CA TRP B 129 22.24 22.70 -15.05
C TRP B 129 21.80 21.89 -16.26
N SER B 130 20.56 21.41 -16.29
CA SER B 130 20.09 20.56 -17.37
C SER B 130 19.23 21.30 -18.39
N ILE B 131 19.10 22.62 -18.26
CA ILE B 131 18.27 23.40 -19.16
C ILE B 131 19.03 24.62 -19.65
N GLN B 132 20.36 24.58 -19.58
CA GLN B 132 21.15 25.72 -20.01
C GLN B 132 21.10 25.94 -21.51
N ASN B 133 20.83 24.89 -22.29
CA ASN B 133 20.65 25.01 -23.73
C ASN B 133 19.21 24.73 -24.14
N LEU B 134 18.28 24.71 -23.18
CA LEU B 134 16.89 24.40 -23.50
C LEU B 134 16.32 25.38 -24.51
N GLY B 135 16.65 26.67 -24.37
CA GLY B 135 16.08 27.66 -25.27
C GLY B 135 16.38 27.37 -26.72
N THR B 136 17.64 27.06 -27.04
CA THR B 136 18.00 26.77 -28.42
C THR B 136 17.50 25.40 -28.85
N LYS B 137 17.57 24.40 -27.96
N LYS B 137 17.57 24.40 -27.96
CA LYS B 137 17.06 23.08 -28.29
CA LYS B 137 17.06 23.08 -28.29
C LYS B 137 15.55 23.09 -28.48
C LYS B 137 15.55 23.10 -28.49
N LEU B 138 14.83 23.84 -27.63
CA LEU B 138 13.38 23.93 -27.78
C LEU B 138 13.01 24.66 -29.06
N ALA B 139 13.80 25.65 -29.46
CA ALA B 139 13.57 26.31 -30.74
C ALA B 139 13.64 25.31 -31.89
N THR B 140 14.64 24.44 -31.87
CA THR B 140 14.83 23.47 -32.94
C THR B 140 13.63 22.54 -33.08
N GLN B 141 12.98 22.20 -31.96
CA GLN B 141 11.90 21.22 -32.00
C GLN B 141 10.57 21.87 -32.36
N MET B 142 10.29 23.06 -31.82
CA MET B 142 9.06 23.75 -32.16
C MET B 142 9.10 24.35 -33.57
N ARG B 143 10.30 24.57 -34.11
CA ARG B 143 10.42 25.06 -35.48
C ARG B 143 9.68 24.16 -36.46
N LYS B 144 9.53 22.87 -36.13
CA LYS B 144 8.82 21.95 -36.99
C LYS B 144 7.31 22.17 -36.99
N LEU B 145 6.79 22.88 -35.98
CA LEU B 145 5.35 23.03 -35.81
C LEU B 145 4.84 24.45 -35.93
N THR B 146 5.68 25.46 -35.71
CA THR B 146 5.24 26.85 -35.81
C THR B 146 6.42 27.72 -36.21
N SER B 147 6.12 28.75 -37.00
CA SER B 147 7.13 29.72 -37.42
C SER B 147 7.10 30.99 -36.58
N ASN B 148 6.27 31.05 -35.54
CA ASN B 148 6.18 32.19 -34.64
C ASN B 148 6.25 31.67 -33.21
N LEU B 149 7.46 31.54 -32.68
CA LEU B 149 7.68 31.07 -31.32
C LEU B 149 8.26 32.20 -30.47
N ARG B 150 7.71 32.35 -29.26
CA ARG B 150 8.26 33.24 -28.26
C ARG B 150 8.36 32.50 -26.93
N ILE B 151 9.47 32.69 -26.22
CA ILE B 151 9.70 32.01 -24.96
C ILE B 151 10.11 33.02 -23.90
N GLY B 152 9.73 32.73 -22.65
CA GLY B 152 10.09 33.58 -21.53
C GLY B 152 10.41 32.72 -20.32
N PHE B 153 10.85 33.38 -19.25
CA PHE B 153 11.30 32.67 -18.07
C PHE B 153 10.93 33.43 -16.81
N GLY B 154 10.41 32.69 -15.82
CA GLY B 154 10.21 33.22 -14.49
C GLY B 154 10.57 32.16 -13.47
N ALA B 155 10.73 32.59 -12.22
CA ALA B 155 11.16 31.69 -11.16
C ALA B 155 10.44 32.05 -9.87
N PHE B 156 10.41 31.07 -8.96
CA PHE B 156 9.72 31.25 -7.69
C PHE B 156 10.39 30.37 -6.63
N VAL B 157 10.09 30.66 -5.37
CA VAL B 157 10.48 29.81 -4.26
C VAL B 157 9.30 29.72 -3.31
N ASP B 158 9.15 30.70 -2.43
CA ASP B 158 8.04 30.75 -1.49
C ASP B 158 8.00 32.14 -0.89
N LYS B 159 6.97 32.39 -0.08
CA LYS B 159 6.80 33.69 0.54
C LYS B 159 7.99 34.00 1.44
N PRO B 160 8.79 35.04 1.14
CA PRO B 160 9.96 35.34 1.98
C PRO B 160 9.58 35.90 3.35
N VAL B 161 9.05 35.04 4.22
CA VAL B 161 8.68 35.44 5.57
C VAL B 161 8.72 34.20 6.45
N SER B 162 8.99 34.40 7.73
CA SER B 162 8.97 33.30 8.68
C SER B 162 7.56 32.72 8.77
N PRO B 163 7.44 31.41 8.96
CA PRO B 163 8.49 30.39 9.16
C PRO B 163 9.06 29.81 7.88
N TYR B 164 8.52 30.18 6.71
CA TYR B 164 9.05 29.66 5.46
C TYR B 164 10.51 30.05 5.27
N MET B 165 10.89 31.23 5.75
CA MET B 165 12.22 31.80 5.50
C MET B 165 13.07 31.73 6.76
N TYR B 166 14.35 31.45 6.57
CA TYR B 166 15.30 31.50 7.67
C TYR B 166 15.62 32.95 8.00
N ILE B 167 15.45 33.32 9.28
CA ILE B 167 15.59 34.71 9.70
C ILE B 167 16.71 34.88 10.73
N SER B 168 17.50 33.84 10.97
CA SER B 168 18.62 33.95 11.89
C SER B 168 19.74 33.00 11.46
N PRO B 169 21.01 33.44 11.57
CA PRO B 169 21.46 34.77 11.99
C PRO B 169 21.23 35.82 10.91
N PRO B 170 21.62 37.07 11.18
CA PRO B 170 21.48 38.10 10.14
C PRO B 170 22.14 37.71 8.83
N GLU B 171 23.23 36.94 8.88
CA GLU B 171 23.88 36.49 7.66
C GLU B 171 22.97 35.56 6.86
N ALA B 172 22.03 34.88 7.52
CA ALA B 172 21.17 33.93 6.82
C ALA B 172 20.17 34.62 5.91
N LEU B 173 19.86 35.90 6.15
CA LEU B 173 18.97 36.62 5.25
C LEU B 173 19.63 36.90 3.92
N GLU B 174 20.89 37.34 3.94
CA GLU B 174 21.62 37.56 2.70
C GLU B 174 22.04 36.25 2.05
N ASN B 175 22.28 35.21 2.85
CA ASN B 175 22.72 33.92 2.33
C ASN B 175 22.02 32.80 3.11
N PRO B 176 20.87 32.34 2.63
CA PRO B 176 20.17 31.27 3.35
C PRO B 176 21.00 30.02 3.56
N CYS B 177 21.95 29.73 2.66
CA CYS B 177 22.83 28.57 2.81
C CYS B 177 24.04 28.87 3.68
N TYR B 178 23.86 29.72 4.70
CA TYR B 178 24.97 30.19 5.50
C TYR B 178 25.51 29.11 6.43
N ASP B 179 24.61 28.36 7.07
CA ASP B 179 25.05 27.30 7.98
C ASP B 179 25.74 26.15 7.27
N MET B 180 25.66 26.08 5.94
CA MET B 180 26.33 25.07 5.15
C MET B 180 27.62 25.66 4.56
N LYS B 181 28.12 25.06 3.48
CA LYS B 181 29.33 25.55 2.84
C LYS B 181 29.04 25.99 1.41
N THR B 182 28.05 26.87 1.25
CA THR B 182 27.69 27.36 -0.08
C THR B 182 26.97 28.69 0.06
N THR B 183 26.90 29.42 -1.05
CA THR B 183 26.12 30.64 -1.14
C THR B 183 24.91 30.39 -2.04
N CYS B 184 23.76 30.91 -1.61
CA CYS B 184 22.57 30.89 -2.44
C CYS B 184 21.88 32.25 -2.35
N LEU B 185 20.99 32.50 -3.30
CA LEU B 185 20.35 33.81 -3.39
C LEU B 185 19.54 34.10 -2.14
N PRO B 186 19.35 35.37 -1.80
CA PRO B 186 18.34 35.69 -0.79
C PRO B 186 16.98 35.19 -1.25
N MET B 187 16.15 34.80 -0.29
N MET B 187 16.15 34.82 -0.27
CA MET B 187 14.87 34.21 -0.64
CA MET B 187 14.83 34.29 -0.57
C MET B 187 13.99 35.23 -1.36
C MET B 187 14.03 35.27 -1.41
N PHE B 188 13.14 34.73 -2.25
CA PHE B 188 12.25 35.55 -3.04
C PHE B 188 10.99 34.75 -3.35
N GLY B 189 9.86 35.44 -3.43
CA GLY B 189 8.61 34.80 -3.75
C GLY B 189 8.54 34.40 -5.21
N TYR B 190 8.37 35.38 -6.09
CA TYR B 190 8.31 35.14 -7.51
C TYR B 190 8.95 36.34 -8.21
N LYS B 191 9.77 36.07 -9.22
CA LYS B 191 10.42 37.14 -9.96
C LYS B 191 10.37 36.83 -11.45
N HIS B 192 9.85 37.79 -12.22
CA HIS B 192 9.87 37.69 -13.66
C HIS B 192 11.27 37.96 -14.18
N VAL B 193 11.75 37.11 -15.08
CA VAL B 193 13.12 37.16 -15.58
C VAL B 193 13.19 37.58 -17.04
N LEU B 194 12.39 36.94 -17.90
CA LEU B 194 12.47 37.18 -19.34
C LEU B 194 11.08 37.27 -19.92
N THR B 195 10.79 38.40 -20.56
CA THR B 195 9.54 38.56 -21.29
C THR B 195 9.56 37.71 -22.56
N LEU B 196 8.37 37.25 -22.95
CA LEU B 196 8.25 36.41 -24.14
C LEU B 196 8.89 37.09 -25.34
N THR B 197 9.93 36.45 -25.89
CA THR B 197 10.66 36.99 -27.03
C THR B 197 11.00 35.85 -27.98
N ASP B 198 11.20 36.21 -29.25
CA ASP B 198 11.62 35.25 -30.27
C ASP B 198 13.13 35.05 -30.33
N GLN B 199 13.89 35.86 -29.60
CA GLN B 199 15.34 35.71 -29.53
C GLN B 199 15.64 34.62 -28.49
N VAL B 200 15.71 33.38 -28.97
CA VAL B 200 15.79 32.24 -28.06
C VAL B 200 17.08 32.24 -27.26
N THR B 201 18.16 32.78 -27.83
CA THR B 201 19.42 32.81 -27.09
C THR B 201 19.36 33.73 -25.88
N ARG B 202 18.34 34.58 -25.78
CA ARG B 202 18.13 35.33 -24.54
C ARG B 202 17.66 34.42 -23.42
N PHE B 203 16.95 33.34 -23.76
CA PHE B 203 16.57 32.35 -22.76
C PHE B 203 17.80 31.68 -22.16
N ASN B 204 18.65 31.12 -23.02
CA ASN B 204 19.85 30.44 -22.55
C ASN B 204 20.67 31.32 -21.62
N GLU B 205 21.00 32.54 -22.07
CA GLU B 205 21.89 33.40 -21.29
C GLU B 205 21.24 33.85 -19.99
N GLU B 206 19.92 34.06 -19.97
CA GLU B 206 19.26 34.41 -18.73
C GLU B 206 19.24 33.24 -17.76
N VAL B 207 19.10 32.02 -18.28
CA VAL B 207 19.12 30.83 -17.43
C VAL B 207 20.50 30.68 -16.78
N LYS B 208 21.55 30.84 -17.58
CA LYS B 208 22.91 30.60 -17.08
C LYS B 208 23.28 31.54 -15.93
N LYS B 209 22.54 32.62 -15.73
CA LYS B 209 22.77 33.53 -14.62
C LYS B 209 21.86 33.26 -13.43
N GLN B 210 20.94 32.31 -13.55
CA GLN B 210 20.02 32.00 -12.46
C GLN B 210 20.67 31.03 -11.47
N SER B 211 20.28 31.17 -10.21
CA SER B 211 20.71 30.27 -9.15
C SER B 211 19.55 30.03 -8.21
N VAL B 212 19.70 29.03 -7.35
CA VAL B 212 18.62 28.63 -6.46
C VAL B 212 18.72 29.41 -5.16
N SER B 213 17.62 29.40 -4.40
CA SER B 213 17.59 29.90 -3.04
C SER B 213 17.31 28.75 -2.10
N ARG B 214 16.83 29.03 -0.90
CA ARG B 214 16.58 27.99 0.08
C ARG B 214 15.57 28.47 1.10
N ASN B 215 14.58 27.64 1.39
CA ASN B 215 13.57 27.93 2.40
C ASN B 215 13.42 26.72 3.31
N ARG B 216 12.47 26.80 4.24
CA ARG B 216 12.38 25.80 5.30
C ARG B 216 11.43 24.66 4.95
N ASP B 217 10.17 24.96 4.66
CA ASP B 217 9.16 23.92 4.51
C ASP B 217 9.07 23.44 3.07
N ALA B 218 8.77 22.14 2.93
CA ALA B 218 8.82 21.49 1.63
C ALA B 218 7.85 22.09 0.61
N PRO B 219 6.60 22.35 0.94
CA PRO B 219 5.70 22.93 -0.06
C PRO B 219 6.16 24.33 -0.45
N GLU B 220 6.11 24.61 -1.75
CA GLU B 220 6.63 25.86 -2.28
C GLU B 220 5.50 26.72 -2.82
N GLY B 221 5.70 28.04 -2.77
CA GLY B 221 4.68 28.98 -3.17
C GLY B 221 4.61 29.21 -4.67
N GLY B 222 4.52 28.13 -5.44
CA GLY B 222 4.47 28.24 -6.89
C GLY B 222 3.14 28.68 -7.44
N PHE B 223 2.07 28.59 -6.65
CA PHE B 223 0.77 29.03 -7.13
C PHE B 223 0.66 30.54 -7.18
N ASP B 224 1.34 31.25 -6.27
CA ASP B 224 1.47 32.69 -6.42
C ASP B 224 2.04 33.04 -7.79
N ALA B 225 3.03 32.28 -8.25
CA ALA B 225 3.69 32.58 -9.50
C ALA B 225 2.78 32.27 -10.69
N ILE B 226 1.97 31.22 -10.59
CA ILE B 226 1.03 30.91 -11.68
C ILE B 226 0.04 32.05 -11.86
N MET B 227 -0.44 32.62 -10.75
CA MET B 227 -1.39 33.72 -10.82
C MET B 227 -0.77 34.92 -11.52
N GLN B 228 0.38 35.37 -11.04
CA GLN B 228 1.00 36.58 -11.58
C GLN B 228 1.39 36.39 -13.04
N ALA B 229 1.92 35.22 -13.39
CA ALA B 229 2.28 34.95 -14.78
C ALA B 229 1.07 34.91 -15.70
N THR B 230 -0.14 34.83 -15.14
CA THR B 230 -1.38 34.79 -15.91
C THR B 230 -2.02 36.16 -16.05
N VAL B 231 -2.10 36.92 -14.96
CA VAL B 231 -2.82 38.18 -14.95
C VAL B 231 -1.96 39.38 -15.32
N CYS B 232 -0.63 39.22 -15.38
CA CYS B 232 0.26 40.30 -15.80
C CYS B 232 0.54 40.17 -17.30
N ASP B 233 -0.48 40.52 -18.08
CA ASP B 233 -0.41 40.34 -19.53
C ASP B 233 0.79 41.08 -20.11
N GLU B 234 0.93 42.37 -19.79
CA GLU B 234 1.92 43.20 -20.47
C GLU B 234 3.34 42.84 -20.06
N LYS B 235 3.54 42.34 -18.85
CA LYS B 235 4.89 42.06 -18.37
C LYS B 235 5.40 40.72 -18.88
N ILE B 236 4.58 39.68 -18.83
CA ILE B 236 4.98 38.40 -19.41
C ILE B 236 5.00 38.51 -20.92
N GLY B 237 4.03 39.22 -21.50
CA GLY B 237 4.03 39.49 -22.92
C GLY B 237 3.26 38.51 -23.76
N TRP B 238 2.17 37.95 -23.25
CA TRP B 238 1.35 37.05 -24.04
C TRP B 238 0.83 37.78 -25.27
N ARG B 239 0.74 37.06 -26.38
CA ARG B 239 0.22 37.61 -27.62
C ARG B 239 -1.26 37.27 -27.76
N ASN B 240 -2.00 38.20 -28.36
CA ASN B 240 -3.45 38.05 -28.45
C ASN B 240 -3.82 36.80 -29.27
N ASP B 241 -3.16 36.61 -30.40
CA ASP B 241 -3.47 35.51 -31.32
C ASP B 241 -2.31 34.53 -31.30
N ALA B 242 -2.29 33.68 -30.29
CA ALA B 242 -1.25 32.67 -30.16
C ALA B 242 -1.64 31.71 -29.03
N SER B 243 -1.13 30.49 -29.13
CA SER B 243 -1.31 29.52 -28.06
C SER B 243 -0.45 29.90 -26.87
N HIS B 244 -1.05 29.94 -25.69
CA HIS B 244 -0.36 30.33 -24.47
C HIS B 244 -0.07 29.09 -23.65
N LEU B 245 1.21 28.76 -23.50
CA LEU B 245 1.65 27.61 -22.71
C LEU B 245 2.41 28.12 -21.49
N LEU B 246 1.93 27.74 -20.31
CA LEU B 246 2.56 28.10 -19.04
C LEU B 246 3.13 26.83 -18.43
N VAL B 247 4.44 26.64 -18.57
CA VAL B 247 5.10 25.42 -18.13
C VAL B 247 5.52 25.61 -16.67
N PHE B 248 4.90 24.85 -15.77
CA PHE B 248 5.17 24.92 -14.34
C PHE B 248 5.94 23.67 -13.94
N THR B 249 7.18 23.87 -13.47
CA THR B 249 8.04 22.76 -13.07
C THR B 249 8.36 22.87 -11.58
N THR B 250 8.27 21.75 -10.88
CA THR B 250 8.64 21.68 -9.47
C THR B 250 8.85 20.22 -9.11
N ASP B 251 9.45 20.00 -7.93
CA ASP B 251 9.75 18.67 -7.44
C ASP B 251 9.12 18.41 -6.08
N ALA B 252 8.17 19.25 -5.66
CA ALA B 252 7.65 19.19 -4.30
C ALA B 252 6.19 19.56 -4.30
N LYS B 253 5.58 19.44 -3.11
CA LYS B 253 4.20 19.83 -2.90
C LYS B 253 4.06 21.34 -3.10
N THR B 254 2.84 21.86 -3.01
CA THR B 254 2.60 23.27 -3.22
C THR B 254 1.72 23.82 -2.10
N HIS B 255 1.90 25.10 -1.80
CA HIS B 255 1.01 25.79 -0.89
C HIS B 255 -0.25 26.22 -1.61
N ILE B 256 -1.36 26.24 -0.87
CA ILE B 256 -2.67 26.55 -1.41
C ILE B 256 -3.29 27.67 -0.57
N ALA B 257 -4.49 28.09 -0.96
CA ALA B 257 -5.21 29.11 -0.23
C ALA B 257 -5.38 28.70 1.22
N LEU B 258 -5.31 29.69 2.12
CA LEU B 258 -5.47 29.56 3.56
C LEU B 258 -4.24 28.97 4.24
N ASP B 259 -3.19 28.60 3.49
CA ASP B 259 -1.93 28.22 4.11
C ASP B 259 -1.20 29.42 4.68
N GLY B 260 -1.35 30.59 4.06
CA GLY B 260 -0.60 31.77 4.45
C GLY B 260 -0.83 32.18 5.90
N ARG B 261 -1.88 31.69 6.53
CA ARG B 261 -2.16 32.07 7.91
C ARG B 261 -1.07 31.58 8.87
N LEU B 262 -0.24 30.63 8.45
CA LEU B 262 0.91 30.24 9.27
C LEU B 262 2.03 31.27 9.21
N ALA B 263 1.94 32.27 8.36
CA ALA B 263 2.87 33.39 8.33
C ALA B 263 2.22 34.69 8.78
N GLY B 264 1.00 34.62 9.32
CA GLY B 264 0.27 35.82 9.68
C GLY B 264 -0.51 36.45 8.54
N ILE B 265 -0.61 35.78 7.40
CA ILE B 265 -1.24 36.34 6.22
C ILE B 265 -2.65 35.80 6.14
N VAL B 266 -3.63 36.70 6.15
CA VAL B 266 -5.03 36.33 6.07
C VAL B 266 -5.74 36.94 4.88
N GLN B 267 -5.18 37.97 4.25
CA GLN B 267 -5.85 38.66 3.16
C GLN B 267 -6.01 37.74 1.96
N PRO B 268 -7.24 37.51 1.47
CA PRO B 268 -7.39 36.67 0.28
C PRO B 268 -6.64 37.24 -0.93
N ASN B 269 -6.40 36.38 -1.89
CA ASN B 269 -5.78 36.77 -3.15
C ASN B 269 -6.80 37.51 -4.01
N ASP B 270 -6.41 38.69 -4.50
CA ASP B 270 -7.33 39.51 -5.29
C ASP B 270 -7.28 39.21 -6.78
N GLY B 271 -6.33 38.39 -7.22
CA GLY B 271 -6.25 38.05 -8.63
C GLY B 271 -5.77 39.17 -9.51
N GLN B 272 -5.16 40.20 -8.94
CA GLN B 272 -4.64 41.34 -9.68
C GLN B 272 -3.12 41.25 -9.79
N CYS B 273 -2.59 41.95 -10.79
CA CYS B 273 -1.14 41.95 -10.99
C CYS B 273 -0.46 42.82 -9.94
N HIS B 274 0.64 42.32 -9.40
CA HIS B 274 1.41 43.04 -8.39
C HIS B 274 2.91 42.93 -8.64
N VAL B 275 3.30 42.78 -9.90
CA VAL B 275 4.71 42.73 -10.29
C VAL B 275 5.09 44.11 -10.80
N GLY B 276 5.95 44.80 -10.05
CA GLY B 276 6.32 46.16 -10.37
C GLY B 276 7.44 46.25 -11.39
N SER B 277 8.15 47.37 -11.36
CA SER B 277 9.29 47.55 -12.24
C SER B 277 10.49 46.75 -11.80
N ASP B 278 10.52 46.29 -10.55
CA ASP B 278 11.59 45.44 -10.06
C ASP B 278 11.38 43.98 -10.45
N ASN B 279 10.29 43.65 -11.13
CA ASN B 279 10.02 42.30 -11.61
C ASN B 279 9.88 41.30 -10.47
N HIS B 280 9.50 41.75 -9.28
CA HIS B 280 9.27 40.89 -8.14
C HIS B 280 7.83 41.04 -7.65
N TYR B 281 7.28 39.96 -7.13
CA TYR B 281 5.91 39.94 -6.61
C TYR B 281 5.89 40.66 -5.27
N SER B 282 5.27 41.83 -5.23
CA SER B 282 5.33 42.70 -4.06
C SER B 282 4.26 42.40 -3.01
N ALA B 283 3.23 41.62 -3.36
CA ALA B 283 2.22 41.19 -2.41
C ALA B 283 2.52 39.81 -1.84
N SER B 284 3.76 39.34 -1.98
CA SER B 284 4.10 37.99 -1.54
C SER B 284 3.96 37.84 -0.02
N THR B 285 4.35 38.86 0.73
CA THR B 285 4.35 38.81 2.17
C THR B 285 3.08 39.37 2.80
N THR B 286 2.11 39.80 2.00
CA THR B 286 0.90 40.41 2.52
C THR B 286 -0.39 39.78 1.99
N MET B 287 -0.31 38.90 0.99
CA MET B 287 -1.48 38.35 0.33
C MET B 287 -1.37 36.83 0.29
N ASP B 288 -2.47 36.16 0.62
CA ASP B 288 -2.47 34.71 0.73
C ASP B 288 -2.30 34.08 -0.65
N TYR B 289 -2.03 32.77 -0.65
CA TYR B 289 -1.93 32.02 -1.89
C TYR B 289 -3.28 32.00 -2.58
N PRO B 290 -3.30 31.80 -3.90
CA PRO B 290 -4.57 31.73 -4.63
C PRO B 290 -5.24 30.38 -4.48
N SER B 291 -6.53 30.36 -4.75
CA SER B 291 -7.33 29.15 -4.71
C SER B 291 -7.44 28.54 -6.11
N LEU B 292 -7.76 27.25 -6.14
CA LEU B 292 -7.88 26.56 -7.43
C LEU B 292 -8.96 27.18 -8.30
N GLY B 293 -10.05 27.64 -7.68
CA GLY B 293 -11.11 28.25 -8.45
C GLY B 293 -10.72 29.60 -9.02
N LEU B 294 -10.02 30.41 -8.24
CA LEU B 294 -9.54 31.69 -8.73
C LEU B 294 -8.49 31.51 -9.81
N MET B 295 -7.60 30.52 -9.64
CA MET B 295 -6.64 30.20 -10.69
C MET B 295 -7.34 29.79 -11.98
N THR B 296 -8.37 28.95 -11.86
CA THR B 296 -9.10 28.52 -13.05
C THR B 296 -9.75 29.70 -13.76
N GLU B 297 -10.28 30.66 -12.99
CA GLU B 297 -10.95 31.81 -13.59
C GLU B 297 -9.99 32.62 -14.45
N LYS B 298 -8.82 32.95 -13.90
CA LYS B 298 -7.88 33.79 -14.62
C LYS B 298 -7.18 33.04 -15.74
N LEU B 299 -6.97 31.73 -15.57
CA LEU B 299 -6.41 30.92 -16.65
C LEU B 299 -7.36 30.87 -17.83
N SER B 300 -8.64 30.60 -17.56
CA SER B 300 -9.64 30.58 -18.63
C SER B 300 -9.85 31.97 -19.21
N GLN B 301 -9.68 33.00 -18.39
CA GLN B 301 -9.93 34.37 -18.85
C GLN B 301 -8.84 34.83 -19.82
N LYS B 302 -7.60 34.44 -19.59
CA LYS B 302 -6.48 34.83 -20.43
C LYS B 302 -6.09 33.74 -21.44
N ASN B 303 -6.91 32.69 -21.56
CA ASN B 303 -6.65 31.61 -22.53
C ASN B 303 -5.26 31.00 -22.32
N ILE B 304 -4.95 30.66 -21.07
CA ILE B 304 -3.66 30.09 -20.71
C ILE B 304 -3.83 28.59 -20.51
N ASN B 305 -2.95 27.81 -21.14
CA ASN B 305 -2.93 26.36 -20.98
C ASN B 305 -1.82 26.02 -20.00
N LEU B 306 -2.22 25.62 -18.80
CA LEU B 306 -1.26 25.31 -17.74
C LEU B 306 -0.73 23.90 -17.91
N ILE B 307 0.58 23.74 -17.71
CA ILE B 307 1.26 22.45 -17.85
C ILE B 307 2.02 22.19 -16.56
N PHE B 308 1.59 21.16 -15.82
CA PHE B 308 2.31 20.70 -14.64
C PHE B 308 3.39 19.72 -15.07
N ALA B 309 4.64 20.17 -15.03
CA ALA B 309 5.79 19.32 -15.35
C ALA B 309 6.49 19.01 -14.04
N VAL B 310 6.03 17.97 -13.35
CA VAL B 310 6.49 17.65 -12.01
C VAL B 310 7.13 16.26 -12.02
N THR B 311 7.85 15.97 -10.94
CA THR B 311 8.59 14.72 -10.83
C THR B 311 7.67 13.58 -10.41
N GLU B 312 8.17 12.35 -10.61
CA GLU B 312 7.38 11.16 -10.34
C GLU B 312 6.78 11.17 -8.94
N ASN B 313 7.49 11.74 -7.97
CA ASN B 313 7.07 11.64 -6.58
C ASN B 313 5.90 12.56 -6.24
N VAL B 314 5.37 13.30 -7.21
CA VAL B 314 4.23 14.18 -6.97
C VAL B 314 3.30 14.23 -8.17
N VAL B 315 3.45 13.28 -9.10
N VAL B 315 3.48 13.30 -9.12
CA VAL B 315 2.60 13.27 -10.28
CA VAL B 315 2.59 13.26 -10.28
C VAL B 315 1.15 13.00 -9.90
C VAL B 315 1.15 13.08 -9.83
N ASN B 316 0.92 12.14 -8.91
CA ASN B 316 -0.44 11.87 -8.47
C ASN B 316 -1.07 13.12 -7.87
N LEU B 317 -0.30 13.88 -7.10
CA LEU B 317 -0.79 15.14 -6.54
C LEU B 317 -1.28 16.06 -7.65
N TYR B 318 -0.39 16.43 -8.57
CA TYR B 318 -0.74 17.40 -9.60
C TYR B 318 -1.68 16.80 -10.65
N GLN B 319 -1.72 15.47 -10.79
CA GLN B 319 -2.74 14.88 -11.64
CA GLN B 319 -2.74 14.86 -11.64
C GLN B 319 -4.13 15.05 -11.04
N ASN B 320 -4.23 15.10 -9.72
CA ASN B 320 -5.50 15.33 -9.06
C ASN B 320 -5.88 16.81 -9.06
N TYR B 321 -4.89 17.70 -8.95
CA TYR B 321 -5.16 19.13 -9.13
C TYR B 321 -5.57 19.42 -10.58
N SER B 322 -4.88 18.79 -11.54
CA SER B 322 -5.21 19.01 -12.94
C SER B 322 -6.67 18.71 -13.23
N GLU B 323 -7.27 17.76 -12.50
CA GLU B 323 -8.67 17.43 -12.72
C GLU B 323 -9.59 18.48 -12.13
N LEU B 324 -9.13 19.21 -11.11
CA LEU B 324 -9.89 20.32 -10.55
C LEU B 324 -9.64 21.64 -11.29
N ILE B 325 -8.79 21.62 -12.32
CA ILE B 325 -8.54 22.79 -13.15
C ILE B 325 -8.64 22.34 -14.60
N PRO B 326 -9.86 22.21 -15.15
CA PRO B 326 -10.01 21.67 -16.51
C PRO B 326 -9.12 22.40 -17.51
N GLY B 327 -8.78 21.70 -18.59
CA GLY B 327 -7.89 22.23 -19.59
C GLY B 327 -6.42 22.17 -19.24
N THR B 328 -6.07 21.62 -18.09
CA THR B 328 -4.69 21.53 -17.63
C THR B 328 -4.09 20.19 -18.00
N THR B 329 -2.79 20.21 -18.33
CA THR B 329 -2.06 19.02 -18.73
C THR B 329 -0.96 18.73 -17.72
N VAL B 330 -0.61 17.44 -17.60
CA VAL B 330 0.43 17.01 -16.68
C VAL B 330 1.45 16.18 -17.45
N GLY B 331 2.71 16.32 -17.08
CA GLY B 331 3.76 15.50 -17.64
C GLY B 331 4.79 15.17 -16.58
N VAL B 332 5.45 14.04 -16.75
CA VAL B 332 6.39 13.52 -15.77
C VAL B 332 7.77 14.09 -16.07
N LEU B 333 8.39 14.69 -15.04
CA LEU B 333 9.69 15.33 -15.16
C LEU B 333 10.74 14.45 -14.50
N SER B 334 11.87 14.28 -15.17
CA SER B 334 12.97 13.55 -14.57
C SER B 334 13.57 14.36 -13.42
N MET B 335 14.33 13.66 -12.57
CA MET B 335 14.84 14.27 -11.34
C MET B 335 15.79 15.44 -11.60
N ASP B 336 16.20 15.66 -12.85
CA ASP B 336 17.07 16.77 -13.20
C ASP B 336 16.52 17.60 -14.34
N SER B 337 15.26 17.40 -14.73
CA SER B 337 14.63 18.17 -15.79
C SER B 337 15.32 17.96 -17.14
N SER B 338 15.87 16.76 -17.35
CA SER B 338 16.54 16.44 -18.61
C SER B 338 15.55 16.18 -19.74
N ASN B 339 14.32 15.78 -19.41
CA ASN B 339 13.31 15.46 -20.41
C ASN B 339 12.25 16.55 -20.54
N VAL B 340 12.51 17.74 -20.00
CA VAL B 340 11.51 18.80 -20.04
C VAL B 340 11.17 19.19 -21.48
N LEU B 341 12.11 19.00 -22.40
CA LEU B 341 11.88 19.37 -23.79
C LEU B 341 10.80 18.51 -24.41
N GLN B 342 11.02 17.18 -24.44
CA GLN B 342 10.02 16.29 -25.01
C GLN B 342 8.71 16.36 -24.23
N LEU B 343 8.78 16.70 -22.94
CA LEU B 343 7.57 16.87 -22.14
C LEU B 343 6.70 17.99 -22.72
N ILE B 344 7.31 19.09 -23.15
CA ILE B 344 6.56 20.22 -23.68
C ILE B 344 5.96 19.88 -25.04
N VAL B 345 6.77 19.32 -25.94
CA VAL B 345 6.29 19.00 -27.28
C VAL B 345 5.11 18.05 -27.19
N ASP B 346 5.16 17.08 -26.27
CA ASP B 346 4.04 16.16 -26.11
C ASP B 346 2.82 16.88 -25.54
N ALA B 347 3.04 17.84 -24.65
CA ALA B 347 1.93 18.58 -24.06
C ALA B 347 1.26 19.47 -25.09
N TYR B 348 2.04 20.16 -25.92
CA TYR B 348 1.47 21.01 -26.95
C TYR B 348 0.63 20.20 -27.93
N GLY B 349 1.08 18.99 -28.26
CA GLY B 349 0.28 18.14 -29.14
C GLY B 349 -0.99 17.67 -28.47
N LYS B 350 -0.91 17.28 -27.19
CA LYS B 350 -2.09 16.88 -26.45
C LYS B 350 -3.07 18.03 -26.28
N ILE B 351 -2.55 19.26 -26.21
CA ILE B 351 -3.42 20.42 -26.05
C ILE B 351 -4.27 20.64 -27.29
N ARG B 352 -3.64 20.61 -28.47
CA ARG B 352 -4.34 20.84 -29.72
C ARG B 352 -4.90 19.56 -30.31
N SER B 353 -5.13 18.54 -29.48
CA SER B 353 -5.76 17.29 -29.90
C SER B 353 -7.23 17.23 -29.52
N LYS B 354 -7.84 18.38 -29.22
CA LYS B 354 -9.22 18.41 -28.78
C LYS B 354 -9.89 19.67 -29.29
N VAL B 355 -11.21 19.58 -29.47
CA VAL B 355 -12.04 20.71 -29.88
C VAL B 355 -13.34 20.58 -29.11
N GLU B 356 -13.60 21.51 -28.19
CA GLU B 356 -14.79 21.47 -27.34
C GLU B 356 -15.54 22.79 -27.53
N LEU B 357 -16.80 22.68 -27.95
CA LEU B 357 -17.62 23.87 -28.19
C LEU B 357 -18.17 24.41 -26.86
N GLU B 358 -18.40 25.71 -26.84
CA GLU B 358 -18.89 26.40 -25.67
C GLU B 358 -19.90 27.45 -26.10
N VAL B 359 -20.99 27.58 -25.35
CA VAL B 359 -22.07 28.49 -25.68
C VAL B 359 -22.08 29.64 -24.67
N ARG B 360 -22.23 30.87 -25.17
CA ARG B 360 -22.24 32.05 -24.34
C ARG B 360 -23.48 32.89 -24.65
N ASP B 361 -24.11 33.39 -23.58
CA ASP B 361 -25.24 34.32 -23.71
C ASP B 361 -26.41 33.69 -24.44
N LEU B 362 -26.63 32.39 -24.21
CA LEU B 362 -27.76 31.71 -24.82
C LEU B 362 -29.05 32.15 -24.15
N PRO B 363 -30.03 32.66 -24.90
CA PRO B 363 -31.31 33.02 -24.27
C PRO B 363 -31.95 31.85 -23.56
N GLU B 364 -32.77 32.17 -22.55
CA GLU B 364 -33.44 31.14 -21.76
C GLU B 364 -34.30 30.25 -22.64
N GLU B 365 -35.14 30.86 -23.48
CA GLU B 365 -36.12 30.11 -24.25
C GLU B 365 -35.50 29.24 -25.34
N LEU B 366 -34.22 29.39 -25.63
CA LEU B 366 -33.55 28.61 -26.66
C LEU B 366 -32.84 27.40 -26.05
N SER B 367 -32.99 26.25 -26.70
CA SER B 367 -32.29 25.04 -26.34
C SER B 367 -31.59 24.48 -27.57
N LEU B 368 -30.36 24.01 -27.40
CA LEU B 368 -29.54 23.54 -28.51
C LEU B 368 -29.26 22.06 -28.38
N SER B 369 -29.03 21.42 -29.53
CA SER B 369 -28.66 20.02 -29.60
C SER B 369 -27.54 19.87 -30.62
N PHE B 370 -26.59 19.00 -30.31
CA PHE B 370 -25.36 18.90 -31.09
C PHE B 370 -25.14 17.49 -31.60
N ASN B 371 -24.57 17.40 -32.79
CA ASN B 371 -24.13 16.13 -33.37
C ASN B 371 -22.72 16.31 -33.93
N ALA B 372 -21.77 15.60 -33.33
CA ALA B 372 -20.37 15.77 -33.66
C ALA B 372 -19.98 14.90 -34.85
N THR B 373 -18.96 15.35 -35.59
CA THR B 373 -18.40 14.60 -36.72
C THR B 373 -16.88 14.62 -36.56
N CYS B 374 -16.36 13.69 -35.77
CA CYS B 374 -14.93 13.55 -35.55
C CYS B 374 -14.38 12.43 -36.40
N LEU B 375 -13.06 12.42 -36.54
CA LEU B 375 -12.33 11.40 -37.30
C LEU B 375 -12.85 11.45 -38.75
N ASN B 376 -13.22 10.32 -39.36
CA ASN B 376 -13.56 10.27 -40.77
C ASN B 376 -15.08 10.24 -40.91
N ASN B 377 -15.70 11.42 -40.94
CA ASN B 377 -17.11 11.57 -41.26
C ASN B 377 -18.00 10.68 -40.39
N GLU B 378 -17.54 10.35 -39.19
CA GLU B 378 -18.32 9.52 -38.28
C GLU B 378 -19.17 10.43 -37.40
N VAL B 379 -20.49 10.33 -37.56
CA VAL B 379 -21.41 11.15 -36.78
C VAL B 379 -21.52 10.58 -35.38
N ILE B 380 -21.54 11.46 -34.39
CA ILE B 380 -21.68 11.08 -32.99
C ILE B 380 -22.80 11.94 -32.38
N PRO B 381 -24.03 11.45 -32.28
CA PRO B 381 -25.11 12.30 -31.80
C PRO B 381 -24.95 12.67 -30.33
N GLY B 382 -25.53 13.81 -29.97
CA GLY B 382 -25.51 14.25 -28.58
C GLY B 382 -24.12 14.49 -28.03
N LEU B 383 -23.21 15.01 -28.85
CA LEU B 383 -21.84 15.27 -28.43
C LEU B 383 -21.39 16.59 -29.03
N LYS B 384 -20.62 17.36 -28.26
CA LYS B 384 -20.14 18.67 -28.68
C LYS B 384 -18.65 18.83 -28.38
N SER B 385 -17.89 17.75 -28.47
CA SER B 385 -16.45 17.81 -28.20
C SER B 385 -15.77 16.63 -28.87
N CYS B 386 -14.77 16.92 -29.70
CA CYS B 386 -13.95 15.89 -30.34
C CYS B 386 -12.65 15.71 -29.58
N MET B 387 -11.99 14.58 -29.83
CA MET B 387 -10.71 14.28 -29.19
C MET B 387 -9.88 13.45 -30.15
N GLY B 388 -8.60 13.29 -29.79
CA GLY B 388 -7.69 12.52 -30.63
C GLY B 388 -7.37 13.17 -31.95
N LEU B 389 -7.36 14.50 -32.00
CA LEU B 389 -7.11 15.22 -33.24
C LEU B 389 -5.63 15.51 -33.42
N LYS B 390 -5.28 15.94 -34.62
CA LYS B 390 -3.92 16.30 -34.96
C LYS B 390 -3.92 17.67 -35.64
N ILE B 391 -2.76 18.32 -35.62
CA ILE B 391 -2.64 19.63 -36.23
C ILE B 391 -2.98 19.52 -37.71
N GLY B 392 -3.89 20.38 -38.17
CA GLY B 392 -4.35 20.36 -39.53
C GLY B 392 -5.69 19.67 -39.73
N ASP B 393 -6.11 18.85 -38.77
CA ASP B 393 -7.39 18.17 -38.88
C ASP B 393 -8.54 19.18 -38.85
N THR B 394 -9.70 18.73 -39.30
CA THR B 394 -10.89 19.57 -39.34
C THR B 394 -12.10 18.74 -38.93
N VAL B 395 -12.97 19.34 -38.12
CA VAL B 395 -14.20 18.70 -37.68
C VAL B 395 -15.36 19.65 -37.93
N SER B 396 -16.57 19.12 -37.82
CA SER B 396 -17.78 19.92 -38.04
C SER B 396 -18.87 19.40 -37.11
N PHE B 397 -19.78 20.31 -36.74
CA PHE B 397 -20.90 19.99 -35.86
C PHE B 397 -22.19 20.45 -36.50
N SER B 398 -23.24 19.65 -36.34
CA SER B 398 -24.58 20.01 -36.77
C SER B 398 -25.38 20.42 -35.53
N ILE B 399 -26.04 21.58 -35.60
CA ILE B 399 -26.69 22.19 -34.45
C ILE B 399 -28.15 22.47 -34.79
N GLU B 400 -29.04 22.18 -33.85
CA GLU B 400 -30.46 22.47 -33.98
C GLU B 400 -30.91 23.34 -32.81
N ALA B 401 -31.55 24.45 -33.12
CA ALA B 401 -32.08 25.36 -32.11
C ALA B 401 -33.58 25.18 -31.99
N LYS B 402 -34.07 25.07 -30.75
CA LYS B 402 -35.48 24.83 -30.47
C LYS B 402 -35.99 25.91 -29.54
N VAL B 403 -36.88 26.76 -30.05
CA VAL B 403 -37.43 27.86 -29.27
C VAL B 403 -38.73 27.42 -28.63
N ARG B 404 -38.98 27.91 -27.42
CA ARG B 404 -40.18 27.58 -26.64
C ARG B 404 -41.10 28.81 -26.65
N GLY B 405 -42.24 28.67 -27.33
CA GLY B 405 -43.19 29.78 -27.40
C GLY B 405 -42.60 30.97 -28.14
N CYS B 406 -42.97 32.16 -27.69
CA CYS B 406 -42.47 33.40 -28.26
C CYS B 406 -42.00 34.30 -27.12
N PRO B 407 -40.76 34.80 -27.16
CA PRO B 407 -40.29 35.70 -26.10
C PRO B 407 -40.77 37.13 -26.31
N GLN B 408 -40.47 37.97 -25.32
CA GLN B 408 -40.81 39.39 -25.42
C GLN B 408 -39.91 40.09 -26.42
N GLU B 409 -38.61 40.13 -26.15
CA GLU B 409 -37.66 40.72 -27.08
C GLU B 409 -37.59 39.88 -28.35
N LYS B 410 -37.68 40.52 -29.50
CA LYS B 410 -37.76 39.83 -30.78
C LYS B 410 -36.40 39.67 -31.46
N GLU B 411 -35.33 40.14 -30.86
CA GLU B 411 -34.00 40.01 -31.46
C GLU B 411 -32.96 39.85 -30.36
N LYS B 412 -32.25 38.73 -30.38
CA LYS B 412 -31.16 38.46 -29.46
C LYS B 412 -30.03 37.81 -30.25
N SER B 413 -28.90 37.58 -29.59
CA SER B 413 -27.75 36.98 -30.24
C SER B 413 -26.89 36.25 -29.21
N PHE B 414 -26.30 35.14 -29.62
CA PHE B 414 -25.43 34.35 -28.77
C PHE B 414 -24.23 33.89 -29.59
N THR B 415 -23.25 33.29 -28.90
CA THR B 415 -21.97 32.94 -29.51
C THR B 415 -21.69 31.45 -29.33
N ILE B 416 -21.11 30.85 -30.37
CA ILE B 416 -20.57 29.51 -30.31
C ILE B 416 -19.07 29.61 -30.51
N LYS B 417 -18.29 29.22 -29.49
CA LYS B 417 -16.85 29.36 -29.52
C LYS B 417 -16.19 28.08 -29.00
N PRO B 418 -15.18 27.55 -29.68
CA PRO B 418 -14.42 26.45 -29.11
C PRO B 418 -13.55 26.93 -27.95
N VAL B 419 -13.28 26.02 -27.02
CA VAL B 419 -12.50 26.37 -25.85
C VAL B 419 -11.09 26.76 -26.29
N GLY B 420 -10.64 27.94 -25.87
CA GLY B 420 -9.30 28.40 -26.14
C GLY B 420 -9.08 28.98 -27.51
N PHE B 421 -10.11 29.04 -28.36
CA PHE B 421 -9.98 29.56 -29.70
C PHE B 421 -10.29 31.06 -29.73
N LYS B 422 -9.72 31.73 -30.73
CA LYS B 422 -9.94 33.16 -30.90
C LYS B 422 -11.21 33.45 -31.68
N ASP B 423 -11.38 32.83 -32.84
CA ASP B 423 -12.57 33.05 -33.66
C ASP B 423 -13.78 32.38 -33.02
N SER B 424 -14.95 32.67 -33.56
CA SER B 424 -16.20 32.17 -33.00
C SER B 424 -17.33 32.42 -33.98
N LEU B 425 -18.39 31.62 -33.83
CA LEU B 425 -19.61 31.79 -34.62
C LEU B 425 -20.61 32.63 -33.83
N ILE B 426 -21.12 33.68 -34.46
CA ILE B 426 -22.12 34.55 -33.86
C ILE B 426 -23.45 34.25 -34.53
N VAL B 427 -24.46 33.92 -33.72
CA VAL B 427 -25.79 33.59 -34.22
C VAL B 427 -26.72 34.75 -33.89
N GLN B 428 -27.20 35.43 -34.92
CA GLN B 428 -28.15 36.53 -34.77
C GLN B 428 -29.56 35.97 -34.97
N VAL B 429 -30.33 35.90 -33.89
CA VAL B 429 -31.66 35.31 -33.92
C VAL B 429 -32.69 36.43 -34.08
N THR B 430 -33.81 36.08 -34.74
CA THR B 430 -34.93 36.98 -34.92
C THR B 430 -36.21 36.17 -34.79
N PHE B 431 -36.99 36.43 -33.75
CA PHE B 431 -38.23 35.70 -33.49
C PHE B 431 -39.35 36.35 -34.30
N ASP B 432 -39.83 35.65 -35.33
CA ASP B 432 -40.89 36.15 -36.19
C ASP B 432 -42.22 35.62 -35.68
N CYS B 433 -42.76 36.29 -34.67
CA CYS B 433 -44.05 35.95 -34.10
C CYS B 433 -45.19 36.79 -34.65
N ASP B 434 -44.90 38.00 -35.13
CA ASP B 434 -45.94 38.93 -35.56
C ASP B 434 -46.21 38.79 -37.05
N CYS B 435 -47.27 39.45 -37.49
CA CYS B 435 -47.68 39.46 -38.88
C CYS B 435 -47.45 40.84 -39.47
N ALA B 436 -47.07 40.90 -40.75
CA ALA B 436 -46.83 42.18 -41.39
C ALA B 436 -48.09 43.01 -41.47
N CYS B 437 -49.26 42.38 -41.47
CA CYS B 437 -50.52 43.11 -41.52
C CYS B 437 -50.84 43.83 -40.22
N GLN B 438 -50.09 43.57 -39.15
CA GLN B 438 -50.28 44.29 -37.91
C GLN B 438 -49.69 45.69 -37.98
N ALA B 439 -48.67 45.89 -38.84
CA ALA B 439 -48.09 47.21 -39.02
C ALA B 439 -49.02 48.15 -39.78
N GLN B 440 -50.15 47.66 -40.28
CA GLN B 440 -51.12 48.46 -41.02
C GLN B 440 -52.51 48.25 -40.47
N ALA B 441 -52.63 48.34 -39.14
CA ALA B 441 -53.91 48.17 -38.46
C ALA B 441 -54.69 49.47 -38.45
N GLU B 442 -55.99 49.35 -38.15
CA GLU B 442 -56.91 50.50 -38.13
C GLU B 442 -57.45 50.65 -36.71
N PRO B 443 -56.81 51.46 -35.87
CA PRO B 443 -57.36 51.69 -34.52
C PRO B 443 -58.66 52.48 -34.58
N ASN B 444 -59.62 52.06 -33.75
CA ASN B 444 -60.94 52.68 -33.71
C ASN B 444 -61.62 52.62 -35.08
N SER B 445 -61.66 51.41 -35.64
CA SER B 445 -62.22 51.23 -36.97
C SER B 445 -63.74 51.33 -36.94
N HIS B 446 -64.31 51.99 -37.95
CA HIS B 446 -65.76 52.06 -38.08
C HIS B 446 -66.37 50.67 -38.23
N ARG B 447 -65.60 49.72 -38.76
CA ARG B 447 -66.12 48.38 -39.01
C ARG B 447 -66.28 47.56 -37.73
N CYS B 448 -65.76 48.02 -36.60
CA CYS B 448 -65.68 47.21 -35.38
C CYS B 448 -66.49 47.86 -34.27
N ASN B 449 -67.78 47.55 -34.24
CA ASN B 449 -68.65 47.93 -33.13
C ASN B 449 -68.63 49.43 -32.86
N ASN B 450 -68.83 50.20 -33.93
CA ASN B 450 -68.92 51.66 -33.83
C ASN B 450 -67.66 52.26 -33.22
N GLY B 451 -66.50 51.73 -33.62
CA GLY B 451 -65.23 52.27 -33.18
C GLY B 451 -64.72 51.73 -31.86
N ASN B 452 -65.46 50.83 -31.20
CA ASN B 452 -65.01 50.27 -29.94
C ASN B 452 -63.88 49.26 -30.11
N GLY B 453 -63.50 48.93 -31.35
CA GLY B 453 -62.45 47.95 -31.58
C GLY B 453 -61.43 48.40 -32.61
N THR B 454 -60.53 47.51 -32.97
CA THR B 454 -59.48 47.78 -33.93
C THR B 454 -59.52 46.73 -35.03
N PHE B 455 -59.23 47.14 -36.25
CA PHE B 455 -59.30 46.28 -37.43
C PHE B 455 -57.89 46.06 -37.97
N GLU B 456 -57.40 44.84 -37.83
CA GLU B 456 -56.09 44.47 -38.34
C GLU B 456 -56.16 43.07 -38.96
N CYS B 457 -55.47 42.89 -40.08
CA CYS B 457 -55.34 41.60 -40.73
C CYS B 457 -56.69 41.02 -41.13
N GLY B 458 -57.71 41.86 -41.27
CA GLY B 458 -59.01 41.41 -41.73
C GLY B 458 -59.97 40.97 -40.66
N VAL B 459 -59.76 41.36 -39.40
CA VAL B 459 -60.62 40.96 -38.30
C VAL B 459 -60.69 42.11 -37.29
N CYS B 460 -61.72 42.07 -36.46
CA CYS B 460 -61.96 43.11 -35.46
C CYS B 460 -61.46 42.65 -34.10
N ARG B 461 -60.57 43.43 -33.50
CA ARG B 461 -60.01 43.15 -32.19
C ARG B 461 -60.50 44.18 -31.18
N CYS B 462 -60.54 43.77 -29.91
CA CYS B 462 -60.92 44.68 -28.84
C CYS B 462 -59.77 45.65 -28.56
N GLY B 463 -60.08 46.95 -28.56
CA GLY B 463 -59.07 47.96 -28.38
C GLY B 463 -58.50 47.96 -26.98
N PRO B 464 -57.51 48.82 -26.75
CA PRO B 464 -56.91 48.92 -25.42
C PRO B 464 -57.93 49.38 -24.39
N GLY B 465 -57.75 48.90 -23.16
CA GLY B 465 -58.62 49.25 -22.06
C GLY B 465 -59.82 48.34 -21.88
N TRP B 466 -60.22 47.61 -22.91
CA TRP B 466 -61.37 46.71 -22.81
C TRP B 466 -60.95 45.37 -22.23
N LEU C 1 9.92 -61.35 -1.74
CA LEU C 1 11.06 -60.38 -1.68
C LEU C 1 10.59 -58.93 -1.53
N ASN C 2 9.72 -58.40 -2.40
CA ASN C 2 9.11 -59.09 -3.55
C ASN C 2 9.70 -58.59 -4.85
N LEU C 3 10.16 -57.33 -4.85
CA LEU C 3 10.84 -56.76 -6.00
C LEU C 3 12.31 -57.13 -5.96
N ASP C 4 12.81 -57.70 -7.05
CA ASP C 4 14.19 -58.15 -7.10
C ASP C 4 15.13 -56.95 -7.18
N PRO C 5 15.94 -56.66 -6.17
CA PRO C 5 16.90 -55.55 -6.25
C PRO C 5 18.27 -55.95 -6.80
N VAL C 6 18.42 -57.17 -7.31
CA VAL C 6 19.71 -57.71 -7.69
C VAL C 6 19.87 -57.63 -9.20
N GLN C 7 18.94 -58.23 -9.93
N GLN C 7 18.95 -58.23 -9.95
CA GLN C 7 18.96 -58.24 -11.40
CA GLN C 7 18.99 -58.23 -11.41
C GLN C 7 17.95 -57.21 -11.89
C GLN C 7 17.97 -57.21 -11.91
N LEU C 8 18.43 -56.01 -12.18
CA LEU C 8 17.59 -54.93 -12.70
C LEU C 8 17.76 -54.83 -14.21
N THR C 9 16.95 -53.95 -14.81
CA THR C 9 17.03 -53.63 -16.22
C THR C 9 17.16 -52.12 -16.35
N PHE C 10 18.11 -51.68 -17.17
CA PHE C 10 18.43 -50.26 -17.30
C PHE C 10 18.23 -49.81 -18.73
N TYR C 11 17.41 -48.77 -18.91
CA TYR C 11 17.28 -48.06 -20.16
C TYR C 11 17.95 -46.71 -20.03
N ALA C 12 18.55 -46.24 -21.12
CA ALA C 12 19.34 -45.00 -21.09
C ALA C 12 18.99 -44.12 -22.28
N GLY C 13 18.99 -42.81 -22.03
CA GLY C 13 18.80 -41.84 -23.09
C GLY C 13 20.01 -40.91 -23.19
N PRO C 14 19.93 -39.94 -24.10
CA PRO C 14 21.07 -39.03 -24.30
C PRO C 14 21.42 -38.27 -23.03
N ASN C 15 22.65 -37.74 -23.02
CA ASN C 15 23.10 -36.94 -21.89
C ASN C 15 22.37 -35.61 -21.86
N GLY C 16 22.05 -35.15 -20.65
CA GLY C 16 21.34 -33.91 -20.47
C GLY C 16 19.94 -33.89 -21.02
N SER C 17 19.43 -35.01 -21.54
CA SER C 17 18.08 -35.09 -22.06
C SER C 17 17.03 -35.29 -20.97
N GLN C 18 17.45 -35.50 -19.73
CA GLN C 18 16.52 -35.77 -18.64
C GLN C 18 15.61 -36.95 -18.97
N PHE C 19 16.14 -37.90 -19.74
CA PHE C 19 15.44 -39.15 -20.01
C PHE C 19 15.05 -39.83 -18.71
N GLY C 20 13.75 -39.97 -18.50
CA GLY C 20 13.22 -40.52 -17.26
C GLY C 20 12.50 -39.51 -16.39
N PHE C 21 12.34 -38.28 -16.85
CA PHE C 21 11.55 -37.29 -16.12
C PHE C 21 10.11 -37.73 -15.97
N SER C 22 9.62 -38.56 -16.89
CA SER C 22 8.27 -39.10 -16.83
C SER C 22 8.26 -40.42 -17.59
N LEU C 23 7.37 -41.32 -17.18
CA LEU C 23 7.30 -42.63 -17.81
C LEU C 23 5.95 -43.28 -17.49
N ASP C 24 5.62 -44.31 -18.27
CA ASP C 24 4.38 -45.05 -18.08
C ASP C 24 4.43 -46.30 -18.95
N PHE C 25 3.58 -47.26 -18.62
CA PHE C 25 3.47 -48.48 -19.42
C PHE C 25 2.54 -48.26 -20.60
N HIS C 26 2.78 -49.00 -21.68
CA HIS C 26 2.00 -48.86 -22.91
C HIS C 26 1.75 -50.22 -23.52
N LYS C 27 0.48 -50.60 -23.61
CA LYS C 27 0.08 -51.79 -24.36
C LYS C 27 -0.30 -51.39 -25.78
N ASP C 28 0.26 -52.10 -26.76
CA ASP C 28 -0.12 -51.89 -28.15
C ASP C 28 -1.47 -52.56 -28.41
N SER C 29 -1.83 -52.72 -29.68
CA SER C 29 -3.10 -53.37 -30.01
C SER C 29 -3.08 -54.87 -29.74
N HIS C 30 -1.89 -55.46 -29.61
CA HIS C 30 -1.76 -56.89 -29.34
C HIS C 30 -1.53 -57.18 -27.86
N GLY C 31 -1.61 -56.17 -27.00
CA GLY C 31 -1.41 -56.36 -25.58
C GLY C 31 0.03 -56.42 -25.12
N ARG C 32 0.99 -56.30 -26.05
CA ARG C 32 2.40 -56.38 -25.70
C ARG C 32 2.83 -55.15 -24.92
N VAL C 33 3.23 -55.33 -23.66
CA VAL C 33 3.60 -54.21 -22.81
C VAL C 33 4.93 -53.64 -23.26
N ALA C 34 5.03 -52.31 -23.23
CA ALA C 34 6.27 -51.59 -23.49
C ALA C 34 6.34 -50.41 -22.53
N ILE C 35 7.44 -49.66 -22.59
CA ILE C 35 7.64 -48.50 -21.74
C ILE C 35 7.79 -47.28 -22.63
N VAL C 36 7.10 -46.20 -22.27
CA VAL C 36 7.27 -44.89 -22.89
C VAL C 36 7.95 -43.97 -21.88
N VAL C 37 8.92 -43.21 -22.35
CA VAL C 37 9.74 -42.36 -21.48
C VAL C 37 9.80 -40.96 -22.06
N GLY C 38 9.74 -39.97 -21.19
CA GLY C 38 9.88 -38.58 -21.58
C GLY C 38 11.29 -38.08 -21.32
N ALA C 39 11.74 -37.17 -22.18
CA ALA C 39 13.07 -36.57 -22.08
C ALA C 39 12.95 -35.09 -22.42
N PRO C 40 12.42 -34.30 -21.49
CA PRO C 40 12.01 -32.93 -21.82
C PRO C 40 13.16 -31.97 -22.15
N ARG C 41 14.41 -32.42 -22.17
CA ARG C 41 15.51 -31.57 -22.61
C ARG C 41 16.27 -32.19 -23.78
N THR C 42 15.63 -33.10 -24.51
CA THR C 42 16.25 -33.66 -25.70
C THR C 42 16.41 -32.59 -26.78
N LEU C 43 17.58 -32.56 -27.40
CA LEU C 43 17.82 -31.59 -28.46
C LEU C 43 16.91 -31.89 -29.65
N GLY C 44 16.49 -30.82 -30.32
CA GLY C 44 15.67 -30.92 -31.51
C GLY C 44 16.48 -30.76 -32.77
N PRO C 45 15.79 -30.52 -33.89
CA PRO C 45 16.51 -30.35 -35.16
C PRO C 45 17.29 -29.06 -35.22
N SER C 46 16.81 -28.00 -34.56
CA SER C 46 17.51 -26.73 -34.51
C SER C 46 18.65 -26.71 -33.50
N GLN C 47 19.02 -27.87 -32.95
CA GLN C 47 20.07 -27.97 -31.94
C GLN C 47 19.74 -27.10 -30.72
N GLU C 48 18.46 -26.99 -30.39
CA GLU C 48 18.01 -26.34 -29.17
C GLU C 48 17.09 -27.31 -28.42
N GLU C 49 17.12 -27.22 -27.10
CA GLU C 49 16.32 -28.12 -26.27
C GLU C 49 14.84 -27.95 -26.59
N THR C 50 14.19 -29.06 -26.92
CA THR C 50 12.75 -29.05 -27.18
C THR C 50 12.05 -30.14 -26.36
N GLY C 51 12.73 -31.24 -26.14
CA GLY C 51 12.13 -32.41 -25.51
C GLY C 51 11.88 -33.52 -26.51
N GLY C 52 11.66 -34.72 -25.98
CA GLY C 52 11.44 -35.87 -26.84
C GLY C 52 10.73 -36.97 -26.08
N VAL C 53 10.34 -38.00 -26.83
CA VAL C 53 9.66 -39.16 -26.27
C VAL C 53 10.28 -40.41 -26.87
N PHE C 54 10.47 -41.43 -26.05
CA PHE C 54 11.03 -42.69 -26.48
C PHE C 54 10.09 -43.82 -26.09
N LEU C 55 9.94 -44.79 -26.98
CA LEU C 55 9.09 -45.95 -26.76
C LEU C 55 9.99 -47.16 -26.62
N CYS C 56 10.32 -47.52 -25.38
CA CYS C 56 11.26 -48.60 -25.07
C CYS C 56 10.57 -49.96 -25.14
N PRO C 57 10.92 -50.82 -26.09
CA PRO C 57 10.38 -52.19 -26.07
C PRO C 57 11.00 -52.99 -24.94
N TRP C 58 10.19 -53.88 -24.37
CA TRP C 58 10.64 -54.65 -23.22
C TRP C 58 11.74 -55.62 -23.62
N ARG C 59 12.92 -55.43 -23.04
CA ARG C 59 14.05 -56.34 -23.22
C ARG C 59 14.72 -56.52 -21.88
N ALA C 60 14.83 -57.77 -21.43
CA ALA C 60 15.37 -58.04 -20.11
C ALA C 60 16.74 -57.41 -19.90
N GLU C 61 17.48 -57.12 -20.97
CA GLU C 61 18.78 -56.49 -20.87
C GLU C 61 18.72 -54.97 -21.00
N GLY C 62 17.58 -54.42 -21.41
CA GLY C 62 17.47 -52.98 -21.57
C GLY C 62 18.25 -52.47 -22.76
N GLY C 63 18.77 -51.25 -22.63
CA GLY C 63 19.59 -50.63 -23.65
C GLY C 63 18.99 -49.31 -24.13
N GLN C 64 19.32 -48.95 -25.36
CA GLN C 64 18.80 -47.74 -25.96
C GLN C 64 17.35 -47.97 -26.41
N CYS C 65 16.70 -46.90 -26.84
CA CYS C 65 15.30 -46.96 -27.23
C CYS C 65 15.07 -46.09 -28.46
N PRO C 66 14.10 -46.46 -29.30
CA PRO C 66 13.77 -45.63 -30.46
C PRO C 66 12.96 -44.40 -30.05
N SER C 67 13.08 -43.36 -30.87
CA SER C 67 12.35 -42.13 -30.62
C SER C 67 10.93 -42.24 -31.15
N LEU C 68 9.99 -41.62 -30.44
CA LEU C 68 8.62 -41.45 -30.91
C LEU C 68 8.55 -40.04 -31.50
N LEU C 69 8.61 -39.96 -32.82
CA LEU C 69 8.81 -38.67 -33.49
C LEU C 69 7.54 -37.83 -33.48
N PHE C 70 7.72 -36.55 -33.16
CA PHE C 70 6.66 -35.56 -33.24
C PHE C 70 7.17 -34.37 -34.06
N ASP C 71 6.24 -33.51 -34.46
CA ASP C 71 6.59 -32.32 -35.22
C ASP C 71 7.13 -31.25 -34.27
N LEU C 72 8.33 -30.76 -34.57
CA LEU C 72 8.99 -29.77 -33.71
C LEU C 72 9.25 -28.46 -34.46
N ARG C 73 8.43 -28.18 -35.48
CA ARG C 73 8.55 -26.96 -36.25
C ARG C 73 7.72 -25.85 -35.61
N ASP C 74 8.30 -24.66 -35.49
CA ASP C 74 7.56 -23.49 -35.03
C ASP C 74 6.60 -23.05 -36.12
N GLU C 75 5.31 -23.10 -35.83
CA GLU C 75 4.28 -22.87 -36.83
C GLU C 75 3.84 -21.41 -36.84
N THR C 76 3.32 -20.98 -37.99
CA THR C 76 2.85 -19.62 -38.17
C THR C 76 1.66 -19.64 -39.12
N ARG C 77 0.65 -18.83 -38.82
CA ARG C 77 -0.54 -18.74 -39.66
C ARG C 77 -1.05 -17.30 -39.68
N ASN C 78 -1.19 -16.75 -40.89
CA ASN C 78 -1.76 -15.42 -41.08
C ASN C 78 -3.22 -15.60 -41.46
N VAL C 79 -4.11 -15.31 -40.50
CA VAL C 79 -5.54 -15.51 -40.69
C VAL C 79 -6.29 -14.45 -39.91
N GLY C 80 -7.44 -14.04 -40.43
CA GLY C 80 -8.28 -13.05 -39.75
C GLY C 80 -7.54 -11.77 -39.43
N SER C 81 -6.65 -11.33 -40.34
CA SER C 81 -5.82 -10.16 -40.11
C SER C 81 -4.97 -10.29 -38.85
N GLN C 82 -4.80 -11.52 -38.36
CA GLN C 82 -3.98 -11.82 -37.21
C GLN C 82 -2.87 -12.78 -37.63
N THR C 83 -1.86 -12.90 -36.77
CA THR C 83 -0.72 -13.79 -37.01
C THR C 83 -0.57 -14.71 -35.80
N LEU C 84 -0.87 -15.98 -36.00
CA LEU C 84 -0.72 -16.98 -34.95
C LEU C 84 0.70 -17.51 -34.93
N GLN C 85 1.19 -17.85 -33.74
CA GLN C 85 2.57 -18.28 -33.57
C GLN C 85 2.64 -19.34 -32.48
N THR C 86 3.44 -20.39 -32.75
CA THR C 86 3.76 -21.41 -31.76
C THR C 86 5.27 -21.51 -31.65
N PHE C 87 5.77 -21.51 -30.41
CA PHE C 87 7.20 -21.62 -30.15
C PHE C 87 7.45 -22.88 -29.35
N LYS C 88 8.31 -23.75 -29.88
CA LYS C 88 8.59 -25.04 -29.26
C LYS C 88 9.99 -25.10 -28.66
N ALA C 89 10.74 -24.01 -28.69
CA ALA C 89 12.05 -23.98 -28.05
C ALA C 89 11.89 -24.10 -26.54
N ARG C 90 12.54 -25.09 -25.95
CA ARG C 90 12.49 -25.32 -24.51
C ARG C 90 11.06 -25.60 -24.03
N GLN C 91 10.25 -26.22 -24.89
CA GLN C 91 8.86 -26.50 -24.54
C GLN C 91 8.73 -27.61 -23.51
N GLY C 92 9.74 -28.47 -23.39
CA GLY C 92 9.67 -29.57 -22.44
C GLY C 92 8.80 -30.71 -22.89
N LEU C 93 8.86 -31.08 -24.16
CA LEU C 93 8.11 -32.23 -24.65
C LEU C 93 8.57 -33.49 -23.92
N GLY C 94 7.66 -34.13 -23.22
CA GLY C 94 7.99 -35.26 -22.38
C GLY C 94 8.01 -34.96 -20.90
N ALA C 95 7.73 -33.72 -20.49
CA ALA C 95 7.62 -33.39 -19.09
C ALA C 95 6.49 -34.17 -18.42
N SER C 96 5.60 -34.79 -19.19
CA SER C 96 4.58 -35.67 -18.66
C SER C 96 4.09 -36.55 -19.80
N VAL C 97 3.95 -37.85 -19.53
CA VAL C 97 3.46 -38.79 -20.52
C VAL C 97 2.45 -39.72 -19.85
N VAL C 98 1.54 -40.26 -20.66
CA VAL C 98 0.53 -41.19 -20.17
C VAL C 98 0.06 -42.01 -21.36
N SER C 99 -0.37 -43.23 -21.10
CA SER C 99 -0.84 -44.14 -22.13
C SER C 99 -2.25 -44.62 -21.81
N TRP C 100 -3.08 -44.71 -22.85
CA TRP C 100 -4.42 -45.24 -22.73
C TRP C 100 -4.75 -45.97 -24.02
N SER C 101 -5.20 -47.22 -23.90
CA SER C 101 -5.46 -48.06 -25.07
C SER C 101 -4.17 -48.12 -25.88
N ASP C 102 -4.20 -47.92 -27.20
CA ASP C 102 -3.01 -47.89 -28.02
C ASP C 102 -2.55 -46.47 -28.33
N VAL C 103 -2.79 -45.54 -27.41
CA VAL C 103 -2.54 -44.12 -27.63
C VAL C 103 -1.57 -43.61 -26.56
N ILE C 104 -0.72 -42.67 -26.97
CA ILE C 104 0.23 -42.02 -26.08
C ILE C 104 -0.03 -40.53 -26.11
N VAL C 105 0.13 -39.88 -24.96
CA VAL C 105 -0.13 -38.46 -24.80
C VAL C 105 1.11 -37.84 -24.14
N ALA C 106 1.98 -37.24 -24.94
CA ALA C 106 3.15 -36.54 -24.44
C ALA C 106 2.86 -35.04 -24.47
N CYS C 107 3.19 -34.35 -23.38
CA CYS C 107 2.83 -32.96 -23.20
C CYS C 107 4.05 -32.09 -23.02
N ALA C 108 3.96 -30.86 -23.53
CA ALA C 108 5.01 -29.84 -23.41
C ALA C 108 4.43 -28.66 -22.66
N PRO C 109 4.51 -28.65 -21.32
CA PRO C 109 3.82 -27.59 -20.57
C PRO C 109 4.40 -26.21 -20.75
N TRP C 110 5.53 -26.07 -21.43
CA TRP C 110 6.16 -24.76 -21.63
C TRP C 110 6.25 -24.39 -23.11
N GLN C 111 5.41 -24.98 -23.95
CA GLN C 111 5.30 -24.53 -25.32
C GLN C 111 4.62 -23.16 -25.33
N HIS C 112 5.29 -22.18 -25.94
CA HIS C 112 4.79 -20.81 -25.91
C HIS C 112 3.87 -20.55 -27.10
N TRP C 113 3.23 -19.38 -27.07
CA TRP C 113 2.17 -19.04 -28.00
C TRP C 113 2.00 -17.53 -28.00
N ASN C 114 1.63 -17.00 -29.17
CA ASN C 114 1.43 -15.57 -29.30
C ASN C 114 0.51 -15.31 -30.49
N VAL C 115 -0.15 -14.15 -30.44
CA VAL C 115 -1.07 -13.72 -31.50
C VAL C 115 -0.80 -12.24 -31.73
N LEU C 116 -0.29 -11.91 -32.92
CA LEU C 116 0.03 -10.53 -33.28
C LEU C 116 -1.12 -9.90 -34.05
N GLU C 117 -1.23 -8.57 -33.95
CA GLU C 117 -2.22 -7.83 -34.71
C GLU C 117 -1.71 -6.39 -34.80
N LYS C 118 -1.18 -6.03 -35.97
CA LYS C 118 -0.62 -4.70 -36.19
C LYS C 118 0.50 -4.42 -35.19
N THR C 119 0.18 -3.69 -34.11
CA THR C 119 1.15 -3.40 -33.06
C THR C 119 0.80 -4.04 -31.73
N GLU C 120 -0.43 -4.49 -31.55
CA GLU C 120 -0.85 -5.15 -30.34
C GLU C 120 -0.52 -6.64 -30.39
N GLU C 121 -0.75 -7.32 -29.27
CA GLU C 121 -0.46 -8.74 -29.18
C GLU C 121 -1.21 -9.32 -27.99
N ALA C 122 -1.16 -10.65 -27.88
CA ALA C 122 -1.68 -11.37 -26.74
C ALA C 122 -0.58 -11.78 -25.76
N GLU C 123 0.63 -11.25 -25.94
CA GLU C 123 1.77 -11.57 -25.10
C GLU C 123 2.25 -13.01 -25.33
N LYS C 124 3.57 -13.18 -25.44
CA LYS C 124 4.18 -14.48 -25.66
C LYS C 124 4.24 -15.23 -24.34
N THR C 125 3.37 -16.21 -24.16
CA THR C 125 3.18 -16.87 -22.87
C THR C 125 3.17 -18.38 -23.04
N PRO C 126 3.49 -19.12 -21.97
CA PRO C 126 3.45 -20.59 -22.04
C PRO C 126 2.07 -21.17 -21.81
N VAL C 127 1.32 -21.40 -22.89
CA VAL C 127 -0.01 -21.98 -22.75
C VAL C 127 0.05 -23.50 -22.68
N GLY C 128 1.15 -24.11 -23.09
CA GLY C 128 1.29 -25.55 -23.06
C GLY C 128 0.52 -26.23 -24.19
N SER C 129 0.98 -27.43 -24.53
CA SER C 129 0.35 -28.23 -25.56
C SER C 129 0.66 -29.70 -25.30
N CYS C 130 -0.21 -30.57 -25.79
CA CYS C 130 -0.03 -32.02 -25.65
C CYS C 130 -0.06 -32.66 -27.03
N PHE C 131 0.89 -33.54 -27.28
CA PHE C 131 0.99 -34.28 -28.53
C PHE C 131 0.46 -35.69 -28.34
N LEU C 132 -0.49 -36.08 -29.18
CA LEU C 132 -1.06 -37.42 -29.14
C LEU C 132 -0.55 -38.24 -30.32
N ALA C 133 -0.41 -39.54 -30.11
CA ALA C 133 0.15 -40.41 -31.13
C ALA C 133 -0.43 -41.81 -30.99
N GLN C 134 -0.68 -42.46 -32.13
CA GLN C 134 -1.04 -43.87 -32.21
C GLN C 134 0.11 -44.59 -32.90
N PRO C 135 1.11 -45.07 -32.15
CA PRO C 135 2.36 -45.52 -32.79
C PRO C 135 2.16 -46.53 -33.92
N GLU C 136 1.24 -47.47 -33.76
CA GLU C 136 1.06 -48.51 -34.76
C GLU C 136 0.58 -47.93 -36.08
N SER C 137 -0.44 -47.08 -36.03
CA SER C 137 -0.98 -46.46 -37.25
C SER C 137 -0.15 -45.30 -37.73
N GLY C 138 0.69 -44.72 -36.88
CA GLY C 138 1.45 -43.55 -37.24
C GLY C 138 0.69 -42.25 -37.16
N ARG C 139 -0.59 -42.28 -36.78
CA ARG C 139 -1.39 -41.08 -36.71
C ARG C 139 -0.88 -40.15 -35.62
N ARG C 140 -1.21 -38.87 -35.75
CA ARG C 140 -0.77 -37.85 -34.81
C ARG C 140 -1.90 -36.84 -34.61
N ALA C 141 -1.82 -36.15 -33.47
CA ALA C 141 -2.80 -35.12 -33.13
C ALA C 141 -2.24 -34.30 -31.98
N GLU C 142 -2.69 -33.05 -31.89
CA GLU C 142 -2.29 -32.14 -30.82
C GLU C 142 -3.52 -31.65 -30.08
N TYR C 143 -3.29 -30.93 -28.98
CA TYR C 143 -4.38 -30.42 -28.16
C TYR C 143 -3.82 -29.34 -27.25
N SER C 144 -4.29 -28.11 -27.43
CA SER C 144 -3.86 -26.97 -26.61
C SER C 144 -5.09 -26.14 -26.27
N PRO C 145 -5.83 -26.55 -25.23
CA PRO C 145 -7.10 -25.88 -24.91
C PRO C 145 -6.96 -24.52 -24.25
N CYS C 146 -5.76 -23.96 -24.16
CA CYS C 146 -5.54 -22.67 -23.53
C CYS C 146 -5.04 -21.61 -24.50
N ARG C 147 -4.99 -21.93 -25.80
CA ARG C 147 -4.67 -20.92 -26.80
C ARG C 147 -5.84 -19.96 -26.99
N GLY C 148 -5.53 -18.69 -27.18
CA GLY C 148 -6.56 -17.68 -27.37
C GLY C 148 -6.10 -16.62 -28.34
N ASN C 149 -7.07 -15.86 -28.85
CA ASN C 149 -6.80 -14.79 -29.80
C ASN C 149 -7.12 -13.42 -29.23
N THR C 150 -7.40 -13.33 -27.93
CA THR C 150 -7.66 -12.04 -27.30
C THR C 150 -6.34 -11.31 -27.04
N LEU C 151 -6.34 -10.01 -27.25
CA LEU C 151 -5.13 -9.20 -27.15
C LEU C 151 -4.85 -8.80 -25.71
N SER C 152 -3.65 -8.26 -25.50
CA SER C 152 -3.22 -7.87 -24.16
C SER C 152 -4.12 -6.79 -23.58
N ARG C 153 -4.45 -5.79 -24.37
CA ARG C 153 -5.26 -4.67 -23.87
C ARG C 153 -6.55 -5.15 -23.24
N ILE C 154 -7.16 -6.19 -23.80
CA ILE C 154 -8.47 -6.64 -23.31
C ILE C 154 -8.34 -7.20 -21.90
N TYR C 155 -7.37 -8.09 -21.68
CA TYR C 155 -7.23 -8.73 -20.38
C TYR C 155 -7.10 -7.70 -19.27
N VAL C 156 -6.51 -6.55 -19.54
CA VAL C 156 -6.35 -5.53 -18.52
C VAL C 156 -7.70 -4.90 -18.19
N GLU C 157 -8.53 -4.65 -19.21
CA GLU C 157 -9.83 -4.05 -18.98
C GLU C 157 -10.75 -4.93 -18.14
N ASN C 158 -10.46 -6.22 -18.04
CA ASN C 158 -11.30 -7.16 -17.32
C ASN C 158 -10.65 -7.67 -16.03
N ASP C 159 -9.69 -6.93 -15.49
CA ASP C 159 -9.01 -7.32 -14.24
C ASP C 159 -8.40 -8.71 -14.34
N PHE C 160 -7.93 -9.07 -15.53
CA PHE C 160 -7.27 -10.36 -15.76
C PHE C 160 -8.16 -11.53 -15.34
N SER C 161 -9.44 -11.46 -15.70
CA SER C 161 -10.37 -12.56 -15.47
C SER C 161 -10.37 -13.49 -16.67
N TRP C 162 -10.40 -14.80 -16.40
CA TRP C 162 -10.37 -15.81 -17.45
C TRP C 162 -9.13 -15.64 -18.33
N ASP C 163 -7.97 -15.59 -17.69
CA ASP C 163 -6.69 -15.41 -18.38
C ASP C 163 -5.99 -16.77 -18.44
N LYS C 164 -6.22 -17.47 -19.55
CA LYS C 164 -5.63 -18.80 -19.77
C LYS C 164 -4.32 -18.73 -20.54
N ARG C 165 -3.60 -17.61 -20.47
CA ARG C 165 -2.41 -17.43 -21.29
C ARG C 165 -1.18 -18.12 -20.74
N TYR C 166 -1.17 -18.47 -19.45
CA TYR C 166 -0.03 -19.11 -18.83
C TYR C 166 -0.38 -20.49 -18.28
N CYS C 167 -1.41 -21.13 -18.86
CA CYS C 167 -1.88 -22.42 -18.38
C CYS C 167 -0.75 -23.39 -18.08
N GLU C 168 0.11 -23.63 -19.07
CA GLU C 168 1.05 -24.74 -19.03
C GLU C 168 0.30 -26.07 -19.02
N ALA C 169 -0.72 -26.17 -19.85
CA ALA C 169 -1.50 -27.39 -19.95
C ALA C 169 -0.59 -28.58 -20.26
N GLY C 170 -0.87 -29.71 -19.61
CA GLY C 170 -0.01 -30.86 -19.69
C GLY C 170 1.03 -30.95 -18.59
N PHE C 171 1.11 -29.94 -17.73
CA PHE C 171 1.96 -30.03 -16.54
C PHE C 171 1.74 -31.36 -15.83
N SER C 172 0.48 -31.77 -15.70
CA SER C 172 0.12 -33.10 -15.23
C SER C 172 -0.97 -33.64 -16.13
N SER C 173 -1.13 -34.96 -16.14
CA SER C 173 -2.08 -35.57 -17.07
C SER C 173 -2.61 -36.89 -16.50
N VAL C 174 -3.73 -37.33 -17.07
CA VAL C 174 -4.37 -38.58 -16.70
C VAL C 174 -5.48 -38.84 -17.70
N VAL C 175 -5.86 -40.10 -17.85
CA VAL C 175 -6.92 -40.50 -18.78
C VAL C 175 -7.85 -41.47 -18.06
N THR C 176 -9.15 -41.17 -18.09
CA THR C 176 -10.13 -42.03 -17.47
C THR C 176 -10.26 -43.36 -18.22
N GLN C 177 -10.88 -44.33 -17.57
N GLN C 177 -10.89 -44.33 -17.58
CA GLN C 177 -11.13 -45.61 -18.22
CA GLN C 177 -11.11 -45.61 -18.23
C GLN C 177 -11.94 -45.45 -19.49
C GLN C 177 -11.98 -45.48 -19.48
N ALA C 178 -12.81 -44.44 -19.54
CA ALA C 178 -13.64 -44.22 -20.72
C ALA C 178 -12.81 -43.69 -21.89
N GLY C 179 -11.80 -42.88 -21.61
CA GLY C 179 -10.97 -42.29 -22.65
C GLY C 179 -11.08 -40.78 -22.69
N GLU C 180 -11.12 -40.15 -21.51
CA GLU C 180 -11.25 -38.71 -21.38
C GLU C 180 -9.91 -38.17 -20.91
N LEU C 181 -9.26 -37.38 -21.76
CA LEU C 181 -7.97 -36.78 -21.43
C LEU C 181 -8.18 -35.57 -20.52
N VAL C 182 -7.73 -35.68 -19.27
CA VAL C 182 -7.80 -34.59 -18.31
C VAL C 182 -6.39 -34.02 -18.15
N LEU C 183 -6.26 -32.71 -18.34
CA LEU C 183 -4.97 -32.04 -18.23
C LEU C 183 -4.97 -31.14 -16.99
N GLY C 184 -3.78 -30.98 -16.42
CA GLY C 184 -3.57 -30.07 -15.30
C GLY C 184 -2.76 -28.87 -15.78
N ALA C 185 -3.32 -27.69 -15.54
CA ALA C 185 -2.72 -26.42 -15.95
C ALA C 185 -2.55 -25.55 -14.71
N PRO C 186 -1.43 -25.69 -13.99
CA PRO C 186 -1.27 -24.92 -12.74
C PRO C 186 -1.22 -23.42 -12.94
N GLY C 187 -0.78 -22.97 -14.11
CA GLY C 187 -0.72 -21.55 -14.40
C GLY C 187 -2.00 -20.95 -14.93
N GLY C 188 -3.09 -21.71 -14.94
CA GLY C 188 -4.32 -21.22 -15.53
C GLY C 188 -4.95 -20.10 -14.71
N TYR C 189 -5.69 -19.25 -15.41
CA TYR C 189 -6.40 -18.13 -14.78
C TYR C 189 -5.45 -17.31 -13.90
N TYR C 190 -4.30 -16.96 -14.48
CA TYR C 190 -3.29 -16.16 -13.79
C TYR C 190 -2.78 -16.89 -12.54
N PHE C 191 -2.28 -18.10 -12.77
CA PHE C 191 -1.62 -18.91 -11.74
C PHE C 191 -2.58 -19.39 -10.67
N LEU C 192 -3.89 -19.33 -10.93
CA LEU C 192 -4.84 -19.99 -10.04
C LEU C 192 -4.87 -21.50 -10.29
N GLY C 193 -4.75 -21.90 -11.55
CA GLY C 193 -4.77 -23.30 -11.91
C GLY C 193 -6.13 -23.75 -12.42
N LEU C 194 -6.15 -24.57 -13.47
CA LEU C 194 -7.40 -25.06 -14.02
C LEU C 194 -7.18 -26.44 -14.62
N LEU C 195 -8.29 -27.09 -14.97
CA LEU C 195 -8.28 -28.40 -15.59
C LEU C 195 -8.93 -28.31 -16.97
N ALA C 196 -8.52 -29.22 -17.85
CA ALA C 196 -9.01 -29.25 -19.22
C ALA C 196 -9.32 -30.69 -19.60
N GLN C 197 -10.61 -31.00 -19.73
CA GLN C 197 -11.05 -32.34 -20.11
C GLN C 197 -11.49 -32.34 -21.57
N ALA C 198 -11.24 -33.48 -22.24
CA ALA C 198 -11.63 -33.63 -23.64
C ALA C 198 -11.45 -35.08 -24.08
N PRO C 199 -12.47 -35.70 -24.68
CA PRO C 199 -12.31 -37.09 -25.14
C PRO C 199 -11.16 -37.21 -26.13
N VAL C 200 -10.42 -38.31 -26.02
CA VAL C 200 -9.30 -38.55 -26.92
C VAL C 200 -9.79 -38.63 -28.36
N ALA C 201 -10.81 -39.45 -28.60
CA ALA C 201 -11.30 -39.65 -29.97
C ALA C 201 -11.72 -38.32 -30.60
N ASP C 202 -12.30 -37.42 -29.81
CA ASP C 202 -12.73 -36.14 -30.33
C ASP C 202 -11.55 -35.22 -30.63
N ILE C 203 -10.42 -35.41 -29.92
CA ILE C 203 -9.24 -34.62 -30.21
C ILE C 203 -8.64 -35.03 -31.55
N PHE C 204 -8.67 -36.32 -31.87
CA PHE C 204 -8.13 -36.79 -33.14
C PHE C 204 -9.01 -36.37 -34.30
N SER C 205 -10.33 -36.49 -34.16
CA SER C 205 -11.24 -36.22 -35.27
C SER C 205 -11.34 -34.72 -35.55
N SER C 206 -11.15 -33.88 -34.53
CA SER C 206 -11.31 -32.45 -34.67
C SER C 206 -10.00 -31.71 -34.89
N TYR C 207 -8.92 -32.43 -35.19
CA TYR C 207 -7.60 -31.83 -35.38
C TYR C 207 -7.18 -31.92 -36.85
N ARG C 208 -6.63 -30.84 -37.37
CA ARG C 208 -6.03 -30.81 -38.69
C ARG C 208 -4.74 -30.00 -38.58
N PRO C 209 -3.70 -30.37 -39.31
CA PRO C 209 -2.43 -29.64 -39.21
C PRO C 209 -2.54 -28.25 -39.83
N GLY C 210 -2.00 -27.26 -39.11
CA GLY C 210 -1.96 -25.90 -39.58
C GLY C 210 -3.05 -25.00 -39.04
N ILE C 211 -4.10 -25.57 -38.44
CA ILE C 211 -5.20 -24.75 -37.94
C ILE C 211 -4.78 -23.98 -36.70
N LEU C 212 -4.08 -24.64 -35.77
CA LEU C 212 -3.58 -24.00 -34.55
C LEU C 212 -4.71 -23.67 -33.58
N LEU C 213 -5.74 -22.97 -34.04
CA LEU C 213 -6.89 -22.63 -33.23
C LEU C 213 -8.12 -23.33 -33.80
N TRP C 214 -8.64 -24.32 -33.07
CA TRP C 214 -9.82 -25.05 -33.50
C TRP C 214 -10.70 -25.33 -32.29
N HIS C 215 -11.97 -25.64 -32.58
CA HIS C 215 -12.98 -25.83 -31.54
C HIS C 215 -13.18 -27.30 -31.26
N VAL C 216 -13.00 -27.70 -30.01
CA VAL C 216 -13.38 -29.02 -29.53
C VAL C 216 -14.62 -28.81 -28.67
N SER C 217 -15.80 -29.00 -29.26
CA SER C 217 -17.04 -28.68 -28.56
C SER C 217 -17.26 -29.57 -27.34
N SER C 218 -16.78 -30.81 -27.39
CA SER C 218 -17.00 -31.75 -26.30
C SER C 218 -16.05 -31.54 -25.13
N GLN C 219 -15.15 -30.57 -25.19
CA GLN C 219 -14.22 -30.34 -24.09
C GLN C 219 -14.95 -29.65 -22.94
N SER C 220 -14.23 -29.45 -21.84
CA SER C 220 -14.81 -28.84 -20.65
C SER C 220 -13.73 -28.40 -19.68
N LEU C 221 -13.60 -27.11 -19.44
CA LEU C 221 -12.59 -26.57 -18.55
C LEU C 221 -13.19 -26.19 -17.20
N SER C 222 -12.32 -26.06 -16.21
CA SER C 222 -12.73 -25.61 -14.89
C SER C 222 -12.87 -24.08 -14.91
N PHE C 223 -13.22 -23.51 -13.76
CA PHE C 223 -13.67 -22.13 -13.69
C PHE C 223 -12.72 -21.28 -12.86
N ASP C 224 -12.80 -19.97 -13.10
CA ASP C 224 -12.01 -18.98 -12.38
C ASP C 224 -12.66 -18.72 -11.02
N SER C 225 -12.04 -17.83 -10.24
CA SER C 225 -12.59 -17.49 -8.93
C SER C 225 -11.93 -16.22 -8.43
N SER C 226 -12.69 -15.45 -7.64
CA SER C 226 -12.19 -14.24 -7.01
C SER C 226 -11.69 -14.47 -5.59
N ASN C 227 -11.92 -15.65 -5.03
CA ASN C 227 -11.51 -15.95 -3.67
C ASN C 227 -10.00 -15.87 -3.54
N PRO C 228 -9.44 -14.96 -2.73
CA PRO C 228 -7.98 -14.89 -2.61
C PRO C 228 -7.35 -16.17 -2.11
N GLU C 229 -8.13 -17.07 -1.49
CA GLU C 229 -7.57 -18.34 -1.05
C GLU C 229 -6.97 -19.12 -2.22
N TYR C 230 -7.60 -19.03 -3.39
CA TYR C 230 -7.16 -19.79 -4.56
C TYR C 230 -6.04 -19.11 -5.32
N PHE C 231 -5.64 -17.90 -4.93
CA PHE C 231 -4.61 -17.18 -5.69
C PHE C 231 -3.27 -17.89 -5.58
N ASP C 232 -2.63 -18.11 -6.74
CA ASP C 232 -1.29 -18.69 -6.79
C ASP C 232 -1.24 -20.05 -6.13
N GLY C 233 -2.29 -20.85 -6.35
CA GLY C 233 -2.40 -22.16 -5.72
C GLY C 233 -1.90 -23.29 -6.59
N TYR C 234 -1.64 -23.02 -7.86
CA TYR C 234 -1.15 -24.03 -8.79
C TYR C 234 -2.10 -25.23 -8.83
N TRP C 235 -3.38 -24.93 -8.92
CA TRP C 235 -4.43 -25.94 -9.04
C TRP C 235 -4.22 -26.76 -10.31
N GLY C 236 -3.71 -27.99 -10.14
CA GLY C 236 -3.41 -28.84 -11.29
C GLY C 236 -1.95 -29.25 -11.34
N TYR C 237 -1.20 -28.92 -10.28
CA TYR C 237 0.18 -29.39 -10.17
C TYR C 237 0.26 -30.90 -10.28
N SER C 238 -0.78 -31.60 -9.85
CA SER C 238 -0.88 -33.05 -9.96
C SER C 238 -2.35 -33.41 -10.13
N VAL C 239 -2.60 -34.58 -10.72
CA VAL C 239 -3.98 -34.98 -11.01
C VAL C 239 -4.06 -36.49 -11.05
N ALA C 240 -5.26 -37.02 -10.76
CA ALA C 240 -5.55 -38.44 -10.83
C ALA C 240 -7.07 -38.59 -10.97
N VAL C 241 -7.52 -39.84 -11.02
CA VAL C 241 -8.95 -40.15 -11.16
C VAL C 241 -9.30 -41.33 -10.26
N GLY C 242 -10.59 -41.45 -9.97
CA GLY C 242 -11.06 -42.54 -9.15
C GLY C 242 -12.56 -42.47 -8.96
N GLU C 243 -13.06 -43.37 -8.11
CA GLU C 243 -14.48 -43.45 -7.79
C GLU C 243 -14.65 -43.12 -6.31
N PHE C 244 -15.40 -42.05 -6.02
CA PHE C 244 -15.57 -41.58 -4.65
C PHE C 244 -16.99 -41.17 -4.31
N ASP C 245 -17.89 -41.00 -5.28
CA ASP C 245 -19.25 -40.57 -5.00
C ASP C 245 -20.25 -41.72 -4.96
N GLY C 246 -19.81 -42.94 -5.24
CA GLY C 246 -20.67 -44.11 -5.24
C GLY C 246 -21.26 -44.43 -6.60
N ASP C 247 -21.62 -43.40 -7.37
CA ASP C 247 -22.19 -43.60 -8.69
C ASP C 247 -21.10 -44.05 -9.65
N LEU C 248 -21.19 -45.30 -10.13
CA LEU C 248 -20.17 -45.84 -11.02
C LEU C 248 -20.29 -45.29 -12.43
N ASN C 249 -21.39 -44.64 -12.78
CA ASN C 249 -21.48 -43.97 -14.08
C ASN C 249 -20.58 -42.74 -14.13
N THR C 250 -20.55 -41.97 -13.05
CA THR C 250 -19.74 -40.77 -12.98
C THR C 250 -18.28 -41.13 -12.68
N THR C 251 -17.38 -40.23 -13.07
CA THR C 251 -15.96 -40.37 -12.81
C THR C 251 -15.48 -39.11 -12.12
N GLU C 252 -15.02 -39.26 -10.88
CA GLU C 252 -14.58 -38.12 -10.08
C GLU C 252 -13.09 -37.85 -10.32
N TYR C 253 -12.72 -36.59 -10.18
CA TYR C 253 -11.36 -36.13 -10.43
C TYR C 253 -10.69 -35.75 -9.11
N VAL C 254 -9.37 -35.91 -9.08
CA VAL C 254 -8.54 -35.54 -7.93
C VAL C 254 -7.48 -34.57 -8.43
N VAL C 255 -7.36 -33.43 -7.74
CA VAL C 255 -6.44 -32.37 -8.14
C VAL C 255 -5.70 -31.88 -6.91
N GLY C 256 -4.41 -31.59 -7.08
CA GLY C 256 -3.58 -31.06 -6.02
C GLY C 256 -3.24 -29.60 -6.28
N ALA C 257 -3.32 -28.79 -5.22
CA ALA C 257 -2.98 -27.37 -5.27
C ALA C 257 -1.94 -27.12 -4.19
N PRO C 258 -0.67 -27.44 -4.44
CA PRO C 258 0.32 -27.45 -3.37
C PRO C 258 0.60 -26.09 -2.74
N THR C 259 0.08 -25.00 -3.31
CA THR C 259 0.26 -23.67 -2.73
C THR C 259 -1.08 -23.00 -2.43
N TRP C 260 -2.16 -23.78 -2.39
CA TRP C 260 -3.48 -23.24 -2.11
C TRP C 260 -3.51 -22.55 -0.76
N SER C 261 -4.27 -21.46 -0.67
CA SER C 261 -4.47 -20.72 0.56
C SER C 261 -3.12 -20.31 1.17
N TRP C 262 -2.39 -19.47 0.44
CA TRP C 262 -1.14 -18.90 0.93
C TRP C 262 -0.13 -19.98 1.29
N THR C 263 0.10 -20.90 0.34
CA THR C 263 1.11 -21.94 0.46
C THR C 263 0.80 -22.94 1.58
N LEU C 264 -0.48 -23.08 1.94
CA LEU C 264 -0.88 -24.15 2.84
C LEU C 264 -0.99 -25.47 2.10
N GLY C 265 -1.38 -25.43 0.83
CA GLY C 265 -1.54 -26.64 0.04
C GLY C 265 -2.88 -27.31 0.31
N ALA C 266 -3.44 -27.97 -0.68
CA ALA C 266 -4.70 -28.67 -0.51
C ALA C 266 -4.92 -29.60 -1.69
N VAL C 267 -5.88 -30.51 -1.52
CA VAL C 267 -6.28 -31.46 -2.55
C VAL C 267 -7.79 -31.52 -2.56
N GLU C 268 -8.39 -31.51 -3.75
CA GLU C 268 -9.83 -31.48 -3.91
C GLU C 268 -10.28 -32.64 -4.77
N ILE C 269 -11.38 -33.28 -4.36
CA ILE C 269 -12.06 -34.29 -5.16
C ILE C 269 -13.26 -33.64 -5.82
N LEU C 270 -13.42 -33.86 -7.12
CA LEU C 270 -14.46 -33.22 -7.90
C LEU C 270 -15.22 -34.25 -8.71
N ASP C 271 -16.42 -33.88 -9.13
CA ASP C 271 -17.16 -34.66 -10.12
C ASP C 271 -16.64 -34.31 -11.52
N SER C 272 -17.26 -34.91 -12.53
CA SER C 272 -16.85 -34.61 -13.90
C SER C 272 -17.23 -33.21 -14.35
N TYR C 273 -17.95 -32.44 -13.53
CA TYR C 273 -18.32 -31.07 -13.84
C TYR C 273 -17.55 -30.06 -13.00
N TYR C 274 -16.48 -30.48 -12.33
CA TYR C 274 -15.61 -29.59 -11.57
C TYR C 274 -16.31 -28.99 -10.35
N GLN C 275 -17.32 -29.68 -9.83
CA GLN C 275 -17.98 -29.26 -8.60
C GLN C 275 -17.30 -29.95 -7.42
N ARG C 276 -16.93 -29.15 -6.42
CA ARG C 276 -16.15 -29.66 -5.29
C ARG C 276 -17.00 -30.60 -4.44
N LEU C 277 -16.50 -31.82 -4.25
CA LEU C 277 -17.12 -32.80 -3.36
C LEU C 277 -16.47 -32.81 -1.99
N HIS C 278 -15.14 -32.87 -1.93
CA HIS C 278 -14.44 -32.81 -0.67
CA HIS C 278 -14.40 -32.86 -0.68
C HIS C 278 -13.11 -32.08 -0.88
N ARG C 279 -12.60 -31.51 0.21
CA ARG C 279 -11.33 -30.80 0.19
C ARG C 279 -10.51 -31.22 1.39
N LEU C 280 -9.24 -31.52 1.15
CA LEU C 280 -8.29 -31.85 2.20
C LEU C 280 -7.25 -30.74 2.27
N ARG C 281 -7.08 -30.17 3.45
CA ARG C 281 -6.20 -29.03 3.65
C ARG C 281 -4.83 -29.50 4.14
N GLY C 282 -3.81 -28.71 3.81
CA GLY C 282 -2.48 -29.04 4.25
C GLY C 282 -2.33 -28.97 5.76
N GLU C 283 -1.29 -29.64 6.26
CA GLU C 283 -0.96 -29.62 7.67
C GLU C 283 0.08 -28.57 8.02
N GLN C 284 0.94 -28.22 7.07
CA GLN C 284 2.03 -27.29 7.33
C GLN C 284 2.28 -26.49 6.06
N MET C 285 2.63 -25.22 6.23
CA MET C 285 2.84 -24.34 5.10
C MET C 285 4.18 -24.63 4.43
N ALA C 286 4.22 -24.43 3.11
CA ALA C 286 5.39 -24.68 2.28
C ALA C 286 5.81 -26.14 2.27
N SER C 287 4.95 -27.04 2.78
CA SER C 287 5.20 -28.47 2.68
C SER C 287 4.82 -29.03 1.32
N TYR C 288 4.22 -28.21 0.45
CA TYR C 288 3.78 -28.64 -0.87
C TYR C 288 2.82 -29.83 -0.78
N PHE C 289 1.94 -29.79 0.22
CA PHE C 289 0.85 -30.76 0.34
C PHE C 289 0.05 -30.78 -0.96
N GLY C 290 0.26 -31.82 -1.77
CA GLY C 290 -0.43 -31.92 -3.04
C GLY C 290 0.52 -32.05 -4.21
N HIS C 291 1.83 -32.14 -3.92
CA HIS C 291 2.81 -32.32 -4.97
C HIS C 291 2.53 -33.59 -5.77
N SER C 292 2.05 -34.63 -5.10
CA SER C 292 1.73 -35.90 -5.75
C SER C 292 0.47 -36.46 -5.13
N VAL C 293 -0.35 -37.11 -5.95
CA VAL C 293 -1.57 -37.75 -5.50
C VAL C 293 -1.66 -39.13 -6.13
N ALA C 294 -2.32 -40.05 -5.42
CA ALA C 294 -2.46 -41.42 -5.90
C ALA C 294 -3.80 -41.96 -5.42
N VAL C 295 -4.39 -42.83 -6.23
CA VAL C 295 -5.71 -43.40 -5.97
C VAL C 295 -5.63 -44.90 -6.15
N THR C 296 -5.89 -45.66 -5.10
CA THR C 296 -5.92 -47.11 -5.17
C THR C 296 -6.55 -47.66 -3.90
N ASP C 297 -7.22 -48.79 -4.02
CA ASP C 297 -7.84 -49.45 -2.88
C ASP C 297 -6.81 -50.31 -2.17
N VAL C 298 -6.36 -49.85 -1.00
CA VAL C 298 -5.28 -50.53 -0.30
C VAL C 298 -5.80 -51.57 0.70
N ASN C 299 -6.99 -51.35 1.28
CA ASN C 299 -7.53 -52.22 2.31
C ASN C 299 -8.53 -53.23 1.77
N GLY C 300 -8.57 -53.42 0.44
CA GLY C 300 -9.37 -54.48 -0.15
C GLY C 300 -10.83 -54.45 0.22
N ASP C 301 -11.38 -53.27 0.49
CA ASP C 301 -12.82 -53.12 0.72
C ASP C 301 -13.57 -52.75 -0.56
N GLY C 302 -12.87 -52.56 -1.67
CA GLY C 302 -13.49 -52.20 -2.92
C GLY C 302 -13.54 -50.71 -3.19
N ARG C 303 -13.45 -49.87 -2.17
CA ARG C 303 -13.50 -48.43 -2.33
C ARG C 303 -12.10 -47.87 -2.48
N HIS C 304 -11.91 -46.97 -3.45
CA HIS C 304 -10.63 -46.32 -3.65
C HIS C 304 -10.25 -45.53 -2.40
N ASP C 305 -8.94 -45.42 -2.17
CA ASP C 305 -8.40 -44.63 -1.08
C ASP C 305 -7.41 -43.63 -1.65
N LEU C 306 -7.24 -42.51 -0.96
CA LEU C 306 -6.44 -41.40 -1.46
C LEU C 306 -5.12 -41.30 -0.71
N LEU C 307 -4.05 -41.04 -1.47
CA LEU C 307 -2.73 -40.82 -0.91
C LEU C 307 -2.20 -39.48 -1.41
N VAL C 308 -1.68 -38.67 -0.49
CA VAL C 308 -1.19 -37.34 -0.81
C VAL C 308 0.20 -37.19 -0.23
N GLY C 309 1.10 -36.60 -1.03
CA GLY C 309 2.49 -36.43 -0.63
C GLY C 309 2.80 -34.96 -0.37
N ALA C 310 3.41 -34.71 0.79
CA ALA C 310 3.90 -33.39 1.15
C ALA C 310 5.43 -33.43 1.20
N PRO C 311 6.10 -33.40 0.05
CA PRO C 311 7.54 -33.68 0.02
C PRO C 311 8.43 -32.68 0.73
N LEU C 312 7.88 -31.66 1.39
CA LEU C 312 8.71 -30.70 2.12
C LEU C 312 8.24 -30.52 3.56
N TYR C 313 7.41 -31.43 4.07
CA TYR C 313 6.95 -31.33 5.45
C TYR C 313 8.14 -31.45 6.39
N MET C 314 8.25 -30.52 7.33
CA MET C 314 9.30 -30.52 8.34
C MET C 314 8.80 -31.20 9.59
N GLU C 315 9.57 -32.15 10.11
CA GLU C 315 9.17 -32.95 11.24
C GLU C 315 9.70 -32.35 12.54
N SER C 316 8.95 -32.57 13.62
CA SER C 316 9.29 -32.00 14.92
C SER C 316 10.38 -32.83 15.58
N ARG C 317 11.55 -32.22 15.78
CA ARG C 317 12.66 -32.84 16.48
C ARG C 317 12.75 -32.29 17.90
N ALA C 318 13.71 -32.79 18.66
CA ALA C 318 13.91 -32.32 20.02
C ALA C 318 14.44 -30.88 20.01
N ASP C 319 14.34 -30.23 21.16
CA ASP C 319 14.79 -28.85 21.33
C ASP C 319 14.04 -27.91 20.40
N ARG C 320 12.76 -28.20 20.14
CA ARG C 320 11.92 -27.37 19.29
C ARG C 320 12.52 -27.19 17.90
N LYS C 321 13.23 -28.21 17.42
CA LYS C 321 13.85 -28.17 16.11
C LYS C 321 12.91 -28.72 15.05
N LEU C 322 13.21 -28.39 13.79
CA LEU C 322 12.43 -28.85 12.64
C LEU C 322 13.38 -29.41 11.59
N ALA C 323 12.94 -30.49 10.94
CA ALA C 323 13.78 -31.18 9.97
C ALA C 323 12.94 -31.54 8.75
N GLU C 324 13.35 -31.05 7.59
CA GLU C 324 12.63 -31.32 6.34
C GLU C 324 12.87 -32.76 5.91
N VAL C 325 11.82 -33.58 5.97
CA VAL C 325 11.92 -34.97 5.59
C VAL C 325 10.82 -35.41 4.62
N GLY C 326 9.70 -34.72 4.55
CA GLY C 326 8.59 -35.14 3.73
C GLY C 326 7.61 -36.01 4.50
N ARG C 327 6.40 -36.12 3.97
CA ARG C 327 5.35 -36.90 4.60
C ARG C 327 4.32 -37.28 3.57
N VAL C 328 3.71 -38.46 3.78
CA VAL C 328 2.63 -38.96 2.94
C VAL C 328 1.42 -39.17 3.82
N TYR C 329 0.24 -38.81 3.30
CA TYR C 329 -1.02 -38.92 4.03
C TYR C 329 -1.91 -39.95 3.35
N LEU C 330 -2.57 -40.77 4.16
CA LEU C 330 -3.49 -41.78 3.66
C LEU C 330 -4.90 -41.47 4.15
N PHE C 331 -5.85 -41.45 3.22
CA PHE C 331 -7.26 -41.19 3.53
C PHE C 331 -8.08 -42.38 3.02
N LEU C 332 -8.67 -43.13 3.93
CA LEU C 332 -9.51 -44.27 3.58
C LEU C 332 -10.93 -43.80 3.34
N GLN C 333 -11.50 -44.21 2.21
CA GLN C 333 -12.86 -43.83 1.87
C GLN C 333 -13.83 -44.52 2.82
N PRO C 334 -14.61 -43.78 3.62
CA PRO C 334 -15.52 -44.44 4.55
C PRO C 334 -16.72 -45.04 3.84
N ARG C 335 -17.51 -45.78 4.61
CA ARG C 335 -18.72 -46.41 4.08
C ARG C 335 -19.71 -45.33 3.65
N GLY C 336 -20.23 -45.47 2.44
CA GLY C 336 -21.30 -44.62 1.97
C GLY C 336 -20.80 -43.28 1.44
N PRO C 337 -21.70 -42.29 1.40
CA PRO C 337 -21.34 -40.98 0.86
C PRO C 337 -20.60 -40.07 1.82
N HIS C 338 -20.19 -40.57 2.99
CA HIS C 338 -19.59 -39.72 4.01
C HIS C 338 -18.34 -39.03 3.47
N ALA C 339 -18.01 -37.92 4.10
CA ALA C 339 -16.84 -37.13 3.71
C ALA C 339 -15.58 -37.73 4.29
N LEU C 340 -14.49 -37.66 3.52
CA LEU C 340 -13.21 -38.22 3.95
C LEU C 340 -12.73 -37.52 5.20
N GLY C 341 -12.61 -38.28 6.30
CA GLY C 341 -12.23 -37.71 7.57
C GLY C 341 -10.75 -37.45 7.71
N ALA C 342 -10.21 -37.69 8.90
CA ALA C 342 -8.81 -37.42 9.18
C ALA C 342 -7.93 -38.47 8.50
N PRO C 343 -6.63 -38.23 8.44
CA PRO C 343 -5.73 -39.24 7.86
C PRO C 343 -5.73 -40.52 8.68
N SER C 344 -5.82 -41.64 7.98
CA SER C 344 -5.72 -42.93 8.66
C SER C 344 -4.29 -43.28 9.03
N LEU C 345 -3.32 -42.73 8.31
CA LEU C 345 -1.91 -43.05 8.53
C LEU C 345 -1.06 -41.89 8.03
N LEU C 346 0.05 -41.65 8.72
CA LEU C 346 0.98 -40.57 8.38
C LEU C 346 2.38 -41.16 8.23
N LEU C 347 2.75 -41.50 7.00
CA LEU C 347 4.11 -41.95 6.71
C LEU C 347 5.02 -40.74 6.55
N THR C 348 6.11 -40.74 7.30
CA THR C 348 7.06 -39.62 7.31
C THR C 348 8.45 -40.12 6.95
N GLY C 349 9.18 -39.30 6.20
CA GLY C 349 10.54 -39.62 5.84
C GLY C 349 11.47 -39.51 7.03
N THR C 350 12.73 -39.86 6.79
CA THR C 350 13.73 -39.87 7.85
C THR C 350 14.97 -39.09 7.43
N GLN C 351 15.27 -39.09 6.12
CA GLN C 351 16.48 -38.46 5.61
C GLN C 351 16.23 -36.97 5.38
N LEU C 352 17.14 -36.14 5.87
CA LEU C 352 17.02 -34.70 5.69
C LEU C 352 17.06 -34.35 4.21
N TYR C 353 16.16 -33.45 3.81
CA TYR C 353 16.05 -33.02 2.42
C TYR C 353 15.74 -34.17 1.47
N GLY C 354 15.31 -35.31 2.01
CA GLY C 354 15.04 -36.47 1.18
C GLY C 354 13.83 -36.30 0.28
N ARG C 355 12.89 -35.42 0.66
CA ARG C 355 11.68 -35.19 -0.12
C ARG C 355 10.85 -36.47 -0.22
N PHE C 356 10.64 -37.11 0.93
CA PHE C 356 9.77 -38.28 1.00
C PHE C 356 8.35 -37.89 0.64
N GLY C 357 7.83 -38.43 -0.46
CA GLY C 357 6.52 -38.07 -0.96
C GLY C 357 6.54 -37.39 -2.32
N SER C 358 7.71 -37.23 -2.94
CA SER C 358 7.79 -36.60 -4.25
CA SER C 358 7.79 -36.60 -4.25
C SER C 358 7.04 -37.40 -5.31
N ALA C 359 6.85 -38.70 -5.09
CA ALA C 359 6.12 -39.54 -6.02
C ALA C 359 5.47 -40.67 -5.23
N ILE C 360 4.28 -41.08 -5.68
CA ILE C 360 3.52 -42.14 -5.05
C ILE C 360 2.88 -42.96 -6.17
N ALA C 361 3.21 -44.25 -6.24
CA ALA C 361 2.80 -45.09 -7.35
C ALA C 361 2.01 -46.29 -6.82
N PRO C 362 0.77 -46.50 -7.26
CA PRO C 362 0.12 -47.79 -7.00
C PRO C 362 0.87 -48.92 -7.68
N LEU C 363 1.06 -50.01 -6.94
CA LEU C 363 1.77 -51.18 -7.45
C LEU C 363 0.85 -52.34 -7.78
N GLY C 364 -0.44 -52.25 -7.51
CA GLY C 364 -1.29 -53.41 -7.56
C GLY C 364 -0.97 -54.32 -6.38
N ASP C 365 -1.45 -55.55 -6.49
CA ASP C 365 -1.17 -56.55 -5.46
C ASP C 365 0.20 -57.15 -5.75
N LEU C 366 1.20 -56.74 -4.98
CA LEU C 366 2.59 -57.12 -5.26
C LEU C 366 2.85 -58.57 -4.84
N ASP C 367 2.43 -58.94 -3.63
CA ASP C 367 2.59 -60.29 -3.12
C ASP C 367 1.34 -61.14 -3.30
N ARG C 368 0.33 -60.62 -4.00
CA ARG C 368 -0.89 -61.37 -4.28
C ARG C 368 -1.50 -61.94 -3.00
N ASP C 369 -1.54 -61.11 -1.96
CA ASP C 369 -2.16 -61.47 -0.70
C ASP C 369 -3.59 -60.98 -0.58
N GLY C 370 -4.08 -60.24 -1.59
CA GLY C 370 -5.44 -59.73 -1.58
C GLY C 370 -5.54 -58.25 -1.32
N TYR C 371 -4.42 -57.55 -1.11
CA TYR C 371 -4.43 -56.12 -0.80
C TYR C 371 -3.41 -55.42 -1.67
N ASN C 372 -3.84 -54.36 -2.35
CA ASN C 372 -2.94 -53.58 -3.19
C ASN C 372 -1.89 -52.86 -2.35
N ASP C 373 -0.78 -52.53 -2.99
CA ASP C 373 0.38 -51.97 -2.31
C ASP C 373 0.86 -50.74 -3.08
N ILE C 374 1.71 -49.93 -2.43
CA ILE C 374 2.16 -48.67 -3.00
C ILE C 374 3.67 -48.59 -2.94
N ALA C 375 4.22 -47.65 -3.71
CA ALA C 375 5.62 -47.28 -3.68
C ALA C 375 5.73 -45.77 -3.50
N VAL C 376 6.65 -45.34 -2.64
CA VAL C 376 6.83 -43.93 -2.32
C VAL C 376 8.30 -43.59 -2.51
N ALA C 377 8.57 -42.54 -3.28
CA ALA C 377 9.93 -42.16 -3.64
C ALA C 377 10.47 -41.08 -2.71
N ALA C 378 11.78 -41.12 -2.49
CA ALA C 378 12.52 -40.08 -1.77
C ALA C 378 13.73 -39.74 -2.64
N PRO C 379 13.54 -38.91 -3.67
CA PRO C 379 14.58 -38.75 -4.71
C PRO C 379 15.96 -38.35 -4.18
N TYR C 380 16.03 -37.88 -2.94
CA TYR C 380 17.30 -37.53 -2.33
C TYR C 380 17.42 -38.13 -0.93
N GLY C 381 16.75 -39.25 -0.70
CA GLY C 381 16.73 -39.91 0.57
C GLY C 381 17.72 -41.06 0.65
N GLY C 382 17.46 -41.97 1.59
CA GLY C 382 18.38 -43.04 1.88
C GLY C 382 19.55 -42.52 2.70
N PRO C 383 20.28 -43.43 3.34
CA PRO C 383 21.41 -42.99 4.18
C PRO C 383 22.49 -42.26 3.40
N SER C 384 22.53 -42.43 2.07
CA SER C 384 23.51 -41.78 1.21
C SER C 384 22.97 -40.56 0.50
N GLY C 385 21.66 -40.30 0.57
CA GLY C 385 21.07 -39.20 -0.15
C GLY C 385 21.10 -39.33 -1.65
N ARG C 386 21.27 -40.55 -2.16
CA ARG C 386 21.31 -40.78 -3.60
C ARG C 386 19.95 -41.13 -4.19
N GLY C 387 18.94 -41.35 -3.37
CA GLY C 387 17.64 -41.74 -3.84
C GLY C 387 17.19 -43.06 -3.25
N GLN C 388 15.89 -43.19 -2.97
CA GLN C 388 15.39 -44.39 -2.30
C GLN C 388 13.88 -44.49 -2.53
N VAL C 389 13.43 -45.66 -2.95
CA VAL C 389 12.01 -45.97 -3.10
C VAL C 389 11.62 -46.93 -1.99
N LEU C 390 10.54 -46.62 -1.29
CA LEU C 390 10.04 -47.43 -0.19
C LEU C 390 8.73 -48.09 -0.58
N VAL C 391 8.60 -49.38 -0.30
CA VAL C 391 7.40 -50.14 -0.63
C VAL C 391 6.61 -50.36 0.65
N PHE C 392 5.30 -50.13 0.59
CA PHE C 392 4.40 -50.34 1.71
C PHE C 392 3.28 -51.28 1.26
N LEU C 393 3.15 -52.41 1.96
CA LEU C 393 2.15 -53.41 1.61
C LEU C 393 0.81 -53.09 2.25
N GLY C 394 -0.26 -53.47 1.56
CA GLY C 394 -1.60 -53.18 2.04
C GLY C 394 -2.06 -54.17 3.11
N GLN C 395 -3.05 -53.72 3.87
CA GLN C 395 -3.62 -54.55 4.93
C GLN C 395 -5.06 -54.11 5.17
N SER C 396 -5.79 -54.93 5.94
CA SER C 396 -7.19 -54.63 6.23
C SER C 396 -7.34 -53.27 6.91
N GLU C 397 -6.35 -52.86 7.68
CA GLU C 397 -6.39 -51.59 8.39
C GLU C 397 -5.80 -50.44 7.60
N GLY C 398 -5.35 -50.68 6.36
CA GLY C 398 -4.80 -49.64 5.54
C GLY C 398 -3.46 -50.00 4.94
N LEU C 399 -2.38 -49.44 5.50
CA LEU C 399 -1.02 -49.73 5.07
C LEU C 399 -0.16 -50.04 6.29
N ARG C 400 0.95 -50.73 6.03
CA ARG C 400 1.90 -51.02 7.09
C ARG C 400 2.64 -49.75 7.49
N SER C 401 2.85 -49.59 8.80
CA SER C 401 3.56 -48.41 9.29
C SER C 401 5.00 -48.35 8.80
N ARG C 402 5.58 -49.49 8.46
CA ARG C 402 6.97 -49.57 8.05
C ARG C 402 7.08 -50.24 6.68
N PRO C 403 8.12 -49.94 5.92
CA PRO C 403 8.23 -50.50 4.57
C PRO C 403 8.63 -51.97 4.61
N SER C 404 8.02 -52.75 3.73
CA SER C 404 8.41 -54.14 3.56
C SER C 404 9.70 -54.29 2.77
N GLN C 405 10.08 -53.26 2.01
CA GLN C 405 11.26 -53.33 1.16
C GLN C 405 11.75 -51.91 0.91
N VAL C 406 13.01 -51.81 0.51
CA VAL C 406 13.65 -50.53 0.24
C VAL C 406 14.56 -50.71 -0.97
N LEU C 407 14.39 -49.83 -1.96
CA LEU C 407 15.20 -49.86 -3.18
C LEU C 407 16.10 -48.63 -3.18
N ASP C 408 17.38 -48.84 -2.89
CA ASP C 408 18.35 -47.76 -2.94
C ASP C 408 18.77 -47.50 -4.37
N SER C 409 19.12 -46.25 -4.66
CA SER C 409 19.41 -45.83 -6.02
C SER C 409 20.66 -46.54 -6.55
N PRO C 410 20.58 -47.24 -7.68
CA PRO C 410 21.79 -47.80 -8.30
C PRO C 410 22.59 -46.80 -9.12
N PHE C 411 22.24 -45.52 -9.09
CA PHE C 411 22.91 -44.48 -9.86
C PHE C 411 23.71 -43.57 -8.95
N PRO C 412 24.59 -42.74 -9.51
CA PRO C 412 25.37 -41.83 -8.68
C PRO C 412 24.51 -40.76 -8.01
N THR C 413 25.14 -39.87 -7.25
CA THR C 413 24.42 -38.81 -6.58
C THR C 413 23.83 -37.82 -7.60
N GLY C 414 22.68 -37.27 -7.26
CA GLY C 414 22.03 -36.28 -8.10
C GLY C 414 21.18 -36.83 -9.21
N SER C 415 20.93 -38.14 -9.22
CA SER C 415 20.14 -38.77 -10.27
C SER C 415 18.64 -38.53 -10.12
N ALA C 416 18.19 -38.05 -8.96
CA ALA C 416 16.77 -37.88 -8.68
C ALA C 416 16.01 -39.19 -8.84
N PHE C 417 16.68 -40.30 -8.51
CA PHE C 417 16.06 -41.62 -8.57
C PHE C 417 14.80 -41.67 -7.73
N GLY C 418 13.65 -41.85 -8.38
CA GLY C 418 12.37 -41.88 -7.72
C GLY C 418 11.46 -40.72 -8.09
N PHE C 419 11.99 -39.67 -8.71
CA PHE C 419 11.16 -38.54 -9.12
C PHE C 419 9.95 -38.99 -9.92
N SER C 420 10.09 -40.07 -10.68
CA SER C 420 8.98 -40.65 -11.43
C SER C 420 8.84 -42.12 -11.07
N LEU C 421 7.59 -42.58 -10.96
CA LEU C 421 7.28 -43.94 -10.60
C LEU C 421 6.08 -44.43 -11.40
N ARG C 422 5.97 -45.75 -11.52
CA ARG C 422 4.83 -46.36 -12.18
C ARG C 422 4.89 -47.87 -12.01
N GLY C 423 3.80 -48.48 -11.55
CA GLY C 423 3.75 -49.91 -11.36
C GLY C 423 2.41 -50.51 -11.75
N ALA C 424 2.04 -51.62 -11.12
CA ALA C 424 0.76 -52.28 -11.35
C ALA C 424 0.63 -52.81 -12.77
N VAL C 425 1.75 -53.18 -13.40
CA VAL C 425 1.74 -53.73 -14.75
C VAL C 425 2.77 -54.85 -14.81
N ASP C 426 2.33 -56.02 -15.29
CA ASP C 426 3.21 -57.17 -15.48
C ASP C 426 3.84 -57.05 -16.86
N ILE C 427 5.08 -56.54 -16.91
CA ILE C 427 5.73 -56.31 -18.19
C ILE C 427 6.36 -57.58 -18.73
N ASP C 428 6.75 -58.52 -17.87
CA ASP C 428 7.37 -59.77 -18.29
C ASP C 428 6.39 -60.93 -18.30
N ASP C 429 5.11 -60.68 -18.01
CA ASP C 429 4.06 -61.69 -18.13
C ASP C 429 4.30 -62.88 -17.20
N ASN C 430 4.86 -62.64 -16.03
CA ASN C 430 5.01 -63.67 -15.01
C ASN C 430 3.88 -63.63 -13.99
N GLY C 431 2.81 -62.89 -14.27
CA GLY C 431 1.68 -62.81 -13.37
C GLY C 431 1.88 -61.93 -12.16
N TYR C 432 2.95 -61.15 -12.11
CA TYR C 432 3.24 -60.31 -10.96
C TYR C 432 3.48 -58.87 -11.42
N PRO C 433 2.89 -57.87 -10.76
CA PRO C 433 3.07 -56.49 -11.20
C PRO C 433 4.48 -55.99 -10.91
N ASP C 434 5.04 -55.27 -11.87
CA ASP C 434 6.40 -54.78 -11.82
C ASP C 434 6.41 -53.27 -11.58
N LEU C 435 7.61 -52.70 -11.53
CA LEU C 435 7.79 -51.30 -11.17
C LEU C 435 8.91 -50.70 -12.01
N ILE C 436 8.64 -49.57 -12.65
CA ILE C 436 9.64 -48.79 -13.37
C ILE C 436 9.92 -47.52 -12.59
N VAL C 437 11.19 -47.16 -12.49
CA VAL C 437 11.62 -45.98 -11.74
C VAL C 437 12.51 -45.15 -12.64
N GLY C 438 12.25 -43.85 -12.71
CA GLY C 438 13.00 -42.94 -13.54
C GLY C 438 14.03 -42.16 -12.73
N ALA C 439 15.10 -41.75 -13.40
CA ALA C 439 16.16 -40.96 -12.78
C ALA C 439 16.69 -39.99 -13.86
N TYR C 440 15.94 -38.90 -14.06
CA TYR C 440 16.28 -37.96 -15.12
C TYR C 440 17.66 -37.35 -14.89
N GLY C 441 18.11 -37.27 -13.64
CA GLY C 441 19.43 -36.74 -13.37
C GLY C 441 20.52 -37.54 -14.04
N ALA C 442 20.35 -38.86 -14.13
CA ALA C 442 21.29 -39.74 -14.79
C ALA C 442 20.86 -40.13 -16.20
N ASN C 443 19.69 -39.68 -16.63
CA ASN C 443 19.18 -39.98 -17.98
C ASN C 443 18.99 -41.49 -18.16
N GLN C 444 18.36 -42.13 -17.17
CA GLN C 444 18.17 -43.57 -17.21
C GLN C 444 16.86 -43.93 -16.51
N VAL C 445 16.45 -45.18 -16.71
CA VAL C 445 15.26 -45.74 -16.10
C VAL C 445 15.60 -47.15 -15.63
N ALA C 446 15.21 -47.48 -14.40
CA ALA C 446 15.47 -48.78 -13.81
C ALA C 446 14.15 -49.54 -13.65
N VAL C 447 14.16 -50.81 -14.02
CA VAL C 447 12.96 -51.65 -13.99
C VAL C 447 13.17 -52.74 -12.94
N TYR C 448 12.18 -52.90 -12.05
CA TYR C 448 12.23 -53.90 -10.99
C TYR C 448 11.15 -54.94 -11.24
N ARG C 449 11.57 -56.18 -11.45
CA ARG C 449 10.65 -57.28 -11.70
C ARG C 449 10.24 -57.95 -10.40
N ALA C 450 8.93 -58.10 -10.21
CA ALA C 450 8.42 -58.78 -9.03
C ALA C 450 8.55 -60.29 -9.22
N GLN C 451 9.14 -60.95 -8.23
CA GLN C 451 9.37 -62.37 -8.30
C GLN C 451 8.30 -63.15 -7.55
N PRO C 452 8.08 -64.42 -7.88
CA PRO C 452 7.04 -65.20 -7.20
C PRO C 452 7.31 -65.32 -5.71
N VAL C 453 6.24 -65.27 -4.92
CA VAL C 453 6.34 -65.45 -3.48
C VAL C 453 6.24 -66.93 -3.15
N GLY D 1 24.82 -49.17 60.51
CA GLY D 1 25.51 -50.48 60.29
C GLY D 1 25.26 -51.04 58.91
N PRO D 2 24.09 -51.64 58.69
CA PRO D 2 23.78 -52.21 57.38
C PRO D 2 23.31 -51.15 56.40
N ASN D 3 23.61 -51.39 55.12
CA ASN D 3 23.24 -50.47 54.06
C ASN D 3 23.53 -51.16 52.72
N ILE D 4 23.19 -50.44 51.63
CA ILE D 4 23.40 -50.98 50.29
C ILE D 4 24.87 -51.18 49.97
N CYS D 5 25.77 -50.51 50.70
CA CYS D 5 27.20 -50.64 50.42
C CYS D 5 27.72 -52.01 50.87
N THR D 6 27.26 -52.49 52.02
CA THR D 6 27.72 -53.77 52.55
C THR D 6 26.91 -54.95 52.03
N THR D 7 25.59 -54.81 52.02
CA THR D 7 24.72 -55.92 51.63
C THR D 7 24.90 -56.32 50.17
N ARG D 8 25.52 -55.47 49.35
CA ARG D 8 25.73 -55.82 47.95
C ARG D 8 26.72 -56.96 47.79
N GLY D 9 27.72 -57.05 48.67
CA GLY D 9 28.75 -58.06 48.55
C GLY D 9 29.59 -57.87 47.31
N VAL D 10 30.32 -56.76 47.26
CA VAL D 10 31.08 -56.40 46.07
C VAL D 10 32.38 -57.19 46.02
N SER D 11 32.90 -57.38 44.80
CA SER D 11 34.13 -58.12 44.58
C SER D 11 35.34 -57.22 44.34
N SER D 12 35.13 -55.93 44.12
CA SER D 12 36.22 -55.03 43.76
C SER D 12 35.92 -53.63 44.25
N CYS D 13 36.98 -52.81 44.32
CA CYS D 13 36.81 -51.40 44.67
C CYS D 13 36.02 -50.68 43.58
N GLN D 14 36.31 -50.98 42.32
CA GLN D 14 35.55 -50.38 41.21
C GLN D 14 34.07 -50.71 41.33
N GLN D 15 33.76 -51.93 41.77
CA GLN D 15 32.37 -52.33 41.93
C GLN D 15 31.72 -51.65 43.13
N CYS D 16 32.51 -51.33 44.16
CA CYS D 16 31.97 -50.68 45.34
C CYS D 16 31.48 -49.27 45.03
N LEU D 17 32.30 -48.49 44.33
CA LEU D 17 31.88 -47.14 43.95
C LEU D 17 30.70 -47.16 43.01
N ALA D 18 30.56 -48.23 42.21
CA ALA D 18 29.45 -48.34 41.27
C ALA D 18 28.13 -48.58 41.98
N VAL D 19 28.15 -49.02 43.25
CA VAL D 19 26.92 -49.23 43.99
C VAL D 19 26.18 -47.91 44.16
N SER D 20 26.88 -46.90 44.69
CA SER D 20 26.25 -45.62 44.98
C SER D 20 27.31 -44.56 45.21
N PRO D 21 27.01 -43.27 44.98
CA PRO D 21 27.97 -42.22 45.33
C PRO D 21 28.25 -42.13 46.82
N MET D 22 27.46 -42.81 47.64
CA MET D 22 27.57 -42.75 49.09
C MET D 22 28.60 -43.72 49.65
N CYS D 23 28.92 -44.79 48.91
CA CYS D 23 29.79 -45.84 49.43
C CYS D 23 31.25 -45.44 49.33
N ALA D 24 32.07 -46.08 50.16
CA ALA D 24 33.51 -45.92 50.16
C ALA D 24 34.17 -47.30 50.19
N TRP D 25 35.49 -47.31 50.05
CA TRP D 25 36.26 -48.55 50.01
C TRP D 25 37.49 -48.43 50.90
N CYS D 26 37.79 -49.51 51.61
CA CYS D 26 38.97 -49.60 52.47
C CYS D 26 39.90 -50.66 51.89
N SER D 27 41.10 -50.24 51.48
CA SER D 27 42.08 -51.14 50.87
C SER D 27 43.15 -51.59 51.87
N ASP D 28 42.95 -51.36 53.15
CA ASP D 28 43.94 -51.72 54.14
C ASP D 28 44.13 -53.24 54.18
N GLU D 29 45.39 -53.67 54.05
CA GLU D 29 45.68 -55.11 54.09
C GLU D 29 45.45 -55.68 55.48
N ALA D 30 45.59 -54.87 56.52
CA ALA D 30 45.45 -55.32 57.91
C ALA D 30 44.05 -55.05 58.44
N LEU D 31 43.04 -55.41 57.64
CA LEU D 31 41.65 -55.22 58.06
C LEU D 31 41.11 -56.50 58.70
N PRO D 32 40.27 -56.39 59.73
CA PRO D 32 39.63 -57.59 60.28
C PRO D 32 38.88 -58.35 59.19
N LEU D 33 38.96 -59.68 59.26
CA LEU D 33 38.27 -60.51 58.28
C LEU D 33 36.77 -60.32 58.36
N GLY D 34 36.21 -60.39 59.57
CA GLY D 34 34.79 -60.16 59.77
C GLY D 34 34.44 -58.69 59.68
N SER D 35 34.71 -58.08 58.53
CA SER D 35 34.45 -56.66 58.35
C SER D 35 34.29 -56.35 56.86
N PRO D 36 33.29 -55.57 56.46
CA PRO D 36 33.13 -55.26 55.03
C PRO D 36 34.07 -54.17 54.58
N ARG D 37 34.53 -54.30 53.34
CA ARG D 37 35.38 -53.29 52.74
C ARG D 37 34.62 -52.19 52.02
N CYS D 38 33.31 -52.39 51.78
CA CYS D 38 32.47 -51.43 51.08
C CYS D 38 31.40 -50.93 52.04
N ASP D 39 31.56 -49.69 52.50
CA ASP D 39 30.62 -49.10 53.46
C ASP D 39 30.79 -47.59 53.42
N LEU D 40 29.98 -46.90 54.23
CA LEU D 40 30.12 -45.46 54.36
C LEU D 40 31.50 -45.12 54.91
N LYS D 41 31.98 -43.91 54.59
CA LYS D 41 33.32 -43.54 55.02
C LYS D 41 33.46 -43.57 56.54
N GLU D 42 32.40 -43.20 57.26
CA GLU D 42 32.46 -43.20 58.72
C GLU D 42 32.65 -44.61 59.26
N ASN D 43 31.79 -45.55 58.83
CA ASN D 43 31.86 -46.91 59.34
C ASN D 43 33.22 -47.53 59.10
N LEU D 44 33.90 -47.15 58.00
CA LEU D 44 35.22 -47.70 57.74
C LEU D 44 36.25 -47.13 58.70
N LEU D 45 36.16 -45.83 59.00
CA LEU D 45 37.07 -45.22 59.96
C LEU D 45 36.86 -45.76 61.37
N LYS D 46 35.68 -46.30 61.67
CA LYS D 46 35.45 -46.90 62.98
C LYS D 46 36.27 -48.17 63.16
N ASP D 47 36.45 -48.94 62.08
CA ASP D 47 37.19 -50.19 62.15
C ASP D 47 38.69 -49.97 61.96
N ASN D 48 39.19 -48.81 62.38
CA ASN D 48 40.62 -48.52 62.36
C ASN D 48 41.21 -48.61 60.96
N CYS D 49 40.39 -48.46 59.92
CA CYS D 49 40.92 -48.48 58.56
C CYS D 49 41.85 -47.30 58.35
N ALA D 50 43.05 -47.57 57.84
CA ALA D 50 44.04 -46.54 57.62
C ALA D 50 43.43 -45.40 56.81
N PRO D 51 43.32 -44.19 57.38
CA PRO D 51 42.68 -43.10 56.62
C PRO D 51 43.23 -42.93 55.21
N GLU D 52 44.56 -42.98 55.05
CA GLU D 52 45.15 -42.83 53.72
C GLU D 52 44.76 -43.98 52.79
N SER D 53 44.41 -45.14 53.34
CA SER D 53 44.03 -46.30 52.54
C SER D 53 42.54 -46.32 52.20
N ILE D 54 41.85 -45.20 52.33
CA ILE D 54 40.42 -45.11 52.05
C ILE D 54 40.23 -44.47 50.69
N GLU D 55 39.39 -45.08 49.86
CA GLU D 55 39.05 -44.55 48.55
C GLU D 55 37.61 -44.03 48.60
N PHE D 56 37.44 -42.75 48.29
CA PHE D 56 36.12 -42.13 48.31
C PHE D 56 36.11 -40.87 47.47
N PRO D 57 35.98 -40.98 46.15
CA PRO D 57 35.98 -39.79 45.31
C PRO D 57 34.74 -38.96 45.49
N VAL D 58 34.88 -37.65 45.27
CA VAL D 58 33.80 -36.68 45.47
C VAL D 58 33.56 -35.98 44.13
N SER D 59 32.31 -35.98 43.70
CA SER D 59 31.93 -35.21 42.51
C SER D 59 32.10 -33.73 42.80
N GLU D 60 32.90 -33.04 41.99
CA GLU D 60 33.22 -31.65 42.23
C GLU D 60 33.19 -30.88 40.92
N ALA D 61 33.05 -29.56 41.04
CA ALA D 61 33.11 -28.64 39.91
C ALA D 61 34.19 -27.60 40.20
N ARG D 62 35.05 -27.34 39.23
CA ARG D 62 36.18 -26.44 39.40
C ARG D 62 36.28 -25.53 38.19
N VAL D 63 36.48 -24.24 38.45
CA VAL D 63 36.56 -23.23 37.40
C VAL D 63 38.00 -23.10 36.93
N LEU D 64 38.21 -23.14 35.62
CA LEU D 64 39.53 -22.96 35.02
C LEU D 64 39.72 -21.56 34.46
N GLU D 65 38.79 -21.10 33.64
CA GLU D 65 38.81 -19.76 33.07
C GLU D 65 37.62 -18.98 33.63
N ASP D 66 37.89 -17.79 34.15
CA ASP D 66 36.86 -16.99 34.81
C ASP D 66 37.12 -15.51 34.55
N ARG D 67 37.06 -15.11 33.28
CA ARG D 67 37.20 -13.71 32.94
C ARG D 67 35.90 -12.96 33.29
N PRO D 68 36.00 -11.67 33.65
CA PRO D 68 34.79 -10.92 33.99
C PRO D 68 33.98 -10.54 32.75
N LEU D 69 32.68 -10.45 32.94
CA LEU D 69 31.79 -9.99 31.88
C LEU D 69 32.12 -8.55 31.51
N SER D 70 32.43 -8.32 30.24
CA SER D 70 32.80 -6.98 29.79
C SER D 70 31.61 -6.03 29.91
N ASP D 71 31.92 -4.77 30.18
CA ASP D 71 30.87 -3.75 30.32
C ASP D 71 30.48 -3.18 28.95
N LYS D 72 31.46 -2.92 28.10
CA LYS D 72 31.22 -2.33 26.79
C LYS D 72 31.65 -3.31 25.71
N GLY D 73 30.99 -3.22 24.55
CA GLY D 73 31.30 -4.07 23.42
C GLY D 73 32.24 -3.47 22.41
N SER D 74 32.75 -2.26 22.65
CA SER D 74 33.67 -1.61 21.72
C SER D 74 35.09 -2.13 21.93
N GLY D 75 36.04 -1.54 21.22
CA GLY D 75 37.42 -1.94 21.32
C GLY D 75 37.75 -3.19 20.53
N ASP D 76 38.60 -4.05 21.07
CA ASP D 76 38.96 -5.28 20.40
C ASP D 76 37.90 -6.35 20.62
N SER D 77 37.58 -7.08 19.55
CA SER D 77 36.59 -8.14 19.65
C SER D 77 37.11 -9.32 20.45
N SER D 78 38.43 -9.54 20.44
CA SER D 78 39.01 -10.64 21.20
C SER D 78 38.93 -10.41 22.70
N GLN D 79 38.72 -9.18 23.14
CA GLN D 79 38.63 -8.86 24.56
C GLN D 79 37.21 -8.95 25.10
N VAL D 80 36.19 -9.02 24.23
CA VAL D 80 34.82 -9.07 24.68
C VAL D 80 34.56 -10.40 25.38
N THR D 81 33.75 -10.36 26.44
CA THR D 81 33.35 -11.56 27.17
C THR D 81 31.87 -11.43 27.51
N GLN D 82 31.05 -12.30 26.92
CA GLN D 82 29.62 -12.30 27.14
C GLN D 82 29.16 -13.41 28.08
N VAL D 83 29.99 -14.43 28.29
CA VAL D 83 29.63 -15.59 29.09
C VAL D 83 30.65 -15.73 30.22
N SER D 84 30.16 -16.16 31.39
CA SER D 84 31.03 -16.41 32.52
C SER D 84 30.46 -17.54 33.39
N PRO D 85 31.28 -18.55 33.72
CA PRO D 85 32.68 -18.76 33.33
C PRO D 85 32.82 -19.28 31.91
N GLN D 86 34.06 -19.32 31.39
CA GLN D 86 34.32 -19.81 30.05
C GLN D 86 34.75 -21.27 30.01
N ARG D 87 35.27 -21.81 31.12
CA ARG D 87 35.76 -23.17 31.15
C ARG D 87 35.75 -23.68 32.59
N ILE D 88 35.12 -24.83 32.80
CA ILE D 88 35.08 -25.48 34.11
C ILE D 88 35.44 -26.94 33.94
N ALA D 89 35.95 -27.54 35.02
CA ALA D 89 36.31 -28.96 35.04
C ALA D 89 35.34 -29.68 35.96
N LEU D 90 34.54 -30.57 35.37
CA LEU D 90 33.53 -31.31 36.10
C LEU D 90 33.99 -32.74 36.33
N ARG D 91 33.83 -33.22 37.57
CA ARG D 91 34.17 -34.59 37.94
C ARG D 91 32.92 -35.28 38.46
N LEU D 92 32.68 -36.51 38.01
CA LEU D 92 31.48 -37.24 38.37
C LEU D 92 31.81 -38.71 38.57
N ARG D 93 31.41 -39.25 39.71
CA ARG D 93 31.48 -40.69 39.93
C ARG D 93 30.15 -41.34 39.55
N PRO D 94 30.14 -42.66 39.36
CA PRO D 94 28.94 -43.31 38.80
C PRO D 94 27.65 -42.91 39.50
N ASP D 95 26.64 -42.60 38.69
CA ASP D 95 25.28 -42.32 39.13
C ASP D 95 25.19 -41.10 40.03
N ASP D 96 26.24 -40.28 40.12
CA ASP D 96 26.21 -39.08 40.93
C ASP D 96 25.72 -37.90 40.09
N SER D 97 25.69 -36.72 40.70
CA SER D 97 25.27 -35.52 40.00
C SER D 97 25.80 -34.30 40.73
N LYS D 98 26.49 -33.42 40.00
CA LYS D 98 26.99 -32.16 40.54
C LYS D 98 26.40 -31.02 39.73
N ASN D 99 26.44 -29.82 40.31
CA ASN D 99 25.84 -28.65 39.68
C ASN D 99 26.84 -27.50 39.61
N PHE D 100 26.62 -26.63 38.62
CA PHE D 100 27.42 -25.43 38.43
C PHE D 100 26.49 -24.32 37.95
N SER D 101 27.07 -23.17 37.61
CA SER D 101 26.28 -22.02 37.19
C SER D 101 26.96 -21.33 36.02
N ILE D 102 26.19 -20.53 35.29
CA ILE D 102 26.68 -19.77 34.16
C ILE D 102 25.99 -18.42 34.13
N GLN D 103 26.71 -17.39 33.70
CA GLN D 103 26.18 -16.04 33.57
C GLN D 103 26.30 -15.58 32.13
N VAL D 104 25.23 -14.99 31.62
CA VAL D 104 25.18 -14.47 30.26
C VAL D 104 24.70 -13.03 30.30
N ARG D 105 25.24 -12.22 29.39
CA ARG D 105 24.95 -10.80 29.37
C ARG D 105 24.85 -10.32 27.93
N GLN D 106 23.80 -9.54 27.64
CA GLN D 106 23.71 -8.82 26.37
C GLN D 106 24.61 -7.59 26.48
N VAL D 107 25.87 -7.77 26.08
CA VAL D 107 26.86 -6.72 26.25
C VAL D 107 26.40 -5.45 25.53
N GLU D 108 26.55 -4.31 26.21
CA GLU D 108 26.15 -3.04 25.65
C GLU D 108 27.17 -2.56 24.62
N ASP D 109 26.67 -1.85 23.61
CA ASP D 109 27.52 -1.28 22.56
C ASP D 109 28.26 -2.38 21.79
N TYR D 110 27.49 -3.31 21.25
CA TYR D 110 28.05 -4.40 20.47
C TYR D 110 27.96 -4.08 18.98
N PRO D 111 29.02 -4.29 18.19
CA PRO D 111 28.95 -3.97 16.77
C PRO D 111 27.76 -4.64 16.11
N VAL D 112 27.27 -4.03 15.02
CA VAL D 112 26.09 -4.51 14.32
C VAL D 112 26.31 -4.38 12.82
N ASP D 113 25.81 -5.35 12.08
CA ASP D 113 25.80 -5.34 10.62
C ASP D 113 24.35 -5.43 10.15
N ILE D 114 23.94 -4.49 9.31
CA ILE D 114 22.59 -4.47 8.76
C ILE D 114 22.70 -4.52 7.25
N TYR D 115 22.09 -5.53 6.65
CA TYR D 115 22.03 -5.66 5.19
C TYR D 115 20.59 -5.46 4.75
N TYR D 116 20.37 -4.44 3.93
CA TYR D 116 19.04 -4.07 3.48
C TYR D 116 18.73 -4.82 2.20
N LEU D 117 17.76 -5.73 2.27
CA LEU D 117 17.32 -6.53 1.13
C LEU D 117 15.95 -6.02 0.69
N MET D 118 15.89 -5.46 -0.51
CA MET D 118 14.74 -4.67 -0.94
C MET D 118 14.03 -5.32 -2.13
N ASP D 119 12.72 -5.48 -2.00
CA ASP D 119 11.88 -5.87 -3.13
C ASP D 119 11.77 -4.70 -4.09
N LEU D 120 12.20 -4.91 -5.34
CA LEU D 120 12.11 -3.88 -6.38
C LEU D 120 11.18 -4.32 -7.50
N SER D 121 10.17 -5.12 -7.18
CA SER D 121 9.11 -5.37 -8.13
C SER D 121 8.28 -4.09 -8.33
N TYR D 122 7.46 -4.08 -9.38
CA TYR D 122 6.75 -2.86 -9.75
C TYR D 122 5.87 -2.34 -8.62
N SER D 123 5.51 -3.17 -7.67
CA SER D 123 4.68 -2.75 -6.54
C SER D 123 5.49 -2.05 -5.44
N MET D 124 6.76 -1.70 -5.70
CA MET D 124 7.61 -1.07 -4.70
C MET D 124 8.25 0.21 -5.21
N LYS D 125 7.69 0.82 -6.25
CA LYS D 125 8.27 2.06 -6.78
C LYS D 125 8.06 3.23 -5.82
N ASP D 126 6.87 3.32 -5.23
CA ASP D 126 6.61 4.36 -4.25
C ASP D 126 7.47 4.21 -3.00
N ASP D 127 7.98 3.01 -2.74
CA ASP D 127 8.77 2.80 -1.53
C ASP D 127 10.17 3.40 -1.65
N LEU D 128 10.71 3.46 -2.87
CA LEU D 128 12.08 3.95 -3.05
C LEU D 128 12.23 5.39 -2.57
N TRP D 129 11.16 6.18 -2.64
CA TRP D 129 11.25 7.60 -2.35
C TRP D 129 11.39 7.87 -0.85
N SER D 130 11.04 6.91 0.00
CA SER D 130 11.10 7.11 1.44
C SER D 130 12.47 6.80 2.04
N ILE D 131 13.30 6.04 1.33
CA ILE D 131 14.58 5.58 1.87
C ILE D 131 15.75 6.30 1.19
N GLN D 132 15.48 7.44 0.53
CA GLN D 132 16.54 8.12 -0.21
C GLN D 132 17.68 8.55 0.71
N ASN D 133 17.38 8.82 1.98
CA ASN D 133 18.39 9.19 2.96
C ASN D 133 18.40 8.21 4.14
N LEU D 134 17.98 6.96 3.88
CA LEU D 134 17.90 5.97 4.96
C LEU D 134 19.26 5.71 5.59
N GLY D 135 20.32 5.64 4.77
CA GLY D 135 21.64 5.38 5.30
C GLY D 135 22.03 6.37 6.38
N THR D 136 21.89 7.66 6.10
CA THR D 136 22.23 8.67 7.09
C THR D 136 21.30 8.60 8.30
N LYS D 137 19.99 8.58 8.04
CA LYS D 137 19.02 8.57 9.14
C LYS D 137 19.13 7.28 9.96
N LEU D 138 19.36 6.15 9.30
CA LEU D 138 19.50 4.88 10.01
C LEU D 138 20.75 4.87 10.87
N ALA D 139 21.83 5.47 10.38
CA ALA D 139 23.06 5.55 11.17
C ALA D 139 22.87 6.38 12.42
N THR D 140 22.01 7.41 12.35
CA THR D 140 21.79 8.28 13.50
C THR D 140 21.25 7.48 14.68
N GLN D 141 20.12 6.81 14.49
CA GLN D 141 19.45 6.15 15.60
C GLN D 141 20.24 4.95 16.12
N MET D 142 21.04 4.32 15.26
CA MET D 142 21.86 3.20 15.71
C MET D 142 23.11 3.67 16.45
N ARG D 143 23.56 4.91 16.23
CA ARG D 143 24.69 5.44 16.99
C ARG D 143 24.40 5.45 18.48
N LYS D 144 23.13 5.66 18.85
CA LYS D 144 22.76 5.60 20.26
C LYS D 144 23.06 4.24 20.87
N LEU D 145 22.87 3.18 20.08
CA LEU D 145 23.01 1.82 20.59
C LEU D 145 24.40 1.25 20.38
N THR D 146 25.08 1.60 19.29
CA THR D 146 26.35 0.97 18.95
C THR D 146 27.31 2.00 18.38
N SER D 147 28.60 1.68 18.48
CA SER D 147 29.66 2.50 17.90
C SER D 147 30.19 1.95 16.59
N ASN D 148 30.19 0.63 16.41
CA ASN D 148 30.68 -0.01 15.20
C ASN D 148 29.48 -0.46 14.38
N LEU D 149 29.04 0.39 13.46
CA LEU D 149 27.95 0.08 12.56
C LEU D 149 28.47 -0.09 11.13
N ARG D 150 27.82 -0.99 10.39
CA ARG D 150 28.08 -1.17 8.98
C ARG D 150 26.76 -1.52 8.30
N ILE D 151 26.55 -0.98 7.10
CA ILE D 151 25.30 -1.18 6.38
C ILE D 151 25.61 -1.48 4.92
N GLY D 152 24.73 -2.27 4.29
CA GLY D 152 24.86 -2.64 2.90
C GLY D 152 23.48 -2.77 2.29
N PHE D 153 23.45 -2.90 0.96
CA PHE D 153 22.20 -2.86 0.23
C PHE D 153 22.18 -3.95 -0.85
N GLY D 154 20.98 -4.49 -1.07
CA GLY D 154 20.77 -5.45 -2.14
C GLY D 154 19.31 -5.50 -2.48
N ALA D 155 19.01 -5.88 -3.72
CA ALA D 155 17.63 -5.86 -4.22
C ALA D 155 17.33 -7.14 -4.97
N PHE D 156 16.05 -7.39 -5.17
CA PHE D 156 15.59 -8.59 -5.85
C PHE D 156 14.27 -8.29 -6.55
N VAL D 157 13.88 -9.20 -7.45
CA VAL D 157 12.57 -9.16 -8.07
C VAL D 157 12.01 -10.57 -8.14
N ASP D 158 12.44 -11.33 -9.14
CA ASP D 158 12.02 -12.72 -9.33
C ASP D 158 12.93 -13.31 -10.40
N LYS D 159 12.71 -14.57 -10.72
CA LYS D 159 13.58 -15.27 -11.65
C LYS D 159 13.42 -14.72 -13.06
N PRO D 160 14.47 -14.19 -13.71
CA PRO D 160 14.31 -13.61 -15.05
C PRO D 160 14.05 -14.67 -16.12
N VAL D 161 12.83 -15.20 -16.15
CA VAL D 161 12.46 -16.24 -17.10
C VAL D 161 10.95 -16.32 -17.14
N SER D 162 10.42 -16.73 -18.29
CA SER D 162 8.98 -16.95 -18.42
C SER D 162 8.54 -18.08 -17.50
N PRO D 163 7.31 -18.02 -16.97
CA PRO D 163 6.28 -17.00 -17.16
C PRO D 163 6.38 -15.81 -16.21
N TYR D 164 7.36 -15.84 -15.29
CA TYR D 164 7.52 -14.74 -14.37
C TYR D 164 7.86 -13.45 -15.10
N MET D 165 8.64 -13.55 -16.17
CA MET D 165 9.15 -12.39 -16.89
C MET D 165 8.36 -12.15 -18.17
N TYR D 166 8.22 -10.88 -18.53
CA TYR D 166 7.63 -10.50 -19.81
C TYR D 166 8.69 -10.68 -20.89
N ILE D 167 8.36 -11.46 -21.92
CA ILE D 167 9.32 -11.83 -22.95
C ILE D 167 8.90 -11.33 -24.33
N SER D 168 7.86 -10.52 -24.42
CA SER D 168 7.43 -10.00 -25.71
C SER D 168 6.71 -8.65 -25.55
N PRO D 169 6.92 -7.73 -26.51
CA PRO D 169 7.85 -7.81 -27.65
C PRO D 169 9.31 -7.69 -27.22
N PRO D 170 10.23 -7.73 -28.18
CA PRO D 170 11.66 -7.55 -27.83
C PRO D 170 11.91 -6.31 -27.00
N GLU D 171 11.05 -5.30 -27.12
CA GLU D 171 11.18 -4.10 -26.30
C GLU D 171 10.96 -4.39 -24.83
N ALA D 172 10.14 -5.40 -24.51
CA ALA D 172 9.80 -5.69 -23.12
C ALA D 172 10.96 -6.30 -22.35
N LEU D 173 11.97 -6.82 -23.04
CA LEU D 173 13.14 -7.37 -22.35
C LEU D 173 14.07 -6.26 -21.87
N GLU D 174 14.14 -5.16 -22.61
CA GLU D 174 14.93 -4.01 -22.19
C GLU D 174 14.15 -3.01 -21.35
N ASN D 175 12.82 -3.06 -21.42
CA ASN D 175 11.98 -2.12 -20.69
C ASN D 175 10.65 -2.80 -20.38
N PRO D 176 10.58 -3.56 -19.28
CA PRO D 176 9.33 -4.26 -18.95
C PRO D 176 8.12 -3.35 -18.90
N CYS D 177 8.33 -2.06 -18.71
CA CYS D 177 7.25 -1.06 -18.65
C CYS D 177 7.04 -0.39 -20.00
N TYR D 178 7.16 -1.15 -21.09
CA TYR D 178 7.04 -0.56 -22.42
C TYR D 178 5.60 -0.19 -22.72
N ASP D 179 4.65 -1.10 -22.45
CA ASP D 179 3.25 -0.86 -22.76
C ASP D 179 2.64 0.19 -21.85
N MET D 180 3.37 0.61 -20.82
CA MET D 180 2.98 1.73 -19.99
C MET D 180 3.81 2.95 -20.38
N LYS D 181 3.23 4.13 -20.17
CA LYS D 181 3.89 5.37 -20.58
C LYS D 181 5.03 5.72 -19.64
N THR D 182 6.01 4.82 -19.50
CA THR D 182 7.12 5.03 -18.58
C THR D 182 8.23 4.04 -18.93
N THR D 183 9.23 3.97 -18.06
CA THR D 183 10.38 3.10 -18.25
C THR D 183 10.79 2.51 -16.90
N CYS D 184 11.29 1.28 -16.94
CA CYS D 184 11.82 0.62 -15.75
C CYS D 184 12.97 -0.28 -16.16
N LEU D 185 13.67 -0.81 -15.16
CA LEU D 185 14.87 -1.59 -15.42
C LEU D 185 14.52 -2.95 -16.02
N PRO D 186 15.47 -3.59 -16.68
CA PRO D 186 15.28 -4.99 -17.08
C PRO D 186 15.14 -5.87 -15.84
N MET D 187 14.51 -7.02 -16.03
N MET D 187 14.51 -7.03 -16.05
CA MET D 187 14.25 -7.90 -14.89
CA MET D 187 14.28 -7.98 -14.97
C MET D 187 15.55 -8.56 -14.44
C MET D 187 15.61 -8.51 -14.43
N PHE D 188 15.62 -8.83 -13.14
CA PHE D 188 16.81 -9.42 -12.53
C PHE D 188 16.39 -10.21 -11.29
N GLY D 189 17.07 -11.32 -11.06
CA GLY D 189 16.77 -12.17 -9.92
C GLY D 189 17.21 -11.56 -8.60
N TYR D 190 18.53 -11.38 -8.44
CA TYR D 190 19.08 -10.77 -7.23
C TYR D 190 20.43 -10.17 -7.59
N LYS D 191 20.66 -8.93 -7.16
CA LYS D 191 21.91 -8.24 -7.40
C LYS D 191 22.41 -7.64 -6.10
N HIS D 192 23.69 -7.83 -5.82
CA HIS D 192 24.32 -7.24 -4.65
C HIS D 192 24.84 -5.85 -5.00
N VAL D 193 24.37 -4.84 -4.28
CA VAL D 193 24.68 -3.45 -4.62
C VAL D 193 25.87 -2.97 -3.82
N LEU D 194 25.75 -2.96 -2.49
CA LEU D 194 26.74 -2.34 -1.61
C LEU D 194 27.15 -3.31 -0.52
N THR D 195 28.43 -3.62 -0.45
CA THR D 195 28.97 -4.40 0.66
C THR D 195 28.85 -3.61 1.96
N LEU D 196 28.71 -4.33 3.07
CA LEU D 196 28.67 -3.71 4.38
C LEU D 196 29.87 -2.80 4.57
N THR D 197 29.61 -1.54 4.89
CA THR D 197 30.67 -0.56 5.08
C THR D 197 30.25 0.43 6.16
N ASP D 198 31.25 1.08 6.75
CA ASP D 198 31.00 2.10 7.77
C ASP D 198 30.77 3.48 7.17
N GLN D 199 31.02 3.66 5.87
CA GLN D 199 30.77 4.94 5.20
C GLN D 199 29.30 4.97 4.78
N VAL D 200 28.46 5.51 5.67
CA VAL D 200 27.02 5.48 5.44
C VAL D 200 26.58 6.39 4.30
N THR D 201 27.45 7.29 3.84
CA THR D 201 27.11 8.13 2.69
C THR D 201 27.07 7.31 1.41
N ARG D 202 27.90 6.27 1.31
CA ARG D 202 27.84 5.39 0.16
C ARG D 202 26.47 4.72 0.04
N PHE D 203 25.84 4.42 1.17
CA PHE D 203 24.50 3.85 1.15
C PHE D 203 23.53 4.78 0.44
N ASN D 204 23.53 6.06 0.80
CA ASN D 204 22.63 7.03 0.17
C ASN D 204 22.95 7.20 -1.30
N GLU D 205 24.24 7.21 -1.66
CA GLU D 205 24.62 7.39 -3.06
C GLU D 205 24.03 6.28 -3.92
N GLU D 206 24.09 5.03 -3.45
CA GLU D 206 23.64 3.91 -4.27
C GLU D 206 22.12 3.78 -4.29
N VAL D 207 21.45 4.12 -3.19
CA VAL D 207 19.99 4.03 -3.15
C VAL D 207 19.37 4.97 -4.19
N LYS D 208 19.98 6.14 -4.39
CA LYS D 208 19.42 7.09 -5.35
C LYS D 208 19.51 6.58 -6.78
N LYS D 209 20.54 5.79 -7.09
CA LYS D 209 20.69 5.23 -8.43
C LYS D 209 19.76 4.05 -8.70
N GLN D 210 18.95 3.66 -7.73
CA GLN D 210 18.10 2.48 -7.88
C GLN D 210 16.77 2.83 -8.54
N SER D 211 16.16 1.81 -9.12
CA SER D 211 14.85 1.92 -9.75
C SER D 211 14.24 0.53 -9.83
N VAL D 212 12.91 0.49 -9.91
CA VAL D 212 12.19 -0.78 -9.86
C VAL D 212 12.24 -1.46 -11.22
N SER D 213 11.78 -2.71 -11.27
CA SER D 213 11.53 -3.41 -12.51
C SER D 213 10.07 -3.85 -12.54
N ARG D 214 9.76 -4.92 -13.27
CA ARG D 214 8.37 -5.37 -13.35
C ARG D 214 8.35 -6.83 -13.79
N ASN D 215 7.47 -7.61 -13.16
CA ASN D 215 7.26 -8.99 -13.53
C ASN D 215 5.77 -9.26 -13.56
N ARG D 216 5.39 -10.52 -13.78
CA ARG D 216 4.01 -10.89 -14.05
C ARG D 216 3.27 -11.35 -12.79
N ASP D 217 3.82 -12.32 -12.06
CA ASP D 217 3.10 -12.97 -10.98
C ASP D 217 3.32 -12.25 -9.65
N ALA D 218 2.27 -12.24 -8.82
CA ALA D 218 2.34 -11.54 -7.54
C ALA D 218 3.46 -12.07 -6.65
N PRO D 219 3.59 -13.38 -6.42
CA PRO D 219 4.68 -13.84 -5.55
C PRO D 219 6.03 -13.55 -6.19
N GLU D 220 6.99 -13.17 -5.35
CA GLU D 220 8.29 -12.72 -5.82
C GLU D 220 9.37 -13.69 -5.37
N GLY D 221 10.52 -13.62 -6.05
CA GLY D 221 11.64 -14.48 -5.73
C GLY D 221 12.55 -13.87 -4.69
N GLY D 222 12.04 -13.65 -3.49
CA GLY D 222 12.83 -13.04 -2.44
C GLY D 222 13.69 -14.03 -1.68
N PHE D 223 13.22 -15.26 -1.52
CA PHE D 223 13.98 -16.26 -0.77
C PHE D 223 15.30 -16.58 -1.46
N ASP D 224 15.34 -16.54 -2.79
CA ASP D 224 16.60 -16.70 -3.50
C ASP D 224 17.61 -15.65 -3.03
N ALA D 225 17.14 -14.45 -2.73
CA ALA D 225 18.03 -13.38 -2.31
C ALA D 225 18.47 -13.55 -0.85
N ILE D 226 17.55 -13.96 0.02
CA ILE D 226 17.92 -14.26 1.40
C ILE D 226 19.02 -15.30 1.44
N MET D 227 18.89 -16.36 0.64
CA MET D 227 19.89 -17.42 0.61
C MET D 227 21.26 -16.87 0.23
N GLN D 228 21.31 -16.12 -0.88
CA GLN D 228 22.59 -15.59 -1.35
C GLN D 228 23.16 -14.57 -0.38
N ALA D 229 22.31 -13.72 0.19
CA ALA D 229 22.76 -12.75 1.17
C ALA D 229 23.32 -13.42 2.42
N THR D 230 22.94 -14.67 2.67
CA THR D 230 23.41 -15.41 3.84
C THR D 230 24.73 -16.12 3.56
N VAL D 231 24.82 -16.84 2.44
CA VAL D 231 25.95 -17.72 2.19
C VAL D 231 27.13 -17.02 1.52
N CYS D 232 26.89 -15.91 0.82
CA CYS D 232 27.97 -15.17 0.17
C CYS D 232 28.66 -14.30 1.22
N ASP D 233 29.59 -14.91 1.94
CA ASP D 233 30.21 -14.24 3.09
C ASP D 233 31.06 -13.05 2.63
N GLU D 234 31.97 -13.28 1.69
CA GLU D 234 32.93 -12.24 1.33
C GLU D 234 32.25 -11.04 0.68
N LYS D 235 31.29 -11.29 -0.20
CA LYS D 235 30.64 -10.20 -0.92
C LYS D 235 29.78 -9.36 0.01
N ILE D 236 28.83 -10.00 0.70
CA ILE D 236 28.03 -9.28 1.68
C ILE D 236 28.93 -8.68 2.75
N GLY D 237 30.01 -9.37 3.10
CA GLY D 237 30.98 -8.84 4.05
C GLY D 237 30.51 -8.84 5.48
N TRP D 238 29.76 -9.87 5.89
CA TRP D 238 29.39 -10.00 7.29
C TRP D 238 30.66 -10.05 8.14
N ARG D 239 30.57 -9.49 9.34
CA ARG D 239 31.70 -9.43 10.26
C ARG D 239 31.62 -10.58 11.26
N ASN D 240 32.80 -11.03 11.71
CA ASN D 240 32.87 -12.17 12.63
C ASN D 240 32.16 -11.85 13.94
N ASP D 241 32.60 -10.79 14.61
CA ASP D 241 32.13 -10.46 15.96
C ASP D 241 31.18 -9.26 15.87
N ALA D 242 29.95 -9.53 15.44
CA ALA D 242 28.95 -8.49 15.33
C ALA D 242 27.58 -9.13 15.16
N SER D 243 26.55 -8.40 15.53
CA SER D 243 25.18 -8.86 15.34
C SER D 243 24.78 -8.68 13.88
N HIS D 244 24.25 -9.74 13.29
CA HIS D 244 23.94 -9.78 11.86
C HIS D 244 22.43 -9.66 11.69
N LEU D 245 21.98 -8.52 11.15
CA LEU D 245 20.58 -8.29 10.84
C LEU D 245 20.39 -8.33 9.33
N LEU D 246 19.37 -9.03 8.88
CA LEU D 246 19.01 -9.10 7.47
C LEU D 246 17.58 -8.59 7.33
N VAL D 247 17.43 -7.41 6.71
CA VAL D 247 16.14 -6.76 6.57
C VAL D 247 15.53 -7.19 5.23
N PHE D 248 14.41 -7.89 5.30
CA PHE D 248 13.71 -8.38 4.12
C PHE D 248 12.40 -7.62 3.98
N THR D 249 12.32 -6.76 2.97
CA THR D 249 11.15 -5.94 2.72
C THR D 249 10.43 -6.43 1.47
N THR D 250 9.11 -6.57 1.57
CA THR D 250 8.28 -6.90 0.43
C THR D 250 6.84 -6.57 0.77
N ASP D 251 5.98 -6.59 -0.25
CA ASP D 251 4.57 -6.27 -0.08
C ASP D 251 3.66 -7.36 -0.65
N ALA D 252 4.21 -8.51 -1.03
CA ALA D 252 3.43 -9.56 -1.67
C ALA D 252 3.90 -10.91 -1.16
N LYS D 253 3.28 -11.97 -1.68
CA LYS D 253 3.65 -13.34 -1.34
C LYS D 253 5.11 -13.61 -1.71
N THR D 254 5.59 -14.82 -1.42
CA THR D 254 6.94 -15.22 -1.74
C THR D 254 6.92 -16.57 -2.42
N HIS D 255 7.87 -16.77 -3.34
CA HIS D 255 8.05 -18.07 -3.97
C HIS D 255 8.84 -18.99 -3.07
N ILE D 256 8.41 -20.24 -2.99
CA ILE D 256 9.05 -21.23 -2.13
C ILE D 256 9.60 -22.37 -2.98
N ALA D 257 10.27 -23.33 -2.34
CA ALA D 257 10.83 -24.46 -3.05
C ALA D 257 9.74 -25.22 -3.81
N LEU D 258 10.12 -25.74 -4.97
CA LEU D 258 9.28 -26.51 -5.88
C LEU D 258 8.35 -25.61 -6.69
N ASP D 259 8.39 -24.30 -6.49
CA ASP D 259 7.64 -23.39 -7.36
C ASP D 259 8.33 -23.20 -8.70
N GLY D 260 9.65 -23.35 -8.75
CA GLY D 260 10.38 -23.10 -9.97
C GLY D 260 9.98 -24.00 -11.12
N ARG D 261 9.30 -25.11 -10.84
CA ARG D 261 8.93 -26.04 -11.90
C ARG D 261 8.00 -25.41 -12.92
N LEU D 262 7.32 -24.31 -12.57
CA LEU D 262 6.53 -23.58 -13.56
C LEU D 262 7.41 -22.83 -14.55
N ALA D 263 8.70 -22.69 -14.27
CA ALA D 263 9.65 -22.10 -15.20
C ALA D 263 10.60 -23.14 -15.78
N GLY D 264 10.31 -24.42 -15.59
CA GLY D 264 11.20 -25.48 -16.02
C GLY D 264 12.35 -25.76 -15.09
N ILE D 265 12.36 -25.15 -13.91
CA ILE D 265 13.46 -25.31 -12.97
C ILE D 265 13.10 -26.45 -12.01
N VAL D 266 13.89 -27.51 -12.04
CA VAL D 266 13.68 -28.66 -11.17
C VAL D 266 14.87 -28.95 -10.27
N GLN D 267 16.05 -28.41 -10.57
CA GLN D 267 17.21 -28.68 -9.74
C GLN D 267 17.01 -28.09 -8.35
N PRO D 268 17.20 -28.87 -7.28
CA PRO D 268 17.06 -28.31 -5.94
C PRO D 268 18.07 -27.20 -5.68
N ASN D 269 17.80 -26.42 -4.63
CA ASN D 269 18.72 -25.38 -4.21
C ASN D 269 19.87 -26.01 -3.43
N ASP D 270 21.11 -25.71 -3.84
CA ASP D 270 22.27 -26.29 -3.20
C ASP D 270 22.72 -25.52 -1.96
N GLY D 271 22.27 -24.27 -1.80
CA GLY D 271 22.68 -23.47 -0.66
C GLY D 271 24.08 -22.92 -0.75
N GLN D 272 24.65 -22.82 -1.94
CA GLN D 272 25.98 -22.29 -2.15
C GLN D 272 25.89 -20.90 -2.79
N CYS D 273 26.99 -20.16 -2.69
CA CYS D 273 27.04 -18.80 -3.22
C CYS D 273 27.26 -18.84 -4.73
N HIS D 274 26.43 -18.10 -5.46
CA HIS D 274 26.51 -18.01 -6.91
C HIS D 274 26.39 -16.56 -7.35
N VAL D 275 27.21 -15.69 -6.76
CA VAL D 275 27.25 -14.27 -7.09
C VAL D 275 28.68 -13.96 -7.52
N GLY D 276 28.88 -13.75 -8.81
CA GLY D 276 30.20 -13.48 -9.36
C GLY D 276 30.51 -12.02 -9.46
N SER D 277 31.54 -11.70 -10.24
CA SER D 277 32.02 -10.33 -10.36
C SER D 277 30.91 -9.38 -10.79
N ASP D 278 29.93 -9.87 -11.54
CA ASP D 278 28.80 -9.04 -11.97
C ASP D 278 27.80 -8.79 -10.86
N ASN D 279 28.03 -9.33 -9.65
CA ASN D 279 27.20 -9.07 -8.48
C ASN D 279 25.75 -9.51 -8.66
N HIS D 280 25.48 -10.37 -9.63
CA HIS D 280 24.14 -10.92 -9.83
C HIS D 280 24.12 -12.40 -9.47
N TYR D 281 22.95 -12.86 -9.02
CA TYR D 281 22.73 -14.27 -8.71
C TYR D 281 22.63 -15.03 -10.02
N SER D 282 23.71 -15.74 -10.38
CA SER D 282 23.80 -16.35 -11.70
C SER D 282 22.88 -17.56 -11.83
N ALA D 283 22.68 -18.31 -10.74
CA ALA D 283 21.87 -19.52 -10.76
C ALA D 283 20.38 -19.23 -10.62
N SER D 284 19.94 -18.03 -10.99
CA SER D 284 18.53 -17.68 -10.81
C SER D 284 17.64 -18.47 -11.76
N THR D 285 18.09 -18.69 -12.99
CA THR D 285 17.30 -19.34 -14.02
C THR D 285 17.63 -20.83 -14.15
N THR D 286 18.43 -21.39 -13.25
CA THR D 286 18.85 -22.78 -13.34
C THR D 286 18.72 -23.53 -12.02
N MET D 287 18.17 -22.90 -10.98
CA MET D 287 18.13 -23.52 -9.66
C MET D 287 16.86 -23.10 -8.94
N ASP D 288 16.15 -24.08 -8.40
CA ASP D 288 14.86 -23.85 -7.77
C ASP D 288 15.02 -22.97 -6.53
N TYR D 289 13.87 -22.49 -6.04
CA TYR D 289 13.87 -21.68 -4.82
C TYR D 289 14.26 -22.54 -3.62
N PRO D 290 14.87 -21.94 -2.60
CA PRO D 290 15.22 -22.71 -1.40
C PRO D 290 13.99 -23.02 -0.56
N SER D 291 14.16 -24.00 0.32
CA SER D 291 13.09 -24.42 1.22
C SER D 291 13.27 -23.77 2.59
N LEU D 292 12.19 -23.79 3.37
CA LEU D 292 12.26 -23.25 4.72
C LEU D 292 13.32 -23.96 5.55
N GLY D 293 13.49 -25.27 5.33
CA GLY D 293 14.49 -26.01 6.09
C GLY D 293 15.91 -25.58 5.74
N LEU D 294 16.20 -25.47 4.44
CA LEU D 294 17.54 -25.09 4.02
C LEU D 294 17.88 -23.66 4.45
N MET D 295 16.89 -22.77 4.45
CA MET D 295 17.14 -21.40 4.91
C MET D 295 17.47 -21.37 6.40
N THR D 296 16.72 -22.13 7.20
CA THR D 296 17.01 -22.20 8.63
C THR D 296 18.44 -22.65 8.88
N GLU D 297 18.92 -23.63 8.10
CA GLU D 297 20.27 -24.14 8.29
C GLU D 297 21.31 -23.06 8.03
N LYS D 298 21.20 -22.36 6.89
CA LYS D 298 22.22 -21.40 6.50
C LYS D 298 22.15 -20.13 7.32
N LEU D 299 20.97 -19.74 7.79
CA LEU D 299 20.88 -18.62 8.72
C LEU D 299 21.52 -18.99 10.06
N SER D 300 21.24 -20.20 10.56
CA SER D 300 21.83 -20.63 11.82
C SER D 300 23.33 -20.83 11.68
N GLN D 301 23.78 -21.37 10.55
CA GLN D 301 25.21 -21.61 10.35
C GLN D 301 25.98 -20.30 10.32
N LYS D 302 25.46 -19.28 9.65
CA LYS D 302 26.13 -18.01 9.50
C LYS D 302 25.74 -16.99 10.57
N ASN D 303 24.86 -17.37 11.51
CA ASN D 303 24.45 -16.49 12.59
C ASN D 303 23.84 -15.19 12.06
N ILE D 304 22.77 -15.36 11.28
CA ILE D 304 22.04 -14.23 10.69
C ILE D 304 20.68 -14.16 11.36
N ASN D 305 20.24 -12.94 11.66
CA ASN D 305 18.91 -12.69 12.22
C ASN D 305 18.05 -12.12 11.09
N LEU D 306 17.22 -12.96 10.49
CA LEU D 306 16.34 -12.53 9.43
C LEU D 306 15.18 -11.75 10.01
N ILE D 307 14.88 -10.59 9.42
CA ILE D 307 13.79 -9.73 9.84
C ILE D 307 12.82 -9.60 8.67
N PHE D 308 11.59 -10.06 8.87
CA PHE D 308 10.54 -9.92 7.87
C PHE D 308 9.86 -8.57 8.08
N ALA D 309 10.09 -7.65 7.16
CA ALA D 309 9.48 -6.32 7.18
C ALA D 309 8.45 -6.27 6.04
N VAL D 310 7.24 -6.74 6.33
CA VAL D 310 6.22 -6.93 5.32
C VAL D 310 5.02 -6.03 5.62
N THR D 311 4.15 -5.90 4.63
CA THR D 311 2.99 -5.02 4.73
C THR D 311 1.80 -5.76 5.34
N GLU D 312 0.83 -4.97 5.82
CA GLU D 312 -0.35 -5.47 6.52
C GLU D 312 -0.97 -6.68 5.83
N ASN D 313 -1.08 -6.65 4.50
CA ASN D 313 -1.84 -7.68 3.81
C ASN D 313 -1.15 -9.04 3.82
N VAL D 314 0.09 -9.13 4.29
CA VAL D 314 0.80 -10.40 4.30
C VAL D 314 1.60 -10.57 5.59
N VAL D 315 1.23 -9.84 6.64
CA VAL D 315 1.89 -10.03 7.92
C VAL D 315 1.59 -11.41 8.47
N ASN D 316 0.32 -11.82 8.41
CA ASN D 316 -0.04 -13.17 8.85
C ASN D 316 0.78 -14.22 8.13
N LEU D 317 0.98 -14.05 6.82
CA LEU D 317 1.76 -15.00 6.04
C LEU D 317 3.16 -15.16 6.62
N TYR D 318 3.92 -14.06 6.68
CA TYR D 318 5.29 -14.12 7.17
C TYR D 318 5.37 -14.26 8.68
N GLN D 319 4.26 -14.12 9.40
CA GLN D 319 4.25 -14.45 10.82
C GLN D 319 4.18 -15.96 11.02
N ASN D 320 3.52 -16.65 10.09
CA ASN D 320 3.44 -18.12 10.15
C ASN D 320 4.73 -18.76 9.66
N TYR D 321 5.39 -18.16 8.67
CA TYR D 321 6.71 -18.63 8.27
C TYR D 321 7.72 -18.44 9.40
N SER D 322 7.61 -17.34 10.14
CA SER D 322 8.57 -17.09 11.23
C SER D 322 8.46 -18.15 12.32
N GLU D 323 7.30 -18.79 12.45
CA GLU D 323 7.14 -19.86 13.43
C GLU D 323 7.77 -21.17 12.97
N LEU D 324 8.05 -21.31 11.67
CA LEU D 324 8.77 -22.45 11.14
C LEU D 324 10.26 -22.17 10.98
N ILE D 325 10.69 -20.92 11.14
CA ILE D 325 12.11 -20.57 11.11
C ILE D 325 12.44 -19.88 12.43
N PRO D 326 12.65 -20.62 13.52
CA PRO D 326 12.91 -19.98 14.81
C PRO D 326 14.05 -18.99 14.74
N GLY D 327 13.90 -17.88 15.46
CA GLY D 327 14.90 -16.84 15.52
C GLY D 327 14.58 -15.62 14.69
N THR D 328 13.69 -15.74 13.71
CA THR D 328 13.35 -14.62 12.84
C THR D 328 12.32 -13.72 13.52
N THR D 329 12.32 -12.45 13.12
CA THR D 329 11.42 -11.45 13.65
C THR D 329 10.56 -10.88 12.54
N VAL D 330 9.35 -10.45 12.90
CA VAL D 330 8.39 -9.89 11.96
C VAL D 330 7.98 -8.51 12.44
N GLY D 331 7.94 -7.56 11.51
CA GLY D 331 7.42 -6.24 11.79
C GLY D 331 6.54 -5.78 10.64
N VAL D 332 5.59 -4.91 10.98
CA VAL D 332 4.61 -4.42 10.01
C VAL D 332 5.22 -3.26 9.25
N LEU D 333 5.38 -3.43 7.94
CA LEU D 333 5.89 -2.37 7.09
C LEU D 333 4.73 -1.59 6.48
N SER D 334 4.96 -0.30 6.25
CA SER D 334 3.96 0.53 5.61
C SER D 334 3.90 0.25 4.12
N MET D 335 2.87 0.78 3.46
CA MET D 335 2.74 0.63 2.02
C MET D 335 3.74 1.49 1.26
N ASP D 336 4.57 2.28 1.96
CA ASP D 336 5.60 3.10 1.32
C ASP D 336 6.94 2.97 2.02
N SER D 337 7.10 2.00 2.92
CA SER D 337 8.37 1.77 3.62
C SER D 337 8.83 3.01 4.37
N SER D 338 7.87 3.76 4.91
CA SER D 338 8.22 4.98 5.64
C SER D 338 8.63 4.69 7.08
N ASN D 339 8.10 3.63 7.67
CA ASN D 339 8.38 3.26 9.05
C ASN D 339 9.47 2.19 9.16
N VAL D 340 10.26 1.99 8.11
CA VAL D 340 11.23 0.90 8.11
C VAL D 340 12.29 1.12 9.19
N LEU D 341 12.70 2.38 9.39
CA LEU D 341 13.74 2.65 10.36
C LEU D 341 13.32 2.23 11.76
N GLN D 342 12.12 2.65 12.18
CA GLN D 342 11.62 2.25 13.49
C GLN D 342 11.30 0.77 13.55
N LEU D 343 11.06 0.13 12.40
CA LEU D 343 10.86 -1.31 12.37
C LEU D 343 12.17 -2.05 12.65
N ILE D 344 13.27 -1.54 12.09
CA ILE D 344 14.59 -2.13 12.35
C ILE D 344 14.93 -2.00 13.83
N VAL D 345 14.86 -0.77 14.36
CA VAL D 345 15.25 -0.53 15.75
C VAL D 345 14.44 -1.40 16.69
N ASP D 346 13.14 -1.51 16.45
CA ASP D 346 12.28 -2.32 17.32
C ASP D 346 12.66 -3.79 17.25
N ALA D 347 13.05 -4.27 16.08
CA ALA D 347 13.41 -5.67 15.93
C ALA D 347 14.76 -5.96 16.60
N TYR D 348 15.76 -5.09 16.36
CA TYR D 348 17.06 -5.30 16.98
C TYR D 348 16.95 -5.39 18.50
N GLY D 349 16.06 -4.59 19.09
CA GLY D 349 15.83 -4.71 20.52
C GLY D 349 15.11 -6.00 20.87
N LYS D 350 14.09 -6.36 20.08
CA LYS D 350 13.41 -7.63 20.31
C LYS D 350 14.33 -8.81 20.07
N ILE D 351 15.29 -8.67 19.15
CA ILE D 351 16.26 -9.74 18.91
C ILE D 351 17.13 -9.95 20.14
N ARG D 352 17.62 -8.86 20.73
CA ARG D 352 18.50 -8.94 21.88
C ARG D 352 17.74 -8.95 23.19
N SER D 353 16.42 -9.15 23.16
CA SER D 353 15.62 -9.27 24.37
C SER D 353 15.54 -10.72 24.86
N LYS D 354 16.31 -11.63 24.27
CA LYS D 354 16.22 -13.05 24.59
C LYS D 354 17.61 -13.63 24.77
N VAL D 355 17.68 -14.66 25.62
CA VAL D 355 18.90 -15.43 25.82
C VAL D 355 18.47 -16.88 25.98
N GLU D 356 18.78 -17.71 24.99
CA GLU D 356 18.40 -19.12 24.99
C GLU D 356 19.66 -19.96 24.88
N LEU D 357 19.78 -20.95 25.77
CA LEU D 357 20.94 -21.82 25.81
C LEU D 357 20.71 -23.08 24.98
N GLU D 358 21.71 -23.45 24.20
CA GLU D 358 21.72 -24.72 23.48
C GLU D 358 22.99 -25.48 23.84
N VAL D 359 22.86 -26.80 23.91
CA VAL D 359 23.95 -27.67 24.32
C VAL D 359 24.47 -28.41 23.09
N ARG D 360 25.79 -28.47 22.96
CA ARG D 360 26.44 -29.14 21.84
C ARG D 360 27.41 -30.19 22.37
N ASP D 361 27.37 -31.37 21.76
CA ASP D 361 28.32 -32.45 22.05
C ASP D 361 28.07 -33.07 23.42
N LEU D 362 26.82 -33.09 23.87
CA LEU D 362 26.49 -33.72 25.15
C LEU D 362 26.56 -35.24 25.00
N PRO D 363 27.39 -35.93 25.77
CA PRO D 363 27.48 -37.39 25.60
C PRO D 363 26.18 -38.09 25.92
N GLU D 364 26.01 -39.28 25.33
CA GLU D 364 24.78 -40.05 25.52
C GLU D 364 24.48 -40.28 26.99
N GLU D 365 25.51 -40.34 27.83
CA GLU D 365 25.31 -40.72 29.23
C GLU D 365 24.79 -39.58 30.08
N LEU D 366 25.11 -38.34 29.73
CA LEU D 366 24.78 -37.20 30.57
C LEU D 366 23.38 -36.69 30.30
N SER D 367 22.83 -35.98 31.29
CA SER D 367 21.54 -35.33 31.19
C SER D 367 21.57 -34.09 32.08
N LEU D 368 21.07 -32.98 31.55
CA LEU D 368 21.14 -31.70 32.23
C LEU D 368 19.75 -31.22 32.62
N SER D 369 19.73 -30.38 33.66
CA SER D 369 18.50 -29.71 34.11
C SER D 369 18.85 -28.27 34.43
N PHE D 370 17.95 -27.35 34.07
CA PHE D 370 18.24 -25.93 34.11
C PHE D 370 17.28 -25.19 35.04
N ASN D 371 17.80 -24.18 35.72
CA ASN D 371 17.01 -23.24 36.49
C ASN D 371 17.43 -21.84 36.09
N ALA D 372 16.47 -21.05 35.62
CA ALA D 372 16.75 -19.77 34.98
C ALA D 372 16.33 -18.62 35.88
N THR D 373 17.27 -17.73 36.17
CA THR D 373 16.98 -16.46 36.82
C THR D 373 16.96 -15.38 35.74
N CYS D 374 15.78 -14.86 35.44
CA CYS D 374 15.64 -13.89 34.36
C CYS D 374 15.44 -12.48 34.93
N LEU D 375 14.24 -11.92 34.79
CA LEU D 375 13.97 -10.60 35.31
C LEU D 375 14.17 -10.57 36.83
N ASN D 376 14.91 -9.58 37.31
CA ASN D 376 15.19 -9.44 38.74
C ASN D 376 15.85 -10.74 39.21
N ASN D 377 15.39 -11.36 40.29
CA ASN D 377 15.95 -12.62 40.79
C ASN D 377 14.87 -13.68 40.87
N GLU D 378 13.94 -13.68 39.91
CA GLU D 378 12.85 -14.64 39.89
C GLU D 378 13.38 -15.97 39.33
N VAL D 379 13.48 -16.97 40.20
CA VAL D 379 13.97 -18.28 39.79
C VAL D 379 12.85 -19.03 39.10
N ILE D 380 13.13 -19.53 37.90
CA ILE D 380 12.13 -20.26 37.10
C ILE D 380 12.67 -21.65 36.84
N PRO D 381 12.10 -22.70 37.44
CA PRO D 381 12.67 -24.04 37.26
C PRO D 381 12.29 -24.67 35.93
N GLY D 382 13.13 -25.60 35.51
CA GLY D 382 12.87 -26.34 34.28
C GLY D 382 12.88 -25.51 33.03
N LEU D 383 13.61 -24.39 33.03
CA LEU D 383 13.66 -23.49 31.89
C LEU D 383 15.10 -23.14 31.59
N LYS D 384 15.42 -23.02 30.30
CA LYS D 384 16.77 -22.72 29.84
C LYS D 384 16.78 -21.50 28.93
N SER D 385 15.89 -20.55 29.16
CA SER D 385 15.79 -19.38 28.30
C SER D 385 15.15 -18.23 29.07
N CYS D 386 15.45 -17.01 28.64
CA CYS D 386 14.89 -15.81 29.23
C CYS D 386 14.29 -14.94 28.13
N MET D 387 13.33 -14.09 28.52
CA MET D 387 12.66 -13.20 27.60
C MET D 387 12.42 -11.86 28.29
N GLY D 388 11.97 -10.88 27.51
CA GLY D 388 11.71 -9.56 28.04
C GLY D 388 12.93 -8.87 28.59
N LEU D 389 14.10 -9.12 28.00
CA LEU D 389 15.35 -8.56 28.47
C LEU D 389 15.68 -7.27 27.71
N LYS D 390 16.55 -6.47 28.31
CA LYS D 390 17.04 -5.24 27.70
C LYS D 390 18.55 -5.31 27.58
N ILE D 391 19.10 -4.53 26.63
CA ILE D 391 20.54 -4.50 26.45
C ILE D 391 21.20 -4.03 27.74
N GLY D 392 22.27 -4.72 28.12
CA GLY D 392 23.00 -4.41 29.33
C GLY D 392 22.64 -5.28 30.52
N ASP D 393 21.48 -5.93 30.49
CA ASP D 393 21.06 -6.77 31.60
C ASP D 393 21.89 -8.05 31.65
N THR D 394 21.83 -8.72 32.79
CA THR D 394 22.54 -9.98 33.00
C THR D 394 21.57 -11.00 33.59
N VAL D 395 21.66 -12.23 33.10
CA VAL D 395 20.88 -13.34 33.62
C VAL D 395 21.86 -14.43 34.06
N SER D 396 21.32 -15.45 34.72
CA SER D 396 22.14 -16.53 35.25
C SER D 396 21.33 -17.81 35.31
N PHE D 397 21.98 -18.93 35.05
CA PHE D 397 21.35 -20.24 35.09
C PHE D 397 22.09 -21.15 36.05
N SER D 398 21.34 -22.03 36.70
CA SER D 398 21.90 -23.08 37.54
C SER D 398 21.72 -24.42 36.83
N ILE D 399 22.82 -25.15 36.65
CA ILE D 399 22.84 -26.34 35.83
C ILE D 399 23.27 -27.53 36.68
N GLU D 400 22.60 -28.66 36.49
CA GLU D 400 22.90 -29.89 37.22
C GLU D 400 23.13 -31.01 36.22
N ALA D 401 24.34 -31.57 36.23
CA ALA D 401 24.68 -32.69 35.36
C ALA D 401 24.50 -33.99 36.12
N LYS D 402 23.81 -34.96 35.50
CA LYS D 402 23.52 -36.25 36.11
C LYS D 402 23.92 -37.35 35.14
N VAL D 403 24.99 -38.07 35.46
CA VAL D 403 25.48 -39.17 34.63
C VAL D 403 24.78 -40.46 35.05
N ARG D 404 24.55 -41.32 34.08
CA ARG D 404 23.92 -42.63 34.30
C ARG D 404 24.97 -43.71 34.08
N GLY D 405 25.34 -44.40 35.16
CA GLY D 405 26.34 -45.44 35.07
C GLY D 405 27.74 -44.88 34.89
N CYS D 406 28.61 -45.67 34.27
CA CYS D 406 29.97 -45.26 33.97
C CYS D 406 30.21 -45.48 32.48
N PRO D 407 30.60 -44.45 31.72
CA PRO D 407 30.85 -44.65 30.29
C PRO D 407 32.21 -45.31 30.05
N GLN D 408 32.42 -45.69 28.79
CA GLN D 408 33.70 -46.27 28.40
C GLN D 408 34.81 -45.22 28.43
N GLU D 409 34.59 -44.10 27.73
CA GLU D 409 35.58 -43.04 27.68
C GLU D 409 35.54 -42.26 28.99
N LYS D 410 36.69 -42.10 29.63
CA LYS D 410 36.76 -41.44 30.93
C LYS D 410 36.91 -39.93 30.83
N GLU D 411 37.08 -39.39 29.63
CA GLU D 411 37.25 -37.94 29.46
C GLU D 411 36.52 -37.50 28.20
N LYS D 412 35.54 -36.61 28.37
CA LYS D 412 34.85 -35.97 27.27
C LYS D 412 34.69 -34.50 27.63
N SER D 413 34.11 -33.73 26.71
CA SER D 413 33.86 -32.32 26.95
C SER D 413 32.79 -31.83 26.00
N PHE D 414 31.86 -31.03 26.51
CA PHE D 414 30.77 -30.48 25.73
C PHE D 414 30.75 -28.96 25.88
N THR D 415 29.86 -28.33 25.12
CA THR D 415 29.78 -26.87 25.06
C THR D 415 28.37 -26.42 25.39
N ILE D 416 28.27 -25.34 26.17
CA ILE D 416 27.02 -24.64 26.40
C ILE D 416 27.18 -23.24 25.83
N LYS D 417 26.46 -22.97 24.74
CA LYS D 417 26.53 -21.67 24.09
C LYS D 417 25.13 -21.06 23.98
N PRO D 418 24.96 -19.77 24.23
CA PRO D 418 23.66 -19.14 23.97
C PRO D 418 23.44 -18.96 22.49
N VAL D 419 22.18 -19.09 22.08
CA VAL D 419 21.83 -18.97 20.66
C VAL D 419 22.30 -17.61 20.14
N GLY D 420 23.13 -17.64 19.09
CA GLY D 420 23.59 -16.43 18.45
C GLY D 420 24.87 -15.85 19.02
N PHE D 421 25.24 -16.22 20.24
CA PHE D 421 26.41 -15.64 20.87
C PHE D 421 27.69 -16.30 20.35
N LYS D 422 28.81 -15.61 20.58
CA LYS D 422 30.13 -16.12 20.22
C LYS D 422 30.77 -16.89 21.36
N ASP D 423 30.79 -16.30 22.55
CA ASP D 423 31.41 -16.94 23.71
C ASP D 423 30.55 -18.10 24.20
N SER D 424 31.20 -19.07 24.83
CA SER D 424 30.51 -20.27 25.29
C SER D 424 31.23 -20.82 26.51
N LEU D 425 30.54 -21.71 27.22
CA LEU D 425 31.09 -22.40 28.38
C LEU D 425 31.51 -23.81 27.94
N ILE D 426 32.82 -24.07 27.98
CA ILE D 426 33.34 -25.40 27.68
C ILE D 426 33.42 -26.16 28.99
N VAL D 427 32.66 -27.25 29.08
CA VAL D 427 32.62 -28.10 30.27
C VAL D 427 33.47 -29.34 29.99
N GLN D 428 34.57 -29.47 30.73
CA GLN D 428 35.46 -30.62 30.61
C GLN D 428 35.07 -31.64 31.66
N VAL D 429 34.49 -32.76 31.23
CA VAL D 429 34.00 -33.78 32.14
C VAL D 429 35.08 -34.84 32.34
N THR D 430 35.13 -35.38 33.55
CA THR D 430 36.01 -36.50 33.88
C THR D 430 35.25 -37.45 34.79
N PHE D 431 35.18 -38.71 34.40
CA PHE D 431 34.39 -39.70 35.12
C PHE D 431 35.28 -40.45 36.11
N ASP D 432 34.95 -40.33 37.39
CA ASP D 432 35.70 -41.00 38.46
C ASP D 432 35.06 -42.36 38.72
N CYS D 433 35.39 -43.31 37.85
CA CYS D 433 34.90 -44.68 38.00
C CYS D 433 35.90 -45.60 38.68
N ASP D 434 37.20 -45.34 38.52
CA ASP D 434 38.24 -46.22 39.01
C ASP D 434 38.82 -45.71 40.33
N CYS D 435 39.38 -46.64 41.10
CA CYS D 435 40.01 -46.32 42.37
C CYS D 435 41.50 -46.04 42.15
N ALA D 436 42.08 -45.27 43.06
CA ALA D 436 43.49 -44.90 42.93
C ALA D 436 44.40 -46.08 43.19
N CYS D 437 43.99 -47.02 44.03
CA CYS D 437 44.81 -48.18 44.35
C CYS D 437 44.92 -49.17 43.19
N GLN D 438 44.22 -48.93 42.08
CA GLN D 438 44.34 -49.82 40.92
C GLN D 438 45.67 -49.64 40.20
N ALA D 439 46.35 -48.51 40.42
CA ALA D 439 47.65 -48.32 39.78
C ALA D 439 48.71 -49.22 40.38
N GLN D 440 48.63 -49.48 41.69
CA GLN D 440 49.55 -50.39 42.36
C GLN D 440 49.10 -51.84 42.27
N ALA D 441 48.19 -52.15 41.36
CA ALA D 441 47.73 -53.52 41.18
C ALA D 441 48.93 -54.43 40.85
N GLU D 442 48.87 -55.66 41.35
CA GLU D 442 49.95 -56.62 41.21
C GLU D 442 49.50 -57.79 40.34
N PRO D 443 49.82 -57.80 39.04
CA PRO D 443 49.42 -58.93 38.20
C PRO D 443 50.17 -60.20 38.59
N ASN D 444 49.45 -61.32 38.59
CA ASN D 444 50.04 -62.62 38.89
C ASN D 444 50.68 -62.63 40.26
N SER D 445 49.98 -62.07 41.25
CA SER D 445 50.54 -61.97 42.59
C SER D 445 50.56 -63.34 43.26
N HIS D 446 51.66 -63.61 43.98
CA HIS D 446 51.77 -64.84 44.76
C HIS D 446 50.61 -64.97 45.75
N ARG D 447 50.11 -63.83 46.25
CA ARG D 447 49.11 -63.81 47.30
C ARG D 447 47.74 -64.29 46.82
N CYS D 448 47.56 -64.52 45.52
CA CYS D 448 46.28 -64.91 44.95
C CYS D 448 46.47 -66.20 44.15
N ASN D 449 46.10 -67.32 44.75
CA ASN D 449 46.12 -68.62 44.07
C ASN D 449 47.52 -68.97 43.58
N ASN D 450 48.54 -68.56 44.34
CA ASN D 450 49.93 -68.91 44.05
C ASN D 450 50.48 -68.16 42.84
N GLY D 451 49.64 -67.41 42.15
CA GLY D 451 50.10 -66.63 41.01
C GLY D 451 49.13 -66.61 39.84
N ASN D 452 47.88 -67.00 40.08
CA ASN D 452 46.87 -67.04 39.02
C ASN D 452 45.99 -65.80 38.99
N GLY D 453 45.94 -65.02 40.06
CA GLY D 453 45.08 -63.86 40.15
C GLY D 453 45.86 -62.56 40.21
N THR D 454 45.09 -61.48 40.37
CA THR D 454 45.63 -60.13 40.46
C THR D 454 45.24 -59.52 41.79
N PHE D 455 46.19 -58.87 42.44
CA PHE D 455 46.01 -58.29 43.77
C PHE D 455 45.96 -56.78 43.63
N GLU D 456 44.75 -56.21 43.72
CA GLU D 456 44.56 -54.78 43.65
C GLU D 456 43.65 -54.34 44.80
N CYS D 457 44.06 -53.30 45.51
CA CYS D 457 43.24 -52.69 46.55
C CYS D 457 42.91 -53.66 47.68
N GLY D 458 43.83 -54.60 47.96
CA GLY D 458 43.69 -55.46 49.12
C GLY D 458 42.82 -56.68 48.93
N VAL D 459 42.49 -57.04 47.69
CA VAL D 459 41.68 -58.23 47.43
C VAL D 459 42.18 -58.90 46.16
N CYS D 460 41.77 -60.16 45.99
CA CYS D 460 42.22 -60.98 44.87
C CYS D 460 41.14 -61.00 43.79
N ARG D 461 41.49 -60.50 42.61
CA ARG D 461 40.62 -60.51 41.45
C ARG D 461 41.09 -61.57 40.46
N CYS D 462 40.15 -62.33 39.91
CA CYS D 462 40.49 -63.31 38.89
C CYS D 462 41.01 -62.58 37.65
N GLY D 463 42.22 -62.97 37.22
CA GLY D 463 42.92 -62.24 36.18
C GLY D 463 42.25 -62.35 34.83
N PRO D 464 42.90 -61.79 33.81
CA PRO D 464 42.34 -61.85 32.45
C PRO D 464 42.43 -63.26 31.88
N GLY D 465 41.40 -63.63 31.12
CA GLY D 465 41.31 -64.93 30.51
C GLY D 465 40.57 -65.96 31.34
N TRP D 466 40.34 -65.68 32.62
CA TRP D 466 39.60 -66.58 33.49
C TRP D 466 38.12 -66.22 33.49
N LEU D 467 37.28 -67.24 33.60
CA LEU D 467 35.84 -67.07 33.67
C LEU D 467 35.34 -67.38 35.08
N GLY D 468 34.28 -66.69 35.46
CA GLY D 468 33.73 -66.85 36.80
C GLY D 468 34.29 -65.83 37.78
N SER D 469 33.48 -65.50 38.78
CA SER D 469 33.91 -64.57 39.82
C SER D 469 34.91 -65.19 40.78
N GLN D 470 34.93 -66.53 40.87
CA GLN D 470 35.87 -67.23 41.74
C GLN D 470 36.74 -68.20 40.97
N CYS D 471 36.79 -68.08 39.64
CA CYS D 471 37.62 -68.95 38.81
C CYS D 471 37.27 -70.40 39.03
N GLU E 1 -26.87 -32.00 -32.31
CA GLU E 1 -26.58 -31.56 -33.71
C GLU E 1 -26.59 -30.04 -33.80
N VAL E 2 -25.76 -29.49 -34.67
CA VAL E 2 -25.65 -28.06 -34.89
C VAL E 2 -26.66 -27.63 -35.93
N GLN E 3 -27.37 -26.54 -35.67
CA GLN E 3 -28.33 -25.98 -36.62
C GLN E 3 -28.68 -24.57 -36.20
N LEU E 4 -28.64 -23.64 -37.16
CA LEU E 4 -28.93 -22.24 -36.90
C LEU E 4 -30.35 -21.93 -37.35
N GLN E 5 -31.19 -21.51 -36.41
CA GLN E 5 -32.59 -21.17 -36.68
C GLN E 5 -32.74 -19.66 -36.60
N GLN E 6 -33.05 -19.04 -37.74
CA GLN E 6 -33.22 -17.60 -37.82
C GLN E 6 -34.70 -17.23 -37.76
N SER E 7 -34.98 -15.93 -37.90
CA SER E 7 -36.34 -15.42 -37.85
C SER E 7 -37.00 -15.54 -39.22
N GLY E 8 -38.31 -15.27 -39.25
CA GLY E 8 -39.05 -15.33 -40.49
C GLY E 8 -38.85 -14.12 -41.37
N ALA E 9 -39.32 -14.22 -42.60
CA ALA E 9 -39.18 -13.14 -43.56
C ALA E 9 -39.78 -11.85 -43.01
N GLU E 10 -39.17 -10.73 -43.39
CA GLU E 10 -39.57 -9.41 -42.90
C GLU E 10 -39.91 -8.50 -44.08
N LEU E 11 -40.98 -7.73 -43.93
CA LEU E 11 -41.40 -6.75 -44.91
C LEU E 11 -41.58 -5.42 -44.21
N VAL E 12 -40.84 -4.40 -44.64
CA VAL E 12 -40.84 -3.09 -44.00
C VAL E 12 -40.77 -2.03 -45.08
N LYS E 13 -40.87 -0.77 -44.65
CA LYS E 13 -40.84 0.38 -45.54
C LYS E 13 -39.54 1.14 -45.38
N PRO E 14 -39.12 1.89 -46.40
CA PRO E 14 -37.85 2.61 -46.33
C PRO E 14 -37.77 3.50 -45.09
N GLY E 15 -36.55 3.68 -44.60
CA GLY E 15 -36.31 4.50 -43.43
C GLY E 15 -36.57 3.82 -42.10
N ALA E 16 -37.22 2.66 -42.10
CA ALA E 16 -37.53 1.95 -40.87
C ALA E 16 -36.28 1.25 -40.36
N SER E 17 -36.45 0.37 -39.37
CA SER E 17 -35.33 -0.37 -38.78
C SER E 17 -35.84 -1.70 -38.26
N VAL E 18 -35.30 -2.79 -38.80
CA VAL E 18 -35.70 -4.13 -38.42
C VAL E 18 -34.55 -4.79 -37.67
N LYS E 19 -34.90 -5.77 -36.83
CA LYS E 19 -33.92 -6.49 -36.02
C LYS E 19 -34.13 -7.99 -36.26
N LEU E 20 -33.20 -8.61 -37.00
CA LEU E 20 -33.29 -10.04 -37.28
C LEU E 20 -32.72 -10.86 -36.12
N SER E 21 -33.03 -12.15 -36.14
CA SER E 21 -32.64 -13.05 -35.07
C SER E 21 -32.06 -14.33 -35.65
N CYS E 22 -31.14 -14.94 -34.89
CA CYS E 22 -30.47 -16.20 -35.27
C CYS E 22 -30.28 -17.01 -33.99
N THR E 23 -31.26 -17.88 -33.71
CA THR E 23 -31.22 -18.70 -32.51
C THR E 23 -30.42 -19.97 -32.76
N ALA E 24 -29.61 -20.36 -31.77
CA ALA E 24 -28.83 -21.57 -31.84
C ALA E 24 -29.64 -22.76 -31.34
N SER E 25 -29.38 -23.92 -31.93
CA SER E 25 -30.12 -25.13 -31.60
C SER E 25 -29.14 -26.29 -31.47
N GLY E 26 -29.11 -26.90 -30.29
CA GLY E 26 -28.23 -28.02 -30.04
C GLY E 26 -26.82 -27.65 -29.59
N PHE E 27 -26.58 -26.38 -29.27
CA PHE E 27 -25.26 -25.92 -28.86
C PHE E 27 -25.38 -24.52 -28.28
N ASN E 28 -24.48 -24.19 -27.36
CA ASN E 28 -24.46 -22.86 -26.77
C ASN E 28 -23.82 -21.88 -27.75
N ILE E 29 -24.51 -20.77 -28.02
CA ILE E 29 -24.02 -19.79 -28.97
C ILE E 29 -22.70 -19.18 -28.50
N LYS E 30 -22.43 -19.20 -27.20
CA LYS E 30 -21.20 -18.64 -26.65
C LYS E 30 -19.95 -19.33 -27.18
N ASP E 31 -20.09 -20.49 -27.81
CA ASP E 31 -18.92 -21.28 -28.21
C ASP E 31 -18.04 -20.51 -29.19
N THR E 32 -18.58 -20.15 -30.34
CA THR E 32 -17.79 -19.70 -31.48
C THR E 32 -18.17 -18.27 -31.86
N TYR E 33 -17.42 -17.73 -32.82
CA TYR E 33 -17.83 -16.52 -33.51
C TYR E 33 -19.17 -16.75 -34.22
N VAL E 34 -19.84 -15.65 -34.54
CA VAL E 34 -21.07 -15.69 -35.32
C VAL E 34 -21.04 -14.55 -36.31
N HIS E 35 -21.04 -14.89 -37.61
CA HIS E 35 -20.99 -13.91 -38.67
C HIS E 35 -22.38 -13.69 -39.26
N TRP E 36 -22.54 -12.56 -39.96
CA TRP E 36 -23.73 -12.25 -40.72
C TRP E 36 -23.34 -11.99 -42.17
N VAL E 37 -24.09 -12.56 -43.10
CA VAL E 37 -23.77 -12.49 -44.52
C VAL E 37 -25.00 -12.04 -45.29
N LYS E 38 -24.78 -11.17 -46.29
CA LYS E 38 -25.84 -10.63 -47.14
C LYS E 38 -25.69 -11.21 -48.54
N GLN E 39 -26.82 -11.54 -49.17
CA GLN E 39 -26.83 -12.16 -50.49
C GLN E 39 -27.84 -11.45 -51.38
N ARG E 40 -27.35 -10.84 -52.46
CA ARG E 40 -28.20 -10.26 -53.49
C ARG E 40 -28.01 -11.01 -54.80
N PRO E 41 -29.04 -11.07 -55.65
CA PRO E 41 -28.87 -11.80 -56.93
C PRO E 41 -27.76 -11.26 -57.80
N GLU E 42 -27.72 -9.94 -57.99
CA GLU E 42 -26.74 -9.33 -58.89
C GLU E 42 -25.39 -9.15 -58.20
N GLN E 43 -25.37 -8.38 -57.11
CA GLN E 43 -24.11 -8.07 -56.46
C GLN E 43 -23.42 -9.34 -55.94
N GLY E 44 -24.19 -10.23 -55.32
CA GLY E 44 -23.65 -11.46 -54.79
C GLY E 44 -23.51 -11.44 -53.28
N LEU E 45 -22.66 -12.32 -52.79
CA LEU E 45 -22.45 -12.47 -51.35
C LEU E 45 -21.58 -11.35 -50.81
N GLU E 46 -21.91 -10.88 -49.60
CA GLU E 46 -21.19 -9.80 -48.95
C GLU E 46 -21.14 -10.06 -47.46
N TRP E 47 -19.95 -10.02 -46.89
CA TRP E 47 -19.77 -10.21 -45.46
C TRP E 47 -20.08 -8.92 -44.72
N ILE E 48 -20.97 -9.01 -43.73
CA ILE E 48 -21.36 -7.83 -42.95
C ILE E 48 -20.39 -7.66 -41.79
N GLY E 49 -20.39 -8.63 -40.88
CA GLY E 49 -19.52 -8.55 -39.71
C GLY E 49 -19.63 -9.82 -38.89
N ARG E 50 -19.11 -9.75 -37.68
CA ARG E 50 -19.15 -10.89 -36.76
C ARG E 50 -19.28 -10.38 -35.33
N ILE E 51 -19.46 -11.31 -34.41
CA ILE E 51 -19.53 -10.99 -32.99
C ILE E 51 -19.08 -12.22 -32.21
N ASP E 52 -18.47 -11.98 -31.04
CA ASP E 52 -18.09 -13.06 -30.13
C ASP E 52 -19.06 -13.05 -28.95
N PRO E 53 -20.08 -13.90 -28.93
CA PRO E 53 -21.07 -13.84 -27.85
C PRO E 53 -20.48 -14.03 -26.46
N ALA E 54 -19.24 -14.51 -26.36
CA ALA E 54 -18.61 -14.70 -25.06
C ALA E 54 -18.18 -13.39 -24.41
N ASN E 55 -18.36 -12.25 -25.07
CA ASN E 55 -17.94 -10.97 -24.51
C ASN E 55 -18.72 -9.81 -25.12
N GLY E 56 -19.12 -9.93 -26.39
CA GLY E 56 -19.88 -8.91 -27.05
C GLY E 56 -19.09 -8.04 -28.02
N TYR E 57 -17.79 -8.29 -28.18
CA TYR E 57 -16.99 -7.51 -29.11
C TYR E 57 -17.37 -7.85 -30.55
N THR E 58 -17.27 -6.84 -31.42
CA THR E 58 -17.78 -6.94 -32.78
C THR E 58 -16.77 -6.42 -33.79
N LYS E 59 -16.88 -6.94 -35.01
CA LYS E 59 -16.13 -6.46 -36.17
C LYS E 59 -17.10 -6.29 -37.32
N TYR E 60 -16.89 -5.26 -38.14
CA TYR E 60 -17.79 -4.93 -39.23
C TYR E 60 -17.00 -4.63 -40.50
N ASP E 61 -17.63 -4.92 -41.63
CA ASP E 61 -17.14 -4.42 -42.91
C ASP E 61 -17.45 -2.93 -42.96
N PRO E 62 -16.45 -2.06 -43.20
CA PRO E 62 -16.70 -0.62 -43.11
C PRO E 62 -17.85 -0.14 -43.99
N LYS E 63 -18.21 -0.93 -45.01
CA LYS E 63 -19.32 -0.56 -45.87
C LYS E 63 -20.64 -0.53 -45.10
N PHE E 64 -20.79 -1.44 -44.13
CA PHE E 64 -22.02 -1.56 -43.36
C PHE E 64 -21.97 -0.81 -42.03
N GLN E 65 -21.14 0.23 -41.94
CA GLN E 65 -21.03 0.99 -40.71
C GLN E 65 -22.24 1.90 -40.54
N GLY E 66 -22.71 2.01 -39.31
CA GLY E 66 -23.91 2.78 -39.00
C GLY E 66 -25.19 2.04 -39.30
N LYS E 67 -25.28 1.40 -40.47
CA LYS E 67 -26.48 0.63 -40.81
C LYS E 67 -26.53 -0.67 -40.03
N ALA E 68 -25.50 -1.50 -40.15
CA ALA E 68 -25.48 -2.80 -39.50
C ALA E 68 -25.03 -2.67 -38.05
N THR E 69 -25.74 -3.33 -37.15
CA THR E 69 -25.40 -3.35 -35.73
C THR E 69 -25.69 -4.74 -35.20
N ILE E 70 -24.63 -5.49 -34.87
CA ILE E 70 -24.73 -6.87 -34.44
C ILE E 70 -24.67 -6.91 -32.92
N THR E 71 -25.57 -7.67 -32.31
CA THR E 71 -25.59 -7.86 -30.87
C THR E 71 -25.86 -9.34 -30.58
N ALA E 72 -25.84 -9.70 -29.30
CA ALA E 72 -26.09 -11.07 -28.90
C ALA E 72 -26.45 -11.11 -27.43
N ASP E 73 -27.30 -12.07 -27.06
CA ASP E 73 -27.74 -12.26 -25.68
C ASP E 73 -27.60 -13.74 -25.36
N THR E 74 -26.66 -14.06 -24.46
CA THR E 74 -26.40 -15.46 -24.13
C THR E 74 -27.61 -16.13 -23.49
N SER E 75 -28.40 -15.38 -22.70
CA SER E 75 -29.57 -15.96 -22.07
C SER E 75 -30.54 -16.51 -23.11
N SER E 76 -30.86 -15.70 -24.13
CA SER E 76 -31.71 -16.17 -25.20
C SER E 76 -31.00 -17.13 -26.14
N ASN E 77 -29.68 -17.24 -26.05
CA ASN E 77 -28.90 -18.11 -26.93
C ASN E 77 -29.10 -17.70 -28.39
N THR E 78 -29.06 -16.39 -28.64
CA THR E 78 -29.42 -15.85 -29.93
C THR E 78 -28.56 -14.64 -30.25
N ALA E 79 -28.17 -14.51 -31.51
CA ALA E 79 -27.47 -13.33 -32.01
C ALA E 79 -28.40 -12.54 -32.92
N TYR E 80 -28.28 -11.22 -32.88
CA TYR E 80 -29.19 -10.35 -33.59
C TYR E 80 -28.42 -9.46 -34.57
N LEU E 81 -29.13 -8.98 -35.59
CA LEU E 81 -28.60 -8.03 -36.56
C LEU E 81 -29.62 -6.91 -36.72
N GLN E 82 -29.30 -5.74 -36.17
CA GLN E 82 -30.20 -4.58 -36.23
C GLN E 82 -29.79 -3.69 -37.41
N LEU E 83 -30.67 -3.58 -38.39
CA LEU E 83 -30.47 -2.70 -39.53
C LEU E 83 -31.30 -1.44 -39.35
N SER E 84 -30.72 -0.30 -39.73
CA SER E 84 -31.37 0.99 -39.56
C SER E 84 -31.23 1.81 -40.83
N SER E 85 -32.20 2.69 -41.07
CA SER E 85 -32.21 3.57 -42.24
C SER E 85 -32.16 2.73 -43.53
N LEU E 86 -33.19 1.91 -43.71
CA LEU E 86 -33.20 0.96 -44.80
C LEU E 86 -33.46 1.66 -46.14
N THR E 87 -33.10 0.96 -47.22
CA THR E 87 -33.30 1.46 -48.57
C THR E 87 -33.74 0.29 -49.45
N SER E 88 -33.99 0.58 -50.73
CA SER E 88 -34.28 -0.49 -51.68
C SER E 88 -33.07 -1.37 -51.91
N GLU E 89 -31.86 -0.82 -51.76
CA GLU E 89 -30.64 -1.60 -51.95
C GLU E 89 -30.39 -2.58 -50.81
N ASP E 90 -31.03 -2.36 -49.65
CA ASP E 90 -30.92 -3.30 -48.53
C ASP E 90 -31.83 -4.51 -48.70
N THR E 91 -32.61 -4.57 -49.78
CA THR E 91 -33.45 -5.73 -50.04
C THR E 91 -32.56 -6.91 -50.44
N ALA E 92 -32.51 -7.93 -49.60
CA ALA E 92 -31.64 -9.08 -49.84
C ALA E 92 -31.95 -10.16 -48.81
N VAL E 93 -31.21 -11.27 -48.92
CA VAL E 93 -31.30 -12.38 -47.98
C VAL E 93 -30.11 -12.29 -47.04
N TYR E 94 -30.33 -12.59 -45.77
CA TYR E 94 -29.31 -12.46 -44.74
C TYR E 94 -29.16 -13.79 -44.00
N TYR E 95 -27.91 -14.25 -43.87
CA TYR E 95 -27.59 -15.51 -43.22
C TYR E 95 -26.67 -15.27 -42.04
N CYS E 96 -26.87 -16.06 -40.99
CA CYS E 96 -25.91 -16.13 -39.88
C CYS E 96 -25.06 -17.38 -40.03
N VAL E 97 -23.76 -17.24 -39.78
CA VAL E 97 -22.79 -18.28 -40.07
C VAL E 97 -21.88 -18.47 -38.86
N ARG E 98 -21.43 -19.71 -38.67
CA ARG E 98 -20.44 -20.05 -37.66
C ARG E 98 -19.52 -21.13 -38.22
N PRO E 99 -18.30 -21.23 -37.69
CA PRO E 99 -17.39 -22.28 -38.16
C PRO E 99 -17.68 -23.61 -37.48
N LEU E 100 -17.09 -24.66 -38.06
CA LEU E 100 -17.16 -26.01 -37.46
C LEU E 100 -15.99 -26.18 -36.50
N TYR E 101 -14.79 -26.37 -37.04
CA TYR E 101 -13.58 -26.52 -36.25
C TYR E 101 -12.70 -25.27 -36.32
N ASP E 102 -12.18 -24.95 -37.49
CA ASP E 102 -11.30 -23.80 -37.64
C ASP E 102 -11.97 -22.54 -37.13
N TYR E 103 -11.29 -21.85 -36.20
CA TYR E 103 -11.86 -20.66 -35.57
C TYR E 103 -12.42 -19.69 -36.61
N TYR E 104 -11.72 -19.51 -37.72
CA TYR E 104 -12.00 -18.44 -38.67
C TYR E 104 -12.81 -18.90 -39.87
N ALA E 105 -13.27 -20.15 -39.88
CA ALA E 105 -13.93 -20.69 -41.06
C ALA E 105 -15.38 -20.24 -41.14
N MET E 106 -16.03 -20.62 -42.25
CA MET E 106 -17.44 -20.29 -42.51
C MET E 106 -18.07 -21.57 -43.04
N ASP E 107 -18.63 -22.37 -42.14
CA ASP E 107 -19.05 -23.73 -42.47
C ASP E 107 -20.55 -23.96 -42.28
N TYR E 108 -21.12 -23.59 -41.14
CA TYR E 108 -22.52 -23.81 -40.84
C TYR E 108 -23.32 -22.54 -41.11
N TRP E 109 -24.45 -22.69 -41.80
CA TRP E 109 -25.26 -21.57 -42.25
C TRP E 109 -26.72 -21.78 -41.86
N GLY E 110 -27.37 -20.71 -41.43
CA GLY E 110 -28.80 -20.76 -41.18
C GLY E 110 -29.58 -20.79 -42.47
N GLN E 111 -30.90 -20.97 -42.33
CA GLN E 111 -31.75 -21.06 -43.52
C GLN E 111 -31.87 -19.73 -44.23
N GLY E 112 -31.63 -18.62 -43.54
CA GLY E 112 -31.69 -17.31 -44.17
C GLY E 112 -33.04 -16.65 -44.01
N THR E 113 -33.02 -15.32 -43.97
CA THR E 113 -34.22 -14.51 -43.84
C THR E 113 -34.27 -13.51 -44.99
N SER E 114 -35.39 -13.48 -45.70
CA SER E 114 -35.57 -12.57 -46.83
C SER E 114 -36.18 -11.26 -46.32
N VAL E 115 -35.46 -10.16 -46.51
CA VAL E 115 -35.90 -8.84 -46.11
C VAL E 115 -36.28 -8.06 -47.35
N THR E 116 -37.48 -7.48 -47.35
CA THR E 116 -37.99 -6.71 -48.48
C THR E 116 -38.35 -5.31 -47.99
N VAL E 117 -37.78 -4.29 -48.62
CA VAL E 117 -38.03 -2.90 -48.27
C VAL E 117 -38.80 -2.27 -49.43
N SER E 118 -40.01 -1.78 -49.14
CA SER E 118 -40.85 -1.18 -50.17
C SER E 118 -41.89 -0.30 -49.51
N SER E 119 -42.36 0.70 -50.26
CA SER E 119 -43.35 1.65 -49.76
C SER E 119 -44.78 1.19 -50.02
N ALA E 120 -45.01 0.44 -51.10
CA ALA E 120 -46.36 0.08 -51.48
C ALA E 120 -47.06 -0.71 -50.37
N LYS E 121 -48.38 -0.53 -50.29
CA LYS E 121 -49.20 -1.25 -49.33
C LYS E 121 -49.78 -2.50 -49.98
N THR E 122 -50.62 -3.22 -49.23
CA THR E 122 -51.25 -4.42 -49.76
C THR E 122 -52.04 -4.08 -51.02
N THR E 123 -51.88 -4.93 -52.04
CA THR E 123 -52.53 -4.70 -53.34
C THR E 123 -52.88 -6.04 -53.96
N ALA E 124 -54.13 -6.16 -54.45
CA ALA E 124 -54.56 -7.39 -55.09
C ALA E 124 -54.20 -7.36 -56.58
N PRO E 125 -53.96 -8.53 -57.18
CA PRO E 125 -53.50 -8.55 -58.57
C PRO E 125 -54.64 -8.44 -59.57
N SER E 126 -54.27 -8.10 -60.79
CA SER E 126 -55.17 -8.14 -61.94
C SER E 126 -54.87 -9.39 -62.76
N VAL E 127 -55.78 -9.70 -63.69
CA VAL E 127 -55.65 -10.89 -64.52
C VAL E 127 -56.07 -10.52 -65.94
N TYR E 128 -55.21 -10.84 -66.92
CA TYR E 128 -55.46 -10.52 -68.32
C TYR E 128 -55.24 -11.78 -69.15
N PRO E 129 -56.23 -12.23 -69.90
CA PRO E 129 -56.03 -13.42 -70.75
C PRO E 129 -55.29 -13.08 -72.04
N LEU E 130 -54.52 -14.06 -72.52
CA LEU E 130 -53.71 -13.90 -73.73
C LEU E 130 -54.01 -15.05 -74.68
N ALA E 131 -54.53 -14.72 -75.86
CA ALA E 131 -54.84 -15.70 -76.89
C ALA E 131 -54.10 -15.35 -78.17
N PRO E 132 -53.91 -16.32 -79.06
CA PRO E 132 -53.12 -16.05 -80.28
C PRO E 132 -53.73 -14.97 -81.15
N VAL E 133 -52.92 -14.47 -82.08
CA VAL E 133 -53.36 -13.43 -83.00
C VAL E 133 -54.28 -14.04 -84.06
N CYS E 134 -55.18 -13.22 -84.59
CA CYS E 134 -56.05 -13.64 -85.68
C CYS E 134 -55.21 -14.05 -86.89
N SER E 140 -51.02 -27.96 -84.93
CA SER E 140 -50.69 -29.18 -84.21
C SER E 140 -50.62 -28.92 -82.70
N SER E 141 -50.22 -27.70 -82.33
CA SER E 141 -50.10 -27.33 -80.94
C SER E 141 -50.32 -25.82 -80.81
N VAL E 142 -50.77 -25.40 -79.62
CA VAL E 142 -51.10 -24.01 -79.36
C VAL E 142 -50.65 -23.67 -77.94
N THR E 143 -50.31 -22.40 -77.74
CA THR E 143 -49.85 -21.90 -76.44
C THR E 143 -50.73 -20.72 -76.02
N LEU E 144 -51.12 -20.71 -74.75
CA LEU E 144 -51.94 -19.66 -74.17
C LEU E 144 -51.10 -18.82 -73.22
N GLY E 145 -51.76 -17.91 -72.50
CA GLY E 145 -51.09 -17.06 -71.54
C GLY E 145 -52.05 -16.52 -70.52
N CYS E 146 -51.50 -16.10 -69.38
CA CYS E 146 -52.32 -15.60 -68.28
C CYS E 146 -51.46 -14.60 -67.49
N LEU E 147 -51.53 -13.34 -67.89
CA LEU E 147 -50.71 -12.31 -67.28
C LEU E 147 -51.34 -11.83 -65.97
N VAL E 148 -50.48 -11.59 -64.98
CA VAL E 148 -50.88 -11.07 -63.68
C VAL E 148 -49.99 -9.88 -63.35
N LYS E 149 -50.60 -8.81 -62.83
CA LYS E 149 -49.88 -7.56 -62.65
C LYS E 149 -50.46 -6.78 -61.49
N GLY E 150 -49.60 -6.02 -60.81
CA GLY E 150 -50.02 -5.07 -59.80
C GLY E 150 -50.49 -5.72 -58.51
N TYR E 151 -49.56 -6.15 -57.67
CA TYR E 151 -49.91 -6.75 -56.39
C TYR E 151 -48.73 -6.65 -55.45
N PHE E 152 -49.02 -6.73 -54.15
CA PHE E 152 -48.00 -6.66 -53.12
C PHE E 152 -48.59 -7.10 -51.78
N PRO E 153 -47.83 -7.84 -50.97
CA PRO E 153 -46.49 -8.40 -51.22
C PRO E 153 -46.54 -9.78 -51.86
N GLU E 154 -45.38 -10.43 -51.98
CA GLU E 154 -45.32 -11.80 -52.48
C GLU E 154 -45.80 -12.76 -51.41
N PRO E 155 -46.15 -14.00 -51.80
CA PRO E 155 -46.21 -14.55 -53.16
C PRO E 155 -47.63 -14.75 -53.67
N VAL E 156 -47.78 -15.48 -54.77
CA VAL E 156 -49.09 -15.79 -55.34
C VAL E 156 -49.07 -17.23 -55.84
N THR E 157 -50.26 -17.77 -56.04
CA THR E 157 -50.44 -19.15 -56.51
C THR E 157 -51.22 -19.11 -57.82
N LEU E 158 -50.56 -19.50 -58.91
CA LEU E 158 -51.18 -19.56 -60.22
C LEU E 158 -51.36 -21.01 -60.63
N THR E 159 -52.60 -21.37 -60.98
CA THR E 159 -52.92 -22.72 -61.44
C THR E 159 -53.88 -22.61 -62.61
N TRP E 160 -53.87 -23.63 -63.46
CA TRP E 160 -54.73 -23.69 -64.64
C TRP E 160 -55.87 -24.66 -64.37
N ASN E 161 -57.10 -24.19 -64.49
CA ASN E 161 -58.29 -24.99 -64.20
C ASN E 161 -58.22 -25.55 -62.78
N SER E 162 -57.80 -24.70 -61.84
CA SER E 162 -57.75 -25.05 -60.42
C SER E 162 -56.79 -26.22 -60.18
N GLY E 163 -55.62 -26.15 -60.80
CA GLY E 163 -54.61 -27.18 -60.64
C GLY E 163 -54.85 -28.45 -61.42
N SER E 164 -55.74 -28.42 -62.41
CA SER E 164 -56.07 -29.62 -63.16
C SER E 164 -54.88 -30.10 -63.98
N LEU E 165 -54.21 -29.21 -64.69
CA LEU E 165 -53.07 -29.55 -65.54
C LEU E 165 -51.83 -28.86 -65.01
N SER E 166 -50.78 -29.65 -64.78
CA SER E 166 -49.47 -29.14 -64.39
C SER E 166 -48.37 -29.46 -65.40
N SER E 167 -48.49 -30.57 -66.13
CA SER E 167 -47.46 -30.98 -67.09
C SER E 167 -47.41 -30.00 -68.26
N GLY E 168 -46.38 -29.16 -68.29
CA GLY E 168 -46.20 -28.21 -69.37
C GLY E 168 -46.70 -26.83 -69.00
N VAL E 169 -46.38 -26.38 -67.79
CA VAL E 169 -46.79 -25.08 -67.29
C VAL E 169 -45.54 -24.33 -66.85
N HIS E 170 -45.11 -23.35 -67.65
CA HIS E 170 -43.92 -22.55 -67.36
C HIS E 170 -44.37 -21.28 -66.66
N THR E 171 -44.39 -21.31 -65.33
CA THR E 171 -44.71 -20.15 -64.51
C THR E 171 -43.42 -19.40 -64.23
N PHE E 172 -43.30 -18.18 -64.76
CA PHE E 172 -42.08 -17.42 -64.63
C PHE E 172 -42.03 -16.70 -63.27
N PRO E 173 -40.83 -16.46 -62.73
CA PRO E 173 -40.73 -15.74 -61.46
C PRO E 173 -41.24 -14.32 -61.58
N ALA E 174 -41.75 -13.80 -60.47
CA ALA E 174 -42.26 -12.42 -60.43
C ALA E 174 -41.11 -11.43 -60.56
N VAL E 175 -41.43 -10.26 -61.12
CA VAL E 175 -40.45 -9.20 -61.35
C VAL E 175 -40.97 -7.92 -60.74
N LEU E 176 -40.09 -7.20 -60.05
CA LEU E 176 -40.46 -5.95 -59.41
C LEU E 176 -40.68 -4.85 -60.45
N GLN E 177 -41.72 -4.05 -60.25
CA GLN E 177 -42.07 -2.96 -61.18
C GLN E 177 -42.61 -1.81 -60.34
N SER E 178 -41.72 -0.92 -59.91
CA SER E 178 -42.08 0.28 -59.15
C SER E 178 -42.96 -0.08 -57.95
N ASP E 179 -42.36 -0.82 -57.02
CA ASP E 179 -43.01 -1.23 -55.78
C ASP E 179 -44.20 -2.14 -56.02
N LEU E 180 -44.28 -2.78 -57.18
CA LEU E 180 -45.35 -3.71 -57.49
C LEU E 180 -44.81 -4.77 -58.45
N TYR E 181 -45.33 -5.98 -58.31
CA TYR E 181 -44.81 -7.14 -59.03
C TYR E 181 -45.65 -7.42 -60.27
N THR E 182 -45.09 -8.27 -61.14
CA THR E 182 -45.76 -8.66 -62.38
C THR E 182 -45.33 -10.09 -62.71
N LEU E 183 -46.24 -11.04 -62.50
CA LEU E 183 -45.97 -12.45 -62.74
C LEU E 183 -46.73 -12.91 -63.98
N SER E 184 -46.14 -13.86 -64.70
CA SER E 184 -46.71 -14.37 -65.93
C SER E 184 -46.44 -15.86 -66.07
N SER E 185 -47.40 -16.57 -66.66
CA SER E 185 -47.29 -18.01 -66.86
C SER E 185 -47.82 -18.37 -68.24
N SER E 186 -47.65 -19.63 -68.61
CA SER E 186 -48.07 -20.12 -69.91
C SER E 186 -48.33 -21.61 -69.85
N VAL E 187 -48.91 -22.14 -70.92
CA VAL E 187 -49.23 -23.56 -71.02
C VAL E 187 -49.37 -23.91 -72.49
N THR E 188 -49.01 -25.14 -72.84
CA THR E 188 -49.06 -25.62 -74.22
C THR E 188 -49.85 -26.92 -74.29
N VAL E 189 -50.70 -27.03 -75.31
CA VAL E 189 -51.51 -28.22 -75.56
C VAL E 189 -51.65 -28.39 -77.06
N THR E 190 -52.25 -29.51 -77.46
CA THR E 190 -52.46 -29.80 -78.87
C THR E 190 -53.65 -29.00 -79.40
N SER E 191 -53.77 -28.96 -80.73
CA SER E 191 -54.88 -28.25 -81.36
C SER E 191 -56.22 -28.88 -81.04
N SER E 192 -56.24 -30.17 -80.66
CA SER E 192 -57.47 -30.85 -80.28
C SER E 192 -57.78 -30.72 -78.80
N THR E 193 -57.29 -29.66 -78.16
CA THR E 193 -57.56 -29.38 -76.75
C THR E 193 -58.20 -28.02 -76.53
N TRP E 194 -57.95 -27.06 -77.42
CA TRP E 194 -58.50 -25.72 -77.29
C TRP E 194 -58.67 -25.13 -78.70
N PRO E 195 -59.81 -24.46 -78.96
CA PRO E 195 -60.94 -24.18 -78.06
C PRO E 195 -61.96 -25.32 -77.99
N SER E 196 -61.51 -26.55 -78.17
CA SER E 196 -62.41 -27.70 -78.06
C SER E 196 -62.82 -27.98 -76.62
N GLN E 197 -62.14 -27.40 -75.63
CA GLN E 197 -62.46 -27.60 -74.23
C GLN E 197 -62.30 -26.29 -73.48
N SER E 198 -63.19 -26.03 -72.54
CA SER E 198 -63.14 -24.82 -71.76
C SER E 198 -61.91 -24.82 -70.86
N ILE E 199 -61.17 -23.71 -70.85
CA ILE E 199 -59.96 -23.57 -70.06
C ILE E 199 -60.00 -22.23 -69.35
N THR E 200 -59.66 -22.24 -68.06
CA THR E 200 -59.65 -21.02 -67.25
C THR E 200 -58.38 -21.01 -66.41
N CYS E 201 -57.77 -19.83 -66.30
CA CYS E 201 -56.55 -19.65 -65.53
C CYS E 201 -56.92 -19.17 -64.12
N ASN E 202 -56.53 -19.95 -63.11
CA ASN E 202 -56.82 -19.61 -61.73
C ASN E 202 -55.64 -18.86 -61.11
N VAL E 203 -55.96 -17.91 -60.23
CA VAL E 203 -54.97 -17.08 -59.56
C VAL E 203 -55.42 -16.89 -58.12
N ALA E 204 -54.45 -16.74 -57.22
CA ALA E 204 -54.73 -16.54 -55.81
C ALA E 204 -53.64 -15.68 -55.18
N HIS E 205 -54.04 -14.88 -54.20
CA HIS E 205 -53.13 -13.97 -53.50
C HIS E 205 -53.46 -14.01 -52.01
N PRO E 206 -52.78 -14.87 -51.25
CA PRO E 206 -53.12 -14.99 -49.82
C PRO E 206 -53.03 -13.68 -49.05
N ALA E 207 -52.19 -12.74 -49.49
CA ALA E 207 -52.03 -11.50 -48.75
C ALA E 207 -53.35 -10.73 -48.67
N SER E 208 -54.01 -10.53 -49.82
CA SER E 208 -55.30 -9.86 -49.86
C SER E 208 -56.46 -10.84 -49.83
N SER E 209 -56.20 -12.14 -49.79
CA SER E 209 -57.24 -13.15 -49.65
C SER E 209 -58.23 -13.08 -50.81
N THR E 210 -57.70 -13.08 -52.03
CA THR E 210 -58.51 -13.03 -53.24
C THR E 210 -58.21 -14.24 -54.11
N LYS E 211 -59.24 -14.68 -54.86
CA LYS E 211 -59.15 -15.87 -55.68
C LYS E 211 -59.90 -15.64 -57.00
N VAL E 212 -59.45 -14.65 -57.78
CA VAL E 212 -60.08 -14.31 -59.04
C VAL E 212 -59.45 -15.14 -60.16
N ASP E 213 -60.23 -15.40 -61.20
CA ASP E 213 -59.76 -16.17 -62.34
C ASP E 213 -60.45 -15.64 -63.60
N LYS E 214 -59.78 -15.82 -64.74
CA LYS E 214 -60.27 -15.34 -66.02
C LYS E 214 -60.25 -16.48 -67.04
N LYS E 215 -61.34 -16.64 -67.77
CA LYS E 215 -61.45 -17.68 -68.78
C LYS E 215 -60.85 -17.22 -70.10
N ILE E 216 -59.94 -18.02 -70.65
CA ILE E 216 -59.30 -17.68 -71.92
C ILE E 216 -60.33 -17.78 -73.04
N GLU E 217 -60.34 -16.76 -73.91
CA GLU E 217 -61.27 -16.72 -75.03
C GLU E 217 -60.50 -16.56 -76.34
N PRO E 218 -60.89 -17.27 -77.39
CA PRO E 218 -60.21 -17.09 -78.68
C PRO E 218 -60.46 -15.70 -79.27
N ARG E 219 -59.58 -15.33 -80.20
CA ARG E 219 -59.71 -14.05 -80.89
C ARG E 219 -60.21 -14.26 -82.31
N ASP F 1 -9.51 -4.33 -49.47
CA ASP F 1 -10.08 -5.70 -49.37
C ASP F 1 -9.48 -6.61 -50.43
N ILE F 2 -9.66 -7.91 -50.24
CA ILE F 2 -9.15 -8.92 -51.18
C ILE F 2 -10.23 -9.23 -52.19
N LEU F 3 -9.83 -9.36 -53.46
CA LEU F 3 -10.75 -9.69 -54.54
C LEU F 3 -10.64 -11.17 -54.86
N MET F 4 -11.78 -11.84 -54.87
CA MET F 4 -11.86 -13.28 -55.16
C MET F 4 -12.47 -13.45 -56.54
N THR F 5 -11.63 -13.80 -57.53
CA THR F 5 -12.09 -14.05 -58.89
C THR F 5 -12.37 -15.54 -59.05
N GLN F 6 -13.64 -15.88 -59.27
CA GLN F 6 -14.07 -17.26 -59.43
C GLN F 6 -14.45 -17.50 -60.88
N SER F 7 -13.93 -18.59 -61.46
CA SER F 7 -14.21 -18.92 -62.84
C SER F 7 -14.34 -20.44 -63.00
N PRO F 8 -15.14 -20.88 -64.00
CA PRO F 8 -15.95 -20.06 -64.89
C PRO F 8 -17.22 -19.54 -64.23
N SER F 9 -17.88 -18.57 -64.86
CA SER F 9 -19.15 -18.08 -64.34
C SER F 9 -20.21 -19.16 -64.36
N SER F 10 -20.10 -20.12 -65.28
CA SER F 10 -21.04 -21.23 -65.39
C SER F 10 -20.48 -22.24 -66.38
N MET F 11 -20.97 -23.47 -66.29
CA MET F 11 -20.51 -24.54 -67.16
C MET F 11 -21.63 -25.55 -67.35
N SER F 12 -21.75 -26.08 -68.56
CA SER F 12 -22.72 -27.11 -68.89
C SER F 12 -21.98 -28.45 -68.96
N VAL F 13 -22.37 -29.38 -68.09
CA VAL F 13 -21.71 -30.67 -67.96
C VAL F 13 -22.78 -31.74 -67.72
N SER F 14 -22.33 -32.99 -67.65
CA SER F 14 -23.22 -34.14 -67.53
C SER F 14 -22.89 -34.95 -66.29
N LEU F 15 -23.68 -35.98 -66.04
CA LEU F 15 -23.46 -36.87 -64.91
C LEU F 15 -22.21 -37.71 -65.13
N GLY F 16 -21.59 -38.11 -64.02
CA GLY F 16 -20.36 -38.90 -64.10
C GLY F 16 -19.16 -38.14 -64.61
N ASP F 17 -19.28 -36.84 -64.83
CA ASP F 17 -18.16 -36.03 -65.29
C ASP F 17 -17.30 -35.60 -64.12
N THR F 18 -16.02 -35.34 -64.41
CA THR F 18 -15.06 -34.87 -63.42
C THR F 18 -14.69 -33.43 -63.79
N VAL F 19 -15.19 -32.48 -62.99
CA VAL F 19 -15.02 -31.06 -63.28
C VAL F 19 -14.13 -30.45 -62.20
N SER F 20 -13.77 -29.18 -62.40
CA SER F 20 -12.93 -28.45 -61.46
C SER F 20 -13.23 -26.97 -61.57
N ILE F 21 -13.47 -26.33 -60.43
CA ILE F 21 -13.71 -24.89 -60.33
C ILE F 21 -12.47 -24.24 -59.75
N THR F 22 -12.03 -23.16 -60.35
CA THR F 22 -10.88 -22.40 -59.88
C THR F 22 -11.34 -21.16 -59.11
N CYS F 23 -10.40 -20.57 -58.37
CA CYS F 23 -10.68 -19.38 -57.58
C CYS F 23 -9.36 -18.62 -57.41
N HIS F 24 -9.30 -17.39 -57.90
CA HIS F 24 -8.08 -16.59 -57.87
C HIS F 24 -8.26 -15.42 -56.91
N ALA F 25 -7.28 -15.24 -56.03
CA ALA F 25 -7.26 -14.12 -55.10
C ALA F 25 -6.24 -13.08 -55.57
N SER F 26 -6.50 -11.83 -55.23
CA SER F 26 -5.61 -10.74 -55.61
C SER F 26 -4.27 -10.77 -54.88
N GLN F 27 -4.09 -11.71 -53.95
CA GLN F 27 -2.82 -11.87 -53.25
C GLN F 27 -2.82 -13.24 -52.59
N GLY F 28 -1.71 -13.57 -51.93
CA GLY F 28 -1.60 -14.86 -51.26
C GLY F 28 -2.46 -14.91 -50.00
N ILE F 29 -3.15 -16.03 -49.83
CA ILE F 29 -4.00 -16.24 -48.66
C ILE F 29 -3.58 -17.47 -47.86
N SER F 30 -2.64 -18.28 -48.36
CA SER F 30 -2.08 -19.39 -47.59
C SER F 30 -3.16 -20.36 -47.13
N SER F 31 -3.96 -20.85 -48.07
CA SER F 31 -4.92 -21.91 -47.83
C SER F 31 -6.01 -21.50 -46.85
N ASN F 32 -6.19 -20.19 -46.62
CA ASN F 32 -7.24 -19.71 -45.73
C ASN F 32 -8.53 -19.47 -46.52
N ILE F 33 -8.99 -20.54 -47.19
CA ILE F 33 -10.11 -20.45 -48.11
C ILE F 33 -11.13 -21.53 -47.78
N GLY F 34 -12.39 -21.21 -48.01
CA GLY F 34 -13.46 -22.18 -47.84
C GLY F 34 -14.35 -22.22 -49.07
N TRP F 35 -14.99 -23.37 -49.26
CA TRP F 35 -15.87 -23.58 -50.40
C TRP F 35 -17.29 -23.85 -49.91
N LEU F 36 -18.26 -23.43 -50.72
CA LEU F 36 -19.66 -23.45 -50.31
C LEU F 36 -20.52 -24.00 -51.44
N GLN F 37 -21.72 -24.45 -51.07
CA GLN F 37 -22.70 -24.97 -52.01
C GLN F 37 -24.07 -24.41 -51.66
N GLN F 38 -24.85 -24.08 -52.68
CA GLN F 38 -26.22 -23.60 -52.51
C GLN F 38 -27.10 -24.34 -53.50
N LYS F 39 -27.82 -25.34 -53.03
CA LYS F 39 -28.73 -26.08 -53.89
C LYS F 39 -29.93 -25.20 -54.25
N PRO F 40 -30.58 -25.48 -55.39
CA PRO F 40 -31.68 -24.61 -55.85
C PRO F 40 -32.72 -24.34 -54.77
N GLY F 41 -32.88 -23.05 -54.42
CA GLY F 41 -33.87 -22.63 -53.45
C GLY F 41 -33.54 -22.94 -52.01
N LYS F 42 -32.50 -23.72 -51.74
CA LYS F 42 -32.13 -24.09 -50.38
C LYS F 42 -30.98 -23.20 -49.89
N SER F 43 -30.63 -23.39 -48.62
CA SER F 43 -29.64 -22.55 -47.97
C SER F 43 -28.23 -23.03 -48.35
N PHE F 44 -27.23 -22.56 -47.60
CA PHE F 44 -25.84 -22.87 -47.87
C PHE F 44 -25.35 -24.05 -47.04
N MET F 45 -24.42 -24.82 -47.61
CA MET F 45 -23.79 -25.93 -46.93
C MET F 45 -22.29 -25.84 -47.13
N GLY F 46 -21.53 -26.12 -46.07
CA GLY F 46 -20.08 -26.06 -46.15
C GLY F 46 -19.51 -27.29 -46.85
N LEU F 47 -18.48 -27.06 -47.66
CA LEU F 47 -17.78 -28.13 -48.36
C LEU F 47 -16.34 -28.27 -47.91
N ILE F 48 -15.57 -27.18 -47.94
CA ILE F 48 -14.15 -27.21 -47.61
C ILE F 48 -13.87 -26.10 -46.60
N TYR F 49 -12.89 -26.35 -45.74
CA TYR F 49 -12.33 -25.32 -44.88
C TYR F 49 -10.83 -25.49 -44.84
N TYR F 50 -10.11 -24.37 -44.86
CA TYR F 50 -8.66 -24.35 -44.90
C TYR F 50 -8.13 -25.07 -46.14
N GLY F 51 -8.79 -24.84 -47.27
CA GLY F 51 -8.28 -25.28 -48.56
C GLY F 51 -8.52 -26.73 -48.97
N THR F 52 -8.24 -27.67 -48.07
CA THR F 52 -8.29 -29.09 -48.42
C THR F 52 -9.15 -29.94 -47.51
N ASN F 53 -9.49 -29.47 -46.31
CA ASN F 53 -10.18 -30.31 -45.34
C ASN F 53 -11.68 -30.34 -45.61
N LEU F 54 -12.21 -31.52 -45.87
CA LEU F 54 -13.65 -31.68 -46.06
C LEU F 54 -14.39 -31.40 -44.76
N VAL F 55 -15.57 -30.80 -44.87
CA VAL F 55 -16.44 -30.60 -43.71
C VAL F 55 -17.10 -31.94 -43.37
N ASP F 56 -17.41 -32.11 -42.09
CA ASP F 56 -18.01 -33.35 -41.63
C ASP F 56 -19.34 -33.58 -42.34
N GLY F 57 -19.41 -34.67 -43.11
CA GLY F 57 -20.62 -35.05 -43.82
C GLY F 57 -20.49 -34.98 -45.34
N VAL F 58 -19.51 -34.24 -45.84
CA VAL F 58 -19.37 -34.07 -47.29
C VAL F 58 -18.91 -35.38 -47.92
N PRO F 59 -19.51 -35.84 -49.02
CA PRO F 59 -19.02 -37.05 -49.67
C PRO F 59 -17.55 -36.93 -50.04
N SER F 60 -16.88 -38.08 -50.14
CA SER F 60 -15.46 -38.12 -50.44
C SER F 60 -15.15 -37.76 -51.89
N ARG F 61 -16.16 -37.69 -52.76
CA ARG F 61 -15.91 -37.32 -54.15
C ARG F 61 -15.50 -35.86 -54.30
N PHE F 62 -15.77 -35.02 -53.31
CA PHE F 62 -15.31 -33.65 -53.32
C PHE F 62 -13.85 -33.58 -52.90
N SER F 63 -13.18 -32.51 -53.32
CA SER F 63 -11.77 -32.33 -52.98
C SER F 63 -11.28 -30.94 -53.37
N GLY F 64 -10.55 -30.29 -52.45
CA GLY F 64 -9.95 -28.99 -52.73
C GLY F 64 -8.45 -29.08 -52.80
N SER F 65 -7.81 -28.07 -53.38
CA SER F 65 -6.36 -28.10 -53.57
C SER F 65 -5.91 -26.69 -53.97
N GLY F 66 -4.60 -26.53 -54.10
CA GLY F 66 -4.00 -25.28 -54.52
C GLY F 66 -3.15 -24.67 -53.42
N SER F 67 -2.55 -23.53 -53.75
CA SER F 67 -1.70 -22.80 -52.81
C SER F 67 -1.48 -21.40 -53.34
N GLY F 68 -0.91 -20.56 -52.48
CA GLY F 68 -0.61 -19.18 -52.84
C GLY F 68 -1.85 -18.35 -53.06
N ALA F 69 -2.14 -18.04 -54.33
CA ALA F 69 -3.31 -17.24 -54.69
C ALA F 69 -4.16 -17.93 -55.76
N ASP F 70 -3.98 -19.24 -55.94
CA ASP F 70 -4.73 -19.99 -56.94
C ASP F 70 -5.15 -21.33 -56.32
N TYR F 71 -6.45 -21.54 -56.22
CA TYR F 71 -7.00 -22.73 -55.57
C TYR F 71 -8.08 -23.34 -56.46
N SER F 72 -8.41 -24.60 -56.21
CA SER F 72 -9.30 -25.35 -57.07
C SER F 72 -10.15 -26.31 -56.26
N LEU F 73 -11.45 -26.31 -56.53
CA LEU F 73 -12.37 -27.32 -56.03
C LEU F 73 -12.63 -28.34 -57.13
N THR F 74 -12.85 -29.59 -56.73
CA THR F 74 -12.98 -30.68 -57.70
C THR F 74 -14.05 -31.66 -57.24
N ILE F 75 -14.86 -32.10 -58.21
CA ILE F 75 -15.92 -33.08 -57.97
C ILE F 75 -15.73 -34.22 -58.95
N SER F 76 -15.48 -35.42 -58.43
CA SER F 76 -15.31 -36.60 -59.27
C SER F 76 -16.64 -37.33 -59.40
N SER F 77 -17.00 -37.69 -60.63
CA SER F 77 -18.25 -38.38 -60.90
C SER F 77 -19.44 -37.60 -60.35
N LEU F 78 -19.90 -36.60 -61.10
CA LEU F 78 -20.99 -35.77 -60.65
C LEU F 78 -22.24 -36.60 -60.36
N ASP F 79 -23.05 -36.11 -59.43
CA ASP F 79 -24.31 -36.73 -59.07
C ASP F 79 -25.44 -35.72 -59.28
N SER F 80 -26.67 -36.22 -59.36
CA SER F 80 -27.82 -35.36 -59.61
C SER F 80 -27.92 -34.26 -58.57
N GLU F 81 -27.46 -34.51 -57.35
CA GLU F 81 -27.51 -33.50 -56.30
C GLU F 81 -26.47 -32.40 -56.48
N ASP F 82 -25.37 -32.69 -57.20
CA ASP F 82 -24.27 -31.74 -57.29
C ASP F 82 -24.62 -30.51 -58.13
N PHE F 83 -25.62 -30.61 -59.01
CA PHE F 83 -26.00 -29.48 -59.85
C PHE F 83 -26.54 -28.36 -58.97
N ALA F 84 -25.70 -27.38 -58.66
CA ALA F 84 -26.07 -26.28 -57.78
C ALA F 84 -25.05 -25.16 -57.94
N ASP F 85 -25.22 -24.12 -57.12
CA ASP F 85 -24.29 -22.99 -57.12
C ASP F 85 -23.16 -23.25 -56.14
N TYR F 86 -22.00 -22.68 -56.44
CA TYR F 86 -20.80 -22.85 -55.62
C TYR F 86 -20.07 -21.52 -55.51
N TYR F 87 -19.51 -21.26 -54.33
CA TYR F 87 -18.80 -20.01 -54.05
C TYR F 87 -17.55 -20.31 -53.25
N CYS F 88 -16.49 -19.55 -53.51
CA CYS F 88 -15.25 -19.65 -52.75
C CYS F 88 -15.10 -18.40 -51.87
N VAL F 89 -14.83 -18.63 -50.59
CA VAL F 89 -14.71 -17.55 -49.60
C VAL F 89 -13.33 -17.61 -48.98
N GLN F 90 -12.72 -16.45 -48.78
CA GLN F 90 -11.44 -16.32 -48.11
C GLN F 90 -11.65 -15.66 -46.76
N TYR F 91 -10.83 -16.07 -45.78
CA TYR F 91 -10.81 -15.45 -44.46
C TYR F 91 -9.38 -15.23 -43.99
N ALA F 92 -8.47 -14.94 -44.92
CA ALA F 92 -7.10 -14.60 -44.56
C ALA F 92 -7.01 -13.19 -43.99
N GLN F 93 -7.91 -12.30 -44.40
CA GLN F 93 -7.96 -10.94 -43.90
C GLN F 93 -9.40 -10.52 -43.69
N LEU F 94 -9.59 -9.49 -42.89
CA LEU F 94 -10.88 -8.85 -42.75
C LEU F 94 -10.94 -7.64 -43.69
N PRO F 95 -12.07 -7.42 -44.37
CA PRO F 95 -13.32 -8.20 -44.32
C PRO F 95 -13.25 -9.49 -45.13
N TYR F 96 -14.04 -10.49 -44.76
CA TYR F 96 -14.17 -11.68 -45.59
C TYR F 96 -14.79 -11.30 -46.93
N THR F 97 -14.34 -11.98 -47.99
CA THR F 97 -14.80 -11.68 -49.33
C THR F 97 -15.10 -12.98 -50.06
N PHE F 98 -16.17 -12.96 -50.85
CA PHE F 98 -16.64 -14.14 -51.57
C PHE F 98 -16.32 -14.02 -53.05
N GLY F 99 -16.38 -15.17 -53.74
CA GLY F 99 -16.16 -15.19 -55.17
C GLY F 99 -17.40 -14.81 -55.95
N GLY F 100 -17.21 -14.65 -57.26
CA GLY F 100 -18.33 -14.29 -58.12
C GLY F 100 -19.42 -15.35 -58.15
N GLY F 101 -19.02 -16.62 -58.16
CA GLY F 101 -19.97 -17.72 -58.17
C GLY F 101 -19.88 -18.56 -59.42
N THR F 102 -20.40 -19.78 -59.35
CA THR F 102 -20.41 -20.69 -60.48
C THR F 102 -21.69 -21.52 -60.44
N LYS F 103 -22.30 -21.72 -61.60
CA LYS F 103 -23.55 -22.46 -61.71
C LYS F 103 -23.34 -23.64 -62.66
N LEU F 104 -23.41 -24.85 -62.11
CA LEU F 104 -23.30 -26.06 -62.91
C LEU F 104 -24.65 -26.40 -63.53
N GLU F 105 -24.66 -26.62 -64.83
CA GLU F 105 -25.88 -26.89 -65.58
C GLU F 105 -25.74 -28.21 -66.35
N ILE F 106 -26.87 -28.78 -66.71
CA ILE F 106 -26.89 -30.05 -67.41
C ILE F 106 -26.62 -29.81 -68.89
N LYS F 107 -25.65 -30.53 -69.44
CA LYS F 107 -25.36 -30.47 -70.87
C LYS F 107 -26.36 -31.31 -71.63
N ARG F 108 -26.77 -30.83 -72.80
CA ARG F 108 -27.74 -31.53 -73.62
C ARG F 108 -27.64 -31.01 -75.05
N ALA F 109 -28.53 -31.52 -75.91
CA ALA F 109 -28.57 -31.09 -77.30
C ALA F 109 -29.15 -29.69 -77.41
N ASP F 110 -28.63 -28.92 -78.36
CA ASP F 110 -29.13 -27.57 -78.59
C ASP F 110 -30.57 -27.63 -79.09
N ALA F 111 -31.38 -26.67 -78.64
CA ALA F 111 -32.78 -26.62 -79.00
C ALA F 111 -33.17 -25.18 -79.31
N ALA F 112 -33.90 -24.99 -80.41
CA ALA F 112 -34.33 -23.66 -80.82
C ALA F 112 -35.56 -23.22 -80.03
N PRO F 113 -35.73 -21.92 -79.83
CA PRO F 113 -36.85 -21.45 -79.01
C PRO F 113 -38.17 -21.43 -79.77
N THR F 114 -39.25 -21.67 -79.04
CA THR F 114 -40.61 -21.61 -79.57
C THR F 114 -41.16 -20.22 -79.30
N VAL F 115 -41.07 -19.34 -80.30
CA VAL F 115 -41.51 -17.96 -80.13
C VAL F 115 -43.02 -17.90 -80.29
N SER F 116 -43.66 -17.01 -79.51
CA SER F 116 -45.12 -16.86 -79.57
C SER F 116 -45.46 -15.48 -79.02
N ILE F 117 -45.96 -14.60 -79.89
CA ILE F 117 -46.34 -13.25 -79.50
C ILE F 117 -47.83 -13.23 -79.18
N PHE F 118 -48.23 -12.31 -78.30
CA PHE F 118 -49.62 -12.18 -77.88
C PHE F 118 -49.95 -10.71 -77.66
N PRO F 119 -51.07 -10.21 -78.20
CA PRO F 119 -51.38 -8.79 -78.07
C PRO F 119 -52.13 -8.51 -76.77
N PRO F 120 -52.40 -7.23 -76.47
CA PRO F 120 -53.09 -6.90 -75.22
C PRO F 120 -54.50 -7.48 -75.18
N SER F 121 -54.96 -7.75 -73.96
CA SER F 121 -56.29 -8.29 -73.76
C SER F 121 -57.33 -7.18 -73.74
N SER F 122 -58.58 -7.56 -73.98
CA SER F 122 -59.68 -6.61 -73.91
C SER F 122 -59.88 -6.11 -72.48
N GLU F 123 -59.65 -6.96 -71.49
CA GLU F 123 -59.76 -6.55 -70.10
C GLU F 123 -58.62 -5.61 -69.70
N GLN F 124 -57.50 -5.66 -70.42
CA GLN F 124 -56.36 -4.79 -70.14
C GLN F 124 -56.50 -3.43 -70.80
N LEU F 125 -56.94 -3.39 -72.06
CA LEU F 125 -57.10 -2.13 -72.76
C LEU F 125 -58.20 -1.26 -72.14
N THR F 126 -59.08 -1.85 -71.32
CA THR F 126 -60.13 -1.07 -70.68
C THR F 126 -59.61 -0.28 -69.50
N SER F 127 -58.51 -0.72 -68.87
CA SER F 127 -57.93 -0.03 -67.73
C SER F 127 -56.92 1.04 -68.14
N GLY F 128 -56.91 1.43 -69.42
CA GLY F 128 -55.99 2.45 -69.88
C GLY F 128 -54.54 1.98 -69.88
N GLY F 129 -54.31 0.77 -70.38
CA GLY F 129 -52.97 0.21 -70.44
C GLY F 129 -52.90 -0.87 -71.48
N ALA F 130 -51.66 -1.30 -71.77
CA ALA F 130 -51.43 -2.32 -72.78
C ALA F 130 -50.07 -2.96 -72.54
N SER F 131 -49.98 -4.26 -72.81
CA SER F 131 -48.74 -5.01 -72.64
C SER F 131 -48.68 -6.11 -73.68
N VAL F 132 -47.62 -6.12 -74.49
CA VAL F 132 -47.40 -7.14 -75.50
C VAL F 132 -46.41 -8.15 -74.95
N VAL F 133 -46.87 -9.39 -74.75
CA VAL F 133 -46.04 -10.46 -74.24
C VAL F 133 -45.51 -11.30 -75.40
N CYS F 134 -44.32 -11.86 -75.22
CA CYS F 134 -43.68 -12.66 -76.27
C CYS F 134 -42.87 -13.75 -75.57
N PHE F 135 -43.43 -14.97 -75.53
CA PHE F 135 -42.80 -16.08 -74.83
C PHE F 135 -41.77 -16.77 -75.71
N LEU F 136 -40.78 -17.41 -75.06
CA LEU F 136 -39.72 -18.16 -75.74
C LEU F 136 -39.42 -19.42 -74.91
N ASN F 137 -40.32 -20.39 -74.97
CA ASN F 137 -40.23 -21.57 -74.12
C ASN F 137 -39.33 -22.64 -74.73
N ASN F 138 -38.61 -23.36 -73.87
CA ASN F 138 -37.90 -24.57 -74.25
C ASN F 138 -36.80 -24.29 -75.26
N PHE F 139 -35.65 -23.79 -74.79
CA PHE F 139 -34.49 -23.60 -75.65
C PHE F 139 -33.22 -23.91 -74.87
N TYR F 140 -32.15 -24.17 -75.62
CA TYR F 140 -30.84 -24.48 -75.03
C TYR F 140 -29.73 -24.14 -76.02
N PRO F 141 -28.61 -23.55 -75.54
CA PRO F 141 -28.27 -23.13 -74.17
C PRO F 141 -29.06 -21.92 -73.70
N LYS F 142 -28.82 -21.47 -72.47
CA LYS F 142 -29.60 -20.39 -71.89
C LYS F 142 -29.36 -19.05 -72.57
N ASP F 143 -28.28 -18.91 -73.33
CA ASP F 143 -27.95 -17.63 -73.95
C ASP F 143 -28.97 -17.28 -75.02
N ILE F 144 -29.55 -16.08 -74.91
CA ILE F 144 -30.55 -15.62 -75.86
C ILE F 144 -30.69 -14.11 -75.71
N ASN F 145 -31.08 -13.45 -76.80
CA ASN F 145 -31.25 -12.00 -76.82
C ASN F 145 -32.55 -11.66 -77.52
N VAL F 146 -33.47 -11.04 -76.80
CA VAL F 146 -34.74 -10.59 -77.36
C VAL F 146 -34.58 -9.14 -77.82
N LYS F 147 -35.34 -8.78 -78.85
CA LYS F 147 -35.27 -7.42 -79.41
C LYS F 147 -36.65 -7.02 -79.89
N TRP F 148 -37.12 -5.84 -79.46
CA TRP F 148 -38.42 -5.33 -79.84
C TRP F 148 -38.25 -4.24 -80.89
N LYS F 149 -39.08 -4.30 -81.94
CA LYS F 149 -39.06 -3.32 -83.02
C LYS F 149 -40.48 -2.88 -83.31
N ILE F 150 -40.80 -1.64 -82.98
CA ILE F 150 -42.10 -1.05 -83.31
C ILE F 150 -41.98 -0.45 -84.71
N ASP F 151 -42.56 -1.11 -85.70
CA ASP F 151 -42.50 -0.66 -87.09
C ASP F 151 -41.05 -0.57 -87.57
N GLY F 152 -40.25 -1.57 -87.22
CA GLY F 152 -38.83 -1.61 -87.56
C GLY F 152 -37.96 -0.86 -86.58
N SER F 153 -38.47 0.24 -86.02
CA SER F 153 -37.69 1.04 -85.07
C SER F 153 -37.50 0.26 -83.78
N GLU F 154 -36.26 0.09 -83.36
CA GLU F 154 -35.94 -0.68 -82.17
C GLU F 154 -36.61 -0.07 -80.95
N ARG F 155 -36.78 -0.90 -79.91
CA ARG F 155 -37.41 -0.48 -78.67
C ARG F 155 -36.60 -1.01 -77.49
N GLN F 156 -36.31 -0.14 -76.53
CA GLN F 156 -35.56 -0.50 -75.34
C GLN F 156 -36.19 0.04 -74.06
N ASN F 157 -37.41 0.58 -74.14
CA ASN F 157 -38.05 1.25 -73.02
C ASN F 157 -39.21 0.43 -72.49
N GLY F 158 -39.31 0.35 -71.17
CA GLY F 158 -40.44 -0.32 -70.53
C GLY F 158 -40.52 -1.81 -70.83
N VAL F 159 -39.39 -2.50 -70.82
CA VAL F 159 -39.33 -3.93 -71.09
C VAL F 159 -39.10 -4.66 -69.78
N LEU F 160 -39.83 -5.76 -69.57
CA LEU F 160 -39.71 -6.60 -68.39
C LEU F 160 -39.46 -8.03 -68.83
N ASN F 161 -38.28 -8.55 -68.50
CA ASN F 161 -37.88 -9.90 -68.88
C ASN F 161 -37.72 -10.76 -67.64
N SER F 162 -38.11 -12.03 -67.76
CA SER F 162 -38.03 -12.98 -66.65
C SER F 162 -37.54 -14.32 -67.18
N TRP F 163 -36.59 -14.93 -66.47
CA TRP F 163 -36.02 -16.21 -66.85
C TRP F 163 -36.41 -17.28 -65.84
N THR F 164 -36.71 -18.47 -66.35
CA THR F 164 -36.92 -19.64 -65.50
C THR F 164 -35.63 -20.45 -65.42
N ASP F 165 -35.48 -21.16 -64.30
CA ASP F 165 -34.33 -22.02 -64.14
C ASP F 165 -34.38 -23.16 -65.15
N GLN F 166 -33.30 -23.93 -65.20
CA GLN F 166 -33.25 -25.09 -66.09
C GLN F 166 -34.35 -26.08 -65.70
N ASP F 167 -35.27 -26.32 -66.62
CA ASP F 167 -36.44 -27.14 -66.32
C ASP F 167 -36.04 -28.55 -65.92
N SER F 168 -36.51 -28.99 -64.75
CA SER F 168 -36.22 -30.33 -64.28
C SER F 168 -36.77 -31.40 -65.22
N LYS F 169 -37.77 -31.07 -66.02
CA LYS F 169 -38.41 -32.03 -66.92
C LYS F 169 -37.47 -32.45 -68.03
N ASP F 170 -37.13 -31.51 -68.92
CA ASP F 170 -36.32 -31.81 -70.10
C ASP F 170 -35.04 -30.98 -70.15
N SER F 171 -34.70 -30.28 -69.08
CA SER F 171 -33.46 -29.50 -69.03
C SER F 171 -33.42 -28.43 -70.11
N THR F 172 -34.48 -27.62 -70.16
CA THR F 172 -34.58 -26.54 -71.14
C THR F 172 -34.95 -25.25 -70.42
N TYR F 173 -34.48 -24.14 -70.96
CA TYR F 173 -34.75 -22.81 -70.42
C TYR F 173 -35.90 -22.16 -71.16
N SER F 174 -36.60 -21.26 -70.47
CA SER F 174 -37.71 -20.52 -71.06
C SER F 174 -37.62 -19.07 -70.62
N MET F 175 -38.15 -18.17 -71.44
CA MET F 175 -38.00 -16.74 -71.24
C MET F 175 -39.32 -16.03 -71.47
N SER F 176 -39.55 -14.98 -70.70
CA SER F 176 -40.71 -14.12 -70.85
C SER F 176 -40.24 -12.68 -71.10
N SER F 177 -41.08 -11.91 -71.81
CA SER F 177 -40.74 -10.55 -72.16
C SER F 177 -42.03 -9.75 -72.33
N THR F 178 -42.18 -8.68 -71.55
CA THR F 178 -43.39 -7.87 -71.54
C THR F 178 -43.02 -6.42 -71.86
N LEU F 179 -43.56 -5.91 -72.97
CA LEU F 179 -43.38 -4.51 -73.36
C LEU F 179 -44.64 -3.75 -72.95
N THR F 180 -44.52 -2.94 -71.90
CA THR F 180 -45.66 -2.24 -71.32
C THR F 180 -45.66 -0.77 -71.71
N LEU F 181 -46.85 -0.20 -71.83
CA LEU F 181 -47.01 1.22 -72.11
C LEU F 181 -48.51 1.56 -71.99
N THR F 182 -48.82 2.84 -72.13
CA THR F 182 -50.18 3.33 -71.94
C THR F 182 -51.04 3.00 -73.15
N LYS F 183 -52.36 3.05 -72.93
CA LYS F 183 -53.31 2.83 -74.02
C LYS F 183 -53.16 3.88 -75.10
N ASP F 184 -53.00 5.15 -74.71
CA ASP F 184 -52.88 6.22 -75.69
C ASP F 184 -51.69 6.01 -76.60
N GLU F 185 -50.59 5.45 -76.08
CA GLU F 185 -49.40 5.23 -76.88
C GLU F 185 -49.52 3.98 -77.75
N TYR F 186 -50.23 2.96 -77.28
CA TYR F 186 -50.37 1.74 -78.07
C TYR F 186 -51.17 2.01 -79.34
N GLU F 187 -52.19 2.86 -79.27
CA GLU F 187 -53.00 3.21 -80.43
C GLU F 187 -52.32 4.24 -81.33
N ARG F 188 -51.02 4.09 -81.54
CA ARG F 188 -50.25 4.96 -82.42
C ARG F 188 -49.58 4.24 -83.57
N HIS F 189 -49.44 2.91 -83.49
CA HIS F 189 -48.74 2.15 -84.51
C HIS F 189 -49.57 0.93 -84.92
N ASN F 190 -48.97 0.04 -85.71
CA ASN F 190 -49.67 -1.17 -86.16
C ASN F 190 -48.77 -2.39 -86.04
N SER F 191 -47.60 -2.35 -86.68
CA SER F 191 -46.70 -3.50 -86.71
C SER F 191 -45.84 -3.52 -85.47
N TYR F 192 -45.93 -4.60 -84.70
CA TYR F 192 -45.13 -4.80 -83.49
C TYR F 192 -44.34 -6.09 -83.68
N THR F 193 -43.03 -5.96 -83.84
CA THR F 193 -42.15 -7.10 -84.10
C THR F 193 -41.52 -7.59 -82.80
N CYS F 194 -41.26 -8.90 -82.74
CA CYS F 194 -40.60 -9.54 -81.60
C CYS F 194 -39.49 -10.46 -82.14
N GLU F 195 -38.29 -9.92 -82.25
CA GLU F 195 -37.15 -10.70 -82.74
C GLU F 195 -36.54 -11.52 -81.60
N ALA F 196 -35.58 -12.37 -81.96
CA ALA F 196 -34.90 -13.21 -81.00
C ALA F 196 -33.64 -13.84 -81.61
N THR F 197 -32.51 -13.71 -80.93
CA THR F 197 -31.23 -14.22 -81.41
C THR F 197 -30.84 -15.45 -80.60
N HIS F 198 -30.39 -16.50 -81.30
CA HIS F 198 -29.97 -17.72 -80.65
C HIS F 198 -28.90 -18.39 -81.50
N LYS F 199 -28.15 -19.30 -80.88
CA LYS F 199 -27.07 -19.98 -81.60
C LYS F 199 -27.59 -21.03 -82.57
N THR F 200 -28.72 -21.65 -82.25
CA THR F 200 -29.29 -22.66 -83.14
C THR F 200 -29.76 -22.07 -84.46
N SER F 201 -30.03 -20.77 -84.50
CA SER F 201 -30.55 -20.10 -85.69
C SER F 201 -29.57 -19.01 -86.11
N THR F 202 -29.01 -19.14 -87.32
CA THR F 202 -28.18 -18.08 -87.86
C THR F 202 -28.98 -16.80 -88.06
N SER F 203 -30.29 -16.93 -88.30
CA SER F 203 -31.16 -15.79 -88.51
C SER F 203 -32.08 -15.59 -87.31
N PRO F 204 -32.47 -14.34 -87.02
CA PRO F 204 -33.36 -14.10 -85.88
C PRO F 204 -34.80 -14.50 -86.20
N ILE F 205 -35.40 -15.28 -85.30
CA ILE F 205 -36.81 -15.64 -85.45
C ILE F 205 -37.68 -14.42 -85.15
N VAL F 206 -38.80 -14.33 -85.86
CA VAL F 206 -39.63 -13.13 -85.83
C VAL F 206 -41.09 -13.51 -85.63
N LYS F 207 -41.82 -12.61 -84.96
CA LYS F 207 -43.27 -12.72 -84.79
C LYS F 207 -43.85 -11.32 -84.77
N SER F 208 -44.82 -11.06 -85.63
CA SER F 208 -45.39 -9.72 -85.77
C SER F 208 -46.91 -9.81 -85.90
N PHE F 209 -47.56 -8.66 -85.82
CA PHE F 209 -49.01 -8.58 -85.95
C PHE F 209 -49.39 -7.13 -86.18
N ASN F 210 -50.61 -6.92 -86.68
CA ASN F 210 -51.16 -5.59 -86.89
C ASN F 210 -52.14 -5.26 -85.77
N ARG F 211 -52.15 -3.98 -85.38
CA ARG F 211 -52.96 -3.54 -84.25
C ARG F 211 -54.44 -3.70 -84.57
N ASN F 212 -55.15 -4.48 -83.76
CA ASN F 212 -56.58 -4.68 -83.93
C ASN F 212 -56.90 -5.10 -85.36
N GLU F 213 -56.68 -6.38 -85.67
CA GLU F 213 -56.88 -6.89 -87.02
C GLU F 213 -58.34 -7.30 -87.23
N CYS F 214 -58.76 -8.38 -86.57
CA CYS F 214 -60.12 -8.88 -86.68
C CYS F 214 -61.14 -7.80 -86.36
N GLU G 1 4.21 12.37 44.21
CA GLU G 1 5.27 13.20 44.83
C GLU G 1 6.64 12.85 44.25
N VAL G 2 7.47 13.86 44.04
CA VAL G 2 8.80 13.66 43.48
C VAL G 2 9.73 13.13 44.56
N GLN G 3 10.41 12.02 44.27
CA GLN G 3 11.40 11.46 45.17
C GLN G 3 12.49 10.80 44.34
N LEU G 4 13.74 11.02 44.72
CA LEU G 4 14.89 10.44 44.06
C LEU G 4 15.50 9.41 45.01
N GLN G 5 15.45 8.14 44.63
CA GLN G 5 15.89 7.03 45.47
C GLN G 5 17.17 6.46 44.87
N GLN G 6 18.31 6.80 45.48
CA GLN G 6 19.61 6.36 45.02
C GLN G 6 19.93 4.97 45.57
N SER G 7 21.12 4.48 45.23
CA SER G 7 21.55 3.15 45.64
C SER G 7 22.14 3.19 47.04
N GLY G 8 22.36 2.00 47.60
CA GLY G 8 22.97 1.90 48.90
C GLY G 8 24.44 2.29 48.89
N ALA G 9 24.97 2.53 50.09
CA ALA G 9 26.36 2.94 50.22
C ALA G 9 27.28 1.87 49.62
N GLU G 10 28.34 2.34 48.97
CA GLU G 10 29.30 1.46 48.31
C GLU G 10 30.62 1.44 49.09
N LEU G 11 31.33 0.33 48.96
CA LEU G 11 32.62 0.13 49.65
C LEU G 11 33.50 -0.67 48.71
N VAL G 12 34.56 -0.05 48.18
CA VAL G 12 35.36 -0.60 47.11
C VAL G 12 36.83 -0.30 47.36
N LYS G 13 37.68 -0.82 46.49
CA LYS G 13 39.12 -0.65 46.55
C LYS G 13 39.59 0.34 45.49
N PRO G 14 40.76 0.97 45.69
CA PRO G 14 41.28 1.89 44.67
C PRO G 14 41.60 1.16 43.37
N GLY G 15 41.54 1.91 42.27
CA GLY G 15 41.76 1.37 40.95
C GLY G 15 40.56 0.65 40.34
N ALA G 16 39.56 0.30 41.15
CA ALA G 16 38.37 -0.37 40.66
C ALA G 16 37.36 0.67 40.17
N SER G 17 36.14 0.22 39.87
CA SER G 17 35.10 1.09 39.36
C SER G 17 33.79 0.77 40.07
N VAL G 18 32.89 1.75 40.07
CA VAL G 18 31.58 1.62 40.70
C VAL G 18 30.57 2.39 39.87
N LYS G 19 29.30 1.98 39.96
CA LYS G 19 28.22 2.58 39.19
C LYS G 19 27.05 2.84 40.12
N LEU G 20 26.86 4.10 40.50
CA LEU G 20 25.75 4.48 41.35
C LEU G 20 24.49 4.71 40.52
N SER G 21 23.34 4.56 41.17
CA SER G 21 22.06 4.68 40.51
C SER G 21 21.21 5.75 41.17
N CYS G 22 20.21 6.23 40.44
CA CYS G 22 19.30 7.27 40.93
C CYS G 22 17.95 7.02 40.25
N THR G 23 17.05 6.35 40.96
CA THR G 23 15.74 6.01 40.43
C THR G 23 14.73 7.10 40.73
N ALA G 24 13.86 7.39 39.76
CA ALA G 24 12.83 8.39 39.91
C ALA G 24 11.56 7.75 40.47
N SER G 25 11.01 8.33 41.51
CA SER G 25 9.81 7.83 42.17
C SER G 25 8.73 8.90 42.12
N GLY G 26 7.62 8.58 41.47
CA GLY G 26 6.50 9.50 41.37
C GLY G 26 6.50 10.37 40.13
N PHE G 27 7.39 10.12 39.18
CA PHE G 27 7.47 10.92 37.97
C PHE G 27 8.34 10.18 36.97
N ASN G 28 8.36 10.69 35.74
CA ASN G 28 9.17 10.11 34.68
C ASN G 28 10.54 10.78 34.68
N ILE G 29 11.60 9.96 34.76
CA ILE G 29 12.96 10.48 34.78
C ILE G 29 13.21 11.36 33.55
N LYS G 30 12.52 11.06 32.44
CA LYS G 30 12.75 11.73 31.18
C LYS G 30 12.32 13.20 31.20
N ASP G 31 11.60 13.64 32.23
CA ASP G 31 11.03 14.98 32.22
C ASP G 31 12.11 16.06 32.22
N THR G 32 13.07 15.97 33.14
CA THR G 32 13.98 17.07 33.43
C THR G 32 15.42 16.65 33.22
N TYR G 33 16.32 17.63 33.42
CA TYR G 33 17.73 17.33 33.58
C TYR G 33 17.95 16.53 34.85
N VAL G 34 19.08 15.82 34.91
CA VAL G 34 19.49 15.10 36.09
C VAL G 34 20.97 15.39 36.31
N HIS G 35 21.29 16.00 37.45
CA HIS G 35 22.65 16.36 37.80
C HIS G 35 23.21 15.38 38.83
N TRP G 36 24.53 15.44 39.02
CA TRP G 36 25.22 14.67 40.04
C TRP G 36 26.16 15.60 40.78
N VAL G 37 26.11 15.56 42.11
CA VAL G 37 26.88 16.45 42.96
C VAL G 37 27.72 15.61 43.92
N LYS G 38 28.93 16.07 44.20
CA LYS G 38 29.86 15.42 45.10
C LYS G 38 30.09 16.31 46.31
N GLN G 39 29.93 15.74 47.51
CA GLN G 39 30.07 16.49 48.75
C GLN G 39 31.19 15.88 49.60
N ARG G 40 32.09 16.73 50.07
CA ARG G 40 33.12 16.34 51.02
C ARG G 40 33.16 17.33 52.16
N PRO G 41 33.49 16.88 53.38
CA PRO G 41 33.50 17.82 54.52
C PRO G 41 34.45 18.99 54.33
N GLU G 42 35.65 18.74 53.83
CA GLU G 42 36.65 19.80 53.68
C GLU G 42 36.40 20.61 52.41
N GLN G 43 36.45 19.94 51.25
CA GLN G 43 36.33 20.65 49.99
C GLN G 43 34.92 21.22 49.79
N GLY G 44 33.92 20.61 50.40
CA GLY G 44 32.55 21.07 50.25
C GLY G 44 31.83 20.44 49.08
N LEU G 45 30.95 21.20 48.44
CA LEU G 45 30.13 20.69 47.35
C LEU G 45 30.78 20.98 46.01
N GLU G 46 30.66 20.03 45.09
CA GLU G 46 31.21 20.15 43.75
C GLU G 46 30.24 19.55 42.75
N TRP G 47 30.13 20.19 41.59
CA TRP G 47 29.22 19.75 40.53
C TRP G 47 29.97 18.86 39.57
N ILE G 48 29.46 17.65 39.36
CA ILE G 48 30.06 16.69 38.44
C ILE G 48 29.60 16.99 37.03
N GLY G 49 28.32 16.76 36.77
CA GLY G 49 27.79 16.94 35.43
C GLY G 49 26.30 16.74 35.42
N ARG G 50 25.74 16.68 34.22
CA ARG G 50 24.31 16.51 34.03
C ARG G 50 24.07 15.62 32.82
N ILE G 51 22.83 15.16 32.69
CA ILE G 51 22.40 14.38 31.54
C ILE G 51 20.94 14.70 31.26
N ASP G 52 20.56 14.65 29.98
CA ASP G 52 19.17 14.78 29.59
C ASP G 52 18.64 13.39 29.26
N PRO G 53 17.92 12.73 30.17
CA PRO G 53 17.56 11.31 29.93
C PRO G 53 16.74 11.10 28.67
N ALA G 54 16.12 12.15 28.12
CA ALA G 54 15.32 11.97 26.92
C ALA G 54 16.18 11.60 25.72
N ASN G 55 17.38 12.18 25.62
CA ASN G 55 18.24 11.98 24.47
C ASN G 55 19.63 11.46 24.82
N GLY G 56 20.07 11.61 26.06
CA GLY G 56 21.35 11.08 26.50
C GLY G 56 22.52 12.03 26.42
N TYR G 57 22.31 13.25 25.93
CA TYR G 57 23.39 14.23 25.87
C TYR G 57 23.80 14.64 27.27
N THR G 58 25.10 14.88 27.46
CA THR G 58 25.67 15.11 28.78
C THR G 58 26.57 16.33 28.77
N LYS G 59 26.84 16.83 29.98
CA LYS G 59 27.77 17.92 30.20
C LYS G 59 28.54 17.62 31.49
N TYR G 60 29.85 17.89 31.46
CA TYR G 60 30.71 17.57 32.59
C TYR G 60 31.54 18.77 32.99
N ASP G 61 31.98 18.76 34.23
CA ASP G 61 33.02 19.67 34.69
C ASP G 61 34.38 19.13 34.27
N PRO G 62 35.26 19.95 33.67
CA PRO G 62 36.54 19.41 33.21
C PRO G 62 37.36 18.74 34.31
N LYS G 63 37.05 19.01 35.58
CA LYS G 63 37.77 18.34 36.67
C LYS G 63 37.43 16.86 36.73
N PHE G 64 36.20 16.50 36.39
CA PHE G 64 35.75 15.11 36.44
C PHE G 64 35.79 14.42 35.09
N GLN G 65 36.31 15.07 34.05
CA GLN G 65 36.42 14.44 32.75
C GLN G 65 37.42 13.29 32.81
N GLY G 66 36.93 12.07 32.60
CA GLY G 66 37.77 10.90 32.68
C GLY G 66 37.25 9.90 33.70
N LYS G 67 36.98 10.38 34.92
CA LYS G 67 36.47 9.50 35.97
C LYS G 67 34.96 9.36 35.88
N ALA G 68 34.24 10.49 35.80
CA ALA G 68 32.79 10.47 35.83
C ALA G 68 32.22 10.15 34.45
N THR G 69 31.21 9.29 34.44
CA THR G 69 30.47 8.96 33.22
C THR G 69 29.01 8.79 33.60
N ILE G 70 28.15 9.68 33.11
CA ILE G 70 26.74 9.71 33.47
C ILE G 70 25.92 9.13 32.34
N THR G 71 24.95 8.27 32.69
CA THR G 71 24.06 7.65 31.72
C THR G 71 22.67 7.57 32.33
N ALA G 72 21.70 7.10 31.53
CA ALA G 72 20.33 7.01 31.99
C ALA G 72 19.58 6.02 31.12
N ASP G 73 18.69 5.26 31.75
CA ASP G 73 17.83 4.29 31.06
C ASP G 73 16.38 4.64 31.34
N THR G 74 15.69 5.19 30.34
CA THR G 74 14.28 5.54 30.51
C THR G 74 13.44 4.34 30.87
N SER G 75 13.86 3.14 30.46
CA SER G 75 13.10 1.93 30.75
C SER G 75 12.91 1.75 32.25
N SER G 76 14.01 1.64 33.00
CA SER G 76 13.95 1.50 34.44
C SER G 76 13.73 2.83 35.15
N ASN G 77 13.60 3.93 34.40
CA ASN G 77 13.36 5.24 35.01
C ASN G 77 14.47 5.61 35.98
N THR G 78 15.72 5.30 35.60
CA THR G 78 16.86 5.43 36.49
C THR G 78 18.00 6.12 35.77
N ALA G 79 18.76 6.90 36.53
CA ALA G 79 19.96 7.57 36.05
C ALA G 79 21.17 7.03 36.82
N TYR G 80 22.32 6.97 36.15
CA TYR G 80 23.50 6.33 36.70
C TYR G 80 24.70 7.26 36.67
N LEU G 81 25.61 7.02 37.61
CA LEU G 81 26.89 7.72 37.68
C LEU G 81 27.98 6.68 37.86
N GLN G 82 28.92 6.61 36.93
CA GLN G 82 30.02 5.66 36.98
C GLN G 82 31.31 6.39 37.29
N LEU G 83 32.11 5.81 38.19
CA LEU G 83 33.41 6.35 38.56
C LEU G 83 34.47 5.29 38.30
N SER G 84 35.56 5.69 37.63
CA SER G 84 36.60 4.77 37.22
C SER G 84 37.94 5.20 37.80
N SER G 85 38.83 4.22 37.98
CA SER G 85 40.16 4.45 38.54
C SER G 85 40.05 5.21 39.86
N LEU G 86 39.33 4.60 40.80
CA LEU G 86 38.99 5.25 42.05
C LEU G 86 40.25 5.58 42.86
N THR G 87 40.09 6.50 43.80
CA THR G 87 41.20 6.98 44.62
C THR G 87 40.66 7.34 45.99
N SER G 88 41.59 7.55 46.93
CA SER G 88 41.21 8.01 48.27
C SER G 88 40.40 9.30 48.20
N GLU G 89 40.70 10.17 47.23
CA GLU G 89 39.99 11.43 47.12
C GLU G 89 38.59 11.26 46.56
N ASP G 90 38.29 10.12 45.95
CA ASP G 90 36.93 9.83 45.51
C ASP G 90 36.02 9.39 46.64
N THR G 91 36.53 9.34 47.87
CA THR G 91 35.70 9.03 49.03
C THR G 91 34.82 10.21 49.36
N ALA G 92 33.52 10.09 49.10
CA ALA G 92 32.60 11.21 49.30
C ALA G 92 31.18 10.69 49.19
N VAL G 93 30.22 11.58 49.47
CA VAL G 93 28.80 11.31 49.32
C VAL G 93 28.35 11.92 47.99
N TYR G 94 27.55 11.16 47.25
CA TYR G 94 27.14 11.55 45.90
C TYR G 94 25.62 11.68 45.84
N TYR G 95 25.15 12.83 45.38
CA TYR G 95 23.72 13.11 45.27
C TYR G 95 23.35 13.29 43.80
N CYS G 96 22.13 12.90 43.46
CA CYS G 96 21.54 13.20 42.17
C CYS G 96 20.45 14.25 42.34
N VAL G 97 20.41 15.21 41.43
CA VAL G 97 19.58 16.41 41.60
C VAL G 97 18.78 16.66 40.33
N ARG G 98 17.61 17.25 40.49
CA ARG G 98 16.79 17.74 39.40
C ARG G 98 16.12 19.03 39.83
N PRO G 99 15.70 19.85 38.89
CA PRO G 99 14.98 21.08 39.23
C PRO G 99 13.49 20.83 39.43
N LEU G 100 12.82 21.84 39.97
CA LEU G 100 11.36 21.79 40.16
C LEU G 100 10.64 22.37 38.95
N TYR G 101 10.82 23.67 38.70
CA TYR G 101 10.22 24.33 37.55
C TYR G 101 11.30 24.86 36.61
N ASP G 102 12.21 25.69 37.10
CA ASP G 102 13.25 26.25 36.26
C ASP G 102 14.09 25.15 35.63
N TYR G 103 14.28 25.22 34.32
CA TYR G 103 15.02 24.19 33.60
C TYR G 103 16.39 23.95 34.19
N TYR G 104 17.03 24.98 34.74
CA TYR G 104 18.44 24.93 35.12
C TYR G 104 18.66 24.88 36.62
N ALA G 105 17.60 24.72 37.41
CA ALA G 105 17.71 24.85 38.87
C ALA G 105 18.19 23.54 39.48
N MET G 106 18.34 23.57 40.83
CA MET G 106 18.82 22.43 41.62
C MET G 106 17.96 22.40 42.88
N ASP G 107 16.79 21.79 42.79
CA ASP G 107 15.78 21.88 43.84
C ASP G 107 15.53 20.58 44.58
N TYR G 108 15.37 19.48 43.86
CA TYR G 108 15.08 18.18 44.47
C TYR G 108 16.34 17.33 44.50
N TRP G 109 16.62 16.74 45.66
CA TRP G 109 17.85 15.99 45.89
C TRP G 109 17.52 14.60 46.39
N GLY G 110 18.31 13.62 45.95
CA GLY G 110 18.21 12.29 46.50
C GLY G 110 18.83 12.23 47.89
N GLN G 111 18.66 11.07 48.53
CA GLN G 111 19.18 10.92 49.89
C GLN G 111 20.70 10.93 49.90
N GLY G 112 21.34 10.49 48.82
CA GLY G 112 22.78 10.47 48.73
C GLY G 112 23.38 9.10 48.97
N THR G 113 24.39 8.74 48.17
CA THR G 113 25.06 7.46 48.29
C THR G 113 26.46 7.69 48.87
N SER G 114 26.78 6.94 49.92
CA SER G 114 28.08 7.03 50.57
C SER G 114 29.07 6.10 49.88
N VAL G 115 30.20 6.64 49.46
CA VAL G 115 31.26 5.89 48.80
C VAL G 115 32.51 5.96 49.66
N THR G 116 33.18 4.82 49.80
CA THR G 116 34.42 4.74 50.57
C THR G 116 35.41 3.86 49.81
N VAL G 117 36.56 4.42 49.46
CA VAL G 117 37.63 3.71 48.77
C VAL G 117 38.70 3.38 49.79
N SER G 118 39.07 2.11 49.89
CA SER G 118 40.07 1.69 50.86
C SER G 118 40.54 0.28 50.53
N SER G 119 41.84 0.04 50.72
CA SER G 119 42.41 -1.30 50.59
C SER G 119 42.31 -2.10 51.88
N ALA G 120 41.83 -1.50 52.96
CA ALA G 120 41.77 -2.18 54.24
C ALA G 120 40.87 -3.41 54.16
N LYS G 121 41.27 -4.46 54.86
CA LYS G 121 40.46 -5.67 54.98
C LYS G 121 39.54 -5.56 56.19
N THR G 122 38.55 -6.45 56.23
CA THR G 122 37.58 -6.46 57.34
C THR G 122 38.32 -6.82 58.62
N THR G 123 38.63 -5.81 59.43
CA THR G 123 39.33 -5.98 60.68
C THR G 123 38.40 -5.73 61.86
N ALA G 124 38.62 -6.47 62.95
CA ALA G 124 37.80 -6.31 64.13
C ALA G 124 38.39 -5.26 65.06
N PRO G 125 37.55 -4.56 65.83
CA PRO G 125 38.07 -3.49 66.70
C PRO G 125 38.80 -4.05 67.91
N SER G 126 39.67 -3.21 68.47
CA SER G 126 40.39 -3.51 69.70
C SER G 126 39.84 -2.59 70.78
N VAL G 127 39.12 -3.16 71.74
CA VAL G 127 38.46 -2.40 72.79
C VAL G 127 39.39 -2.31 73.99
N TYR G 128 39.57 -1.11 74.53
CA TYR G 128 40.44 -0.86 75.66
C TYR G 128 39.71 -0.05 76.71
N PRO G 129 39.72 -0.46 77.98
CA PRO G 129 39.09 0.35 79.02
C PRO G 129 39.95 1.55 79.39
N LEU G 130 39.29 2.60 79.87
CA LEU G 130 39.95 3.86 80.21
C LEU G 130 39.50 4.29 81.61
N ALA G 131 40.28 3.90 82.62
CA ALA G 131 40.03 4.32 83.99
C ALA G 131 40.88 5.52 84.35
N PRO G 132 40.39 6.41 85.22
CA PRO G 132 41.16 7.61 85.56
C PRO G 132 42.44 7.28 86.34
N VAL G 133 43.20 8.32 86.69
CA VAL G 133 44.45 8.14 87.41
C VAL G 133 44.18 8.26 88.90
N CYS G 134 45.07 7.66 89.69
CA CYS G 134 44.95 7.70 91.15
C CYS G 134 44.92 9.14 91.65
N THR G 138 38.75 11.83 92.88
CA THR G 138 39.19 12.82 93.86
C THR G 138 38.12 13.89 94.07
N GLY G 139 37.37 14.18 93.01
CA GLY G 139 36.32 15.17 93.05
C GLY G 139 34.96 14.56 93.30
N SER G 140 33.92 15.33 92.97
CA SER G 140 32.54 14.86 93.09
C SER G 140 32.06 14.12 91.86
N SER G 141 32.61 14.45 90.69
CA SER G 141 32.22 13.82 89.44
C SER G 141 33.38 13.00 88.89
N VAL G 142 33.07 11.84 88.33
CA VAL G 142 34.07 10.95 87.74
C VAL G 142 33.71 10.70 86.29
N THR G 143 34.73 10.52 85.46
CA THR G 143 34.54 10.31 84.03
C THR G 143 35.36 9.10 83.59
N LEU G 144 34.69 8.15 82.93
CA LEU G 144 35.33 6.98 82.37
C LEU G 144 35.37 7.11 80.85
N GLY G 145 35.89 6.07 80.20
CA GLY G 145 36.00 6.09 78.75
C GLY G 145 36.19 4.71 78.17
N CYS G 146 36.24 4.66 76.85
CA CYS G 146 36.39 3.40 76.12
C CYS G 146 36.92 3.70 74.73
N LEU G 147 37.99 3.01 74.34
CA LEU G 147 38.63 3.22 73.06
C LEU G 147 38.35 2.05 72.12
N VAL G 148 38.00 2.37 70.88
CA VAL G 148 37.74 1.37 69.84
C VAL G 148 38.68 1.72 68.69
N LYS G 149 39.76 0.95 68.54
CA LYS G 149 40.84 1.29 67.63
C LYS G 149 41.09 0.17 66.63
N GLY G 150 41.44 0.55 65.41
CA GLY G 150 41.82 -0.39 64.38
C GLY G 150 40.70 -1.32 63.94
N TYR G 151 39.64 -0.76 63.36
CA TYR G 151 38.55 -1.56 62.82
C TYR G 151 38.16 -1.03 61.46
N PHE G 152 37.60 -1.93 60.64
CA PHE G 152 37.17 -1.56 59.30
C PHE G 152 36.23 -2.64 58.75
N PRO G 153 35.16 -2.23 58.03
CA PRO G 153 34.70 -0.86 57.77
C PRO G 153 33.75 -0.34 58.85
N GLU G 154 33.25 0.87 58.66
CA GLU G 154 32.23 1.42 59.57
C GLU G 154 30.91 0.71 59.35
N PRO G 155 29.96 0.88 60.30
CA PRO G 155 30.03 1.60 61.57
C PRO G 155 30.16 0.66 62.77
N VAL G 156 30.01 1.22 63.97
CA VAL G 156 30.05 0.45 65.21
C VAL G 156 29.05 1.05 66.18
N THR G 157 28.39 0.19 66.94
CA THR G 157 27.44 0.62 67.97
C THR G 157 28.09 0.48 69.33
N LEU G 158 28.08 1.56 70.10
CA LEU G 158 28.70 1.60 71.42
C LEU G 158 27.65 1.99 72.45
N THR G 159 27.57 1.22 73.53
CA THR G 159 26.63 1.49 74.61
C THR G 159 27.30 1.16 75.94
N TRP G 160 26.71 1.67 77.01
CA TRP G 160 27.21 1.46 78.36
C TRP G 160 26.20 0.63 79.15
N ASN G 161 26.68 -0.46 79.77
CA ASN G 161 25.81 -1.37 80.52
C ASN G 161 24.68 -1.89 79.64
N SER G 162 24.97 -2.10 78.36
CA SER G 162 24.00 -2.64 77.41
C SER G 162 22.79 -1.70 77.28
N GLY G 163 23.07 -0.43 76.99
CA GLY G 163 22.04 0.56 76.81
C GLY G 163 21.45 1.12 78.09
N SER G 164 21.74 0.52 79.24
CA SER G 164 21.21 1.00 80.51
C SER G 164 21.68 2.43 80.76
N LEU G 165 22.99 2.61 80.93
CA LEU G 165 23.55 3.94 81.14
C LEU G 165 23.60 4.66 79.79
N SER G 166 22.81 5.73 79.66
CA SER G 166 22.68 6.45 78.40
C SER G 166 22.93 7.94 78.59
N SER G 167 22.34 8.52 79.62
CA SER G 167 22.47 9.96 79.84
C SER G 167 23.88 10.30 80.34
N GLY G 168 24.39 11.43 79.87
CA GLY G 168 25.73 11.86 80.24
C GLY G 168 26.81 11.07 79.52
N VAL G 169 26.65 10.89 78.22
CA VAL G 169 27.56 10.09 77.41
C VAL G 169 27.92 10.88 76.15
N HIS G 170 29.16 10.71 75.70
CA HIS G 170 29.66 11.39 74.50
C HIS G 170 30.44 10.37 73.67
N THR G 171 29.81 9.83 72.63
CA THR G 171 30.47 8.95 71.68
C THR G 171 30.91 9.78 70.48
N PHE G 172 32.22 9.87 70.27
CA PHE G 172 32.76 10.76 69.25
C PHE G 172 32.77 10.08 67.88
N PRO G 173 32.71 10.87 66.81
CA PRO G 173 32.74 10.27 65.47
C PRO G 173 34.04 9.51 65.21
N ALA G 174 33.92 8.42 64.47
CA ALA G 174 35.09 7.65 64.09
C ALA G 174 36.02 8.50 63.22
N VAL G 175 37.30 8.15 63.24
CA VAL G 175 38.32 8.84 62.46
C VAL G 175 39.19 7.80 61.78
N LEU G 176 39.57 8.09 60.53
CA LEU G 176 40.39 7.17 59.76
C LEU G 176 41.85 7.33 60.16
N GLN G 177 42.46 6.26 60.66
CA GLN G 177 43.87 6.24 61.05
C GLN G 177 44.56 5.14 60.27
N SER G 178 45.23 5.53 59.18
CA SER G 178 45.99 4.59 58.35
C SER G 178 45.11 3.44 57.87
N ASP G 179 44.08 3.81 57.11
CA ASP G 179 43.14 2.89 56.48
C ASP G 179 42.26 2.15 57.48
N LEU G 180 42.41 2.40 58.78
CA LEU G 180 41.57 1.79 59.80
C LEU G 180 40.97 2.89 60.66
N TYR G 181 39.79 2.60 61.20
CA TYR G 181 39.03 3.60 61.95
C TYR G 181 39.34 3.52 63.43
N THR G 182 39.15 4.65 64.12
CA THR G 182 39.36 4.75 65.55
C THR G 182 38.23 5.57 66.15
N LEU G 183 37.58 5.03 67.17
CA LEU G 183 36.44 5.68 67.82
C LEU G 183 36.61 5.61 69.32
N SER G 184 36.01 6.57 70.02
CA SER G 184 36.11 6.65 71.47
C SER G 184 34.80 7.18 72.03
N SER G 185 34.57 6.88 73.31
CA SER G 185 33.34 7.30 73.98
C SER G 185 33.64 7.53 75.46
N SER G 186 33.07 8.59 76.01
CA SER G 186 33.22 8.93 77.42
C SER G 186 31.89 8.81 78.12
N VAL G 187 31.93 9.00 79.45
CA VAL G 187 30.72 8.94 80.28
C VAL G 187 31.03 9.52 81.64
N THR G 188 30.08 10.24 82.23
CA THR G 188 30.28 10.95 83.48
C THR G 188 29.17 10.63 84.46
N VAL G 189 29.56 10.35 85.71
CA VAL G 189 28.61 10.13 86.80
C VAL G 189 29.22 10.71 88.07
N THR G 190 28.62 10.40 89.22
CA THR G 190 29.11 10.88 90.50
C THR G 190 30.15 9.93 91.07
N SER G 191 30.95 10.43 92.01
CA SER G 191 31.99 9.63 92.61
C SER G 191 31.42 8.44 93.37
N SER G 192 30.21 8.58 93.92
CA SER G 192 29.58 7.50 94.65
C SER G 192 29.14 6.34 93.75
N THR G 193 29.11 6.56 92.43
CA THR G 193 28.68 5.51 91.51
C THR G 193 29.80 4.55 91.16
N TRP G 194 31.03 5.04 91.08
CA TRP G 194 32.15 4.23 90.63
C TRP G 194 33.34 4.39 91.58
N PRO G 195 34.08 3.29 91.85
CA PRO G 195 33.90 1.91 91.39
C PRO G 195 32.79 1.17 92.12
N SER G 196 31.89 1.91 92.77
CA SER G 196 30.80 1.28 93.51
C SER G 196 29.97 0.38 92.59
N GLN G 197 29.64 0.87 91.40
CA GLN G 197 28.79 0.15 90.47
C GLN G 197 29.59 -0.22 89.23
N SER G 198 29.45 -1.47 88.78
CA SER G 198 30.18 -1.94 87.62
C SER G 198 29.68 -1.26 86.36
N ILE G 199 30.62 -0.85 85.51
CA ILE G 199 30.32 -0.21 84.22
C ILE G 199 31.05 -0.97 83.13
N THR G 200 30.35 -1.26 82.04
CA THR G 200 30.89 -2.04 80.93
C THR G 200 30.73 -1.28 79.64
N CYS G 201 31.68 -1.49 78.72
CA CYS G 201 31.69 -0.86 77.40
C CYS G 201 31.33 -1.92 76.37
N ASN G 202 30.09 -1.90 75.90
CA ASN G 202 29.61 -2.87 74.92
C ASN G 202 29.86 -2.32 73.51
N VAL G 203 30.70 -3.02 72.75
CA VAL G 203 31.05 -2.62 71.39
C VAL G 203 30.67 -3.76 70.46
N ALA G 204 29.93 -3.44 69.41
CA ALA G 204 29.52 -4.39 68.39
C ALA G 204 30.02 -3.94 67.03
N HIS G 205 30.61 -4.87 66.28
CA HIS G 205 31.11 -4.60 64.94
C HIS G 205 30.49 -5.60 63.98
N PRO G 206 29.27 -5.32 63.50
CA PRO G 206 28.56 -6.31 62.66
C PRO G 206 29.35 -6.80 61.47
N ALA G 207 30.27 -6.00 60.92
CA ALA G 207 31.01 -6.42 59.74
C ALA G 207 31.74 -7.73 59.99
N SER G 208 32.62 -7.76 60.99
CA SER G 208 33.25 -9.00 61.42
C SER G 208 32.40 -9.80 62.39
N SER G 209 31.24 -9.26 62.79
CA SER G 209 30.32 -9.94 63.71
C SER G 209 31.02 -10.27 65.02
N THR G 210 31.30 -9.20 65.77
CA THR G 210 31.97 -9.31 67.06
C THR G 210 31.35 -8.33 68.03
N LYS G 211 30.95 -8.83 69.20
CA LYS G 211 30.33 -8.01 70.25
C LYS G 211 31.16 -8.19 71.53
N VAL G 212 32.27 -7.47 71.61
CA VAL G 212 33.13 -7.51 72.79
C VAL G 212 32.57 -6.56 73.84
N ASP G 213 32.88 -6.84 75.11
CA ASP G 213 32.43 -6.00 76.21
C ASP G 213 33.51 -6.00 77.28
N LYS G 214 34.11 -4.83 77.52
CA LYS G 214 35.16 -4.66 78.51
C LYS G 214 34.60 -3.93 79.72
N LYS G 215 34.98 -4.39 80.91
CA LYS G 215 34.62 -3.72 82.16
C LYS G 215 35.73 -2.78 82.57
N ILE G 216 35.34 -1.58 83.01
CA ILE G 216 36.31 -0.57 83.45
C ILE G 216 36.76 -0.91 84.85
N GLU G 217 38.07 -1.16 85.01
CA GLU G 217 38.65 -1.49 86.30
C GLU G 217 39.60 -0.37 86.75
N PRO G 218 39.52 0.06 88.02
CA PRO G 218 40.39 1.15 88.46
C PRO G 218 41.85 0.72 88.50
N ARG G 219 42.72 1.71 88.75
CA ARG G 219 44.16 1.48 88.77
C ARG G 219 44.67 1.47 90.21
N ASP H 1 36.06 29.49 35.84
CA ASP H 1 34.77 29.21 36.53
C ASP H 1 34.36 30.38 37.43
N ILE H 2 33.10 30.36 37.86
CA ILE H 2 32.58 31.41 38.73
C ILE H 2 32.79 30.98 40.18
N LEU H 3 33.41 31.84 40.97
CA LEU H 3 33.68 31.56 42.37
C LEU H 3 32.56 32.12 43.24
N MET H 4 32.04 31.30 44.14
CA MET H 4 30.93 31.66 45.01
C MET H 4 31.47 31.81 46.43
N THR H 5 31.69 33.05 46.86
CA THR H 5 32.18 33.34 48.21
C THR H 5 30.97 33.54 49.11
N GLN H 6 30.68 32.55 49.94
CA GLN H 6 29.55 32.60 50.86
C GLN H 6 30.04 33.00 52.25
N SER H 7 29.32 33.92 52.88
CA SER H 7 29.69 34.39 54.21
C SER H 7 28.44 34.70 55.04
N PRO H 8 28.52 34.54 56.37
CA PRO H 8 29.69 34.06 57.13
C PRO H 8 29.82 32.55 57.12
N SER H 9 30.94 32.03 57.63
CA SER H 9 31.14 30.58 57.69
C SER H 9 30.20 29.94 58.70
N SER H 10 29.86 30.65 59.77
CA SER H 10 28.95 30.14 60.79
C SER H 10 28.51 31.31 61.66
N MET H 11 27.45 31.09 62.43
CA MET H 11 26.93 32.13 63.30
C MET H 11 26.15 31.49 64.43
N SER H 12 26.34 32.01 65.64
CA SER H 12 25.59 31.58 66.81
C SER H 12 24.45 32.56 67.05
N VAL H 13 23.22 32.05 67.04
CA VAL H 13 22.03 32.87 67.17
C VAL H 13 20.98 32.09 67.95
N SER H 14 19.86 32.75 68.26
CA SER H 14 18.82 32.19 69.10
C SER H 14 17.49 32.18 68.35
N LEU H 15 16.54 31.41 68.89
CA LEU H 15 15.22 31.31 68.28
C LEU H 15 14.54 32.67 68.24
N GLY H 16 13.81 32.91 67.14
CA GLY H 16 13.12 34.17 66.94
C GLY H 16 13.96 35.26 66.31
N ASP H 17 15.27 35.05 66.15
CA ASP H 17 16.11 36.06 65.55
C ASP H 17 15.82 36.18 64.05
N THR H 18 16.32 37.26 63.46
CA THR H 18 16.21 37.52 62.02
C THR H 18 17.62 37.64 61.47
N VAL H 19 18.11 36.56 60.86
CA VAL H 19 19.49 36.49 60.39
C VAL H 19 19.50 36.62 58.87
N SER H 20 20.69 36.85 58.32
CA SER H 20 20.85 37.03 56.88
C SER H 20 22.18 36.44 56.45
N ILE H 21 22.14 35.52 55.50
CA ILE H 21 23.33 34.94 54.88
C ILE H 21 23.54 35.60 53.53
N THR H 22 24.78 35.91 53.21
CA THR H 22 25.13 36.53 51.93
C THR H 22 25.93 35.56 51.08
N CYS H 23 26.09 35.92 49.81
CA CYS H 23 26.79 35.08 48.84
C CYS H 23 27.27 35.97 47.70
N HIS H 24 28.59 36.07 47.53
CA HIS H 24 29.19 36.96 46.56
C HIS H 24 29.84 36.15 45.44
N ALA H 25 29.52 36.48 44.20
CA ALA H 25 30.05 35.80 43.03
C ALA H 25 31.20 36.60 42.42
N SER H 26 32.00 35.91 41.62
CA SER H 26 33.13 36.54 40.93
C SER H 26 32.70 37.36 39.72
N GLN H 27 31.42 37.38 39.38
CA GLN H 27 30.93 38.13 38.24
C GLN H 27 29.40 38.14 38.32
N GLY H 28 28.80 38.94 37.43
CA GLY H 28 27.35 39.02 37.41
C GLY H 28 26.72 37.71 36.99
N ILE H 29 25.60 37.36 37.64
CA ILE H 29 24.87 36.15 37.35
C ILE H 29 23.38 36.38 37.17
N SER H 30 22.91 37.61 37.33
CA SER H 30 21.52 37.99 37.05
C SER H 30 20.54 37.02 37.69
N SER H 31 20.60 36.93 39.01
CA SER H 31 19.63 36.22 39.83
C SER H 31 19.55 34.73 39.55
N ASN H 32 20.48 34.19 38.75
CA ASN H 32 20.51 32.76 38.46
C ASN H 32 21.18 31.99 39.60
N ILE H 33 20.58 32.12 40.79
CA ILE H 33 21.15 31.56 42.01
C ILE H 33 20.10 30.72 42.71
N GLY H 34 20.56 29.75 43.49
CA GLY H 34 19.69 28.92 44.29
C GLY H 34 20.24 28.75 45.69
N TRP H 35 19.33 28.50 46.62
CA TRP H 35 19.68 28.33 48.02
C TRP H 35 19.25 26.95 48.49
N LEU H 36 20.10 26.32 49.30
CA LEU H 36 19.91 24.94 49.71
C LEU H 36 20.00 24.81 51.23
N GLN H 37 19.43 23.74 51.75
CA GLN H 37 19.44 23.44 53.17
C GLN H 37 19.78 21.97 53.37
N GLN H 38 20.65 21.69 54.33
CA GLN H 38 21.06 20.33 54.65
C GLN H 38 20.94 20.15 56.17
N LYS H 39 19.86 19.53 56.62
CA LYS H 39 19.70 19.26 58.04
C LYS H 39 20.77 18.27 58.51
N PRO H 40 21.24 18.42 59.74
CA PRO H 40 22.35 17.57 60.20
C PRO H 40 22.09 16.09 59.95
N GLY H 41 23.07 15.42 59.35
CA GLY H 41 22.96 14.00 59.09
C GLY H 41 21.83 13.64 58.17
N LYS H 42 21.52 14.50 57.20
CA LYS H 42 20.42 14.25 56.27
C LYS H 42 20.78 14.85 54.92
N SER H 43 19.85 14.73 53.96
CA SER H 43 20.10 15.16 52.59
C SER H 43 19.73 16.64 52.44
N PHE H 44 19.69 17.10 51.20
CA PHE H 44 19.46 18.51 50.89
C PHE H 44 17.99 18.79 50.61
N MET H 45 17.60 20.04 50.81
CA MET H 45 16.28 20.53 50.50
C MET H 45 16.41 21.84 49.74
N GLY H 46 15.61 21.98 48.69
CA GLY H 46 15.61 23.22 47.91
C GLY H 46 14.84 24.32 48.63
N LEU H 47 15.45 25.49 48.72
CA LEU H 47 14.81 26.65 49.34
C LEU H 47 14.39 27.70 48.31
N ILE H 48 15.34 28.24 47.56
CA ILE H 48 15.08 29.33 46.63
C ILE H 48 15.62 28.95 45.26
N TYR H 49 14.99 29.50 44.21
CA TYR H 49 15.51 29.40 42.87
C TYR H 49 15.25 30.70 42.13
N TYR H 50 16.18 31.04 41.22
CA TYR H 50 16.15 32.30 40.50
C TYR H 50 16.09 33.48 41.45
N GLY H 51 16.90 33.42 42.50
CA GLY H 51 17.10 34.57 43.39
C GLY H 51 16.07 34.80 44.47
N THR H 52 14.78 34.78 44.11
CA THR H 52 13.72 35.17 45.04
C THR H 52 12.56 34.18 45.12
N ASN H 53 12.41 33.28 44.17
CA ASN H 53 11.23 32.42 44.12
C ASN H 53 11.38 31.25 45.07
N LEU H 54 10.38 31.06 45.94
CA LEU H 54 10.40 29.96 46.89
C LEU H 54 10.10 28.64 46.20
N VAL H 55 10.72 27.58 46.71
CA VAL H 55 10.39 26.23 46.27
C VAL H 55 9.11 25.77 46.96
N ASP H 56 8.34 24.93 46.28
CA ASP H 56 7.09 24.43 46.84
C ASP H 56 7.35 23.70 48.15
N GLY H 57 6.53 24.01 49.15
CA GLY H 57 6.65 23.39 50.46
C GLY H 57 7.51 24.15 51.45
N VAL H 58 8.14 25.24 51.04
CA VAL H 58 9.04 26.00 51.90
C VAL H 58 8.24 27.07 52.64
N PRO H 59 8.41 27.24 53.95
CA PRO H 59 7.71 28.31 54.65
C PRO H 59 8.07 29.68 54.09
N SER H 60 7.22 30.66 54.39
CA SER H 60 7.39 32.02 53.87
C SER H 60 8.36 32.84 54.69
N ARG H 61 8.77 32.39 55.88
CA ARG H 61 9.76 33.12 56.64
C ARG H 61 11.11 33.16 55.91
N PHE H 62 11.35 32.24 55.00
CA PHE H 62 12.52 32.31 54.13
C PHE H 62 12.27 33.30 53.00
N SER H 63 13.35 33.90 52.52
CA SER H 63 13.24 34.89 51.45
C SER H 63 14.62 35.16 50.88
N GLY H 64 14.69 35.30 49.56
CA GLY H 64 15.92 35.63 48.86
C GLY H 64 15.80 36.99 48.21
N SER H 65 16.95 37.65 48.04
CA SER H 65 16.98 38.98 47.45
C SER H 65 18.38 39.22 46.91
N GLY H 66 18.56 40.37 46.28
CA GLY H 66 19.84 40.77 45.70
C GLY H 66 19.79 40.77 44.19
N SER H 67 20.90 41.20 43.60
CA SER H 67 21.03 41.29 42.16
C SER H 67 22.50 41.40 41.80
N GLY H 68 22.79 41.38 40.50
CA GLY H 68 24.15 41.49 40.02
C GLY H 68 25.03 40.34 40.48
N ALA H 69 25.84 40.59 41.51
CA ALA H 69 26.78 39.60 42.02
C ALA H 69 26.71 39.44 43.53
N ASP H 70 25.75 40.08 44.20
CA ASP H 70 25.62 39.99 45.65
C ASP H 70 24.17 39.66 45.98
N TYR H 71 23.97 38.54 46.66
CA TYR H 71 22.64 38.04 46.98
C TYR H 71 22.59 37.67 48.46
N SER H 72 21.37 37.55 48.98
CA SER H 72 21.19 37.37 50.41
C SER H 72 19.98 36.49 50.69
N LEU H 73 20.18 35.46 51.50
CA LEU H 73 19.10 34.68 52.07
C LEU H 73 18.78 35.24 53.46
N THR H 74 17.50 35.22 53.83
CA THR H 74 17.07 35.79 55.10
C THR H 74 16.01 34.87 55.71
N ILE H 75 16.10 34.70 57.03
CA ILE H 75 15.16 33.87 57.78
C ILE H 75 14.62 34.71 58.92
N SER H 76 13.35 35.09 58.83
CA SER H 76 12.70 35.89 59.86
C SER H 76 12.11 34.98 60.93
N SER H 77 12.45 35.25 62.19
CA SER H 77 11.99 34.44 63.30
C SER H 77 12.42 32.99 63.14
N LEU H 78 13.67 32.69 63.51
CA LEU H 78 14.21 31.34 63.36
C LEU H 78 13.36 30.34 64.13
N ASP H 79 13.20 29.16 63.54
CA ASP H 79 12.53 28.03 64.18
C ASP H 79 13.57 26.99 64.59
N SER H 80 13.14 26.07 65.44
CA SER H 80 14.06 25.03 65.91
C SER H 80 14.61 24.20 64.78
N GLU H 81 13.81 23.98 63.72
CA GLU H 81 14.27 23.18 62.59
C GLU H 81 15.26 23.92 61.71
N ASP H 82 15.33 25.25 61.82
CA ASP H 82 16.14 26.05 60.91
C ASP H 82 17.64 25.93 61.17
N PHE H 83 18.04 25.33 62.28
CA PHE H 83 19.47 25.17 62.59
C PHE H 83 20.05 24.05 61.75
N ALA H 84 20.81 24.41 60.72
CA ALA H 84 21.39 23.44 59.81
C ALA H 84 22.36 24.17 58.89
N ASP H 85 22.83 23.48 57.85
CA ASP H 85 23.75 24.06 56.89
C ASP H 85 22.99 24.72 55.74
N TYR H 86 23.61 25.73 55.14
CA TYR H 86 23.01 26.45 54.03
C TYR H 86 24.08 26.76 52.98
N TYR H 87 23.78 26.44 51.73
CA TYR H 87 24.71 26.64 50.62
C TYR H 87 24.02 27.42 49.51
N CYS H 88 24.79 28.31 48.87
CA CYS H 88 24.34 28.98 47.65
C CYS H 88 24.98 28.34 46.43
N VAL H 89 24.24 28.32 45.32
CA VAL H 89 24.68 27.70 44.09
C VAL H 89 24.27 28.59 42.92
N GLN H 90 25.22 28.85 42.03
CA GLN H 90 24.95 29.61 40.81
C GLN H 90 24.85 28.65 39.62
N TYR H 91 23.93 28.96 38.71
CA TYR H 91 23.84 28.22 37.45
C TYR H 91 23.72 29.17 36.27
N ALA H 92 24.36 30.35 36.37
CA ALA H 92 24.43 31.24 35.23
C ALA H 92 25.38 30.72 34.16
N GLN H 93 26.35 29.90 34.55
CA GLN H 93 27.31 29.32 33.62
C GLN H 93 27.63 27.89 34.04
N LEU H 94 27.94 27.07 33.05
CA LEU H 94 28.48 25.75 33.31
C LEU H 94 30.01 25.87 33.43
N PRO H 95 30.61 25.21 34.43
CA PRO H 95 29.99 24.33 35.43
C PRO H 95 29.32 25.07 36.58
N TYR H 96 28.30 24.46 37.17
CA TYR H 96 27.72 25.00 38.38
C TYR H 96 28.74 24.97 39.52
N THR H 97 28.68 25.97 40.40
CA THR H 97 29.60 26.06 41.51
C THR H 97 28.84 26.49 42.77
N PHE H 98 29.23 25.90 43.90
CA PHE H 98 28.55 26.11 45.17
C PHE H 98 29.34 27.06 46.05
N GLY H 99 28.68 27.50 47.12
CA GLY H 99 29.34 28.32 48.13
C GLY H 99 30.00 27.47 49.21
N GLY H 100 30.84 28.14 50.01
CA GLY H 100 31.56 27.43 51.05
C GLY H 100 30.64 26.74 52.04
N GLY H 101 29.51 27.34 52.34
CA GLY H 101 28.56 26.79 53.28
C GLY H 101 28.47 27.63 54.54
N THR H 102 27.28 27.65 55.13
CA THR H 102 27.01 28.39 56.35
C THR H 102 26.23 27.51 57.32
N LYS H 103 26.71 27.44 58.56
CA LYS H 103 26.09 26.61 59.58
C LYS H 103 25.52 27.50 60.67
N LEU H 104 24.23 27.30 60.99
CA LEU H 104 23.57 28.03 62.05
C LEU H 104 23.62 27.21 63.33
N GLU H 105 24.24 27.78 64.37
CA GLU H 105 24.46 27.09 65.62
C GLU H 105 23.68 27.77 66.75
N ILE H 106 23.31 26.98 67.76
CA ILE H 106 22.56 27.51 68.89
C ILE H 106 23.50 28.33 69.76
N LYS H 107 23.03 29.52 70.16
CA LYS H 107 23.80 30.41 71.02
C LYS H 107 23.42 30.19 72.47
N ARG H 108 24.42 30.34 73.35
CA ARG H 108 24.21 30.16 74.78
C ARG H 108 25.37 30.83 75.53
N ALA H 109 25.34 30.70 76.84
CA ALA H 109 26.38 31.28 77.69
C ALA H 109 27.64 30.43 77.64
N ASP H 110 28.78 31.10 77.81
CA ASP H 110 30.07 30.41 77.77
C ASP H 110 30.17 29.40 78.90
N ALA H 111 30.98 28.37 78.67
CA ALA H 111 31.16 27.31 79.65
C ALA H 111 32.53 26.68 79.46
N ALA H 112 33.29 26.57 80.56
CA ALA H 112 34.61 25.99 80.49
C ALA H 112 34.52 24.47 80.35
N PRO H 113 35.52 23.84 79.76
CA PRO H 113 35.48 22.39 79.55
C PRO H 113 35.87 21.61 80.79
N THR H 114 35.37 20.37 80.85
CA THR H 114 35.72 19.42 81.90
C THR H 114 36.77 18.47 81.32
N VAL H 115 38.02 18.68 81.69
CA VAL H 115 39.14 17.94 81.13
C VAL H 115 39.33 16.65 81.90
N SER H 116 39.80 15.61 81.20
CA SER H 116 40.06 14.32 81.81
C SER H 116 41.05 13.56 80.94
N ILE H 117 42.10 13.04 81.56
CA ILE H 117 43.14 12.31 80.85
C ILE H 117 43.09 10.84 81.27
N PHE H 118 43.54 9.97 80.37
CA PHE H 118 43.47 8.53 80.60
C PHE H 118 44.73 7.84 80.07
N PRO H 119 45.55 7.24 80.92
CA PRO H 119 46.76 6.56 80.44
C PRO H 119 46.42 5.33 79.61
N PRO H 120 47.42 4.71 78.97
CA PRO H 120 47.16 3.50 78.20
C PRO H 120 46.62 2.38 79.07
N SER H 121 45.81 1.52 78.45
CA SER H 121 45.27 0.36 79.15
C SER H 121 46.33 -0.73 79.26
N SER H 122 46.10 -1.64 80.20
CA SER H 122 46.98 -2.81 80.32
C SER H 122 46.85 -3.70 79.09
N GLU H 123 45.65 -3.83 78.54
CA GLU H 123 45.46 -4.66 77.36
C GLU H 123 46.26 -4.13 76.19
N GLN H 124 46.14 -2.83 75.90
CA GLN H 124 46.87 -2.24 74.78
C GLN H 124 48.37 -2.35 74.98
N LEU H 125 48.85 -2.06 76.19
CA LEU H 125 50.29 -2.10 76.44
C LEU H 125 50.86 -3.49 76.20
N THR H 126 50.10 -4.53 76.56
CA THR H 126 50.53 -5.90 76.30
C THR H 126 50.50 -6.25 74.82
N SER H 127 49.91 -5.40 73.98
CA SER H 127 49.85 -5.64 72.55
C SER H 127 50.98 -4.97 71.78
N GLY H 128 51.67 -4.00 72.38
CA GLY H 128 52.75 -3.30 71.73
C GLY H 128 52.47 -1.83 71.43
N GLY H 129 51.29 -1.33 71.77
CA GLY H 129 50.94 0.06 71.54
C GLY H 129 50.70 0.79 72.85
N ALA H 130 50.59 2.11 72.75
CA ALA H 130 50.38 2.97 73.91
C ALA H 130 49.67 4.24 73.45
N SER H 131 48.46 4.46 73.99
CA SER H 131 47.64 5.60 73.60
C SER H 131 47.19 6.34 74.84
N VAL H 132 47.47 7.65 74.89
CA VAL H 132 46.95 8.54 75.92
C VAL H 132 45.74 9.25 75.35
N VAL H 133 44.66 9.29 76.12
CA VAL H 133 43.41 9.91 75.70
C VAL H 133 43.13 11.10 76.60
N CYS H 134 42.59 12.17 76.02
CA CYS H 134 42.32 13.41 76.74
C CYS H 134 40.96 13.93 76.29
N PHE H 135 39.95 13.79 77.15
CA PHE H 135 38.60 14.23 76.83
C PHE H 135 38.38 15.66 77.26
N LEU H 136 37.63 16.41 76.45
CA LEU H 136 37.25 17.79 76.76
C LEU H 136 35.75 17.89 76.47
N ASN H 137 34.93 17.88 77.51
CA ASN H 137 33.49 17.70 77.38
C ASN H 137 32.73 18.95 77.80
N ASN H 138 31.64 19.22 77.10
CA ASN H 138 30.68 20.27 77.48
C ASN H 138 31.34 21.63 77.64
N PHE H 139 31.46 22.36 76.53
CA PHE H 139 32.01 23.71 76.58
C PHE H 139 31.40 24.54 75.47
N TYR H 140 31.57 25.85 75.58
CA TYR H 140 31.08 26.80 74.59
C TYR H 140 31.89 28.08 74.69
N PRO H 141 32.27 28.69 73.55
CA PRO H 141 31.98 28.31 72.15
C PRO H 141 32.76 27.10 71.67
N LYS H 142 32.61 26.78 70.38
CA LYS H 142 33.28 25.61 69.81
C LYS H 142 34.78 25.82 69.64
N ASP H 143 35.23 27.06 69.59
CA ASP H 143 36.64 27.34 69.33
C ASP H 143 37.48 26.88 70.52
N ILE H 144 38.37 25.92 70.28
CA ILE H 144 39.21 25.35 71.32
C ILE H 144 40.49 24.83 70.69
N ASN H 145 41.55 24.78 71.49
CA ASN H 145 42.86 24.32 71.02
C ASN H 145 43.45 23.37 72.05
N VAL H 146 43.90 22.20 71.58
CA VAL H 146 44.54 21.20 72.42
C VAL H 146 46.04 21.23 72.14
N LYS H 147 46.83 20.88 73.15
CA LYS H 147 48.28 20.84 73.01
C LYS H 147 48.82 19.72 73.88
N TRP H 148 49.46 18.74 73.25
CA TRP H 148 50.05 17.62 73.98
C TRP H 148 51.49 17.95 74.36
N LYS H 149 51.85 17.63 75.60
CA LYS H 149 53.19 17.86 76.12
C LYS H 149 53.72 16.59 76.73
N ILE H 150 54.90 16.16 76.29
CA ILE H 150 55.61 15.03 76.86
C ILE H 150 56.82 15.57 77.60
N ASP H 151 56.89 15.33 78.91
CA ASP H 151 57.95 15.89 79.74
C ASP H 151 58.01 17.40 79.58
N GLY H 152 56.84 18.02 79.50
CA GLY H 152 56.74 19.46 79.34
C GLY H 152 56.95 19.99 77.94
N SER H 153 57.46 19.17 77.02
CA SER H 153 57.76 19.61 75.67
C SER H 153 56.62 19.23 74.73
N GLU H 154 56.30 20.14 73.82
CA GLU H 154 55.14 19.97 72.95
C GLU H 154 55.35 18.80 71.99
N ARG H 155 54.27 18.08 71.71
CA ARG H 155 54.27 16.97 70.77
C ARG H 155 53.13 17.14 69.79
N GLN H 156 53.44 17.03 68.50
CA GLN H 156 52.45 17.22 67.43
C GLN H 156 52.27 16.01 66.54
N ASN H 157 53.21 15.05 66.55
CA ASN H 157 53.15 13.91 65.65
C ASN H 157 52.43 12.75 66.33
N GLY H 158 51.42 12.22 65.65
CA GLY H 158 50.66 11.10 66.14
C GLY H 158 49.38 11.45 66.89
N VAL H 159 48.86 12.65 66.72
CA VAL H 159 47.65 13.09 67.40
C VAL H 159 46.45 12.83 66.48
N LEU H 160 45.31 12.53 67.11
CA LEU H 160 44.10 12.16 66.37
C LEU H 160 42.90 12.75 67.11
N ASN H 161 42.42 13.90 66.64
CA ASN H 161 41.34 14.62 67.29
C ASN H 161 39.99 14.26 66.66
N SER H 162 38.93 14.58 67.39
CA SER H 162 37.57 14.30 66.91
C SER H 162 36.60 15.14 67.73
N TRP H 163 35.65 15.78 67.04
CA TRP H 163 34.67 16.65 67.67
C TRP H 163 33.27 16.10 67.46
N THR H 164 32.33 16.59 68.26
CA THR H 164 30.92 16.26 68.13
C THR H 164 30.13 17.49 67.70
N ASP H 165 28.97 17.24 67.09
CA ASP H 165 28.06 18.32 66.78
C ASP H 165 27.47 18.89 68.07
N GLN H 166 26.84 20.05 67.96
CA GLN H 166 26.28 20.71 69.12
C GLN H 166 25.26 19.81 69.79
N ASP H 167 25.47 19.54 71.07
CA ASP H 167 24.61 18.62 71.80
C ASP H 167 23.16 19.11 71.80
N SER H 168 22.22 18.17 71.70
CA SER H 168 20.81 18.51 71.61
C SER H 168 20.26 19.04 72.94
N LYS H 169 20.83 18.59 74.06
CA LYS H 169 20.29 18.97 75.37
C LYS H 169 20.78 20.35 75.80
N ASP H 170 22.06 20.47 76.12
CA ASP H 170 22.62 21.69 76.69
C ASP H 170 23.25 22.60 75.64
N SER H 171 23.28 22.19 74.38
CA SER H 171 23.83 23.02 73.31
C SER H 171 25.30 23.34 73.56
N THR H 172 26.08 22.30 73.83
CA THR H 172 27.51 22.42 74.08
C THR H 172 28.27 21.43 73.21
N TYR H 173 29.54 21.72 72.96
CA TYR H 173 30.40 20.89 72.13
C TYR H 173 31.35 20.08 73.00
N SER H 174 31.99 19.10 72.37
CA SER H 174 32.92 18.22 73.07
C SER H 174 34.00 17.78 72.09
N MET H 175 35.13 17.37 72.64
CA MET H 175 36.30 17.02 71.83
C MET H 175 36.98 15.79 72.43
N SER H 176 37.70 15.05 71.57
CA SER H 176 38.40 13.84 71.97
C SER H 176 39.76 13.82 71.27
N SER H 177 40.80 14.16 72.01
CA SER H 177 42.17 14.11 71.50
C SER H 177 42.81 12.79 71.93
N THR H 178 43.47 12.13 70.99
CA THR H 178 44.10 10.83 71.24
C THR H 178 45.53 10.86 70.71
N LEU H 179 46.49 10.73 71.63
CA LEU H 179 47.90 10.62 71.27
C LEU H 179 48.29 9.15 71.30
N THR H 180 48.92 8.69 70.21
CA THR H 180 49.28 7.28 70.06
C THR H 180 50.79 7.17 69.89
N LEU H 181 51.41 6.31 70.70
CA LEU H 181 52.83 6.03 70.62
C LEU H 181 53.05 4.53 70.64
N THR H 182 54.25 4.12 70.24
CA THR H 182 54.66 2.73 70.42
C THR H 182 54.94 2.47 71.90
N LYS H 183 54.83 1.19 72.29
CA LYS H 183 55.10 0.83 73.67
C LYS H 183 56.53 1.22 74.07
N ASP H 184 57.49 0.96 73.20
CA ASP H 184 58.89 1.27 73.51
C ASP H 184 59.08 2.78 73.68
N GLU H 185 58.46 3.58 72.80
CA GLU H 185 58.63 5.03 72.88
C GLU H 185 57.84 5.64 74.03
N TYR H 186 56.73 5.00 74.42
CA TYR H 186 55.92 5.53 75.53
C TYR H 186 56.66 5.45 76.85
N GLU H 187 57.52 4.45 77.02
CA GLU H 187 58.22 4.24 78.29
C GLU H 187 59.52 5.01 78.40
N ARG H 188 59.97 5.67 77.32
CA ARG H 188 61.17 6.49 77.42
C ARG H 188 60.95 7.73 78.28
N HIS H 189 59.70 8.21 78.35
CA HIS H 189 59.35 9.41 79.08
C HIS H 189 58.50 9.05 80.29
N ASN H 190 58.18 10.06 81.10
CA ASN H 190 57.47 9.85 82.36
C ASN H 190 56.23 10.72 82.50
N SER H 191 56.29 11.98 82.10
CA SER H 191 55.18 12.91 82.28
C SER H 191 54.41 13.09 80.98
N TYR H 192 53.08 13.11 81.08
CA TYR H 192 52.21 13.27 79.93
C TYR H 192 51.10 14.25 80.27
N THR H 193 50.91 15.25 79.41
CA THR H 193 50.02 16.37 79.68
C THR H 193 49.26 16.75 78.42
N CYS H 194 48.05 17.27 78.60
CA CYS H 194 47.28 17.86 77.51
C CYS H 194 46.70 19.19 77.99
N GLU H 195 47.10 20.27 77.33
CA GLU H 195 46.67 21.62 77.70
C GLU H 195 45.47 22.03 76.85
N ALA H 196 44.46 22.61 77.50
CA ALA H 196 43.24 23.07 76.83
C ALA H 196 43.20 24.59 76.88
N THR H 197 43.10 25.21 75.70
CA THR H 197 43.07 26.66 75.57
C THR H 197 41.67 27.08 75.11
N HIS H 198 40.90 27.65 76.02
CA HIS H 198 39.56 28.12 75.73
C HIS H 198 39.48 29.61 76.04
N LYS H 199 38.44 30.27 75.51
CA LYS H 199 38.25 31.68 75.78
C LYS H 199 37.68 31.94 77.17
N THR H 200 37.27 30.89 77.88
CA THR H 200 36.72 31.04 79.22
C THR H 200 37.79 31.24 80.29
N SER H 201 39.07 31.21 79.92
CA SER H 201 40.14 31.37 80.89
C SER H 201 41.43 31.70 80.16
N THR H 202 42.12 32.75 80.60
CA THR H 202 43.41 33.09 80.03
C THR H 202 44.43 32.00 80.31
N SER H 203 44.36 31.39 81.48
CA SER H 203 45.28 30.32 81.83
C SER H 203 44.79 29.00 81.24
N PRO H 204 45.65 28.23 80.57
CA PRO H 204 45.19 26.97 79.99
C PRO H 204 44.86 25.94 81.06
N ILE H 205 43.75 25.24 80.86
CA ILE H 205 43.33 24.17 81.76
C ILE H 205 44.22 22.96 81.51
N VAL H 206 44.95 22.53 82.54
CA VAL H 206 45.95 21.48 82.41
C VAL H 206 45.48 20.25 83.15
N LYS H 207 45.80 19.07 82.60
CA LYS H 207 45.59 17.80 83.27
C LYS H 207 46.66 16.83 82.77
N SER H 208 47.27 16.10 83.70
CA SER H 208 48.41 15.26 83.38
C SER H 208 48.51 14.11 84.37
N PHE H 209 49.48 13.24 84.14
CA PHE H 209 49.79 12.13 85.03
C PHE H 209 51.24 11.72 84.79
N ASN H 210 51.73 10.83 85.64
CA ASN H 210 53.09 10.32 85.53
C ASN H 210 53.07 8.81 85.36
N ARG H 211 53.82 8.31 84.39
CA ARG H 211 53.91 6.88 84.15
C ARG H 211 54.44 6.18 85.40
N ASN H 212 54.15 4.88 85.50
CA ASN H 212 54.52 4.09 86.67
C ASN H 212 53.84 4.62 87.93
N GLU H 213 54.11 5.88 88.28
CA GLU H 213 53.49 6.50 89.45
C GLU H 213 51.97 6.49 89.33
N CYS H 214 51.31 6.33 90.48
CA CYS H 214 49.87 6.45 90.57
C CYS H 214 49.44 6.52 92.03
#